data_9DLT
#
_entry.id   9DLT
#
_cell.length_a   174.830
_cell.length_b   174.830
_cell.length_c   184.113
_cell.angle_alpha   90.000
_cell.angle_beta   90.000
_cell.angle_gamma   120.000
#
_symmetry.space_group_name_H-M   'P 31 2 1'
#
loop_
_entity.id
_entity.type
_entity.pdbx_description
1 polymer 'Serine hydroxymethyltransferase'
2 non-polymer N-GLYCINE-[3-HYDROXY-2-METHYL-5-PHOSPHONOOXYMETHYL-PYRIDIN-4-YL-METHANE]
3 non-polymer 1,2-ETHANEDIOL
4 water water
#
_entity_poly.entity_id   1
_entity_poly.type   'polypeptide(L)'
_entity_poly.pdbx_seq_one_letter_code
;MGMHHHHHHSSGVDLGTENLYFQSNMDPVSVWGNTPLATVDPEIHDLIEKEKHRQCRGIELIASENFTSFAVIEALGSAL
TNKYSEGMPGNRYYGGNEFIDQIENLCRSRALQAFHLDAQSWGVNVQPYSGSPANFAAYTAVLNPHDRIMGLDLPSGGHL
THGYYTSGGKKISATSIYFESLPYKVNSTTGYIDYDRLEEKALDFRPKLIICGGSAYPRDWDYKRFREIADKCGALLLCD
MAHTSGLVAAQEVNSPFEYCDIVTTTTHKSLRGPRAGMIFYRKGPKPPKKGQPENAVYDFEDKINFAVFPSLQGGPHNHQ
IGALAVALKQAASPGFKAYAKQVKANAVALGNYLMGKGYSLVTGGTENHLVLWDLRPLGLTGNKVEKLCDLCNITVNKNA
VFGDSSALAPGGVRIGAPAMTSRGLVEKDFEQIGEFLHRAVTLTLEIQKEHGKLLKDFNKGLVNNKAIEDLKADVEKFSA
TFDMPGFLVSEMKYKD
;
_entity_poly.pdbx_strand_id   A,B,C,D,E,F
#
loop_
_chem_comp.id
_chem_comp.type
_chem_comp.name
_chem_comp.formula
EDO non-polymer 1,2-ETHANEDIOL 'C2 H6 O2'
PLG non-polymer N-GLYCINE-[3-HYDROXY-2-METHYL-5-PHOSPHONOOXYMETHYL-PYRIDIN-4-YL-METHANE] 'C10 H15 N2 O7 P'
#
# COMPACT_ATOMS: atom_id res chain seq x y z
N MET A 26 -46.88 -77.05 0.51
CA MET A 26 -46.41 -76.17 1.59
C MET A 26 -46.67 -76.77 2.99
N ASP A 27 -45.78 -76.46 3.94
CA ASP A 27 -46.12 -76.66 5.36
C ASP A 27 -47.42 -75.93 5.67
N PRO A 28 -48.34 -76.55 6.40
CA PRO A 28 -49.55 -75.82 6.81
C PRO A 28 -49.16 -74.60 7.63
N VAL A 29 -50.04 -73.58 7.61
CA VAL A 29 -49.78 -72.34 8.32
C VAL A 29 -49.44 -72.60 9.78
N SER A 30 -50.15 -73.55 10.41
CA SER A 30 -49.93 -73.81 11.83
C SER A 30 -48.54 -74.36 12.10
N VAL A 31 -47.93 -75.06 11.14
CA VAL A 31 -46.67 -75.73 11.42
C VAL A 31 -45.51 -74.75 11.40
N TRP A 32 -45.39 -73.95 10.33
CA TRP A 32 -44.31 -72.99 10.24
C TRP A 32 -44.63 -71.67 10.93
N GLY A 33 -45.91 -71.30 11.01
CA GLY A 33 -46.27 -69.92 11.33
C GLY A 33 -47.00 -69.67 12.63
N ASN A 34 -47.51 -70.73 13.27
CA ASN A 34 -48.09 -70.59 14.59
C ASN A 34 -47.33 -71.33 15.68
N THR A 35 -46.35 -72.17 15.31
CA THR A 35 -45.58 -72.92 16.30
C THR A 35 -44.71 -71.95 17.11
N PRO A 36 -44.60 -72.15 18.43
CA PRO A 36 -43.76 -71.25 19.25
C PRO A 36 -42.27 -71.35 18.94
N LEU A 37 -41.58 -70.25 19.26
CA LEU A 37 -40.14 -70.14 19.07
C LEU A 37 -39.36 -71.27 19.73
N ALA A 38 -39.78 -71.69 20.93
CA ALA A 38 -39.10 -72.78 21.62
C ALA A 38 -39.01 -74.05 20.77
N THR A 39 -40.03 -74.31 19.96
CA THR A 39 -40.01 -75.47 19.07
C THR A 39 -39.43 -75.16 17.70
N VAL A 40 -39.73 -73.99 17.12
CA VAL A 40 -39.23 -73.64 15.79
C VAL A 40 -37.71 -73.50 15.80
N ASP A 41 -37.17 -72.79 16.79
CA ASP A 41 -35.74 -72.47 16.81
C ASP A 41 -35.24 -72.61 18.25
N PRO A 42 -35.04 -73.85 18.72
CA PRO A 42 -34.59 -74.01 20.12
C PRO A 42 -33.24 -73.37 20.38
N GLU A 43 -32.37 -73.26 19.38
CA GLU A 43 -31.06 -72.68 19.62
C GLU A 43 -31.15 -71.17 19.86
N ILE A 44 -32.05 -70.48 19.16
CA ILE A 44 -32.23 -69.05 19.44
C ILE A 44 -33.01 -68.86 20.73
N HIS A 45 -34.06 -69.67 20.95
CA HIS A 45 -34.81 -69.58 22.20
C HIS A 45 -33.87 -69.74 23.38
N ASP A 46 -32.90 -70.66 23.27
CA ASP A 46 -31.95 -70.90 24.35
C ASP A 46 -31.07 -69.67 24.60
N LEU A 47 -30.64 -69.01 23.52
CA LEU A 47 -29.76 -67.86 23.67
C LEU A 47 -30.51 -66.66 24.25
N ILE A 48 -31.77 -66.48 23.87
CA ILE A 48 -32.58 -65.43 24.50
C ILE A 48 -32.79 -65.73 25.99
N GLU A 49 -33.03 -67.00 26.33
CA GLU A 49 -33.15 -67.37 27.74
C GLU A 49 -31.85 -67.15 28.50
N LYS A 50 -30.71 -67.50 27.90
CA LYS A 50 -29.43 -67.21 28.53
C LYS A 50 -29.22 -65.71 28.72
N GLU A 51 -29.64 -64.91 27.74
CA GLU A 51 -29.51 -63.46 27.87
C GLU A 51 -30.49 -62.90 28.90
N LYS A 52 -31.70 -63.47 28.99
CA LYS A 52 -32.61 -63.10 30.08
C LYS A 52 -31.96 -63.33 31.44
N HIS A 53 -31.31 -64.48 31.61
CA HIS A 53 -30.58 -64.78 32.84
C HIS A 53 -29.49 -63.75 33.11
N ARG A 54 -28.68 -63.44 32.10
CA ARG A 54 -27.61 -62.46 32.26
C ARG A 54 -28.14 -61.10 32.70
N GLN A 55 -29.31 -60.70 32.18
CA GLN A 55 -29.84 -59.39 32.50
C GLN A 55 -30.27 -59.24 33.96
N CYS A 56 -30.60 -60.33 34.66
CA CYS A 56 -30.91 -60.20 36.08
C CYS A 56 -29.92 -60.92 36.99
N ARG A 57 -28.72 -61.21 36.50
CA ARG A 57 -27.67 -61.73 37.36
C ARG A 57 -26.44 -60.83 37.40
N GLY A 58 -26.53 -59.61 36.89
CA GLY A 58 -25.42 -58.68 36.95
C GLY A 58 -25.89 -57.30 37.33
N ILE A 59 -24.95 -56.37 37.37
CA ILE A 59 -25.24 -54.98 37.72
C ILE A 59 -25.03 -54.18 36.44
N GLU A 60 -26.14 -53.70 35.87
CA GLU A 60 -26.15 -53.03 34.58
C GLU A 60 -25.96 -51.54 34.81
N LEU A 61 -24.74 -51.04 34.59
CA LEU A 61 -24.43 -49.64 34.82
C LEU A 61 -24.13 -48.86 33.53
N ILE A 62 -24.41 -49.43 32.35
CA ILE A 62 -24.27 -48.65 31.12
C ILE A 62 -25.35 -47.59 31.11
N ALA A 63 -24.93 -46.32 30.98
CA ALA A 63 -25.84 -45.19 31.21
C ALA A 63 -26.92 -45.08 30.15
N SER A 64 -26.71 -45.70 28.99
CA SER A 64 -27.69 -45.68 27.92
C SER A 64 -28.61 -46.90 27.94
N GLU A 65 -28.49 -47.80 28.91
CA GLU A 65 -29.33 -48.98 28.89
C GLU A 65 -30.49 -48.85 29.85
N ASN A 66 -31.56 -49.59 29.56
CA ASN A 66 -32.71 -49.67 30.43
C ASN A 66 -33.34 -51.05 30.26
N PHE A 67 -34.34 -51.35 31.10
CA PHE A 67 -35.16 -52.55 30.95
C PHE A 67 -36.58 -52.08 30.74
N THR A 68 -37.13 -52.34 29.57
CA THR A 68 -38.45 -51.83 29.25
C THR A 68 -39.54 -52.80 29.74
N SER A 69 -40.80 -52.37 29.63
CA SER A 69 -41.90 -53.11 30.24
C SER A 69 -42.39 -54.23 29.33
N PHE A 70 -43.08 -55.19 29.95
CA PHE A 70 -43.72 -56.25 29.20
C PHE A 70 -44.74 -55.68 28.22
N ALA A 71 -45.49 -54.66 28.63
CA ALA A 71 -46.50 -54.10 27.74
C ALA A 71 -45.88 -53.53 26.47
N VAL A 72 -44.76 -52.83 26.61
CA VAL A 72 -44.01 -52.36 25.44
C VAL A 72 -43.58 -53.55 24.59
N ILE A 73 -43.06 -54.59 25.23
CA ILE A 73 -42.55 -55.74 24.49
C ILE A 73 -43.69 -56.47 23.76
N GLU A 74 -44.89 -56.53 24.36
CA GLU A 74 -45.99 -57.22 23.68
C GLU A 74 -46.41 -56.47 22.41
N ALA A 75 -46.40 -55.13 22.45
CA ALA A 75 -46.69 -54.35 21.26
C ALA A 75 -45.56 -54.46 20.24
N LEU A 76 -44.32 -54.56 20.72
CA LEU A 76 -43.17 -54.68 19.83
C LEU A 76 -43.20 -56.01 19.08
N GLY A 77 -43.60 -57.09 19.76
CA GLY A 77 -43.72 -58.37 19.10
C GLY A 77 -45.17 -58.67 18.79
N SER A 78 -45.69 -58.01 17.75
CA SER A 78 -47.07 -58.18 17.36
C SER A 78 -47.18 -58.11 15.84
N ALA A 79 -48.40 -58.38 15.35
CA ALA A 79 -48.68 -58.37 13.93
C ALA A 79 -48.49 -56.99 13.29
N LEU A 80 -48.23 -55.95 14.08
CA LEU A 80 -47.91 -54.65 13.51
C LEU A 80 -46.67 -54.69 12.61
N THR A 81 -45.78 -55.66 12.82
CA THR A 81 -44.60 -55.79 11.96
C THR A 81 -44.97 -56.12 10.51
N ASN A 82 -46.18 -56.61 10.25
CA ASN A 82 -46.56 -57.04 8.90
C ASN A 82 -47.03 -55.91 8.00
N LYS A 83 -47.34 -54.73 8.54
CA LYS A 83 -48.03 -53.70 7.78
C LYS A 83 -47.03 -52.72 7.17
N TYR A 84 -47.15 -52.48 5.88
CA TYR A 84 -46.30 -51.57 5.15
C TYR A 84 -47.14 -50.30 4.98
N SER A 85 -46.62 -49.16 5.43
CA SER A 85 -47.44 -47.95 5.54
C SER A 85 -46.60 -46.70 5.25
N GLU A 86 -45.94 -46.69 4.10
CA GLU A 86 -45.14 -45.53 3.69
C GLU A 86 -45.95 -44.24 3.69
N GLY A 87 -45.35 -43.18 4.21
CA GLY A 87 -45.96 -41.85 4.28
C GLY A 87 -46.35 -41.46 5.69
N MET A 88 -47.29 -40.51 5.77
CA MET A 88 -47.87 -39.94 7.00
C MET A 88 -49.32 -40.37 7.17
N PRO A 89 -49.82 -40.40 8.41
CA PRO A 89 -51.27 -40.55 8.62
C PRO A 89 -52.03 -39.52 7.79
N GLY A 90 -52.98 -40.01 6.99
CA GLY A 90 -53.64 -39.13 6.04
C GLY A 90 -53.00 -39.15 4.67
N ASN A 91 -51.74 -38.76 4.57
CA ASN A 91 -51.01 -38.76 3.30
C ASN A 91 -50.17 -40.04 3.16
N ARG A 92 -50.86 -41.16 3.08
CA ARG A 92 -50.22 -42.45 2.82
C ARG A 92 -50.12 -42.70 1.33
N TYR A 93 -49.20 -43.59 0.95
CA TYR A 93 -48.99 -43.94 -0.44
C TYR A 93 -49.89 -45.08 -0.91
N TYR A 94 -50.55 -45.78 0.02
CA TYR A 94 -51.49 -46.84 -0.33
C TYR A 94 -52.38 -47.11 0.89
N GLY A 95 -53.33 -48.04 0.72
CA GLY A 95 -54.41 -48.23 1.68
C GLY A 95 -54.13 -49.27 2.76
N GLY A 96 -55.22 -49.66 3.44
CA GLY A 96 -55.16 -50.63 4.52
C GLY A 96 -54.67 -50.06 5.82
N ASN A 97 -54.65 -48.74 5.95
CA ASN A 97 -53.97 -48.05 7.03
C ASN A 97 -54.94 -47.52 8.08
N GLU A 98 -56.19 -47.99 8.07
CA GLU A 98 -57.22 -47.47 8.97
C GLU A 98 -56.73 -47.44 10.42
N PHE A 99 -56.13 -48.53 10.86
CA PHE A 99 -55.71 -48.64 12.25
C PHE A 99 -54.26 -48.22 12.46
N ILE A 100 -53.37 -48.47 11.51
CA ILE A 100 -52.00 -47.94 11.58
C ILE A 100 -52.02 -46.44 11.78
N ASP A 101 -52.93 -45.75 11.08
CA ASP A 101 -53.02 -44.30 11.24
C ASP A 101 -53.44 -43.91 12.65
N GLN A 102 -54.33 -44.68 13.27
CA GLN A 102 -54.75 -44.33 14.62
C GLN A 102 -53.61 -44.55 15.60
N ILE A 103 -52.85 -45.63 15.41
CA ILE A 103 -51.72 -45.90 16.30
C ILE A 103 -50.68 -44.79 16.18
N GLU A 104 -50.34 -44.40 14.96
CA GLU A 104 -49.32 -43.38 14.78
C GLU A 104 -49.79 -42.04 15.31
N ASN A 105 -51.05 -41.67 15.01
CA ASN A 105 -51.63 -40.44 15.54
C ASN A 105 -51.63 -40.42 17.05
N LEU A 106 -51.96 -41.57 17.66
CA LEU A 106 -51.97 -41.68 19.12
C LEU A 106 -50.57 -41.57 19.69
N CYS A 107 -49.60 -42.22 19.04
CA CYS A 107 -48.22 -42.13 19.45
C CYS A 107 -47.72 -40.68 19.40
N ARG A 108 -48.01 -39.97 18.32
CA ARG A 108 -47.55 -38.60 18.19
C ARG A 108 -48.18 -37.69 19.26
N SER A 109 -49.48 -37.83 19.47
CA SER A 109 -50.17 -36.98 20.43
C SER A 109 -49.73 -37.30 21.86
N ARG A 110 -49.49 -38.58 22.15
CA ARG A 110 -48.88 -38.96 23.42
C ARG A 110 -47.45 -38.44 23.57
N ALA A 111 -46.70 -38.35 22.47
CA ALA A 111 -45.36 -37.78 22.53
C ALA A 111 -45.41 -36.32 22.96
N LEU A 112 -46.33 -35.55 22.39
CA LEU A 112 -46.45 -34.15 22.77
C LEU A 112 -46.91 -34.02 24.22
N GLN A 113 -47.88 -34.82 24.64
CA GLN A 113 -48.33 -34.77 26.03
C GLN A 113 -47.22 -35.19 26.99
N ALA A 114 -46.47 -36.25 26.66
CA ALA A 114 -45.40 -36.71 27.56
C ALA A 114 -44.36 -35.61 27.85
N PHE A 115 -44.17 -34.67 26.92
CA PHE A 115 -43.22 -33.57 27.13
C PHE A 115 -43.91 -32.22 27.31
N HIS A 116 -45.21 -32.22 27.59
CA HIS A 116 -45.96 -31.00 27.96
C HIS A 116 -45.86 -29.94 26.88
N LEU A 117 -46.09 -30.35 25.63
CA LEU A 117 -45.97 -29.47 24.49
C LEU A 117 -47.35 -29.15 23.93
N ASP A 118 -47.51 -27.89 23.51
CA ASP A 118 -48.73 -27.42 22.87
C ASP A 118 -48.67 -27.80 21.41
N ALA A 119 -49.65 -28.59 20.94
CA ALA A 119 -49.64 -29.05 19.56
C ALA A 119 -49.72 -27.90 18.55
N GLN A 120 -50.06 -26.70 19.01
CA GLN A 120 -49.99 -25.52 18.13
C GLN A 120 -48.56 -25.04 17.95
N SER A 121 -47.69 -25.31 18.93
CA SER A 121 -46.32 -24.82 18.91
C SER A 121 -45.29 -25.89 18.58
N TRP A 122 -45.66 -27.17 18.59
CA TRP A 122 -44.72 -28.26 18.41
C TRP A 122 -45.38 -29.41 17.66
N GLY A 123 -44.61 -30.05 16.79
CA GLY A 123 -44.98 -31.31 16.20
C GLY A 123 -43.91 -32.35 16.45
N VAL A 124 -44.23 -33.60 16.11
CA VAL A 124 -43.29 -34.70 16.29
C VAL A 124 -43.48 -35.69 15.14
N ASN A 125 -42.36 -36.25 14.68
CA ASN A 125 -42.35 -37.39 13.78
C ASN A 125 -41.81 -38.58 14.55
N VAL A 126 -42.55 -39.69 14.52
CA VAL A 126 -42.25 -40.84 15.37
C VAL A 126 -41.82 -42.05 14.55
N GLN A 127 -41.51 -41.85 13.26
CA GLN A 127 -41.02 -42.95 12.42
C GLN A 127 -39.51 -43.23 12.43
N PRO A 128 -38.62 -42.38 12.93
CA PRO A 128 -37.19 -42.74 12.90
C PRO A 128 -36.91 -44.11 13.52
N TYR A 129 -36.09 -44.90 12.81
CA TYR A 129 -35.81 -46.27 13.23
C TYR A 129 -35.08 -46.31 14.57
N SER A 130 -34.24 -45.34 14.84
CA SER A 130 -33.49 -45.33 16.08
C SER A 130 -33.00 -43.91 16.32
N GLY A 131 -32.10 -43.73 17.28
CA GLY A 131 -31.63 -42.39 17.59
C GLY A 131 -30.76 -41.79 16.50
N SER A 132 -29.82 -42.56 15.98
CA SER A 132 -28.95 -42.04 14.93
C SER A 132 -29.70 -41.72 13.64
N PRO A 133 -30.62 -42.56 13.14
CA PRO A 133 -31.45 -42.12 11.99
C PRO A 133 -32.26 -40.88 12.27
N ALA A 134 -32.77 -40.74 13.50
CA ALA A 134 -33.47 -39.51 13.87
C ALA A 134 -32.58 -38.28 13.67
N ASN A 135 -31.35 -38.31 14.18
CA ASN A 135 -30.48 -37.16 14.07
C ASN A 135 -30.16 -36.87 12.61
N PHE A 136 -29.81 -37.90 11.83
CA PHE A 136 -29.39 -37.68 10.46
C PHE A 136 -30.55 -37.21 9.58
N ALA A 137 -31.77 -37.64 9.88
CA ALA A 137 -32.93 -37.11 9.18
C ALA A 137 -33.17 -35.64 9.52
N ALA A 138 -33.05 -35.27 10.80
CA ALA A 138 -33.13 -33.87 11.17
C ALA A 138 -32.15 -33.02 10.36
N TYR A 139 -30.88 -33.45 10.29
CA TYR A 139 -29.89 -32.70 9.53
C TYR A 139 -30.31 -32.55 8.08
N THR A 140 -30.80 -33.63 7.49
CA THR A 140 -31.16 -33.63 6.08
C THR A 140 -32.34 -32.70 5.81
N ALA A 141 -33.30 -32.65 6.73
CA ALA A 141 -34.44 -31.74 6.59
C ALA A 141 -34.00 -30.27 6.48
N VAL A 142 -33.07 -29.84 7.34
CA VAL A 142 -32.81 -28.40 7.48
C VAL A 142 -31.46 -27.96 6.95
N LEU A 143 -30.57 -28.88 6.60
CA LEU A 143 -29.27 -28.53 6.06
C LEU A 143 -29.11 -29.06 4.65
N ASN A 144 -28.33 -28.32 3.85
CA ASN A 144 -27.81 -28.79 2.58
C ASN A 144 -26.50 -29.53 2.82
N PRO A 145 -26.10 -30.41 1.90
CA PRO A 145 -24.80 -31.07 2.05
C PRO A 145 -23.70 -30.05 2.20
N HIS A 146 -22.77 -30.34 3.11
CA HIS A 146 -21.59 -29.54 3.45
C HIS A 146 -21.92 -28.32 4.31
N ASP A 147 -23.17 -28.10 4.70
CA ASP A 147 -23.44 -27.05 5.67
C ASP A 147 -22.68 -27.35 6.96
N ARG A 148 -22.39 -26.29 7.72
CA ARG A 148 -21.57 -26.39 8.92
C ARG A 148 -22.40 -26.74 10.16
N ILE A 149 -21.82 -27.61 10.97
CA ILE A 149 -22.47 -28.14 12.18
CA ILE A 149 -22.48 -28.11 12.17
CA ILE A 149 -22.47 -28.10 12.17
C ILE A 149 -21.47 -28.11 13.31
N MET A 150 -21.92 -27.71 14.52
CA MET A 150 -21.09 -27.93 15.69
C MET A 150 -21.84 -28.71 16.76
N GLY A 151 -21.14 -29.66 17.37
CA GLY A 151 -21.69 -30.44 18.47
C GLY A 151 -20.62 -30.71 19.50
N LEU A 152 -21.07 -31.26 20.64
CA LEU A 152 -20.14 -31.52 21.74
C LEU A 152 -19.11 -32.56 21.31
N ASP A 153 -17.83 -32.23 21.51
CA ASP A 153 -16.73 -33.13 21.16
C ASP A 153 -16.94 -34.50 21.79
N LEU A 154 -16.59 -35.54 21.04
CA LEU A 154 -16.69 -36.90 21.58
C LEU A 154 -15.90 -37.06 22.88
N PRO A 155 -14.61 -36.72 22.94
CA PRO A 155 -13.91 -36.81 24.25
C PRO A 155 -14.52 -35.95 25.33
N SER A 156 -15.32 -34.95 24.98
CA SER A 156 -16.01 -34.10 25.94
C SER A 156 -17.39 -34.65 26.33
N GLY A 157 -17.79 -35.81 25.79
CA GLY A 157 -19.07 -36.40 26.10
C GLY A 157 -20.12 -36.34 24.99
N GLY A 158 -19.75 -35.89 23.79
CA GLY A 158 -20.69 -35.84 22.70
C GLY A 158 -20.96 -37.21 22.12
N HIS A 159 -21.88 -37.25 21.18
CA HIS A 159 -22.25 -38.50 20.53
C HIS A 159 -21.69 -38.52 19.11
N LEU A 160 -21.54 -39.73 18.56
CA LEU A 160 -20.98 -39.87 17.23
C LEU A 160 -21.74 -39.03 16.20
N THR A 161 -23.08 -39.03 16.29
CA THR A 161 -23.89 -38.35 15.28
C THR A 161 -23.80 -36.83 15.36
N HIS A 162 -23.12 -36.27 16.36
CA HIS A 162 -22.98 -34.83 16.41
C HIS A 162 -21.75 -34.36 15.66
N GLY A 163 -21.01 -35.29 15.05
CA GLY A 163 -19.78 -34.98 14.31
C GLY A 163 -18.62 -35.69 15.00
N TYR A 164 -17.81 -36.36 14.20
CA TYR A 164 -16.52 -36.84 14.70
C TYR A 164 -15.57 -37.05 13.53
N TYR A 165 -14.43 -36.38 13.59
CA TYR A 165 -13.30 -36.70 12.73
C TYR A 165 -12.07 -36.77 13.63
N THR A 166 -11.11 -37.58 13.22
CA THR A 166 -9.96 -37.81 14.08
C THR A 166 -8.93 -36.70 13.91
N SER A 167 -7.99 -36.64 14.86
CA SER A 167 -6.90 -35.68 14.77
C SER A 167 -6.12 -35.84 13.47
N GLY A 168 -6.04 -37.05 12.93
CA GLY A 168 -5.36 -37.26 11.66
C GLY A 168 -6.23 -36.89 10.48
N GLY A 169 -7.36 -36.23 10.73
CA GLY A 169 -8.24 -35.77 9.68
C GLY A 169 -9.24 -36.79 9.14
N LYS A 170 -9.20 -38.04 9.57
CA LYS A 170 -10.08 -39.05 8.99
C LYS A 170 -11.53 -38.83 9.45
N LYS A 171 -12.46 -38.74 8.50
CA LYS A 171 -13.86 -38.48 8.83
C LYS A 171 -14.56 -39.77 9.22
N ILE A 172 -15.13 -39.81 10.43
CA ILE A 172 -15.69 -41.04 11.00
C ILE A 172 -17.20 -41.04 10.92
N SER A 173 -17.83 -40.05 11.58
CA SER A 173 -19.28 -39.93 11.58
C SER A 173 -19.80 -39.57 10.19
N ALA A 174 -20.96 -40.13 9.83
CA ALA A 174 -21.63 -39.67 8.61
C ALA A 174 -21.98 -38.19 8.70
N THR A 175 -22.19 -37.68 9.92
CA THR A 175 -22.36 -36.25 10.11
C THR A 175 -21.15 -35.46 9.61
N SER A 176 -19.94 -35.98 9.84
CA SER A 176 -18.75 -35.30 9.35
C SER A 176 -18.41 -35.62 7.89
N ILE A 177 -18.97 -36.72 7.34
CA ILE A 177 -18.76 -37.04 5.93
C ILE A 177 -19.63 -36.15 5.04
N TYR A 178 -20.90 -35.99 5.40
CA TYR A 178 -21.85 -35.32 4.53
C TYR A 178 -22.07 -33.85 4.88
N PHE A 179 -21.65 -33.44 6.07
CA PHE A 179 -21.69 -32.04 6.51
C PHE A 179 -20.29 -31.65 6.95
N GLU A 180 -20.13 -30.38 7.35
CA GLU A 180 -18.84 -29.87 7.80
C GLU A 180 -18.96 -29.60 9.30
N SER A 181 -18.31 -30.43 10.09
CA SER A 181 -18.51 -30.33 11.53
C SER A 181 -17.29 -29.73 12.20
N LEU A 182 -17.53 -29.12 13.36
CA LEU A 182 -16.48 -28.63 14.26
C LEU A 182 -16.94 -28.81 15.70
N PRO A 183 -16.17 -29.48 16.55
CA PRO A 183 -16.63 -29.77 17.91
C PRO A 183 -16.39 -28.61 18.87
N TYR A 184 -17.26 -28.50 19.86
CA TYR A 184 -16.97 -27.66 21.02
C TYR A 184 -16.71 -28.59 22.19
N LYS A 185 -16.07 -28.06 23.24
CA LYS A 185 -15.46 -28.91 24.27
C LYS A 185 -15.89 -28.48 25.66
N VAL A 186 -15.72 -29.39 26.63
CA VAL A 186 -15.82 -28.98 28.02
C VAL A 186 -14.57 -28.19 28.43
N ASN A 187 -14.73 -27.32 29.42
CA ASN A 187 -13.60 -26.61 30.03
C ASN A 187 -12.65 -27.61 30.65
N SER A 188 -11.37 -27.56 30.26
CA SER A 188 -10.41 -28.57 30.69
C SER A 188 -10.13 -28.52 32.18
N THR A 189 -10.53 -27.45 32.86
CA THR A 189 -10.31 -27.35 34.30
C THR A 189 -11.52 -27.87 35.07
N THR A 190 -12.70 -27.38 34.75
CA THR A 190 -13.93 -27.66 35.49
C THR A 190 -14.76 -28.82 34.94
N GLY A 191 -14.48 -29.28 33.72
CA GLY A 191 -15.34 -30.27 33.11
C GLY A 191 -16.72 -29.77 32.76
N TYR A 192 -17.04 -28.51 33.04
CA TYR A 192 -18.30 -28.00 32.51
C TYR A 192 -18.10 -27.60 31.06
N ILE A 193 -19.23 -27.50 30.34
CA ILE A 193 -19.18 -26.95 28.99
C ILE A 193 -18.59 -25.55 29.05
N ASP A 194 -17.67 -25.26 28.16
CA ASP A 194 -17.08 -23.94 28.08
C ASP A 194 -17.96 -23.12 27.16
N TYR A 195 -18.92 -22.41 27.74
CA TYR A 195 -19.87 -21.66 26.90
C TYR A 195 -19.22 -20.46 26.22
N ASP A 196 -18.17 -19.87 26.82
CA ASP A 196 -17.50 -18.74 26.16
C ASP A 196 -16.67 -19.20 24.98
N ARG A 197 -15.87 -20.25 25.14
CA ARG A 197 -15.13 -20.80 24.00
C ARG A 197 -16.09 -21.29 22.90
N LEU A 198 -17.26 -21.81 23.30
CA LEU A 198 -18.25 -22.22 22.29
C LEU A 198 -18.74 -21.01 21.51
N GLU A 199 -19.08 -19.91 22.20
CA GLU A 199 -19.54 -18.72 21.51
C GLU A 199 -18.47 -18.19 20.56
N GLU A 200 -17.20 -18.16 21.01
CA GLU A 200 -16.14 -17.70 20.12
C GLU A 200 -16.05 -18.58 18.87
N LYS A 201 -16.02 -19.90 19.06
CA LYS A 201 -15.91 -20.80 17.91
C LYS A 201 -17.09 -20.62 16.95
N ALA A 202 -18.31 -20.54 17.50
CA ALA A 202 -19.48 -20.37 16.63
C ALA A 202 -19.40 -19.08 15.82
N LEU A 203 -18.92 -17.99 16.44
CA LEU A 203 -18.78 -16.74 15.70
C LEU A 203 -17.71 -16.83 14.61
N ASP A 204 -16.62 -17.57 14.86
CA ASP A 204 -15.61 -17.81 13.82
C ASP A 204 -16.14 -18.73 12.73
N PHE A 205 -16.66 -19.90 13.12
CA PHE A 205 -17.03 -20.98 12.20
C PHE A 205 -18.34 -20.71 11.48
N ARG A 206 -19.28 -20.03 12.15
CA ARG A 206 -20.60 -19.72 11.62
C ARG A 206 -21.32 -20.99 11.20
N PRO A 207 -21.65 -21.87 12.15
CA PRO A 207 -22.45 -23.07 11.81
C PRO A 207 -23.86 -22.69 11.44
N LYS A 208 -24.44 -23.48 10.52
CA LYS A 208 -25.88 -23.40 10.29
C LYS A 208 -26.67 -24.08 11.39
N LEU A 209 -26.05 -25.01 12.11
CA LEU A 209 -26.73 -25.79 13.11
C LEU A 209 -25.79 -26.00 14.29
N ILE A 210 -26.28 -25.74 15.49
CA ILE A 210 -25.57 -26.09 16.70
C ILE A 210 -26.35 -27.17 17.41
N ILE A 211 -25.66 -28.22 17.82
CA ILE A 211 -26.27 -29.32 18.57
C ILE A 211 -25.89 -29.20 20.03
N CYS A 212 -26.86 -29.37 20.92
CA CYS A 212 -26.60 -29.52 22.34
C CYS A 212 -27.16 -30.86 22.80
N GLY A 213 -26.81 -31.25 24.02
CA GLY A 213 -27.03 -32.62 24.45
C GLY A 213 -25.79 -33.46 24.20
N GLY A 214 -25.72 -34.59 24.91
CA GLY A 214 -24.55 -35.43 24.78
C GLY A 214 -24.75 -36.73 25.51
N SER A 215 -23.72 -37.58 25.44
CA SER A 215 -23.81 -38.93 25.98
C SER A 215 -23.14 -39.09 27.33
N ALA A 216 -22.21 -38.22 27.70
CA ALA A 216 -21.42 -38.45 28.89
C ALA A 216 -21.12 -37.12 29.58
N TYR A 217 -22.18 -36.33 29.75
CA TYR A 217 -22.09 -35.05 30.44
C TYR A 217 -22.89 -35.18 31.74
N PRO A 218 -22.27 -35.05 32.90
CA PRO A 218 -23.01 -35.26 34.15
C PRO A 218 -23.77 -34.06 34.68
N ARG A 219 -23.94 -33.00 33.90
CA ARG A 219 -24.59 -31.79 34.41
C ARG A 219 -25.73 -31.41 33.47
N ASP A 220 -26.60 -30.52 33.94
CA ASP A 220 -27.64 -30.00 33.05
C ASP A 220 -27.06 -29.01 32.06
N TRP A 221 -27.87 -28.67 31.06
CA TRP A 221 -27.49 -27.82 29.94
C TRP A 221 -28.19 -26.48 30.08
N ASP A 222 -27.44 -25.39 29.83
CA ASP A 222 -27.98 -24.04 29.85
C ASP A 222 -28.47 -23.71 28.46
N TYR A 223 -29.70 -24.15 28.17
CA TYR A 223 -30.27 -23.98 26.84
C TYR A 223 -30.49 -22.51 26.50
N LYS A 224 -30.81 -21.70 27.52
CA LYS A 224 -30.94 -20.27 27.28
C LYS A 224 -29.65 -19.71 26.71
N ARG A 225 -28.51 -20.09 27.29
CA ARG A 225 -27.23 -19.63 26.76
C ARG A 225 -26.98 -20.17 25.35
N PHE A 226 -27.28 -21.44 25.12
CA PHE A 226 -27.18 -21.97 23.76
C PHE A 226 -28.01 -21.13 22.79
N ARG A 227 -29.25 -20.82 23.16
CA ARG A 227 -30.09 -19.99 22.29
C ARG A 227 -29.48 -18.61 22.08
N GLU A 228 -28.88 -18.03 23.12
CA GLU A 228 -28.26 -16.73 22.94
C GLU A 228 -27.12 -16.84 21.92
N ILE A 229 -26.27 -17.86 22.07
CA ILE A 229 -25.17 -18.07 21.13
C ILE A 229 -25.69 -18.30 19.71
N ALA A 230 -26.72 -19.16 19.58
CA ALA A 230 -27.28 -19.43 18.25
C ALA A 230 -27.88 -18.18 17.63
N ASP A 231 -28.56 -17.35 18.43
CA ASP A 231 -29.10 -16.09 17.91
C ASP A 231 -27.98 -15.14 17.50
N LYS A 232 -26.85 -15.17 18.20
CA LYS A 232 -25.75 -14.28 17.83
C LYS A 232 -25.12 -14.69 16.52
N CYS A 233 -24.87 -15.99 16.34
CA CYS A 233 -24.15 -16.40 15.15
C CYS A 233 -25.07 -16.75 13.98
N GLY A 234 -26.37 -16.84 14.20
CA GLY A 234 -27.29 -17.14 13.11
C GLY A 234 -27.60 -18.61 12.90
N ALA A 235 -27.49 -19.43 13.94
CA ALA A 235 -27.64 -20.88 13.79
C ALA A 235 -29.01 -21.36 14.24
N LEU A 236 -29.43 -22.48 13.63
CA LEU A 236 -30.47 -23.32 14.17
C LEU A 236 -29.94 -24.00 15.42
N LEU A 237 -30.82 -24.27 16.38
CA LEU A 237 -30.42 -24.91 17.63
C LEU A 237 -31.20 -26.22 17.78
N LEU A 238 -30.48 -27.33 17.86
CA LEU A 238 -31.07 -28.65 18.01
C LEU A 238 -30.55 -29.28 19.28
N CYS A 239 -31.46 -29.89 20.05
CA CYS A 239 -31.08 -30.67 21.23
C CYS A 239 -31.28 -32.14 20.92
N ASP A 240 -30.26 -32.92 21.17
CA ASP A 240 -30.39 -34.38 21.17
C ASP A 240 -30.45 -34.77 22.64
N MET A 241 -31.68 -34.94 23.14
CA MET A 241 -31.94 -35.26 24.53
C MET A 241 -32.01 -36.76 24.79
N ALA A 242 -31.50 -37.59 23.87
CA ALA A 242 -31.56 -39.04 24.02
C ALA A 242 -31.26 -39.50 25.45
N HIS A 243 -30.18 -39.02 26.04
CA HIS A 243 -29.78 -39.61 27.30
C HIS A 243 -30.73 -39.25 28.44
N THR A 244 -31.29 -38.05 28.44
CA THR A 244 -32.07 -37.61 29.59
C THR A 244 -33.55 -37.39 29.25
N SER A 245 -34.04 -37.96 28.15
CA SER A 245 -35.40 -37.67 27.71
C SER A 245 -36.42 -38.09 28.77
N GLY A 246 -36.15 -39.19 29.47
CA GLY A 246 -37.03 -39.58 30.57
C GLY A 246 -37.07 -38.55 31.68
N LEU A 247 -35.91 -37.99 32.02
CA LEU A 247 -35.89 -36.91 33.01
C LEU A 247 -36.59 -35.66 32.50
N VAL A 248 -36.45 -35.36 31.21
CA VAL A 248 -37.10 -34.19 30.65
C VAL A 248 -38.61 -34.36 30.70
N ALA A 249 -39.10 -35.55 30.33
CA ALA A 249 -40.54 -35.82 30.38
C ALA A 249 -41.09 -35.62 31.78
N ALA A 250 -40.37 -36.12 32.78
CA ALA A 250 -40.77 -35.96 34.16
C ALA A 250 -40.45 -34.58 34.73
N GLN A 251 -39.83 -33.70 33.94
CA GLN A 251 -39.51 -32.32 34.33
C GLN A 251 -38.56 -32.30 35.53
N GLU A 252 -37.61 -33.23 35.52
CA GLU A 252 -36.57 -33.30 36.53
C GLU A 252 -35.28 -32.65 36.08
N VAL A 253 -35.20 -32.21 34.82
CA VAL A 253 -34.07 -31.45 34.31
C VAL A 253 -34.62 -30.35 33.42
N ASN A 254 -33.74 -29.43 33.01
CA ASN A 254 -34.14 -28.34 32.13
C ASN A 254 -34.78 -28.89 30.87
N SER A 255 -35.82 -28.20 30.39
CA SER A 255 -36.51 -28.61 29.18
C SER A 255 -35.87 -27.97 27.95
N PRO A 256 -35.31 -28.76 27.03
CA PRO A 256 -34.77 -28.15 25.80
C PRO A 256 -35.81 -27.46 24.95
N PHE A 257 -37.09 -27.79 25.11
CA PHE A 257 -38.12 -27.21 24.27
C PHE A 257 -38.33 -25.71 24.52
N GLU A 258 -37.92 -25.19 25.67
CA GLU A 258 -38.05 -23.75 25.89
C GLU A 258 -37.19 -22.93 24.93
N TYR A 259 -36.15 -23.54 24.36
CA TYR A 259 -35.16 -22.75 23.63
C TYR A 259 -34.71 -23.33 22.31
N CYS A 260 -34.87 -24.63 22.06
CA CYS A 260 -34.35 -25.23 20.84
C CYS A 260 -35.39 -25.25 19.74
N ASP A 261 -34.92 -25.21 18.49
CA ASP A 261 -35.79 -25.31 17.34
C ASP A 261 -36.26 -26.74 17.12
N ILE A 262 -35.38 -27.70 17.38
CA ILE A 262 -35.61 -29.10 17.07
C ILE A 262 -35.07 -29.89 18.25
N VAL A 263 -35.81 -30.93 18.65
CA VAL A 263 -35.35 -31.82 19.70
C VAL A 263 -35.45 -33.23 19.17
N THR A 264 -34.34 -33.95 19.16
CA THR A 264 -34.37 -35.34 18.76
C THR A 264 -34.13 -36.20 19.99
N THR A 265 -34.47 -37.49 19.87
CA THR A 265 -34.23 -38.35 21.01
C THR A 265 -34.40 -39.79 20.56
N THR A 266 -33.65 -40.68 21.19
CA THR A 266 -34.02 -42.10 21.25
C THR A 266 -35.20 -42.30 22.19
N THR A 267 -35.83 -43.48 22.09
CA THR A 267 -36.93 -43.81 22.98
C THR A 267 -36.60 -44.89 24.00
N HIS A 268 -35.39 -45.49 23.95
CA HIS A 268 -35.06 -46.64 24.80
C HIS A 268 -34.23 -46.35 26.04
N LYS A 269 -33.61 -45.19 26.15
CA LYS A 269 -32.70 -44.96 27.25
C LYS A 269 -33.47 -44.61 28.51
N SER A 270 -33.27 -43.39 29.05
CA SER A 270 -34.02 -43.04 30.26
C SER A 270 -35.53 -43.05 30.01
N LEU A 271 -35.95 -42.95 28.74
CA LEU A 271 -37.39 -42.96 28.44
C LEU A 271 -38.02 -44.34 28.63
N ARG A 272 -37.22 -45.40 28.65
CA ARG A 272 -37.65 -46.76 28.98
C ARG A 272 -38.63 -47.33 27.95
N GLY A 273 -38.42 -47.00 26.67
CA GLY A 273 -39.30 -47.46 25.61
C GLY A 273 -38.62 -48.49 24.72
N PRO A 274 -39.24 -48.79 23.58
CA PRO A 274 -38.56 -49.61 22.58
C PRO A 274 -37.39 -48.80 22.00
N ARG A 275 -36.57 -49.47 21.18
CA ARG A 275 -35.55 -48.78 20.40
C ARG A 275 -36.23 -48.11 19.23
N ALA A 276 -36.16 -46.78 19.19
CA ALA A 276 -36.76 -45.98 18.14
C ALA A 276 -36.24 -44.56 18.29
N GLY A 277 -36.63 -43.69 17.37
CA GLY A 277 -36.28 -42.29 17.44
C GLY A 277 -37.52 -41.44 17.24
N MET A 278 -37.38 -40.17 17.59
CA MET A 278 -38.47 -39.22 17.55
C MET A 278 -37.81 -37.88 17.20
N ILE A 279 -38.42 -37.12 16.28
CA ILE A 279 -37.96 -35.76 15.98
C ILE A 279 -39.09 -34.80 16.35
N PHE A 280 -38.84 -33.94 17.34
CA PHE A 280 -39.75 -32.83 17.66
C PHE A 280 -39.29 -31.56 16.96
N TYR A 281 -40.26 -30.76 16.51
CA TYR A 281 -39.93 -29.54 15.77
C TYR A 281 -40.95 -28.45 16.10
N ARG A 282 -40.48 -27.21 16.12
CA ARG A 282 -41.39 -26.09 16.33
C ARG A 282 -42.30 -25.90 15.12
N LYS A 283 -43.50 -25.40 15.40
CA LYS A 283 -44.41 -24.93 14.36
C LYS A 283 -45.01 -23.60 14.81
N GLY A 284 -45.62 -22.90 13.87
CA GLY A 284 -46.29 -21.65 14.19
C GLY A 284 -45.39 -20.44 14.04
N PRO A 285 -45.78 -19.34 14.69
CA PRO A 285 -45.03 -18.09 14.51
C PRO A 285 -43.65 -18.15 15.16
N LYS A 286 -42.65 -17.60 14.44
CA LYS A 286 -41.31 -17.42 14.98
C LYS A 286 -41.27 -16.23 15.93
N PRO A 287 -40.46 -16.29 16.98
CA PRO A 287 -40.32 -15.12 17.88
C PRO A 287 -39.61 -13.98 17.18
N PRO A 288 -39.81 -12.73 17.65
CA PRO A 288 -39.15 -11.51 17.19
C PRO A 288 -37.62 -11.63 17.14
N GLN A 292 -36.20 -10.20 10.25
CA GLN A 292 -37.05 -11.22 9.65
C GLN A 292 -38.39 -10.64 9.23
N PRO A 293 -38.98 -11.17 8.15
CA PRO A 293 -40.29 -10.67 7.71
C PRO A 293 -41.34 -10.77 8.81
N GLU A 294 -42.45 -10.04 8.61
CA GLU A 294 -43.35 -9.71 9.71
C GLU A 294 -43.99 -10.96 10.33
N ASN A 295 -44.62 -11.79 9.51
CA ASN A 295 -45.36 -12.95 9.98
C ASN A 295 -44.62 -14.26 9.69
N ALA A 296 -43.32 -14.28 9.98
CA ALA A 296 -42.52 -15.47 9.76
C ALA A 296 -43.04 -16.64 10.58
N VAL A 297 -43.22 -17.78 9.92
CA VAL A 297 -43.63 -19.02 10.58
C VAL A 297 -42.53 -20.04 10.38
N TYR A 298 -42.39 -20.93 11.36
CA TYR A 298 -41.49 -22.05 11.23
C TYR A 298 -41.89 -22.93 10.05
N ASP A 299 -40.89 -23.47 9.33
CA ASP A 299 -41.12 -24.32 8.18
CA ASP A 299 -41.12 -24.33 8.18
C ASP A 299 -40.43 -25.68 8.35
N PHE A 300 -40.38 -26.19 9.58
CA PHE A 300 -39.69 -27.45 9.86
C PHE A 300 -40.54 -28.67 9.50
N GLU A 301 -41.86 -28.59 9.71
CA GLU A 301 -42.71 -29.78 9.70
C GLU A 301 -42.56 -30.56 8.40
N ASP A 302 -42.79 -29.90 7.27
CA ASP A 302 -42.79 -30.58 5.99
C ASP A 302 -41.41 -31.10 5.64
N LYS A 303 -40.37 -30.33 5.96
CA LYS A 303 -39.01 -30.75 5.65
C LYS A 303 -38.60 -31.96 6.46
N ILE A 304 -38.93 -31.97 7.75
CA ILE A 304 -38.58 -33.12 8.59
C ILE A 304 -39.34 -34.37 8.15
N ASN A 305 -40.67 -34.26 7.97
CA ASN A 305 -41.44 -35.44 7.57
C ASN A 305 -40.93 -35.99 6.24
N PHE A 306 -40.67 -35.10 5.29
CA PHE A 306 -40.17 -35.50 3.97
C PHE A 306 -38.77 -36.12 4.06
N ALA A 307 -37.90 -35.56 4.90
CA ALA A 307 -36.57 -36.14 5.07
C ALA A 307 -36.65 -37.57 5.61
N VAL A 308 -37.54 -37.83 6.59
CA VAL A 308 -37.72 -39.18 7.11
C VAL A 308 -38.24 -40.09 6.00
N PHE A 309 -39.34 -39.70 5.36
CA PHE A 309 -39.87 -40.42 4.22
C PHE A 309 -40.46 -39.39 3.27
N PRO A 310 -40.11 -39.42 1.97
CA PRO A 310 -39.36 -40.48 1.30
C PRO A 310 -37.84 -40.33 1.19
N SER A 311 -37.19 -39.35 1.80
CA SER A 311 -35.77 -39.17 1.47
C SER A 311 -34.92 -40.30 2.04
N LEU A 312 -35.08 -40.61 3.34
CA LEU A 312 -34.12 -41.47 4.02
C LEU A 312 -34.63 -42.86 4.38
N GLN A 313 -35.85 -43.01 4.91
CA GLN A 313 -36.33 -44.33 5.30
C GLN A 313 -37.35 -44.87 4.29
N GLY A 314 -37.70 -46.12 4.48
CA GLY A 314 -38.81 -46.75 3.80
C GLY A 314 -40.04 -46.79 4.70
N GLY A 315 -40.71 -47.94 4.69
CA GLY A 315 -41.86 -48.13 5.56
C GLY A 315 -41.48 -47.96 7.00
N PRO A 316 -42.32 -47.26 7.77
CA PRO A 316 -42.07 -47.22 9.20
C PRO A 316 -42.20 -48.61 9.80
N HIS A 317 -41.56 -48.78 10.96
CA HIS A 317 -41.64 -50.04 11.70
C HIS A 317 -42.80 -49.91 12.67
N ASN A 318 -43.99 -50.30 12.20
CA ASN A 318 -45.19 -50.00 12.96
C ASN A 318 -45.22 -50.69 14.31
N HIS A 319 -44.53 -51.82 14.46
CA HIS A 319 -44.46 -52.44 15.77
C HIS A 319 -43.68 -51.58 16.76
N GLN A 320 -42.62 -50.90 16.29
CA GLN A 320 -41.92 -49.92 17.12
C GLN A 320 -42.82 -48.75 17.47
N ILE A 321 -43.62 -48.27 16.51
CA ILE A 321 -44.47 -47.11 16.78
C ILE A 321 -45.54 -47.47 17.82
N GLY A 322 -46.15 -48.65 17.69
CA GLY A 322 -47.10 -49.09 18.70
C GLY A 322 -46.46 -49.28 20.07
N ALA A 323 -45.29 -49.94 20.10
CA ALA A 323 -44.56 -50.07 21.35
C ALA A 323 -44.20 -48.70 21.92
N LEU A 324 -43.93 -47.73 21.05
CA LEU A 324 -43.61 -46.39 21.51
C LEU A 324 -44.82 -45.72 22.14
N ALA A 325 -46.00 -45.90 21.55
CA ALA A 325 -47.18 -45.26 22.14
C ALA A 325 -47.43 -45.79 23.55
N VAL A 326 -47.16 -47.07 23.78
CA VAL A 326 -47.31 -47.62 25.11
C VAL A 326 -46.32 -46.97 26.07
N ALA A 327 -45.06 -46.85 25.65
CA ALA A 327 -44.03 -46.27 26.52
C ALA A 327 -44.34 -44.82 26.86
N LEU A 328 -44.94 -44.09 25.92
CA LEU A 328 -45.25 -42.69 26.14
C LEU A 328 -46.42 -42.49 27.08
N LYS A 329 -47.39 -43.41 27.06
CA LYS A 329 -48.42 -43.41 28.09
C LYS A 329 -47.84 -43.74 29.45
N GLN A 330 -46.97 -44.75 29.51
CA GLN A 330 -46.33 -45.07 30.78
C GLN A 330 -45.45 -43.91 31.26
N ALA A 331 -44.82 -43.18 30.36
CA ALA A 331 -43.99 -42.06 30.78
C ALA A 331 -44.81 -40.88 31.30
N ALA A 332 -46.08 -40.76 30.91
CA ALA A 332 -46.90 -39.69 31.43
C ALA A 332 -47.51 -40.02 32.78
N SER A 333 -47.11 -41.12 33.42
CA SER A 333 -47.73 -41.60 34.65
C SER A 333 -47.08 -40.98 35.88
N PRO A 334 -47.80 -40.94 37.01
CA PRO A 334 -47.16 -40.48 38.26
C PRO A 334 -46.06 -41.41 38.71
N GLY A 335 -46.18 -42.70 38.40
CA GLY A 335 -45.11 -43.62 38.72
C GLY A 335 -43.83 -43.30 37.99
N PHE A 336 -43.93 -42.87 36.72
CA PHE A 336 -42.72 -42.57 35.95
C PHE A 336 -42.03 -41.33 36.50
N LYS A 337 -42.80 -40.32 36.94
CA LYS A 337 -42.17 -39.17 37.59
C LYS A 337 -41.38 -39.60 38.82
N ALA A 338 -41.95 -40.49 39.63
CA ALA A 338 -41.24 -41.03 40.78
C ALA A 338 -39.97 -41.77 40.38
N TYR A 339 -40.02 -42.50 39.26
CA TYR A 339 -38.84 -43.19 38.73
C TYR A 339 -37.74 -42.20 38.34
N ALA A 340 -38.09 -41.14 37.61
CA ALA A 340 -37.09 -40.17 37.20
C ALA A 340 -36.39 -39.52 38.40
N LYS A 341 -37.16 -39.13 39.41
CA LYS A 341 -36.56 -38.61 40.63
C LYS A 341 -35.69 -39.67 41.31
N GLN A 342 -36.10 -40.94 41.26
CA GLN A 342 -35.29 -41.99 41.89
C GLN A 342 -33.99 -42.23 41.11
N VAL A 343 -34.06 -42.17 39.77
CA VAL A 343 -32.83 -42.28 38.98
C VAL A 343 -31.82 -41.21 39.39
N LYS A 344 -32.27 -39.95 39.49
CA LYS A 344 -31.36 -38.88 39.89
C LYS A 344 -30.86 -39.07 41.32
N ALA A 345 -31.76 -39.43 42.25
CA ALA A 345 -31.29 -39.63 43.63
C ALA A 345 -30.33 -40.80 43.71
N ASN A 346 -30.53 -41.80 42.85
CA ASN A 346 -29.68 -42.98 42.86
C ASN A 346 -28.28 -42.64 42.35
N ALA A 347 -28.20 -41.84 41.29
CA ALA A 347 -26.90 -41.44 40.79
C ALA A 347 -26.16 -40.62 41.84
N VAL A 348 -26.89 -39.72 42.52
CA VAL A 348 -26.28 -38.89 43.56
C VAL A 348 -25.74 -39.76 44.68
N ALA A 349 -26.52 -40.76 45.09
CA ALA A 349 -26.12 -41.58 46.23
C ALA A 349 -24.91 -42.43 45.89
N LEU A 350 -24.85 -42.95 44.67
CA LEU A 350 -23.68 -43.70 44.23
C LEU A 350 -22.44 -42.81 44.17
N GLY A 351 -22.59 -41.61 43.59
CA GLY A 351 -21.44 -40.71 43.47
C GLY A 351 -20.95 -40.19 44.81
N ASN A 352 -21.88 -39.92 45.73
CA ASN A 352 -21.47 -39.53 47.09
C ASN A 352 -20.74 -40.66 47.82
N TYR A 353 -21.12 -41.91 47.57
CA TYR A 353 -20.38 -43.03 48.15
C TYR A 353 -18.95 -43.07 47.63
N LEU A 354 -18.78 -42.93 46.32
CA LEU A 354 -17.45 -43.00 45.73
C LEU A 354 -16.58 -41.86 46.25
N MET A 355 -17.18 -40.68 46.38
CA MET A 355 -16.45 -39.51 46.85
C MET A 355 -16.18 -39.63 48.35
N GLY A 356 -17.15 -40.13 49.11
CA GLY A 356 -16.91 -40.49 50.50
C GLY A 356 -15.76 -41.45 50.69
N LYS A 357 -15.43 -42.24 49.67
CA LYS A 357 -14.24 -43.09 49.66
C LYS A 357 -13.00 -42.34 49.21
N GLY A 358 -13.12 -41.06 48.84
CA GLY A 358 -12.01 -40.29 48.34
C GLY A 358 -11.76 -40.39 46.85
N TYR A 359 -12.69 -40.93 46.08
CA TYR A 359 -12.61 -41.00 44.63
C TYR A 359 -13.02 -39.68 44.01
N SER A 360 -12.62 -39.47 42.76
CA SER A 360 -12.84 -38.20 42.07
C SER A 360 -13.90 -38.35 40.97
N LEU A 361 -14.88 -37.46 40.98
CA LEU A 361 -15.89 -37.37 39.93
C LEU A 361 -15.72 -36.08 39.12
N VAL A 362 -15.84 -36.17 37.80
CA VAL A 362 -15.78 -34.98 36.97
C VAL A 362 -16.96 -34.06 37.30
N THR A 363 -16.66 -32.79 37.57
CA THR A 363 -17.54 -31.77 38.11
C THR A 363 -17.90 -32.01 39.58
N GLY A 364 -17.36 -33.05 40.23
CA GLY A 364 -17.64 -33.30 41.62
C GLY A 364 -19.05 -33.76 41.97
N GLY A 365 -19.77 -34.33 41.01
CA GLY A 365 -21.13 -34.80 41.28
C GLY A 365 -21.91 -34.95 39.98
N THR A 366 -23.23 -34.98 40.12
CA THR A 366 -24.10 -35.13 38.96
C THR A 366 -25.40 -34.38 39.20
N GLU A 367 -25.98 -33.89 38.11
CA GLU A 367 -27.32 -33.32 38.08
C GLU A 367 -28.27 -34.19 37.27
N ASN A 368 -27.84 -35.37 36.84
CA ASN A 368 -28.74 -36.21 36.04
C ASN A 368 -28.58 -37.67 36.41
N HIS A 369 -28.53 -38.56 35.41
CA HIS A 369 -28.62 -39.99 35.60
C HIS A 369 -27.27 -40.69 35.65
N LEU A 370 -26.17 -39.97 35.44
CA LEU A 370 -24.89 -40.63 35.30
C LEU A 370 -23.85 -39.90 36.14
N VAL A 371 -22.77 -40.61 36.46
CA VAL A 371 -21.58 -40.00 37.03
C VAL A 371 -20.41 -40.35 36.12
N LEU A 372 -19.47 -39.42 36.01
CA LEU A 372 -18.21 -39.63 35.30
C LEU A 372 -17.10 -39.73 36.34
N TRP A 373 -16.45 -40.88 36.39
CA TRP A 373 -15.50 -41.22 37.46
C TRP A 373 -14.09 -40.99 36.95
N ASP A 374 -13.41 -39.99 37.51
CA ASP A 374 -12.03 -39.65 37.13
C ASP A 374 -11.06 -40.60 37.85
N LEU A 375 -10.47 -41.53 37.11
CA LEU A 375 -9.55 -42.53 37.66
C LEU A 375 -8.08 -42.13 37.56
N ARG A 376 -7.76 -40.99 36.97
CA ARG A 376 -6.37 -40.56 36.93
C ARG A 376 -5.74 -40.37 38.32
N PRO A 377 -6.40 -39.77 39.31
CA PRO A 377 -5.78 -39.67 40.65
C PRO A 377 -5.35 -41.01 41.23
N LEU A 378 -5.89 -42.13 40.71
CA LEU A 378 -5.54 -43.46 41.17
C LEU A 378 -4.43 -44.09 40.32
N GLY A 379 -4.01 -43.43 39.24
CA GLY A 379 -3.07 -44.06 38.32
C GLY A 379 -3.66 -45.21 37.53
N LEU A 380 -4.94 -45.14 37.19
CA LEU A 380 -5.62 -46.21 36.45
C LEU A 380 -6.26 -45.65 35.17
N THR A 381 -6.38 -46.50 34.16
CA THR A 381 -7.17 -46.18 32.99
C THR A 381 -8.59 -46.70 33.14
N GLY A 382 -9.52 -46.07 32.42
CA GLY A 382 -10.88 -46.57 32.39
C GLY A 382 -10.98 -47.94 31.77
N ASN A 383 -10.02 -48.28 30.91
CA ASN A 383 -10.04 -49.59 30.24
C ASN A 383 -9.90 -50.74 31.24
N LYS A 384 -8.92 -50.64 32.14
CA LYS A 384 -8.70 -51.72 33.12
C LYS A 384 -9.92 -51.91 34.01
N VAL A 385 -10.43 -50.83 34.58
CA VAL A 385 -11.60 -50.90 35.46
C VAL A 385 -12.78 -51.50 34.72
N GLU A 386 -12.94 -51.16 33.43
CA GLU A 386 -14.03 -51.71 32.62
C GLU A 386 -13.90 -53.22 32.41
N LYS A 387 -12.69 -53.71 32.18
CA LYS A 387 -12.49 -55.13 31.95
C LYS A 387 -12.73 -55.93 33.23
N LEU A 388 -12.12 -55.51 34.33
CA LEU A 388 -12.30 -56.20 35.60
C LEU A 388 -13.77 -56.21 35.99
N CYS A 389 -14.44 -55.05 35.93
CA CYS A 389 -15.85 -55.01 36.26
C CYS A 389 -16.65 -55.97 35.40
N ASP A 390 -16.32 -56.05 34.11
CA ASP A 390 -17.04 -56.97 33.22
C ASP A 390 -16.93 -58.41 33.68
N LEU A 391 -15.74 -58.82 34.11
CA LEU A 391 -15.58 -60.19 34.61
C LEU A 391 -16.45 -60.45 35.84
N CYS A 392 -16.83 -59.39 36.55
CA CYS A 392 -17.64 -59.48 37.75
C CYS A 392 -19.12 -59.23 37.48
N ASN A 393 -19.52 -59.28 36.20
CA ASN A 393 -20.91 -59.03 35.79
C ASN A 393 -21.35 -57.61 36.12
N ILE A 394 -20.41 -56.68 36.10
CA ILE A 394 -20.69 -55.26 36.28
C ILE A 394 -20.32 -54.56 34.98
N THR A 395 -21.30 -53.98 34.29
CA THR A 395 -21.03 -53.38 32.99
C THR A 395 -21.00 -51.85 33.12
N VAL A 396 -19.80 -51.28 32.91
CA VAL A 396 -19.55 -49.85 32.85
C VAL A 396 -18.89 -49.58 31.50
N ASN A 397 -18.49 -48.34 31.23
CA ASN A 397 -17.69 -48.12 30.03
C ASN A 397 -16.65 -47.04 30.27
N LYS A 398 -15.44 -47.30 29.80
CA LYS A 398 -14.38 -46.31 29.84
C LYS A 398 -14.87 -45.00 29.19
N ASN A 399 -14.27 -43.89 29.59
CA ASN A 399 -14.75 -42.60 29.10
C ASN A 399 -13.68 -41.55 29.35
N ALA A 400 -13.47 -40.68 28.35
CA ALA A 400 -12.50 -39.60 28.50
C ALA A 400 -12.93 -38.65 29.61
N VAL A 401 -11.94 -38.04 30.27
CA VAL A 401 -12.19 -37.10 31.35
C VAL A 401 -11.67 -35.71 30.95
N PHE A 402 -12.47 -34.68 31.26
CA PHE A 402 -12.11 -33.27 31.06
C PHE A 402 -11.78 -32.95 29.61
N GLY A 403 -12.31 -33.73 28.67
CA GLY A 403 -12.11 -33.48 27.25
C GLY A 403 -10.78 -33.90 26.69
N ASP A 404 -9.94 -34.57 27.48
CA ASP A 404 -8.64 -35.01 27.00
C ASP A 404 -8.79 -35.91 25.78
N SER A 405 -7.87 -35.76 24.83
CA SER A 405 -7.87 -36.51 23.57
C SER A 405 -6.47 -37.03 23.22
N LEU A 408 -4.54 -39.61 25.41
CA LEU A 408 -4.12 -41.01 25.53
C LEU A 408 -5.31 -41.92 25.88
N ALA A 409 -5.04 -43.01 26.60
CA ALA A 409 -6.08 -43.94 26.99
C ALA A 409 -7.08 -43.25 27.92
N PRO A 410 -8.37 -43.58 27.83
CA PRO A 410 -9.39 -42.87 28.63
C PRO A 410 -9.13 -43.00 30.12
N GLY A 411 -9.22 -41.88 30.84
CA GLY A 411 -8.91 -41.86 32.25
C GLY A 411 -10.11 -41.96 33.18
N GLY A 412 -11.26 -42.41 32.65
CA GLY A 412 -12.47 -42.44 33.45
C GLY A 412 -13.40 -43.56 33.04
N VAL A 413 -14.48 -43.71 33.82
CA VAL A 413 -15.57 -44.61 33.48
C VAL A 413 -16.88 -43.85 33.65
N ARG A 414 -17.84 -44.17 32.78
CA ARG A 414 -19.19 -43.64 32.85
C ARG A 414 -20.07 -44.67 33.54
N ILE A 415 -20.90 -44.22 34.49
CA ILE A 415 -21.81 -45.07 35.24
C ILE A 415 -23.17 -44.41 35.28
N GLY A 416 -24.21 -45.16 34.92
CA GLY A 416 -25.54 -44.56 34.91
C GLY A 416 -26.50 -45.32 35.79
N ALA A 417 -27.58 -44.67 36.24
CA ALA A 417 -28.59 -45.25 37.12
C ALA A 417 -29.90 -45.79 36.51
N PRO A 418 -30.28 -45.44 35.26
CA PRO A 418 -31.64 -45.86 34.80
C PRO A 418 -31.92 -47.36 34.83
N ALA A 419 -30.95 -48.23 34.52
CA ALA A 419 -31.27 -49.64 34.33
C ALA A 419 -31.57 -50.33 35.66
N MET A 420 -30.62 -50.29 36.61
CA MET A 420 -30.90 -50.85 37.93
C MET A 420 -32.02 -50.13 38.67
N THR A 421 -32.19 -48.82 38.50
CA THR A 421 -33.35 -48.19 39.12
C THR A 421 -34.64 -48.82 38.63
N SER A 422 -34.69 -49.21 37.34
CA SER A 422 -35.89 -49.86 36.81
C SER A 422 -36.14 -51.24 37.45
N ARG A 423 -35.09 -51.92 37.92
CA ARG A 423 -35.26 -53.13 38.70
C ARG A 423 -35.63 -52.85 40.17
N GLY A 424 -35.98 -51.62 40.51
CA GLY A 424 -36.44 -51.30 41.85
C GLY A 424 -35.37 -50.83 42.81
N LEU A 425 -34.12 -50.72 42.39
CA LEU A 425 -33.06 -50.39 43.33
C LEU A 425 -33.22 -48.96 43.83
N VAL A 426 -32.84 -48.72 45.09
CA VAL A 426 -32.91 -47.38 45.67
C VAL A 426 -31.53 -46.95 46.19
N GLU A 427 -31.48 -45.85 46.96
CA GLU A 427 -30.20 -45.26 47.30
C GLU A 427 -29.30 -46.27 48.01
N LYS A 428 -29.84 -46.97 49.01
CA LYS A 428 -29.07 -47.98 49.75
C LYS A 428 -28.49 -49.02 48.80
N ASP A 429 -29.29 -49.45 47.83
CA ASP A 429 -28.83 -50.38 46.81
C ASP A 429 -27.70 -49.79 45.96
N PHE A 430 -27.80 -48.51 45.62
CA PHE A 430 -26.73 -47.92 44.84
C PHE A 430 -25.47 -47.67 45.67
N GLU A 431 -25.62 -47.50 47.00
CA GLU A 431 -24.42 -47.48 47.84
C GLU A 431 -23.76 -48.86 47.88
N GLN A 432 -24.55 -49.94 47.93
CA GLN A 432 -23.94 -51.27 47.78
C GLN A 432 -23.28 -51.42 46.41
N ILE A 433 -23.93 -50.92 45.36
CA ILE A 433 -23.29 -50.86 44.04
C ILE A 433 -21.99 -50.06 44.16
N GLY A 434 -22.06 -48.91 44.83
CA GLY A 434 -20.85 -48.17 45.18
C GLY A 434 -19.77 -49.06 45.78
N GLU A 435 -20.14 -49.90 46.76
CA GLU A 435 -19.14 -50.71 47.43
C GLU A 435 -18.59 -51.78 46.49
N PHE A 436 -19.45 -52.37 45.65
CA PHE A 436 -18.97 -53.31 44.64
C PHE A 436 -17.96 -52.66 43.71
N LEU A 437 -18.24 -51.42 43.29
CA LEU A 437 -17.30 -50.68 42.46
C LEU A 437 -16.01 -50.39 43.23
N HIS A 438 -16.14 -49.98 44.49
CA HIS A 438 -14.94 -49.73 45.30
C HIS A 438 -14.11 -51.00 45.42
N ARG A 439 -14.77 -52.15 45.61
CA ARG A 439 -14.06 -53.42 45.62
C ARG A 439 -13.42 -53.70 44.28
N ALA A 440 -14.14 -53.43 43.18
CA ALA A 440 -13.62 -53.72 41.86
C ALA A 440 -12.37 -52.89 41.57
N VAL A 441 -12.39 -51.62 41.99
CA VAL A 441 -11.23 -50.76 41.72
C VAL A 441 -10.07 -51.10 42.64
N THR A 442 -10.36 -51.40 43.91
CA THR A 442 -9.31 -51.91 44.79
C THR A 442 -8.64 -53.13 44.19
N LEU A 443 -9.44 -54.10 43.71
CA LEU A 443 -8.86 -55.30 43.09
C LEU A 443 -8.11 -54.95 41.80
N THR A 444 -8.51 -53.88 41.12
CA THR A 444 -7.82 -53.47 39.90
C THR A 444 -6.47 -52.85 40.23
N LEU A 445 -6.44 -51.96 41.24
CA LEU A 445 -5.17 -51.40 41.69
C LEU A 445 -4.21 -52.47 42.20
N GLU A 446 -4.74 -53.48 42.90
CA GLU A 446 -3.86 -54.53 43.41
C GLU A 446 -3.21 -55.31 42.26
N ILE A 447 -4.02 -55.71 41.27
CA ILE A 447 -3.46 -56.42 40.12
C ILE A 447 -2.43 -55.56 39.40
N GLN A 448 -2.62 -54.24 39.38
CA GLN A 448 -1.65 -53.38 38.72
C GLN A 448 -0.33 -53.38 39.50
N LYS A 449 -0.40 -53.25 40.82
CA LYS A 449 0.82 -53.25 41.64
C LYS A 449 1.52 -54.61 41.58
N GLU A 450 0.78 -55.68 41.30
CA GLU A 450 1.36 -57.01 41.26
C GLU A 450 1.87 -57.40 39.88
N HIS A 451 1.17 -56.99 38.81
CA HIS A 451 1.45 -57.51 37.47
C HIS A 451 2.03 -56.49 36.50
N GLY A 452 1.91 -55.19 36.77
CA GLY A 452 2.44 -54.17 35.89
C GLY A 452 1.38 -53.23 35.34
N LYS A 453 1.76 -52.03 34.85
CA LYS A 453 0.70 -51.11 34.42
C LYS A 453 0.45 -51.26 32.92
N LEU A 454 1.42 -51.82 32.18
CA LEU A 454 1.17 -52.24 30.81
C LEU A 454 -0.06 -53.14 30.75
N LEU A 455 -0.77 -53.09 29.62
CA LEU A 455 -2.05 -53.77 29.55
C LEU A 455 -1.89 -55.27 29.34
N LYS A 456 -0.89 -55.69 28.56
CA LYS A 456 -0.66 -57.12 28.39
C LYS A 456 -0.25 -57.78 29.71
N ASP A 457 0.42 -57.02 30.57
CA ASP A 457 0.86 -57.56 31.87
C ASP A 457 -0.26 -57.53 32.90
N PHE A 458 -1.10 -56.48 32.86
CA PHE A 458 -2.29 -56.43 33.71
C PHE A 458 -3.24 -57.57 33.39
N ASN A 459 -3.29 -57.99 32.13
CA ASN A 459 -4.25 -59.01 31.71
C ASN A 459 -3.99 -60.35 32.37
N LYS A 460 -2.72 -60.66 32.69
CA LYS A 460 -2.40 -61.95 33.29
C LYS A 460 -3.00 -62.09 34.68
N GLY A 461 -3.15 -60.99 35.41
CA GLY A 461 -3.74 -61.03 36.74
C GLY A 461 -5.24 -61.22 36.79
N LEU A 462 -5.90 -61.38 35.65
CA LEU A 462 -7.34 -61.56 35.60
C LEU A 462 -7.75 -63.01 35.39
N VAL A 463 -6.81 -63.89 35.03
CA VAL A 463 -7.11 -65.30 34.84
C VAL A 463 -6.90 -66.03 36.16
N ASN A 464 -7.93 -66.75 36.61
CA ASN A 464 -7.90 -67.55 37.83
C ASN A 464 -7.60 -66.69 39.05
N ASN A 465 -8.45 -65.69 39.26
CA ASN A 465 -8.35 -64.79 40.41
C ASN A 465 -9.54 -65.03 41.33
N LYS A 466 -9.27 -65.50 42.55
CA LYS A 466 -10.35 -65.80 43.48
C LYS A 466 -11.03 -64.54 43.99
N ALA A 467 -10.29 -63.42 44.04
CA ALA A 467 -10.91 -62.16 44.42
C ALA A 467 -11.94 -61.72 43.38
N ILE A 468 -11.65 -61.93 42.10
CA ILE A 468 -12.63 -61.66 41.05
C ILE A 468 -13.81 -62.62 41.15
N GLU A 469 -13.52 -63.91 41.31
CA GLU A 469 -14.60 -64.89 41.40
C GLU A 469 -15.49 -64.62 42.60
N ASP A 470 -14.89 -64.18 43.72
CA ASP A 470 -15.66 -63.82 44.91
C ASP A 470 -16.58 -62.63 44.62
N LEU A 471 -16.01 -61.55 44.07
CA LEU A 471 -16.82 -60.39 43.74
C LEU A 471 -17.93 -60.77 42.78
N LYS A 472 -17.60 -61.54 41.74
CA LYS A 472 -18.60 -62.02 40.79
C LYS A 472 -19.75 -62.73 41.50
N ALA A 473 -19.42 -63.71 42.36
CA ALA A 473 -20.47 -64.42 43.08
C ALA A 473 -21.30 -63.45 43.93
N ASP A 474 -20.63 -62.54 44.63
CA ASP A 474 -21.33 -61.53 45.43
C ASP A 474 -22.27 -60.71 44.54
N VAL A 475 -21.75 -60.22 43.42
CA VAL A 475 -22.58 -59.44 42.50
C VAL A 475 -23.79 -60.25 42.06
N GLU A 476 -23.58 -61.52 41.72
CA GLU A 476 -24.70 -62.35 41.25
C GLU A 476 -25.76 -62.50 42.34
N LYS A 477 -25.33 -62.77 43.59
CA LYS A 477 -26.30 -62.99 44.66
C LYS A 477 -27.09 -61.72 44.95
N PHE A 478 -26.43 -60.56 44.87
CA PHE A 478 -27.10 -59.26 45.01
C PHE A 478 -28.12 -59.05 43.90
N SER A 479 -27.67 -59.13 42.64
CA SER A 479 -28.56 -58.85 41.50
C SER A 479 -29.76 -59.78 41.47
N ALA A 480 -29.57 -61.05 41.81
CA ALA A 480 -30.65 -62.03 41.73
C ALA A 480 -31.83 -61.71 42.65
N THR A 481 -31.64 -60.88 43.67
CA THR A 481 -32.73 -60.62 44.61
C THR A 481 -33.78 -59.64 44.08
N PHE A 482 -33.45 -58.87 43.06
CA PHE A 482 -34.36 -57.81 42.64
C PHE A 482 -35.29 -58.30 41.54
N ASP A 483 -36.45 -57.66 41.45
CA ASP A 483 -37.41 -57.95 40.40
C ASP A 483 -36.82 -57.59 39.03
N MET A 484 -37.50 -58.05 37.97
CA MET A 484 -37.09 -57.79 36.60
C MET A 484 -38.32 -57.53 35.74
N PRO A 485 -38.41 -56.35 35.12
CA PRO A 485 -39.54 -56.08 34.22
C PRO A 485 -39.28 -56.73 32.87
N GLY A 486 -40.37 -56.93 32.12
CA GLY A 486 -40.29 -57.34 30.73
C GLY A 486 -40.55 -58.82 30.50
N PHE A 487 -40.42 -59.63 31.54
CA PHE A 487 -40.78 -61.04 31.50
C PHE A 487 -40.89 -61.50 32.94
N LEU A 488 -41.48 -62.67 33.13
CA LEU A 488 -41.68 -63.23 34.47
C LEU A 488 -40.48 -64.11 34.82
N VAL A 489 -39.69 -63.67 35.79
CA VAL A 489 -38.60 -64.49 36.34
C VAL A 489 -39.09 -65.88 36.72
N SER A 490 -40.34 -65.99 37.18
CA SER A 490 -40.88 -67.29 37.55
C SER A 490 -40.93 -68.27 36.38
N GLU A 491 -40.81 -67.80 35.13
CA GLU A 491 -40.96 -68.66 33.96
C GLU A 491 -39.68 -68.86 33.17
N MET A 492 -38.56 -68.27 33.60
CA MET A 492 -37.33 -68.37 32.81
C MET A 492 -36.79 -69.80 32.79
N LYS A 493 -36.10 -70.12 31.69
CA LYS A 493 -35.48 -71.42 31.58
C LYS A 493 -34.37 -71.59 32.61
N TYR A 494 -33.56 -70.54 32.81
CA TYR A 494 -32.41 -70.60 33.72
C TYR A 494 -32.70 -69.78 34.96
N LYS A 495 -32.85 -70.45 36.10
CA LYS A 495 -33.07 -69.80 37.38
C LYS A 495 -31.87 -69.91 38.31
N ASP A 496 -30.71 -70.34 37.79
CA ASP A 496 -29.55 -70.64 38.62
C ASP A 496 -28.72 -69.40 38.98
N MET B 26 -42.19 -45.09 43.53
CA MET B 26 -42.26 -45.73 42.21
C MET B 26 -43.28 -46.86 42.23
N ASP B 27 -43.83 -47.15 41.05
CA ASP B 27 -44.64 -48.34 40.92
C ASP B 27 -43.77 -49.59 41.13
N PRO B 28 -44.32 -50.65 41.73
CA PRO B 28 -43.57 -51.90 41.79
C PRO B 28 -43.30 -52.37 40.38
N VAL B 29 -42.21 -53.13 40.22
CA VAL B 29 -41.89 -53.67 38.91
C VAL B 29 -43.06 -54.45 38.34
N SER B 30 -43.77 -55.18 39.21
CA SER B 30 -44.90 -55.99 38.75
C SER B 30 -45.99 -55.13 38.13
N VAL B 31 -46.25 -53.94 38.70
CA VAL B 31 -47.33 -53.11 38.17
C VAL B 31 -46.96 -52.51 36.81
N TRP B 32 -45.86 -51.75 36.74
CA TRP B 32 -45.54 -51.13 35.45
C TRP B 32 -44.83 -52.10 34.50
N GLY B 33 -44.02 -53.00 35.02
CA GLY B 33 -43.11 -53.75 34.18
C GLY B 33 -43.52 -55.14 33.74
N ASN B 34 -44.39 -55.82 34.49
CA ASN B 34 -44.91 -57.13 34.08
C ASN B 34 -46.40 -57.18 33.79
N THR B 35 -47.14 -56.09 33.92
CA THR B 35 -48.55 -56.16 33.59
C THR B 35 -48.75 -56.25 32.07
N PRO B 36 -49.67 -57.08 31.60
CA PRO B 36 -49.84 -57.22 30.14
C PRO B 36 -50.33 -55.94 29.48
N LEU B 37 -50.04 -55.86 28.17
CA LEU B 37 -50.48 -54.73 27.34
C LEU B 37 -51.99 -54.51 27.43
N ALA B 38 -52.77 -55.59 27.40
CA ALA B 38 -54.23 -55.44 27.47
C ALA B 38 -54.64 -54.63 28.70
N THR B 39 -53.87 -54.69 29.78
CA THR B 39 -54.21 -53.92 30.97
C THR B 39 -53.48 -52.56 31.02
N VAL B 40 -52.19 -52.53 30.66
CA VAL B 40 -51.41 -51.29 30.70
C VAL B 40 -51.95 -50.25 29.73
N ASP B 41 -52.41 -50.69 28.56
CA ASP B 41 -52.78 -49.75 27.49
C ASP B 41 -53.91 -50.34 26.64
N PRO B 42 -55.15 -50.29 27.15
CA PRO B 42 -56.26 -50.89 26.39
C PRO B 42 -56.54 -50.26 25.04
N GLU B 43 -56.18 -48.98 24.82
CA GLU B 43 -56.37 -48.38 23.51
C GLU B 43 -55.44 -49.00 22.48
N ILE B 44 -54.15 -49.10 22.80
CA ILE B 44 -53.21 -49.69 21.85
C ILE B 44 -53.54 -51.16 21.66
N HIS B 45 -53.91 -51.86 22.73
CA HIS B 45 -54.28 -53.27 22.60
C HIS B 45 -55.47 -53.42 21.66
N ASP B 46 -56.49 -52.58 21.82
CA ASP B 46 -57.66 -52.67 20.96
C ASP B 46 -57.31 -52.33 19.52
N LEU B 47 -56.43 -51.34 19.31
CA LEU B 47 -55.99 -51.03 17.96
C LEU B 47 -55.25 -52.20 17.33
N ILE B 48 -54.37 -52.85 18.08
CA ILE B 48 -53.62 -53.95 17.50
C ILE B 48 -54.57 -55.11 17.17
N GLU B 49 -55.57 -55.33 18.03
CA GLU B 49 -56.57 -56.37 17.76
C GLU B 49 -57.36 -56.05 16.50
N LYS B 50 -57.67 -54.76 16.29
CA LYS B 50 -58.38 -54.37 15.09
C LYS B 50 -57.53 -54.56 13.85
N GLU B 51 -56.21 -54.37 13.99
CA GLU B 51 -55.31 -54.55 12.86
C GLU B 51 -55.11 -56.03 12.55
N LYS B 52 -55.03 -56.85 13.60
CA LYS B 52 -55.06 -58.31 13.42
C LYS B 52 -56.30 -58.74 12.62
N HIS B 53 -57.48 -58.23 13.01
CA HIS B 53 -58.72 -58.55 12.30
C HIS B 53 -58.65 -58.13 10.84
N ARG B 54 -58.14 -56.92 10.59
CA ARG B 54 -57.98 -56.42 9.23
C ARG B 54 -57.07 -57.34 8.42
N GLN B 55 -55.99 -57.84 9.01
CA GLN B 55 -55.01 -58.64 8.28
C GLN B 55 -55.55 -60.00 7.86
N CYS B 56 -56.61 -60.51 8.49
CA CYS B 56 -57.14 -61.80 8.05
C CYS B 56 -58.59 -61.73 7.59
N ARG B 57 -59.13 -60.54 7.37
CA ARG B 57 -60.44 -60.37 6.76
CA ARG B 57 -60.44 -60.40 6.74
C ARG B 57 -60.37 -59.62 5.43
N GLY B 58 -59.18 -59.47 4.86
CA GLY B 58 -59.01 -58.82 3.57
C GLY B 58 -58.09 -59.61 2.68
N ILE B 59 -57.86 -59.07 1.47
CA ILE B 59 -56.94 -59.70 0.54
C ILE B 59 -55.74 -58.77 0.40
N GLU B 60 -54.59 -59.23 0.88
CA GLU B 60 -53.39 -58.42 1.04
CA GLU B 60 -53.38 -58.42 1.04
C GLU B 60 -52.48 -58.67 -0.16
N LEU B 61 -52.47 -57.72 -1.10
CA LEU B 61 -51.74 -57.89 -2.35
C LEU B 61 -50.58 -56.92 -2.49
N ILE B 62 -50.16 -56.27 -1.40
CA ILE B 62 -48.98 -55.42 -1.47
C ILE B 62 -47.75 -56.31 -1.61
N ALA B 63 -46.97 -56.08 -2.66
CA ALA B 63 -45.93 -57.02 -3.06
C ALA B 63 -44.75 -57.00 -2.11
N SER B 64 -44.60 -55.95 -1.32
CA SER B 64 -43.54 -55.88 -0.35
C SER B 64 -43.98 -56.38 1.02
N GLU B 65 -45.20 -56.87 1.14
CA GLU B 65 -45.70 -57.28 2.44
C GLU B 65 -45.66 -58.78 2.57
N ASN B 66 -45.63 -59.25 3.82
CA ASN B 66 -45.76 -60.67 4.08
C ASN B 66 -46.41 -60.82 5.44
N PHE B 67 -46.65 -62.05 5.84
CA PHE B 67 -47.11 -62.37 7.20
C PHE B 67 -46.06 -63.30 7.78
N THR B 68 -45.29 -62.81 8.75
CA THR B 68 -44.20 -63.59 9.29
C THR B 68 -44.72 -64.55 10.37
N SER B 69 -43.82 -65.43 10.84
CA SER B 69 -44.21 -66.49 11.76
C SER B 69 -44.36 -65.99 13.19
N PHE B 70 -45.10 -66.75 13.99
CA PHE B 70 -45.16 -66.46 15.42
C PHE B 70 -43.79 -66.59 16.05
N ALA B 71 -42.98 -67.55 15.60
CA ALA B 71 -41.63 -67.70 16.13
C ALA B 71 -40.82 -66.42 15.97
N VAL B 72 -40.86 -65.83 14.79
CA VAL B 72 -40.15 -64.57 14.54
C VAL B 72 -40.66 -63.48 15.48
N ILE B 73 -41.98 -63.41 15.63
CA ILE B 73 -42.59 -62.39 16.47
C ILE B 73 -42.22 -62.61 17.94
N GLU B 74 -42.03 -63.87 18.37
CA GLU B 74 -41.61 -64.10 19.76
C GLU B 74 -40.18 -63.65 20.00
N ALA B 75 -39.28 -63.85 19.03
CA ALA B 75 -37.92 -63.33 19.16
C ALA B 75 -37.90 -61.81 19.03
N LEU B 76 -38.78 -61.26 18.20
CA LEU B 76 -38.84 -59.82 18.02
C LEU B 76 -39.27 -59.13 19.30
N GLY B 77 -40.31 -59.67 19.96
CA GLY B 77 -40.78 -59.13 21.20
C GLY B 77 -40.12 -59.83 22.36
N SER B 78 -38.86 -59.49 22.62
CA SER B 78 -38.07 -60.22 23.61
C SER B 78 -37.12 -59.28 24.33
N ALA B 79 -36.51 -59.80 25.40
CA ALA B 79 -35.55 -59.02 26.17
C ALA B 79 -34.30 -58.66 25.39
N LEU B 80 -34.14 -59.18 24.16
CA LEU B 80 -33.02 -58.74 23.33
C LEU B 80 -33.06 -57.24 23.06
N THR B 81 -34.23 -56.60 23.17
CA THR B 81 -34.33 -55.17 22.96
C THR B 81 -33.61 -54.35 24.04
N ASN B 82 -33.26 -54.95 25.17
CA ASN B 82 -32.68 -54.20 26.29
C ASN B 82 -31.16 -54.03 26.19
N LYS B 83 -30.48 -54.56 25.18
CA LYS B 83 -29.02 -54.64 25.20
C LYS B 83 -28.38 -53.72 24.17
N TYR B 84 -27.44 -52.88 24.62
CA TYR B 84 -26.59 -52.09 23.73
C TYR B 84 -25.34 -52.87 23.37
N SER B 85 -25.05 -52.95 22.09
CA SER B 85 -23.94 -53.79 21.62
C SER B 85 -23.25 -53.13 20.44
N GLU B 86 -23.04 -51.83 20.53
CA GLU B 86 -22.32 -51.11 19.49
C GLU B 86 -21.05 -51.83 19.10
N GLY B 87 -20.79 -51.91 17.79
CA GLY B 87 -19.61 -52.60 17.32
C GLY B 87 -19.93 -53.91 16.64
N MET B 88 -18.99 -54.84 16.68
CA MET B 88 -19.09 -56.15 16.05
C MET B 88 -18.87 -57.26 17.06
N PRO B 89 -19.38 -58.47 16.78
CA PRO B 89 -19.07 -59.60 17.66
C PRO B 89 -17.57 -59.82 17.76
N GLY B 90 -17.10 -60.03 18.99
CA GLY B 90 -15.69 -60.04 19.29
C GLY B 90 -15.01 -58.68 19.31
N ASN B 91 -15.70 -57.63 18.87
CA ASN B 91 -15.11 -56.29 18.77
C ASN B 91 -16.12 -55.24 19.22
N ARG B 92 -16.68 -55.43 20.40
CA ARG B 92 -17.70 -54.53 20.91
C ARG B 92 -17.07 -53.38 21.68
N TYR B 93 -17.86 -52.31 21.84
CA TYR B 93 -17.41 -51.18 22.64
C TYR B 93 -17.61 -51.45 24.14
N TYR B 94 -18.70 -52.12 24.49
CA TYR B 94 -19.08 -52.39 25.86
C TYR B 94 -19.07 -53.90 26.10
N GLY B 95 -19.09 -54.29 27.38
CA GLY B 95 -19.17 -55.68 27.76
C GLY B 95 -20.59 -56.19 27.85
N GLY B 96 -20.72 -57.38 28.41
CA GLY B 96 -22.02 -58.02 28.57
C GLY B 96 -22.61 -58.64 27.32
N ASN B 97 -21.79 -58.86 26.28
CA ASN B 97 -22.27 -59.27 24.97
C ASN B 97 -22.01 -60.74 24.67
N GLU B 98 -21.82 -61.57 25.70
CA GLU B 98 -21.53 -62.99 25.47
C GLU B 98 -22.59 -63.63 24.59
N PHE B 99 -23.86 -63.41 24.91
CA PHE B 99 -24.97 -64.04 24.20
C PHE B 99 -25.41 -63.24 22.97
N ILE B 100 -25.37 -61.90 23.05
CA ILE B 100 -25.62 -61.10 21.85
C ILE B 100 -24.66 -61.49 20.73
N ASP B 101 -23.38 -61.70 21.07
CA ASP B 101 -22.40 -62.07 20.05
C ASP B 101 -22.75 -63.39 19.39
N GLN B 102 -23.20 -64.38 20.19
CA GLN B 102 -23.57 -65.66 19.63
C GLN B 102 -24.81 -65.56 18.76
N ILE B 103 -25.78 -64.73 19.15
CA ILE B 103 -26.97 -64.56 18.33
C ILE B 103 -26.61 -63.89 17.01
N GLU B 104 -25.84 -62.81 17.06
CA GLU B 104 -25.44 -62.14 15.82
C GLU B 104 -24.58 -63.06 14.95
N ASN B 105 -23.68 -63.83 15.55
CA ASN B 105 -22.85 -64.73 14.75
C ASN B 105 -23.70 -65.82 14.10
N LEU B 106 -24.68 -66.34 14.84
CA LEU B 106 -25.61 -67.32 14.27
C LEU B 106 -26.45 -66.69 13.15
N CYS B 107 -26.87 -65.43 13.30
CA CYS B 107 -27.61 -64.76 12.24
C CYS B 107 -26.77 -64.63 10.98
N ARG B 108 -25.52 -64.19 11.13
CA ARG B 108 -24.63 -64.02 10.00
C ARG B 108 -24.41 -65.34 9.28
N SER B 109 -24.11 -66.39 10.02
CA SER B 109 -23.81 -67.67 9.38
C SER B 109 -25.07 -68.29 8.78
N ARG B 110 -26.22 -68.10 9.41
CA ARG B 110 -27.47 -68.54 8.81
C ARG B 110 -27.81 -67.70 7.57
N ALA B 111 -27.39 -66.44 7.53
CA ALA B 111 -27.59 -65.62 6.32
C ALA B 111 -26.78 -66.18 5.14
N LEU B 112 -25.49 -66.44 5.37
CA LEU B 112 -24.67 -67.00 4.30
C LEU B 112 -25.17 -68.37 3.84
N GLN B 113 -25.59 -69.23 4.78
CA GLN B 113 -26.12 -70.54 4.39
C GLN B 113 -27.42 -70.41 3.60
N ALA B 114 -28.30 -69.50 4.02
CA ALA B 114 -29.58 -69.36 3.34
C ALA B 114 -29.41 -68.97 1.88
N PHE B 115 -28.31 -68.28 1.55
CA PHE B 115 -28.04 -67.84 0.19
C PHE B 115 -26.92 -68.65 -0.45
N HIS B 116 -26.58 -69.80 0.14
CA HIS B 116 -25.67 -70.78 -0.46
C HIS B 116 -24.34 -70.15 -0.82
N LEU B 117 -23.79 -69.40 0.13
CA LEU B 117 -22.58 -68.62 -0.08
C LEU B 117 -21.43 -69.19 0.72
N ASP B 118 -20.25 -69.18 0.12
CA ASP B 118 -19.06 -69.58 0.85
C ASP B 118 -18.54 -68.41 1.68
N ALA B 119 -18.35 -68.66 2.98
CA ALA B 119 -17.88 -67.63 3.91
C ALA B 119 -16.49 -67.13 3.54
N GLN B 120 -15.70 -67.91 2.79
CA GLN B 120 -14.43 -67.41 2.30
C GLN B 120 -14.60 -66.37 1.20
N SER B 121 -15.73 -66.38 0.50
CA SER B 121 -15.97 -65.48 -0.63
C SER B 121 -16.98 -64.38 -0.34
N TRP B 122 -17.73 -64.49 0.75
CA TRP B 122 -18.81 -63.56 1.06
C TRP B 122 -18.86 -63.34 2.56
N GLY B 123 -19.03 -62.07 2.96
CA GLY B 123 -19.38 -61.71 4.31
C GLY B 123 -20.76 -61.05 4.30
N VAL B 124 -21.28 -60.82 5.51
CA VAL B 124 -22.60 -60.20 5.61
C VAL B 124 -22.68 -59.42 6.93
N ASN B 125 -23.24 -58.22 6.83
CA ASN B 125 -23.56 -57.41 8.00
C ASN B 125 -25.08 -57.44 8.24
N VAL B 126 -25.50 -57.87 9.43
CA VAL B 126 -26.91 -58.04 9.70
C VAL B 126 -27.46 -56.94 10.61
N GLN B 127 -26.71 -55.85 10.79
CA GLN B 127 -27.16 -54.76 11.67
C GLN B 127 -28.06 -53.68 11.05
N PRO B 128 -28.19 -53.53 9.72
CA PRO B 128 -29.02 -52.42 9.20
C PRO B 128 -30.42 -52.45 9.78
N TYR B 129 -30.91 -51.28 10.17
CA TYR B 129 -32.23 -51.23 10.80
C TYR B 129 -33.31 -51.66 9.82
N SER B 130 -33.10 -51.41 8.53
CA SER B 130 -34.10 -51.78 7.53
C SER B 130 -33.40 -51.75 6.16
N GLY B 131 -34.19 -51.86 5.10
CA GLY B 131 -33.60 -51.94 3.77
C GLY B 131 -33.00 -50.65 3.28
N SER B 132 -33.71 -49.53 3.50
CA SER B 132 -33.17 -48.24 3.07
C SER B 132 -31.90 -47.89 3.86
N PRO B 133 -31.84 -48.16 5.18
CA PRO B 133 -30.54 -47.99 5.86
C PRO B 133 -29.43 -48.84 5.28
N ALA B 134 -29.73 -50.08 4.90
CA ALA B 134 -28.72 -50.97 4.34
C ALA B 134 -28.14 -50.39 3.05
N ASN B 135 -29.00 -49.90 2.16
CA ASN B 135 -28.51 -49.35 0.91
C ASN B 135 -27.63 -48.13 1.15
N PHE B 136 -28.11 -47.20 1.99
CA PHE B 136 -27.34 -45.98 2.23
C PHE B 136 -25.99 -46.30 2.86
N ALA B 137 -25.94 -47.30 3.74
CA ALA B 137 -24.64 -47.65 4.32
C ALA B 137 -23.71 -48.26 3.28
N ALA B 138 -24.26 -49.10 2.40
CA ALA B 138 -23.47 -49.64 1.29
C ALA B 138 -22.91 -48.52 0.43
N TYR B 139 -23.72 -47.51 0.11
CA TYR B 139 -23.23 -46.40 -0.68
C TYR B 139 -22.15 -45.62 0.06
N THR B 140 -22.41 -45.31 1.34
CA THR B 140 -21.42 -44.62 2.16
C THR B 140 -20.10 -45.39 2.22
N ALA B 141 -20.16 -46.73 2.21
CA ALA B 141 -18.97 -47.55 2.37
C ALA B 141 -18.04 -47.46 1.17
N VAL B 142 -18.60 -47.46 -0.04
CA VAL B 142 -17.80 -47.57 -1.26
C VAL B 142 -17.77 -46.29 -2.08
N LEU B 143 -18.62 -45.30 -1.79
CA LEU B 143 -18.65 -44.08 -2.58
C LEU B 143 -18.29 -42.86 -1.74
N ASN B 144 -17.81 -41.85 -2.42
CA ASN B 144 -17.64 -40.52 -1.87
C ASN B 144 -18.88 -39.68 -2.16
N PRO B 145 -19.19 -38.68 -1.32
CA PRO B 145 -20.29 -37.76 -1.65
C PRO B 145 -20.17 -37.22 -3.07
N HIS B 146 -21.31 -37.11 -3.74
CA HIS B 146 -21.45 -36.64 -5.11
C HIS B 146 -20.94 -37.64 -6.14
N ASP B 147 -20.47 -38.82 -5.75
CA ASP B 147 -20.14 -39.85 -6.74
C ASP B 147 -21.39 -40.25 -7.53
N ARG B 148 -21.17 -40.74 -8.74
CA ARG B 148 -22.26 -41.02 -9.67
C ARG B 148 -22.78 -42.45 -9.53
N ILE B 149 -24.11 -42.58 -9.60
CA ILE B 149 -24.82 -43.83 -9.39
C ILE B 149 -25.87 -43.94 -10.49
N MET B 150 -26.07 -45.14 -11.04
CA MET B 150 -27.31 -45.38 -11.76
C MET B 150 -28.09 -46.56 -11.21
N GLY B 151 -29.42 -46.36 -11.21
CA GLY B 151 -30.35 -47.36 -10.74
C GLY B 151 -31.58 -47.37 -11.64
N LEU B 152 -32.38 -48.41 -11.50
CA LEU B 152 -33.55 -48.54 -12.35
C LEU B 152 -34.54 -47.41 -12.05
N ASP B 153 -35.03 -46.78 -13.11
CA ASP B 153 -35.92 -45.63 -13.01
C ASP B 153 -37.21 -46.03 -12.31
N LEU B 154 -37.76 -45.13 -11.48
CA LEU B 154 -38.99 -45.45 -10.78
C LEU B 154 -40.12 -45.87 -11.72
N PRO B 155 -40.48 -45.11 -12.76
CA PRO B 155 -41.54 -45.59 -13.68
C PRO B 155 -41.17 -46.87 -14.40
N SER B 156 -39.91 -47.27 -14.38
CA SER B 156 -39.50 -48.53 -15.01
C SER B 156 -39.46 -49.68 -14.00
N GLY B 157 -39.81 -49.42 -12.74
CA GLY B 157 -39.87 -50.48 -11.74
C GLY B 157 -38.82 -50.40 -10.66
N GLY B 158 -38.04 -49.31 -10.58
CA GLY B 158 -37.00 -49.18 -9.59
C GLY B 158 -37.51 -48.62 -8.29
N HIS B 159 -36.59 -48.45 -7.34
CA HIS B 159 -36.91 -48.06 -5.98
C HIS B 159 -36.28 -46.71 -5.65
N LEU B 160 -36.98 -45.94 -4.79
CA LEU B 160 -36.53 -44.63 -4.34
C LEU B 160 -35.05 -44.63 -3.96
N THR B 161 -34.59 -45.65 -3.22
CA THR B 161 -33.24 -45.63 -2.68
C THR B 161 -32.19 -45.82 -3.77
N HIS B 162 -32.59 -46.13 -4.99
CA HIS B 162 -31.65 -46.22 -6.08
C HIS B 162 -31.51 -44.89 -6.83
N GLY B 163 -32.17 -43.84 -6.33
CA GLY B 163 -32.06 -42.51 -6.95
C GLY B 163 -33.42 -42.05 -7.45
N TYR B 164 -33.76 -40.82 -7.10
CA TYR B 164 -35.00 -40.28 -7.64
C TYR B 164 -34.99 -38.77 -7.50
N TYR B 165 -35.08 -38.07 -8.64
CA TYR B 165 -35.37 -36.65 -8.65
C TYR B 165 -36.51 -36.40 -9.64
N THR B 166 -37.25 -35.33 -9.41
CA THR B 166 -38.45 -35.02 -10.19
C THR B 166 -38.09 -34.27 -11.47
N SER B 167 -39.09 -34.17 -12.35
CA SER B 167 -38.94 -33.40 -13.59
C SER B 167 -38.53 -31.96 -13.31
N GLY B 168 -38.95 -31.39 -12.18
CA GLY B 168 -38.57 -30.06 -11.74
C GLY B 168 -37.21 -29.94 -11.08
N GLY B 169 -36.44 -31.04 -11.05
CA GLY B 169 -35.11 -31.02 -10.48
C GLY B 169 -35.02 -31.23 -8.98
N LYS B 170 -36.14 -31.37 -8.28
CA LYS B 170 -36.10 -31.59 -6.83
C LYS B 170 -35.54 -32.97 -6.51
N LYS B 171 -34.53 -33.00 -5.64
CA LYS B 171 -33.89 -34.24 -5.22
C LYS B 171 -34.71 -34.89 -4.11
N ILE B 172 -35.29 -36.06 -4.40
CA ILE B 172 -36.22 -36.69 -3.47
C ILE B 172 -35.49 -37.69 -2.56
N SER B 173 -34.91 -38.71 -3.18
CA SER B 173 -34.15 -39.70 -2.45
C SER B 173 -32.88 -39.10 -1.84
N ALA B 174 -32.55 -39.53 -0.62
CA ALA B 174 -31.22 -39.20 -0.09
C ALA B 174 -30.11 -39.68 -1.01
N THR B 175 -30.37 -40.74 -1.80
CA THR B 175 -29.39 -41.16 -2.80
C THR B 175 -29.10 -40.04 -3.81
N SER B 176 -30.13 -39.29 -4.22
CA SER B 176 -29.90 -38.20 -5.15
C SER B 176 -29.48 -36.92 -4.45
N ILE B 177 -29.74 -36.81 -3.14
CA ILE B 177 -29.27 -35.65 -2.37
C ILE B 177 -27.76 -35.74 -2.15
N TYR B 178 -27.27 -36.89 -1.68
CA TYR B 178 -25.87 -36.99 -1.29
C TYR B 178 -24.97 -37.56 -2.37
N PHE B 179 -25.52 -38.16 -3.42
CA PHE B 179 -24.77 -38.65 -4.57
C PHE B 179 -25.43 -38.09 -5.83
N GLU B 180 -24.86 -38.41 -7.00
CA GLU B 180 -25.34 -37.89 -8.28
C GLU B 180 -25.93 -39.08 -9.03
N SER B 181 -27.26 -39.16 -9.09
CA SER B 181 -27.91 -40.32 -9.66
C SER B 181 -28.41 -40.03 -11.06
N LEU B 182 -28.45 -41.09 -11.88
CA LEU B 182 -29.04 -41.05 -13.21
C LEU B 182 -29.75 -42.38 -13.44
N PRO B 183 -31.03 -42.39 -13.75
CA PRO B 183 -31.74 -43.66 -13.89
C PRO B 183 -31.51 -44.28 -15.26
N TYR B 184 -31.66 -45.59 -15.34
CA TYR B 184 -31.80 -46.30 -16.61
C TYR B 184 -33.19 -46.92 -16.66
N LYS B 185 -33.66 -47.19 -17.87
CA LYS B 185 -35.07 -47.50 -18.12
C LYS B 185 -35.26 -48.88 -18.73
N VAL B 186 -36.51 -49.35 -18.69
CA VAL B 186 -36.87 -50.53 -19.45
C VAL B 186 -37.08 -50.16 -20.91
N ASN B 187 -37.02 -51.19 -21.75
CA ASN B 187 -37.32 -51.05 -23.18
C ASN B 187 -38.77 -50.61 -23.35
N SER B 188 -39.01 -49.59 -24.17
CA SER B 188 -40.36 -49.06 -24.32
C SER B 188 -41.32 -50.02 -25.02
N THR B 189 -40.82 -50.94 -25.83
CA THR B 189 -41.80 -51.86 -26.38
C THR B 189 -42.00 -53.11 -25.53
N THR B 190 -40.94 -53.64 -24.90
CA THR B 190 -41.03 -54.94 -24.25
C THR B 190 -41.25 -54.89 -22.75
N GLY B 191 -40.79 -53.83 -22.07
CA GLY B 191 -40.88 -53.80 -20.63
C GLY B 191 -39.73 -54.45 -19.92
N TYR B 192 -38.81 -55.10 -20.66
CA TYR B 192 -37.58 -55.62 -20.10
C TYR B 192 -36.55 -54.51 -19.96
N ILE B 193 -35.59 -54.69 -19.04
CA ILE B 193 -34.48 -53.75 -18.93
C ILE B 193 -33.87 -53.54 -20.31
N ASP B 194 -33.68 -52.28 -20.69
CA ASP B 194 -33.00 -52.01 -21.96
C ASP B 194 -31.50 -52.04 -21.71
N TYR B 195 -30.93 -53.24 -21.85
CA TYR B 195 -29.51 -53.43 -21.52
C TYR B 195 -28.59 -52.59 -22.43
N ASP B 196 -28.94 -52.44 -23.72
CA ASP B 196 -28.03 -51.68 -24.59
C ASP B 196 -28.06 -50.19 -24.25
N ARG B 197 -29.25 -49.63 -24.01
CA ARG B 197 -29.36 -48.23 -23.63
C ARG B 197 -28.70 -47.98 -22.27
N LEU B 198 -28.77 -48.96 -21.35
CA LEU B 198 -28.04 -48.83 -20.09
C LEU B 198 -26.55 -48.76 -20.35
N GLU B 199 -26.03 -49.66 -21.20
CA GLU B 199 -24.61 -49.62 -21.53
C GLU B 199 -24.23 -48.26 -22.11
N GLU B 200 -25.00 -47.77 -23.09
CA GLU B 200 -24.62 -46.50 -23.68
C GLU B 200 -24.70 -45.35 -22.67
N LYS B 201 -25.75 -45.33 -21.85
CA LYS B 201 -25.85 -44.26 -20.84
C LYS B 201 -24.73 -44.35 -19.82
N ALA B 202 -24.35 -45.57 -19.40
CA ALA B 202 -23.29 -45.72 -18.43
C ALA B 202 -21.94 -45.28 -18.99
N LEU B 203 -21.73 -45.43 -20.29
CA LEU B 203 -20.48 -44.97 -20.87
C LEU B 203 -20.47 -43.45 -21.00
N ASP B 204 -21.63 -42.82 -21.15
CA ASP B 204 -21.69 -41.36 -21.17
C ASP B 204 -21.48 -40.78 -19.77
N PHE B 205 -22.21 -41.33 -18.79
CA PHE B 205 -22.34 -40.81 -17.43
C PHE B 205 -21.16 -41.18 -16.53
N ARG B 206 -20.60 -42.38 -16.74
CA ARG B 206 -19.50 -42.98 -15.99
C ARG B 206 -19.83 -43.08 -14.50
N PRO B 207 -20.85 -43.85 -14.15
CA PRO B 207 -21.18 -44.02 -12.74
C PRO B 207 -20.10 -44.79 -12.02
N LYS B 208 -19.93 -44.50 -10.74
CA LYS B 208 -19.06 -45.31 -9.91
C LYS B 208 -19.76 -46.56 -9.42
N LEU B 209 -21.09 -46.54 -9.44
CA LEU B 209 -21.86 -47.65 -8.94
C LEU B 209 -23.08 -47.82 -9.82
N ILE B 210 -23.36 -49.06 -10.21
CA ILE B 210 -24.59 -49.41 -10.90
C ILE B 210 -25.39 -50.32 -9.99
N ILE B 211 -26.66 -49.98 -9.78
CA ILE B 211 -27.56 -50.74 -8.94
C ILE B 211 -28.47 -51.55 -9.85
N CYS B 212 -28.64 -52.84 -9.55
CA CYS B 212 -29.68 -53.64 -10.18
C CYS B 212 -30.63 -54.12 -9.10
N GLY B 213 -31.79 -54.61 -9.53
CA GLY B 213 -32.87 -54.86 -8.62
C GLY B 213 -33.90 -53.74 -8.68
N GLY B 214 -35.10 -54.04 -8.21
CA GLY B 214 -36.18 -53.08 -8.27
C GLY B 214 -37.35 -53.54 -7.46
N SER B 215 -38.38 -52.70 -7.42
CA SER B 215 -39.53 -52.98 -6.59
C SER B 215 -40.78 -53.29 -7.41
N ALA B 216 -40.73 -53.12 -8.72
CA ALA B 216 -41.89 -53.43 -9.55
C ALA B 216 -41.50 -54.06 -10.87
N TYR B 217 -40.30 -54.58 -11.00
CA TYR B 217 -39.89 -55.25 -12.24
C TYR B 217 -40.35 -56.70 -12.22
N PRO B 218 -41.19 -57.14 -13.16
CA PRO B 218 -41.75 -58.49 -13.10
C PRO B 218 -40.92 -59.57 -13.76
N ARG B 219 -39.68 -59.30 -14.16
CA ARG B 219 -38.88 -60.33 -14.80
C ARG B 219 -37.59 -60.56 -14.03
N ASP B 220 -36.87 -61.60 -14.44
CA ASP B 220 -35.59 -61.88 -13.83
C ASP B 220 -34.52 -60.99 -14.45
N TRP B 221 -33.36 -60.95 -13.81
CA TRP B 221 -32.31 -60.00 -14.14
C TRP B 221 -31.13 -60.71 -14.78
N ASP B 222 -30.59 -60.10 -15.83
CA ASP B 222 -29.41 -60.63 -16.51
C ASP B 222 -28.18 -60.05 -15.81
N TYR B 223 -27.86 -60.63 -14.64
CA TYR B 223 -26.73 -60.15 -13.85
C TYR B 223 -25.42 -60.25 -14.61
N LYS B 224 -25.28 -61.24 -15.49
CA LYS B 224 -24.05 -61.34 -16.27
C LYS B 224 -23.88 -60.14 -17.19
N ARG B 225 -24.98 -59.66 -17.78
CA ARG B 225 -24.88 -58.49 -18.64
C ARG B 225 -24.54 -57.23 -17.83
N PHE B 226 -25.15 -57.08 -16.65
CA PHE B 226 -24.78 -55.98 -15.77
C PHE B 226 -23.30 -56.04 -15.44
N ARG B 227 -22.77 -57.22 -15.16
CA ARG B 227 -21.33 -57.34 -14.91
C ARG B 227 -20.52 -56.92 -16.13
N GLU B 228 -20.94 -57.31 -17.34
CA GLU B 228 -20.18 -56.87 -18.51
C GLU B 228 -20.26 -55.36 -18.67
N ILE B 229 -21.41 -54.76 -18.37
CA ILE B 229 -21.54 -53.31 -18.45
C ILE B 229 -20.73 -52.65 -17.34
N ALA B 230 -20.83 -53.15 -16.11
CA ALA B 230 -20.02 -52.60 -15.03
C ALA B 230 -18.54 -52.64 -15.35
N ASP B 231 -18.06 -53.77 -15.90
CA ASP B 231 -16.64 -53.88 -16.22
C ASP B 231 -16.24 -52.95 -17.36
N LYS B 232 -17.14 -52.65 -18.30
CA LYS B 232 -16.76 -51.80 -19.43
C LYS B 232 -16.67 -50.33 -19.05
N CYS B 233 -17.41 -49.88 -18.03
CA CYS B 233 -17.33 -48.49 -17.61
C CYS B 233 -16.63 -48.31 -16.27
N GLY B 234 -16.13 -49.39 -15.66
CA GLY B 234 -15.42 -49.28 -14.41
C GLY B 234 -16.27 -49.11 -13.17
N ALA B 235 -17.53 -49.54 -13.18
CA ALA B 235 -18.39 -49.33 -12.03
C ALA B 235 -18.34 -50.51 -11.07
N LEU B 236 -18.60 -50.23 -9.80
CA LEU B 236 -19.04 -51.26 -8.89
C LEU B 236 -20.46 -51.67 -9.26
N LEU B 237 -20.81 -52.90 -8.87
CA LEU B 237 -22.12 -53.46 -9.21
C LEU B 237 -22.79 -53.97 -7.96
N LEU B 238 -23.94 -53.42 -7.64
CA LEU B 238 -24.68 -53.75 -6.43
C LEU B 238 -26.06 -54.21 -6.83
N CYS B 239 -26.52 -55.34 -6.27
CA CYS B 239 -27.90 -55.76 -6.42
C CYS B 239 -28.66 -55.52 -5.12
N ASP B 240 -29.81 -54.85 -5.24
CA ASP B 240 -30.79 -54.74 -4.16
C ASP B 240 -31.88 -55.78 -4.40
N MET B 241 -31.80 -56.93 -3.68
CA MET B 241 -32.72 -58.02 -3.92
C MET B 241 -33.89 -58.01 -2.93
N ALA B 242 -34.18 -56.86 -2.33
CA ALA B 242 -35.19 -56.81 -1.27
C ALA B 242 -36.44 -57.58 -1.66
N HIS B 243 -36.92 -57.37 -2.88
CA HIS B 243 -38.23 -57.93 -3.23
C HIS B 243 -38.17 -59.44 -3.42
N THR B 244 -37.12 -59.96 -4.05
CA THR B 244 -37.11 -61.37 -4.43
C THR B 244 -36.16 -62.21 -3.56
N SER B 245 -35.72 -61.68 -2.41
CA SER B 245 -34.69 -62.36 -1.63
C SER B 245 -35.10 -63.77 -1.21
N GLY B 246 -36.39 -63.96 -0.88
CA GLY B 246 -36.86 -65.30 -0.55
C GLY B 246 -36.81 -66.23 -1.75
N LEU B 247 -37.17 -65.72 -2.94
CA LEU B 247 -37.00 -66.50 -4.17
C LEU B 247 -35.53 -66.79 -4.46
N VAL B 248 -34.65 -65.82 -4.18
CA VAL B 248 -33.22 -66.03 -4.39
C VAL B 248 -32.70 -67.11 -3.44
N ALA B 249 -33.10 -67.04 -2.17
CA ALA B 249 -32.64 -68.02 -1.20
C ALA B 249 -33.10 -69.41 -1.61
N ALA B 250 -34.34 -69.52 -2.11
CA ALA B 250 -34.92 -70.79 -2.54
C ALA B 250 -34.39 -71.25 -3.89
N GLN B 251 -33.49 -70.48 -4.51
CA GLN B 251 -32.90 -70.78 -5.80
C GLN B 251 -33.96 -70.93 -6.89
N GLU B 252 -35.00 -70.11 -6.80
CA GLU B 252 -36.07 -70.06 -7.78
C GLU B 252 -35.90 -68.94 -8.81
N VAL B 253 -34.97 -68.00 -8.59
CA VAL B 253 -34.63 -66.97 -9.57
C VAL B 253 -33.11 -66.90 -9.63
N ASN B 254 -32.59 -66.15 -10.61
CA ASN B 254 -31.14 -66.03 -10.75
C ASN B 254 -30.52 -65.47 -9.49
N SER B 255 -29.26 -65.84 -9.25
CA SER B 255 -28.55 -65.41 -8.06
C SER B 255 -27.72 -64.17 -8.39
N PRO B 256 -27.94 -63.04 -7.71
CA PRO B 256 -27.09 -61.86 -7.98
C PRO B 256 -25.67 -62.07 -7.52
N PHE B 257 -25.45 -62.95 -6.52
CA PHE B 257 -24.13 -63.15 -5.96
C PHE B 257 -23.14 -63.68 -6.99
N GLU B 258 -23.64 -64.34 -8.04
CA GLU B 258 -22.76 -64.83 -9.09
C GLU B 258 -21.98 -63.70 -9.75
N TYR B 259 -22.54 -62.49 -9.81
CA TYR B 259 -21.92 -61.42 -10.57
C TYR B 259 -21.79 -60.07 -9.85
N CYS B 260 -22.48 -59.84 -8.75
CA CYS B 260 -22.46 -58.53 -8.11
C CYS B 260 -21.40 -58.47 -7.01
N ASP B 261 -20.83 -57.27 -6.83
CA ASP B 261 -19.86 -57.00 -5.77
C ASP B 261 -20.55 -56.97 -4.41
N ILE B 262 -21.74 -56.40 -4.35
CA ILE B 262 -22.45 -56.14 -3.12
C ILE B 262 -23.91 -56.50 -3.36
N VAL B 263 -24.54 -57.09 -2.36
CA VAL B 263 -25.95 -57.42 -2.44
C VAL B 263 -26.61 -56.96 -1.15
N THR B 264 -27.60 -56.10 -1.27
CA THR B 264 -28.37 -55.64 -0.13
C THR B 264 -29.77 -56.22 -0.18
N THR B 265 -30.43 -56.23 0.96
CA THR B 265 -31.78 -56.76 0.96
C THR B 265 -32.49 -56.27 2.22
N THR B 266 -33.81 -56.19 2.14
CA THR B 266 -34.63 -56.29 3.34
C THR B 266 -34.89 -57.74 3.67
N THR B 267 -35.40 -57.97 4.88
CA THR B 267 -35.68 -59.33 5.32
C THR B 267 -37.15 -59.60 5.52
N HIS B 268 -38.03 -58.63 5.28
CA HIS B 268 -39.45 -58.84 5.57
C HIS B 268 -40.31 -59.06 4.34
N LYS B 269 -39.75 -58.98 3.14
CA LYS B 269 -40.61 -59.14 1.98
C LYS B 269 -40.75 -60.63 1.67
N SER B 270 -40.30 -61.07 0.50
CA SER B 270 -40.47 -62.49 0.20
C SER B 270 -39.64 -63.38 1.13
N LEU B 271 -38.69 -62.81 1.88
CA LEU B 271 -37.94 -63.59 2.87
C LEU B 271 -38.75 -63.92 4.12
N ARG B 272 -39.86 -63.22 4.36
CA ARG B 272 -40.82 -63.57 5.42
C ARG B 272 -40.23 -63.45 6.82
N GLY B 273 -39.40 -62.46 7.02
CA GLY B 273 -38.78 -62.24 8.32
C GLY B 273 -39.22 -60.96 9.00
N PRO B 274 -38.48 -60.56 10.04
CA PRO B 274 -38.72 -59.24 10.65
C PRO B 274 -38.34 -58.14 9.67
N ARG B 275 -38.71 -56.90 10.02
CA ARG B 275 -38.22 -55.72 9.29
C ARG B 275 -36.79 -55.46 9.70
N ALA B 276 -35.88 -55.62 8.76
CA ALA B 276 -34.44 -55.49 8.99
C ALA B 276 -33.78 -55.42 7.62
N GLY B 277 -32.48 -55.10 7.61
CA GLY B 277 -31.71 -55.12 6.40
C GLY B 277 -30.42 -55.90 6.59
N MET B 278 -29.85 -56.33 5.46
CA MET B 278 -28.57 -57.04 5.39
C MET B 278 -27.75 -56.49 4.25
N ILE B 279 -26.43 -56.52 4.42
CA ILE B 279 -25.50 -56.14 3.37
C ILE B 279 -24.53 -57.29 3.20
N PHE B 280 -24.60 -57.97 2.05
CA PHE B 280 -23.63 -58.97 1.64
C PHE B 280 -22.53 -58.29 0.83
N TYR B 281 -21.30 -58.77 0.99
CA TYR B 281 -20.17 -58.20 0.27
C TYR B 281 -19.18 -59.30 -0.04
N ARG B 282 -18.47 -59.14 -1.16
CA ARG B 282 -17.43 -60.08 -1.53
C ARG B 282 -16.19 -59.95 -0.63
N LYS B 283 -15.53 -61.08 -0.44
CA LYS B 283 -14.24 -61.17 0.24
C LYS B 283 -13.29 -61.97 -0.64
N GLY B 284 -12.01 -61.86 -0.35
CA GLY B 284 -11.02 -62.68 -1.00
C GLY B 284 -10.49 -62.11 -2.30
N PRO B 285 -9.94 -62.98 -3.15
CA PRO B 285 -9.25 -62.51 -4.35
C PRO B 285 -10.21 -61.96 -5.41
N LYS B 286 -9.80 -60.88 -6.04
CA LYS B 286 -10.56 -60.27 -7.12
C LYS B 286 -10.28 -61.02 -8.42
N PRO B 287 -11.27 -61.19 -9.30
CA PRO B 287 -11.00 -61.85 -10.57
C PRO B 287 -10.15 -60.96 -11.46
N PRO B 288 -9.38 -61.55 -12.39
CA PRO B 288 -8.46 -60.82 -13.27
C PRO B 288 -9.13 -59.75 -14.14
N GLU B 294 -2.10 -59.20 -9.91
CA GLU B 294 -1.56 -58.35 -8.86
C GLU B 294 -2.00 -58.83 -7.48
N ASN B 295 -2.73 -59.95 -7.45
CA ASN B 295 -3.23 -60.55 -6.21
C ASN B 295 -4.14 -59.61 -5.43
N ALA B 296 -4.82 -58.72 -6.14
CA ALA B 296 -5.71 -57.78 -5.46
C ALA B 296 -6.85 -58.53 -4.79
N VAL B 297 -7.29 -58.00 -3.66
CA VAL B 297 -8.40 -58.60 -2.92
C VAL B 297 -9.47 -57.54 -2.70
N TYR B 298 -10.70 -58.00 -2.51
CA TYR B 298 -11.79 -57.10 -2.16
C TYR B 298 -11.51 -56.45 -0.81
N ASP B 299 -11.85 -55.17 -0.69
CA ASP B 299 -11.70 -54.41 0.54
CA ASP B 299 -11.70 -54.42 0.55
C ASP B 299 -13.05 -53.88 1.02
N PHE B 300 -14.12 -54.62 0.76
CA PHE B 300 -15.45 -54.17 1.14
C PHE B 300 -15.71 -54.34 2.64
N GLU B 301 -15.20 -55.44 3.22
CA GLU B 301 -15.61 -55.85 4.56
C GLU B 301 -15.47 -54.72 5.59
N ASP B 302 -14.27 -54.17 5.72
CA ASP B 302 -14.07 -53.17 6.77
C ASP B 302 -14.87 -51.91 6.46
N LYS B 303 -14.90 -51.49 5.19
CA LYS B 303 -15.66 -50.30 4.80
C LYS B 303 -17.14 -50.46 5.09
N ILE B 304 -17.69 -51.65 4.81
CA ILE B 304 -19.12 -51.87 5.02
C ILE B 304 -19.45 -51.84 6.50
N ASN B 305 -18.69 -52.60 7.31
CA ASN B 305 -18.98 -52.63 8.74
C ASN B 305 -18.78 -51.27 9.37
N PHE B 306 -17.72 -50.57 9.01
CA PHE B 306 -17.48 -49.23 9.53
C PHE B 306 -18.59 -48.26 9.12
N ALA B 307 -19.08 -48.36 7.87
CA ALA B 307 -20.16 -47.49 7.42
C ALA B 307 -21.42 -47.70 8.27
N VAL B 308 -21.77 -48.95 8.54
CA VAL B 308 -22.91 -49.23 9.42
C VAL B 308 -22.63 -48.69 10.81
N PHE B 309 -21.44 -48.99 11.35
CA PHE B 309 -21.05 -48.46 12.66
C PHE B 309 -19.53 -48.39 12.71
N PRO B 310 -18.96 -47.23 13.09
CA PRO B 310 -19.66 -46.07 13.67
C PRO B 310 -20.27 -44.99 12.75
N SER B 311 -20.20 -45.08 11.41
CA SER B 311 -20.51 -43.89 10.61
C SER B 311 -21.99 -43.52 10.68
N LEU B 312 -22.90 -44.50 10.51
CA LEU B 312 -24.31 -44.20 10.31
C LEU B 312 -25.22 -44.60 11.47
N GLN B 313 -25.14 -45.84 11.94
CA GLN B 313 -26.07 -46.29 12.97
C GLN B 313 -25.42 -46.18 14.35
N GLY B 314 -26.23 -46.44 15.37
CA GLY B 314 -25.74 -46.63 16.72
C GLY B 314 -25.82 -48.10 17.08
N GLY B 315 -26.38 -48.39 18.26
CA GLY B 315 -26.50 -49.77 18.70
C GLY B 315 -27.43 -50.57 17.81
N PRO B 316 -27.04 -51.81 17.51
CA PRO B 316 -27.93 -52.71 16.74
C PRO B 316 -29.23 -53.00 17.48
N HIS B 317 -30.26 -53.35 16.72
CA HIS B 317 -31.53 -53.78 17.31
C HIS B 317 -31.50 -55.30 17.46
N ASN B 318 -31.04 -55.79 18.62
CA ASN B 318 -30.73 -57.22 18.74
C ASN B 318 -31.98 -58.09 18.67
N HIS B 319 -33.14 -57.55 19.06
CA HIS B 319 -34.37 -58.29 18.88
C HIS B 319 -34.67 -58.53 17.40
N GLN B 320 -34.33 -57.57 16.51
CA GLN B 320 -34.46 -57.79 15.06
C GLN B 320 -33.48 -58.84 14.58
N ILE B 321 -32.23 -58.77 15.04
CA ILE B 321 -31.21 -59.72 14.61
C ILE B 321 -31.59 -61.14 15.06
N GLY B 322 -32.03 -61.28 16.31
CA GLY B 322 -32.54 -62.57 16.77
C GLY B 322 -33.72 -63.06 15.95
N ALA B 323 -34.73 -62.21 15.78
CA ALA B 323 -35.85 -62.59 14.92
C ALA B 323 -35.37 -62.94 13.52
N LEU B 324 -34.39 -62.20 13.00
CA LEU B 324 -33.86 -62.49 11.67
C LEU B 324 -33.20 -63.87 11.65
N ALA B 325 -32.52 -64.23 12.73
CA ALA B 325 -31.94 -65.56 12.85
C ALA B 325 -33.01 -66.63 12.70
N VAL B 326 -34.14 -66.46 13.40
CA VAL B 326 -35.25 -67.40 13.27
C VAL B 326 -35.74 -67.46 11.83
N ALA B 327 -35.93 -66.29 11.21
CA ALA B 327 -36.46 -66.27 9.85
C ALA B 327 -35.50 -66.92 8.86
N LEU B 328 -34.19 -66.77 9.09
CA LEU B 328 -33.23 -67.35 8.16
C LEU B 328 -33.20 -68.87 8.26
N LYS B 329 -33.29 -69.42 9.48
CA LYS B 329 -33.38 -70.87 9.62
CA LYS B 329 -33.39 -70.86 9.62
C LYS B 329 -34.64 -71.39 8.94
N GLN B 330 -35.77 -70.69 9.11
CA GLN B 330 -37.00 -71.10 8.44
C GLN B 330 -36.87 -71.02 6.93
N ALA B 331 -36.03 -70.10 6.42
CA ALA B 331 -35.90 -69.92 4.98
C ALA B 331 -34.97 -70.95 4.33
N ALA B 332 -34.10 -71.59 5.10
CA ALA B 332 -33.27 -72.66 4.54
C ALA B 332 -33.98 -74.02 4.56
N SER B 333 -35.25 -74.06 4.94
CA SER B 333 -36.03 -75.27 5.10
C SER B 333 -36.63 -75.77 3.78
N PRO B 334 -36.81 -77.08 3.62
CA PRO B 334 -37.51 -77.57 2.43
C PRO B 334 -38.91 -77.02 2.30
N GLY B 335 -39.59 -76.71 3.42
CA GLY B 335 -40.91 -76.12 3.34
C GLY B 335 -40.93 -74.73 2.75
N PHE B 336 -39.88 -73.94 3.02
CA PHE B 336 -39.77 -72.60 2.44
C PHE B 336 -39.56 -72.65 0.93
N LYS B 337 -38.77 -73.61 0.45
CA LYS B 337 -38.64 -73.78 -1.00
C LYS B 337 -39.98 -74.08 -1.67
N ALA B 338 -40.84 -74.87 -1.02
CA ALA B 338 -42.17 -75.08 -1.56
C ALA B 338 -42.98 -73.79 -1.54
N TYR B 339 -42.82 -72.99 -0.50
CA TYR B 339 -43.44 -71.68 -0.43
C TYR B 339 -43.03 -70.83 -1.63
N ALA B 340 -41.72 -70.75 -1.91
CA ALA B 340 -41.23 -69.89 -2.96
C ALA B 340 -41.76 -70.33 -4.33
N LYS B 341 -41.81 -71.64 -4.59
CA LYS B 341 -42.42 -72.13 -5.82
C LYS B 341 -43.89 -71.72 -5.90
N GLN B 342 -44.62 -71.91 -4.81
CA GLN B 342 -46.04 -71.56 -4.80
C GLN B 342 -46.25 -70.06 -5.01
N VAL B 343 -45.37 -69.22 -4.45
CA VAL B 343 -45.46 -67.79 -4.70
C VAL B 343 -45.37 -67.49 -6.20
N LYS B 344 -44.35 -68.07 -6.87
CA LYS B 344 -44.21 -67.85 -8.31
C LYS B 344 -45.38 -68.46 -9.09
N ALA B 345 -45.82 -69.67 -8.68
CA ALA B 345 -46.95 -70.25 -9.39
C ALA B 345 -48.20 -69.44 -9.16
N ASN B 346 -48.36 -68.84 -7.97
CA ASN B 346 -49.57 -68.06 -7.74
C ASN B 346 -49.55 -66.79 -8.57
N ALA B 347 -48.38 -66.14 -8.66
CA ALA B 347 -48.23 -64.95 -9.46
C ALA B 347 -48.56 -65.22 -10.92
N VAL B 348 -48.09 -66.36 -11.45
CA VAL B 348 -48.39 -66.72 -12.85
C VAL B 348 -49.88 -66.95 -13.03
N ALA B 349 -50.51 -67.71 -12.12
CA ALA B 349 -51.93 -68.04 -12.29
C ALA B 349 -52.81 -66.80 -12.25
N LEU B 350 -52.50 -65.88 -11.33
CA LEU B 350 -53.22 -64.61 -11.31
C LEU B 350 -53.00 -63.83 -12.60
N GLY B 351 -51.76 -63.78 -13.09
CA GLY B 351 -51.49 -63.04 -14.31
C GLY B 351 -52.18 -63.66 -15.52
N ASN B 352 -52.20 -64.98 -15.60
CA ASN B 352 -52.89 -65.64 -16.71
C ASN B 352 -54.40 -65.40 -16.65
N TYR B 353 -54.96 -65.39 -15.44
CA TYR B 353 -56.39 -65.10 -15.30
C TYR B 353 -56.71 -63.69 -15.76
N LEU B 354 -55.87 -62.72 -15.35
CA LEU B 354 -56.09 -61.33 -15.77
C LEU B 354 -55.94 -61.17 -17.28
N MET B 355 -54.90 -61.77 -17.88
CA MET B 355 -54.78 -61.69 -19.33
C MET B 355 -55.95 -62.35 -20.05
N GLY B 356 -56.40 -63.52 -19.56
CA GLY B 356 -57.56 -64.17 -20.17
C GLY B 356 -58.80 -63.29 -20.18
N LYS B 357 -58.91 -62.38 -19.21
CA LYS B 357 -60.00 -61.42 -19.19
C LYS B 357 -59.77 -60.22 -20.11
N GLY B 358 -58.62 -60.14 -20.77
CA GLY B 358 -58.33 -58.99 -21.61
C GLY B 358 -57.55 -57.86 -20.95
N TYR B 359 -56.95 -58.07 -19.78
CA TYR B 359 -56.14 -57.04 -19.14
C TYR B 359 -54.69 -57.18 -19.60
N SER B 360 -53.92 -56.11 -19.42
CA SER B 360 -52.56 -56.02 -19.94
C SER B 360 -51.56 -56.09 -18.81
N LEU B 361 -50.61 -57.03 -18.93
CA LEU B 361 -49.54 -57.14 -17.96
C LEU B 361 -48.26 -56.60 -18.58
N VAL B 362 -47.50 -55.83 -17.80
CA VAL B 362 -46.19 -55.37 -18.27
C VAL B 362 -45.29 -56.58 -18.46
N THR B 363 -44.63 -56.64 -19.62
CA THR B 363 -43.90 -57.78 -20.16
C THR B 363 -44.80 -59.00 -20.42
N GLY B 364 -46.11 -58.87 -20.30
CA GLY B 364 -47.00 -59.97 -20.65
C GLY B 364 -46.88 -61.20 -19.76
N GLY B 365 -46.43 -61.05 -18.53
CA GLY B 365 -46.25 -62.19 -17.65
C GLY B 365 -45.34 -61.84 -16.48
N THR B 366 -44.97 -62.87 -15.73
CA THR B 366 -44.08 -62.68 -14.57
C THR B 366 -43.13 -63.85 -14.45
N GLU B 367 -41.92 -63.55 -13.97
CA GLU B 367 -40.96 -64.55 -13.53
C GLU B 367 -40.71 -64.50 -12.02
N ASN B 368 -41.50 -63.76 -11.26
CA ASN B 368 -41.21 -63.73 -9.82
C ASN B 368 -42.52 -63.67 -9.04
N HIS B 369 -42.54 -62.87 -7.97
CA HIS B 369 -43.63 -62.87 -7.01
C HIS B 369 -44.73 -61.87 -7.37
N LEU B 370 -44.56 -61.07 -8.42
CA LEU B 370 -45.55 -60.02 -8.65
C LEU B 370 -45.97 -59.94 -10.10
N VAL B 371 -47.10 -59.25 -10.30
CA VAL B 371 -47.53 -58.87 -11.63
C VAL B 371 -47.72 -57.36 -11.64
N LEU B 372 -47.32 -56.73 -12.74
CA LEU B 372 -47.47 -55.30 -12.96
C LEU B 372 -48.57 -55.13 -14.02
N TRP B 373 -49.67 -54.53 -13.64
CA TRP B 373 -50.87 -54.49 -14.46
C TRP B 373 -51.04 -53.07 -15.01
N ASP B 374 -50.96 -52.95 -16.32
CA ASP B 374 -51.10 -51.66 -17.02
C ASP B 374 -52.58 -51.36 -17.22
N LEU B 375 -53.09 -50.33 -16.54
CA LEU B 375 -54.49 -49.97 -16.67
C LEU B 375 -54.75 -48.94 -17.76
N ARG B 376 -53.73 -48.41 -18.40
CA ARG B 376 -53.96 -47.36 -19.38
C ARG B 376 -54.80 -47.83 -20.56
N PRO B 377 -54.63 -49.06 -21.09
CA PRO B 377 -55.54 -49.51 -22.17
C PRO B 377 -57.01 -49.42 -21.81
N LEU B 378 -57.36 -49.51 -20.52
CA LEU B 378 -58.74 -49.39 -20.07
C LEU B 378 -59.18 -47.95 -19.84
N GLY B 379 -58.29 -46.98 -20.07
CA GLY B 379 -58.61 -45.60 -19.72
C GLY B 379 -58.72 -45.34 -18.22
N LEU B 380 -57.96 -46.08 -17.41
CA LEU B 380 -58.02 -45.97 -15.95
C LEU B 380 -56.66 -45.59 -15.38
N THR B 381 -56.67 -44.98 -14.20
CA THR B 381 -55.47 -44.71 -13.43
C THR B 381 -55.35 -45.70 -12.27
N GLY B 382 -54.12 -45.88 -11.80
CA GLY B 382 -53.92 -46.74 -10.63
C GLY B 382 -54.57 -46.16 -9.39
N ASN B 383 -54.68 -44.83 -9.32
CA ASN B 383 -55.28 -44.17 -8.16
C ASN B 383 -56.71 -44.68 -7.96
N LYS B 384 -57.49 -44.69 -9.04
CA LYS B 384 -58.90 -45.08 -8.94
C LYS B 384 -59.03 -46.55 -8.53
N VAL B 385 -58.31 -47.45 -9.20
CA VAL B 385 -58.40 -48.88 -8.87
C VAL B 385 -57.95 -49.12 -7.43
N GLU B 386 -56.85 -48.50 -7.01
CA GLU B 386 -56.37 -48.67 -5.63
C GLU B 386 -57.44 -48.23 -4.63
N LYS B 387 -58.06 -47.07 -4.85
CA LYS B 387 -59.04 -46.57 -3.89
C LYS B 387 -60.25 -47.50 -3.79
N LEU B 388 -60.77 -47.95 -4.94
CA LEU B 388 -61.96 -48.81 -4.91
C LEU B 388 -61.65 -50.16 -4.29
N CYS B 389 -60.49 -50.74 -4.64
CA CYS B 389 -60.07 -52.00 -4.03
C CYS B 389 -59.95 -51.87 -2.52
N ASP B 390 -59.31 -50.80 -2.06
CA ASP B 390 -59.13 -50.61 -0.62
C ASP B 390 -60.49 -50.58 0.08
N LEU B 391 -61.49 -49.96 -0.55
CA LEU B 391 -62.85 -49.95 0.00
C LEU B 391 -63.46 -51.35 0.09
N CYS B 392 -63.01 -52.29 -0.75
CA CYS B 392 -63.45 -53.68 -0.68
C CYS B 392 -62.46 -54.58 0.06
N ASN B 393 -61.54 -54.01 0.84
CA ASN B 393 -60.56 -54.79 1.63
C ASN B 393 -59.57 -55.55 0.75
N ILE B 394 -59.36 -55.09 -0.47
CA ILE B 394 -58.29 -55.56 -1.34
C ILE B 394 -57.24 -54.46 -1.35
N THR B 395 -56.03 -54.78 -0.90
CA THR B 395 -54.97 -53.77 -0.77
C THR B 395 -53.94 -54.05 -1.86
N VAL B 396 -53.89 -53.16 -2.84
CA VAL B 396 -52.89 -53.22 -3.90
C VAL B 396 -52.13 -51.90 -3.82
N ASN B 397 -51.17 -51.69 -4.73
CA ASN B 397 -50.36 -50.48 -4.81
C ASN B 397 -50.55 -49.87 -6.19
N LYS B 398 -51.07 -48.65 -6.28
CA LYS B 398 -50.90 -47.95 -7.55
C LYS B 398 -49.40 -47.87 -7.85
N ASN B 399 -49.05 -47.93 -9.13
CA ASN B 399 -47.65 -48.02 -9.49
C ASN B 399 -47.42 -47.36 -10.85
N ALA B 400 -46.41 -46.50 -10.93
CA ALA B 400 -46.06 -45.93 -12.22
C ALA B 400 -45.64 -47.03 -13.19
N VAL B 401 -46.04 -46.88 -14.45
CA VAL B 401 -45.59 -47.74 -15.53
C VAL B 401 -44.86 -46.89 -16.56
N PHE B 402 -44.22 -47.56 -17.51
CA PHE B 402 -43.35 -46.86 -18.45
C PHE B 402 -44.10 -45.79 -19.24
N GLY B 403 -43.54 -44.58 -19.21
CA GLY B 403 -44.03 -43.46 -20.00
C GLY B 403 -45.19 -42.70 -19.38
N ASP B 404 -45.37 -42.79 -18.07
CA ASP B 404 -46.54 -42.19 -17.43
C ASP B 404 -46.47 -40.67 -17.55
N SER B 406 -47.79 -38.26 -15.43
CA SER B 406 -47.40 -37.57 -14.20
C SER B 406 -47.25 -38.56 -13.05
N ALA B 407 -46.30 -38.29 -12.15
CA ALA B 407 -46.09 -39.14 -10.98
C ALA B 407 -47.20 -39.02 -9.96
N LEU B 408 -48.16 -38.13 -10.18
CA LEU B 408 -49.37 -38.07 -9.36
C LEU B 408 -50.50 -38.92 -9.92
N ALA B 409 -50.39 -39.38 -11.18
CA ALA B 409 -51.40 -40.22 -11.82
C ALA B 409 -50.72 -41.44 -12.42
N PRO B 410 -50.33 -42.41 -11.59
CA PRO B 410 -49.70 -43.62 -12.14
C PRO B 410 -50.71 -44.41 -12.97
N GLY B 411 -50.18 -45.12 -13.96
CA GLY B 411 -51.00 -45.84 -14.91
C GLY B 411 -51.25 -47.31 -14.62
N GLY B 412 -50.72 -47.87 -13.53
CA GLY B 412 -50.84 -49.30 -13.29
C GLY B 412 -51.04 -49.60 -11.82
N VAL B 413 -51.21 -50.88 -11.53
CA VAL B 413 -51.19 -51.37 -10.16
C VAL B 413 -50.22 -52.52 -10.08
N ARG B 414 -49.53 -52.61 -8.95
CA ARG B 414 -48.63 -53.70 -8.66
C ARG B 414 -49.34 -54.66 -7.71
N ILE B 415 -49.25 -55.94 -7.99
CA ILE B 415 -49.92 -56.95 -7.19
C ILE B 415 -48.90 -58.03 -6.89
N GLY B 416 -48.78 -58.44 -5.63
CA GLY B 416 -47.76 -59.39 -5.23
C GLY B 416 -48.40 -60.59 -4.57
N ALA B 417 -47.74 -61.74 -4.70
CA ALA B 417 -48.26 -63.00 -4.15
C ALA B 417 -47.72 -63.43 -2.78
N PRO B 418 -46.61 -62.89 -2.24
CA PRO B 418 -46.06 -63.48 -0.99
C PRO B 418 -47.05 -63.50 0.17
N ALA B 419 -47.75 -62.41 0.45
CA ALA B 419 -48.55 -62.37 1.68
C ALA B 419 -49.65 -63.40 1.64
N MET B 420 -50.36 -63.51 0.50
CA MET B 420 -51.57 -64.30 0.61
C MET B 420 -51.20 -65.77 0.45
N THR B 421 -50.11 -66.04 -0.27
CA THR B 421 -49.53 -67.38 -0.31
C THR B 421 -49.17 -67.86 1.09
N SER B 422 -48.67 -66.97 1.95
CA SER B 422 -48.33 -67.37 3.31
C SER B 422 -49.57 -67.77 4.13
N ARG B 423 -50.75 -67.29 3.76
CA ARG B 423 -51.97 -67.77 4.40
C ARG B 423 -52.48 -69.09 3.81
N GLY B 424 -51.66 -69.71 2.97
CA GLY B 424 -52.00 -70.98 2.36
C GLY B 424 -52.76 -70.93 1.05
N LEU B 425 -52.91 -69.76 0.42
CA LEU B 425 -53.62 -69.72 -0.86
C LEU B 425 -52.80 -70.37 -1.98
N VAL B 426 -53.48 -71.05 -2.91
CA VAL B 426 -52.77 -71.67 -4.04
C VAL B 426 -53.35 -71.12 -5.33
N GLU B 427 -53.07 -71.77 -6.47
CA GLU B 427 -53.36 -71.16 -7.78
C GLU B 427 -54.84 -70.83 -7.95
N LYS B 428 -55.72 -71.76 -7.58
CA LYS B 428 -57.15 -71.54 -7.79
C LYS B 428 -57.65 -70.40 -6.92
N ASP B 429 -57.09 -70.26 -5.71
CA ASP B 429 -57.42 -69.13 -4.86
C ASP B 429 -56.95 -67.82 -5.50
N PHE B 430 -55.80 -67.84 -6.16
CA PHE B 430 -55.37 -66.61 -6.80
C PHE B 430 -56.19 -66.31 -8.06
N GLU B 431 -56.75 -67.36 -8.70
CA GLU B 431 -57.68 -67.08 -9.78
C GLU B 431 -58.95 -66.44 -9.24
N GLN B 432 -59.38 -66.87 -8.04
CA GLN B 432 -60.50 -66.20 -7.39
C GLN B 432 -60.14 -64.75 -7.07
N ILE B 433 -58.91 -64.51 -6.62
CA ILE B 433 -58.44 -63.13 -6.44
C ILE B 433 -58.50 -62.39 -7.76
N GLY B 434 -58.08 -63.05 -8.85
CA GLY B 434 -58.25 -62.48 -10.18
C GLY B 434 -59.67 -62.05 -10.45
N GLU B 435 -60.64 -62.92 -10.09
CA GLU B 435 -62.05 -62.57 -10.31
C GLU B 435 -62.49 -61.40 -9.45
N PHE B 436 -62.08 -61.36 -8.16
CA PHE B 436 -62.32 -60.18 -7.34
C PHE B 436 -61.72 -58.93 -7.97
N LEU B 437 -60.49 -59.02 -8.49
CA LEU B 437 -59.90 -57.86 -9.15
C LEU B 437 -60.66 -57.49 -10.41
N HIS B 438 -61.15 -58.51 -11.13
CA HIS B 438 -61.91 -58.24 -12.35
C HIS B 438 -63.21 -57.52 -12.01
N ARG B 439 -63.88 -57.95 -10.93
CA ARG B 439 -65.06 -57.24 -10.45
C ARG B 439 -64.72 -55.81 -10.03
N ALA B 440 -63.65 -55.62 -9.26
CA ALA B 440 -63.32 -54.28 -8.79
C ALA B 440 -63.04 -53.33 -9.95
N VAL B 441 -62.27 -53.79 -10.94
CA VAL B 441 -61.97 -52.94 -12.09
C VAL B 441 -63.22 -52.69 -12.91
N THR B 442 -64.03 -53.73 -13.14
CA THR B 442 -65.32 -53.53 -13.81
C THR B 442 -66.15 -52.48 -13.08
N LEU B 443 -66.21 -52.56 -11.75
CA LEU B 443 -66.90 -51.56 -10.96
C LEU B 443 -66.28 -50.16 -11.14
N THR B 444 -64.95 -50.09 -11.19
CA THR B 444 -64.28 -48.79 -11.33
C THR B 444 -64.61 -48.15 -12.67
N LEU B 445 -64.69 -48.95 -13.73
CA LEU B 445 -65.09 -48.41 -15.04
C LEU B 445 -66.52 -47.85 -15.01
N GLU B 446 -67.46 -48.58 -14.41
CA GLU B 446 -68.83 -48.08 -14.29
C GLU B 446 -68.89 -46.75 -13.53
N ILE B 447 -68.20 -46.67 -12.39
CA ILE B 447 -68.22 -45.45 -11.59
C ILE B 447 -67.67 -44.28 -12.39
N GLN B 448 -66.57 -44.50 -13.10
CA GLN B 448 -65.98 -43.46 -13.92
C GLN B 448 -66.89 -43.04 -15.07
N LYS B 449 -67.57 -44.01 -15.70
CA LYS B 449 -68.47 -43.67 -16.80
C LYS B 449 -69.69 -42.92 -16.30
N GLU B 450 -70.23 -43.33 -15.14
CA GLU B 450 -71.39 -42.65 -14.58
C GLU B 450 -71.04 -41.27 -14.04
N HIS B 451 -69.89 -41.14 -13.37
CA HIS B 451 -69.57 -39.93 -12.62
C HIS B 451 -68.48 -39.07 -13.24
N GLY B 452 -67.40 -39.65 -13.74
CA GLY B 452 -66.37 -38.90 -14.43
C GLY B 452 -64.99 -39.30 -13.99
N LYS B 453 -63.99 -38.70 -14.65
CA LYS B 453 -62.60 -39.08 -14.47
C LYS B 453 -61.89 -38.24 -13.42
N LEU B 454 -62.31 -36.98 -13.21
CA LEU B 454 -61.79 -36.21 -12.09
C LEU B 454 -62.02 -36.97 -10.79
N LEU B 455 -61.03 -36.92 -9.90
CA LEU B 455 -61.13 -37.69 -8.66
C LEU B 455 -62.31 -37.23 -7.82
N LYS B 456 -62.55 -35.91 -7.77
CA LYS B 456 -63.69 -35.41 -7.00
C LYS B 456 -65.02 -35.91 -7.55
N ASP B 457 -65.09 -36.17 -8.86
CA ASP B 457 -66.30 -36.72 -9.47
C ASP B 457 -66.35 -38.23 -9.29
N PHE B 458 -65.24 -38.92 -9.57
CA PHE B 458 -65.16 -40.36 -9.34
C PHE B 458 -65.59 -40.72 -7.92
N ASN B 459 -65.09 -39.97 -6.93
CA ASN B 459 -65.41 -40.26 -5.53
C ASN B 459 -66.91 -40.22 -5.24
N LYS B 460 -67.72 -39.66 -6.14
CA LYS B 460 -69.16 -39.61 -5.89
C LYS B 460 -69.78 -41.01 -5.94
N GLY B 461 -69.29 -41.88 -6.82
CA GLY B 461 -69.78 -43.24 -6.90
C GLY B 461 -69.25 -44.20 -5.87
N LEU B 462 -68.46 -43.74 -4.90
CA LEU B 462 -67.89 -44.60 -3.89
C LEU B 462 -68.67 -44.59 -2.58
N VAL B 463 -69.67 -43.73 -2.46
CA VAL B 463 -70.51 -43.63 -1.26
C VAL B 463 -71.88 -44.20 -1.59
N ASN B 464 -72.43 -44.97 -0.64
CA ASN B 464 -73.74 -45.60 -0.81
C ASN B 464 -73.80 -46.44 -2.08
N ASN B 465 -72.70 -47.15 -2.36
CA ASN B 465 -72.60 -48.01 -3.54
C ASN B 465 -72.81 -49.47 -3.13
N LYS B 466 -73.98 -50.01 -3.49
CA LYS B 466 -74.32 -51.38 -3.09
C LYS B 466 -73.35 -52.39 -3.67
N ALA B 467 -72.89 -52.17 -4.91
CA ALA B 467 -72.00 -53.12 -5.56
C ALA B 467 -70.65 -53.19 -4.87
N ILE B 468 -70.18 -52.07 -4.30
CA ILE B 468 -68.94 -52.10 -3.54
C ILE B 468 -69.14 -52.87 -2.25
N GLU B 469 -70.23 -52.58 -1.55
CA GLU B 469 -70.52 -53.28 -0.30
C GLU B 469 -70.71 -54.78 -0.54
N ASP B 470 -71.33 -55.16 -1.66
CA ASP B 470 -71.43 -56.57 -2.03
C ASP B 470 -70.05 -57.20 -2.19
N LEU B 471 -69.17 -56.54 -2.97
CA LEU B 471 -67.85 -57.09 -3.23
C LEU B 471 -67.03 -57.17 -1.97
N LYS B 472 -67.04 -56.10 -1.16
CA LYS B 472 -66.45 -56.14 0.17
C LYS B 472 -66.95 -57.34 0.96
N ALA B 473 -68.26 -57.54 0.97
CA ALA B 473 -68.82 -58.67 1.71
C ALA B 473 -68.28 -59.99 1.17
N ASP B 474 -68.17 -60.12 -0.15
CA ASP B 474 -67.64 -61.34 -0.75
C ASP B 474 -66.17 -61.55 -0.42
N VAL B 475 -65.39 -60.46 -0.40
CA VAL B 475 -63.96 -60.58 -0.12
C VAL B 475 -63.73 -60.98 1.33
N GLU B 476 -64.45 -60.37 2.28
CA GLU B 476 -64.29 -60.74 3.69
C GLU B 476 -64.64 -62.22 3.93
N LYS B 477 -65.71 -62.71 3.31
CA LYS B 477 -66.10 -64.10 3.55
C LYS B 477 -65.05 -65.05 2.99
N PHE B 478 -64.49 -64.72 1.83
CA PHE B 478 -63.38 -65.48 1.26
C PHE B 478 -62.16 -65.44 2.17
N SER B 479 -61.72 -64.24 2.55
CA SER B 479 -60.52 -64.11 3.38
C SER B 479 -60.66 -64.86 4.69
N ALA B 480 -61.86 -64.88 5.27
CA ALA B 480 -62.04 -65.50 6.58
C ALA B 480 -61.91 -67.03 6.56
N THR B 481 -61.84 -67.66 5.38
CA THR B 481 -61.73 -69.11 5.30
C THR B 481 -60.29 -69.60 5.32
N PHE B 482 -59.30 -68.73 5.44
CA PHE B 482 -57.90 -69.14 5.39
C PHE B 482 -57.24 -68.99 6.75
N ASP B 483 -56.21 -69.81 6.98
CA ASP B 483 -55.41 -69.71 8.18
C ASP B 483 -54.64 -68.38 8.17
N MET B 484 -53.86 -68.15 9.25
CA MET B 484 -53.21 -66.85 9.48
C MET B 484 -51.99 -67.09 10.37
N PRO B 485 -50.77 -66.92 9.87
CA PRO B 485 -49.59 -67.07 10.74
C PRO B 485 -49.38 -65.87 11.66
N GLY B 486 -48.54 -66.07 12.68
CA GLY B 486 -48.14 -65.00 13.59
C GLY B 486 -49.02 -64.81 14.79
N PHE B 487 -50.27 -65.24 14.75
CA PHE B 487 -51.16 -65.23 15.90
C PHE B 487 -52.26 -66.26 15.65
N LEU B 488 -53.04 -66.52 16.68
CA LEU B 488 -54.11 -67.50 16.61
C LEU B 488 -55.44 -66.76 16.44
N VAL B 489 -56.10 -66.99 15.30
CA VAL B 489 -57.41 -66.39 15.08
C VAL B 489 -58.42 -66.83 16.13
N SER B 490 -58.20 -68.01 16.73
CA SER B 490 -59.12 -68.51 17.75
C SER B 490 -59.16 -67.62 18.99
N GLU B 491 -58.11 -66.86 19.26
CA GLU B 491 -58.05 -66.11 20.51
C GLU B 491 -57.93 -64.61 20.29
N MET B 492 -58.35 -64.11 19.13
CA MET B 492 -58.29 -62.69 18.88
C MET B 492 -59.59 -62.02 19.33
N LYS B 493 -59.47 -60.75 19.71
CA LYS B 493 -60.60 -60.04 20.32
C LYS B 493 -61.78 -59.95 19.37
N TYR B 494 -61.52 -59.74 18.09
CA TYR B 494 -62.55 -59.43 17.09
C TYR B 494 -62.69 -60.63 16.15
N LYS B 495 -63.66 -61.50 16.44
CA LYS B 495 -63.97 -62.64 15.58
C LYS B 495 -65.09 -62.35 14.59
N ASP B 496 -65.71 -61.16 14.68
CA ASP B 496 -66.86 -60.72 13.89
C ASP B 496 -68.16 -61.32 14.41
N MET C 26 -15.42 -2.59 -47.09
CA MET C 26 -14.42 -3.11 -46.15
C MET C 26 -13.20 -2.17 -46.12
N ASP C 27 -12.83 -1.72 -44.93
CA ASP C 27 -11.75 -0.75 -44.78
C ASP C 27 -10.42 -1.40 -45.14
N PRO C 28 -9.56 -0.72 -45.90
CA PRO C 28 -8.24 -1.30 -46.17
C PRO C 28 -7.45 -1.39 -44.87
N VAL C 29 -6.47 -2.31 -44.86
CA VAL C 29 -5.79 -2.66 -43.61
C VAL C 29 -5.33 -1.43 -42.85
N SER C 30 -4.75 -0.44 -43.55
CA SER C 30 -4.12 0.67 -42.82
C SER C 30 -5.15 1.58 -42.17
N VAL C 31 -6.37 1.65 -42.71
CA VAL C 31 -7.36 2.55 -42.14
C VAL C 31 -7.84 2.05 -40.78
N TRP C 32 -8.27 0.79 -40.69
CA TRP C 32 -8.69 0.25 -39.40
C TRP C 32 -7.52 -0.27 -38.57
N GLY C 33 -6.48 -0.82 -39.21
CA GLY C 33 -5.53 -1.66 -38.53
C GLY C 33 -4.16 -1.07 -38.25
N ASN C 34 -3.78 0.00 -38.96
CA ASN C 34 -2.51 0.65 -38.69
C ASN C 34 -2.63 2.08 -38.24
N THR C 35 -3.81 2.67 -38.30
CA THR C 35 -4.01 4.03 -37.81
C THR C 35 -3.85 4.09 -36.29
N PRO C 36 -3.17 5.10 -35.77
CA PRO C 36 -2.99 5.21 -34.31
C PRO C 36 -4.28 5.50 -33.56
N LEU C 37 -4.24 5.12 -32.29
CA LEU C 37 -5.38 5.25 -31.39
C LEU C 37 -5.95 6.66 -31.35
N ALA C 38 -5.08 7.68 -31.42
CA ALA C 38 -5.56 9.06 -31.29
C ALA C 38 -6.54 9.42 -32.40
N THR C 39 -6.39 8.80 -33.58
CA THR C 39 -7.32 8.97 -34.68
C THR C 39 -8.44 7.92 -34.70
N VAL C 40 -8.12 6.64 -34.53
CA VAL C 40 -9.17 5.60 -34.58
C VAL C 40 -10.23 5.82 -33.50
N ASP C 41 -9.85 6.31 -32.32
CA ASP C 41 -10.78 6.44 -31.20
C ASP C 41 -10.40 7.63 -30.33
N PRO C 42 -10.74 8.86 -30.76
CA PRO C 42 -10.32 10.03 -29.97
C PRO C 42 -10.85 10.00 -28.55
N GLU C 43 -12.02 9.39 -28.34
CA GLU C 43 -12.62 9.35 -27.01
C GLU C 43 -11.73 8.58 -26.03
N ILE C 44 -11.34 7.36 -26.41
CA ILE C 44 -10.51 6.56 -25.52
C ILE C 44 -9.11 7.17 -25.40
N HIS C 45 -8.56 7.65 -26.51
CA HIS C 45 -7.27 8.32 -26.44
C HIS C 45 -7.31 9.45 -25.43
N ASP C 46 -8.33 10.29 -25.51
CA ASP C 46 -8.44 11.41 -24.58
C ASP C 46 -8.59 10.95 -23.14
N LEU C 47 -9.38 9.90 -22.90
CA LEU C 47 -9.53 9.42 -21.53
C LEU C 47 -8.24 8.85 -20.98
N ILE C 48 -7.48 8.13 -21.80
CA ILE C 48 -6.19 7.62 -21.31
C ILE C 48 -5.24 8.79 -21.01
N GLU C 49 -5.22 9.79 -21.89
CA GLU C 49 -4.36 10.95 -21.64
C GLU C 49 -4.76 11.66 -20.36
N LYS C 50 -6.06 11.74 -20.09
CA LYS C 50 -6.49 12.31 -18.83
C LYS C 50 -6.06 11.44 -17.64
N GLU C 51 -6.09 10.12 -17.82
CA GLU C 51 -5.62 9.23 -16.76
C GLU C 51 -4.11 9.38 -16.53
N LYS C 52 -3.33 9.49 -17.61
CA LYS C 52 -1.89 9.75 -17.47
C LYS C 52 -1.65 11.02 -16.67
N HIS C 53 -2.43 12.06 -16.94
CA HIS C 53 -2.29 13.32 -16.23
C HIS C 53 -2.67 13.17 -14.77
N ARG C 54 -3.74 12.42 -14.48
CA ARG C 54 -4.11 12.17 -13.09
C ARG C 54 -3.00 11.45 -12.35
N GLN C 55 -2.34 10.50 -13.00
CA GLN C 55 -1.26 9.73 -12.38
C GLN C 55 -0.06 10.60 -12.07
N CYS C 56 0.02 11.77 -12.69
CA CYS C 56 1.14 12.69 -12.57
C CYS C 56 0.83 13.87 -11.65
N ARG C 57 -0.39 13.97 -11.13
CA ARG C 57 -0.81 15.14 -10.38
C ARG C 57 -1.42 14.81 -9.03
N GLY C 58 -1.26 13.59 -8.54
CA GLY C 58 -1.70 13.25 -7.21
C GLY C 58 -0.65 12.43 -6.52
N ILE C 59 -0.98 12.00 -5.30
CA ILE C 59 -0.07 11.21 -4.48
C ILE C 59 -0.68 9.84 -4.36
N GLU C 60 -0.05 8.85 -5.00
CA GLU C 60 -0.60 7.50 -5.12
CA GLU C 60 -0.58 7.50 -5.13
C GLU C 60 -0.08 6.65 -3.98
N LEU C 61 -0.91 6.43 -2.98
CA LEU C 61 -0.54 5.68 -1.79
C LEU C 61 -1.29 4.34 -1.66
N ILE C 62 -2.01 3.93 -2.70
CA ILE C 62 -2.61 2.59 -2.69
C ILE C 62 -1.49 1.56 -2.71
N ALA C 63 -1.41 0.75 -1.65
CA ALA C 63 -0.21 -0.05 -1.42
C ALA C 63 -0.01 -1.12 -2.48
N SER C 64 -1.06 -1.50 -3.19
CA SER C 64 -0.95 -2.47 -4.26
C SER C 64 -0.67 -1.85 -5.62
N GLU C 65 -0.53 -0.53 -5.70
CA GLU C 65 -0.35 0.09 -7.01
C GLU C 65 1.13 0.39 -7.26
N ASN C 66 1.48 0.46 -8.54
CA ASN C 66 2.81 0.87 -8.95
C ASN C 66 2.73 1.53 -10.32
N PHE C 67 3.88 2.02 -10.79
CA PHE C 67 4.05 2.55 -12.14
C PHE C 67 5.13 1.71 -12.80
N THR C 68 4.75 0.98 -13.85
CA THR C 68 5.69 0.06 -14.48
C THR C 68 6.50 0.79 -15.57
N SER C 69 7.46 0.09 -16.13
CA SER C 69 8.36 0.73 -17.08
C SER C 69 7.79 0.79 -18.50
N PHE C 70 8.31 1.73 -19.30
CA PHE C 70 7.92 1.80 -20.72
C PHE C 70 8.26 0.50 -21.44
N ALA C 71 9.43 -0.09 -21.13
CA ALA C 71 9.83 -1.32 -21.80
C ALA C 71 8.85 -2.45 -21.53
N VAL C 72 8.35 -2.53 -20.30
CA VAL C 72 7.30 -3.50 -19.98
C VAL C 72 6.05 -3.20 -20.80
N ILE C 73 5.67 -1.93 -20.86
CA ILE C 73 4.46 -1.53 -21.58
C ILE C 73 4.60 -1.77 -23.08
N GLU C 74 5.82 -1.64 -23.63
CA GLU C 74 6.00 -1.95 -25.04
C GLU C 74 5.82 -3.43 -25.32
N ALA C 75 6.24 -4.31 -24.39
CA ALA C 75 6.00 -5.73 -24.57
C ALA C 75 4.52 -6.06 -24.41
N LEU C 76 3.87 -5.37 -23.47
CA LEU C 76 2.45 -5.62 -23.16
C LEU C 76 1.57 -5.23 -24.35
N GLY C 77 1.82 -4.05 -24.95
CA GLY C 77 1.12 -3.62 -26.13
C GLY C 77 1.88 -4.01 -27.37
N SER C 78 1.81 -5.29 -27.74
CA SER C 78 2.60 -5.80 -28.86
C SER C 78 1.86 -6.94 -29.55
N ALA C 79 2.40 -7.37 -30.69
CA ALA C 79 1.80 -8.43 -31.49
C ALA C 79 1.74 -9.77 -30.75
N LEU C 80 2.46 -9.93 -29.63
CA LEU C 80 2.33 -11.17 -28.85
C LEU C 80 0.88 -11.47 -28.51
N THR C 81 0.05 -10.44 -28.42
CA THR C 81 -1.37 -10.64 -28.13
C THR C 81 -2.06 -11.52 -29.20
N ASN C 82 -1.51 -11.61 -30.41
CA ASN C 82 -2.21 -12.27 -31.51
C ASN C 82 -2.15 -13.80 -31.47
N LYS C 83 -1.24 -14.39 -30.69
CA LYS C 83 -0.89 -15.80 -30.84
C LYS C 83 -1.58 -16.67 -29.78
N TYR C 84 -2.32 -17.70 -30.24
CA TYR C 84 -2.81 -18.76 -29.35
C TYR C 84 -1.75 -19.80 -29.09
N SER C 85 -1.57 -20.18 -27.83
CA SER C 85 -0.52 -21.11 -27.46
C SER C 85 -0.96 -21.98 -26.28
N GLU C 86 -2.19 -22.48 -26.35
CA GLU C 86 -2.68 -23.37 -25.30
C GLU C 86 -1.66 -24.48 -25.04
N GLY C 87 -1.50 -24.83 -23.78
CA GLY C 87 -0.53 -25.84 -23.42
C GLY C 87 0.65 -25.19 -22.75
N MET C 88 1.82 -25.76 -22.88
CA MET C 88 3.01 -25.16 -22.32
C MET C 88 4.20 -25.47 -23.22
N PRO C 89 5.31 -24.73 -23.08
CA PRO C 89 6.38 -24.81 -24.09
C PRO C 89 6.87 -26.23 -24.32
N GLY C 90 7.11 -26.55 -25.59
CA GLY C 90 7.53 -27.87 -25.99
C GLY C 90 6.46 -28.94 -25.93
N ASN C 91 5.23 -28.56 -25.59
CA ASN C 91 4.12 -29.50 -25.48
C ASN C 91 2.82 -28.72 -25.69
N ARG C 92 2.69 -28.09 -26.85
CA ARG C 92 1.56 -27.25 -27.20
C ARG C 92 0.50 -28.06 -27.95
N TYR C 93 -0.69 -27.46 -28.10
CA TYR C 93 -1.77 -28.07 -28.86
C TYR C 93 -1.84 -27.55 -30.30
N TYR C 94 -1.12 -26.48 -30.62
CA TYR C 94 -1.09 -25.91 -31.95
C TYR C 94 0.37 -25.68 -32.34
N GLY C 95 0.59 -25.34 -33.61
CA GLY C 95 1.91 -25.00 -34.10
C GLY C 95 2.14 -23.51 -34.10
N GLY C 96 3.28 -23.11 -34.66
CA GLY C 96 3.65 -21.71 -34.74
C GLY C 96 4.22 -21.12 -33.46
N ASN C 97 4.61 -21.95 -32.51
CA ASN C 97 5.01 -21.51 -31.18
C ASN C 97 6.53 -21.47 -31.00
N GLU C 98 7.28 -21.44 -32.10
CA GLU C 98 8.74 -21.43 -32.04
C GLU C 98 9.23 -20.34 -31.08
N PHE C 99 8.73 -19.12 -31.26
CA PHE C 99 9.21 -17.97 -30.50
C PHE C 99 8.44 -17.73 -29.21
N ILE C 100 7.14 -18.03 -29.18
CA ILE C 100 6.37 -17.95 -27.93
C ILE C 100 6.99 -18.87 -26.89
N ASP C 101 7.41 -20.07 -27.31
CA ASP C 101 8.03 -21.00 -26.38
C ASP C 101 9.29 -20.40 -25.79
N GLN C 102 10.09 -19.73 -26.62
CA GLN C 102 11.31 -19.12 -26.12
C GLN C 102 10.99 -18.00 -25.14
N ILE C 103 9.96 -17.21 -25.43
CA ILE C 103 9.60 -16.12 -24.52
C ILE C 103 9.10 -16.67 -23.20
N GLU C 104 8.22 -17.67 -23.24
CA GLU C 104 7.73 -18.23 -21.98
C GLU C 104 8.84 -18.90 -21.20
N ASN C 105 9.75 -19.59 -21.90
CA ASN C 105 10.85 -20.26 -21.21
C ASN C 105 11.81 -19.25 -20.62
N LEU C 106 12.06 -18.16 -21.34
CA LEU C 106 12.86 -17.07 -20.80
C LEU C 106 12.20 -16.48 -19.55
N CYS C 107 10.88 -16.25 -19.61
CA CYS C 107 10.17 -15.67 -18.49
C CYS C 107 10.28 -16.57 -17.25
N ARG C 108 10.16 -17.88 -17.46
CA ARG C 108 10.18 -18.82 -16.34
C ARG C 108 11.56 -18.89 -15.72
N SER C 109 12.60 -19.01 -16.54
CA SER C 109 13.95 -19.04 -15.99
C SER C 109 14.29 -17.73 -15.31
N ARG C 110 13.81 -16.60 -15.84
CA ARG C 110 14.08 -15.33 -15.16
C ARG C 110 13.32 -15.20 -13.85
N ALA C 111 12.12 -15.79 -13.78
CA ALA C 111 11.37 -15.82 -12.53
C ALA C 111 12.16 -16.54 -11.45
N LEU C 112 12.67 -17.73 -11.76
CA LEU C 112 13.46 -18.48 -10.79
C LEU C 112 14.72 -17.71 -10.38
N GLN C 113 15.38 -17.03 -11.33
CA GLN C 113 16.56 -16.22 -10.99
C GLN C 113 16.21 -15.05 -10.09
N ALA C 114 15.14 -14.31 -10.41
CA ALA C 114 14.76 -13.15 -9.62
C ALA C 114 14.60 -13.49 -8.16
N PHE C 115 14.13 -14.70 -7.85
CA PHE C 115 13.92 -15.09 -6.46
C PHE C 115 14.99 -16.05 -5.98
N HIS C 116 16.10 -16.16 -6.72
CA HIS C 116 17.27 -16.92 -6.29
C HIS C 116 16.91 -18.37 -5.97
N LEU C 117 16.12 -18.97 -6.87
CA LEU C 117 15.64 -20.33 -6.73
C LEU C 117 16.46 -21.26 -7.61
N ASP C 118 16.85 -22.40 -7.04
CA ASP C 118 17.49 -23.45 -7.81
C ASP C 118 16.46 -24.13 -8.71
N ALA C 119 16.71 -24.14 -10.02
CA ALA C 119 15.73 -24.68 -10.97
C ALA C 119 15.53 -26.18 -10.82
N GLN C 120 16.28 -26.85 -9.96
CA GLN C 120 16.09 -28.26 -9.68
C GLN C 120 15.29 -28.51 -8.40
N SER C 121 15.01 -27.45 -7.64
CA SER C 121 14.21 -27.53 -6.43
C SER C 121 12.92 -26.75 -6.51
N TRP C 122 12.77 -25.87 -7.50
CA TRP C 122 11.61 -25.02 -7.66
C TRP C 122 11.24 -24.98 -9.13
N GLY C 123 9.94 -24.95 -9.41
CA GLY C 123 9.43 -24.66 -10.73
C GLY C 123 8.49 -23.47 -10.64
N VAL C 124 8.07 -22.99 -11.80
CA VAL C 124 7.13 -21.88 -11.82
C VAL C 124 6.28 -21.96 -13.08
N ASN C 125 5.01 -21.64 -12.92
CA ASN C 125 4.07 -21.49 -14.01
C ASN C 125 3.76 -20.00 -14.10
N VAL C 126 3.93 -19.42 -15.29
CA VAL C 126 3.79 -17.98 -15.47
C VAL C 126 2.58 -17.63 -16.32
N GLN C 127 1.67 -18.58 -16.56
CA GLN C 127 0.45 -18.30 -17.31
C GLN C 127 -0.73 -17.64 -16.56
N PRO C 128 -0.83 -17.66 -15.22
CA PRO C 128 -2.04 -17.09 -14.58
C PRO C 128 -2.31 -15.66 -15.04
N TYR C 129 -3.59 -15.35 -15.31
CA TYR C 129 -3.93 -14.06 -15.86
C TYR C 129 -3.72 -12.92 -14.87
N SER C 130 -3.82 -13.21 -13.57
CA SER C 130 -3.61 -12.24 -12.50
C SER C 130 -3.32 -13.00 -11.21
N GLY C 131 -3.24 -12.27 -10.09
CA GLY C 131 -2.98 -12.93 -8.81
C GLY C 131 -4.13 -13.82 -8.36
N SER C 132 -5.38 -13.34 -8.46
CA SER C 132 -6.51 -14.13 -8.01
C SER C 132 -6.65 -15.42 -8.80
N PRO C 133 -6.55 -15.43 -10.14
CA PRO C 133 -6.51 -16.72 -10.85
C PRO C 133 -5.32 -17.59 -10.46
N ALA C 134 -4.18 -16.98 -10.12
CA ALA C 134 -3.04 -17.77 -9.69
C ALA C 134 -3.37 -18.51 -8.40
N ASN C 135 -4.00 -17.82 -7.45
CA ASN C 135 -4.35 -18.45 -6.17
C ASN C 135 -5.35 -19.57 -6.39
N PHE C 136 -6.44 -19.30 -7.11
CA PHE C 136 -7.47 -20.32 -7.30
C PHE C 136 -6.93 -21.53 -8.08
N ALA C 137 -5.98 -21.31 -9.00
CA ALA C 137 -5.39 -22.44 -9.71
C ALA C 137 -4.50 -23.27 -8.80
N ALA C 138 -3.73 -22.62 -7.92
CA ALA C 138 -3.00 -23.35 -6.90
C ALA C 138 -3.92 -24.21 -6.04
N TYR C 139 -5.06 -23.65 -5.62
CA TYR C 139 -5.97 -24.43 -4.79
C TYR C 139 -6.54 -25.60 -5.58
N THR C 140 -6.89 -25.35 -6.85
CA THR C 140 -7.46 -26.40 -7.69
C THR C 140 -6.46 -27.54 -7.88
N ALA C 141 -5.17 -27.21 -7.90
CA ALA C 141 -4.13 -28.20 -8.14
C ALA C 141 -3.97 -29.16 -6.94
N VAL C 142 -4.03 -28.64 -5.71
CA VAL C 142 -3.66 -29.44 -4.55
C VAL C 142 -4.82 -29.79 -3.62
N LEU C 143 -5.99 -29.22 -3.84
CA LEU C 143 -7.16 -29.48 -3.01
C LEU C 143 -8.28 -30.12 -3.84
N ASN C 144 -9.13 -30.89 -3.16
CA ASN C 144 -10.41 -31.26 -3.74
C ASN C 144 -11.45 -30.23 -3.34
N PRO C 145 -12.55 -30.13 -4.08
CA PRO C 145 -13.65 -29.27 -3.64
C PRO C 145 -14.04 -29.58 -2.20
N HIS C 146 -14.36 -28.52 -1.45
CA HIS C 146 -14.74 -28.57 -0.04
C HIS C 146 -13.61 -28.89 0.92
N ASP C 147 -12.36 -29.03 0.45
CA ASP C 147 -11.25 -29.21 1.38
C ASP C 147 -11.09 -27.95 2.23
N ARG C 148 -10.51 -28.12 3.42
CA ARG C 148 -10.38 -27.00 4.36
C ARG C 148 -9.12 -26.16 4.12
N ILE C 149 -9.29 -24.84 4.24
CA ILE C 149 -8.24 -23.85 4.03
C ILE C 149 -8.29 -22.86 5.18
N MET C 150 -7.13 -22.42 5.67
CA MET C 150 -7.12 -21.18 6.45
C MET C 150 -6.11 -20.16 5.94
N GLY C 151 -6.50 -18.90 6.14
CA GLY C 151 -5.74 -17.74 5.72
C GLY C 151 -6.05 -16.58 6.65
N LEU C 152 -5.28 -15.51 6.49
CA LEU C 152 -5.40 -14.34 7.35
C LEU C 152 -6.75 -13.65 7.13
N ASP C 153 -7.46 -13.39 8.23
CA ASP C 153 -8.77 -12.73 8.18
C ASP C 153 -8.66 -11.40 7.47
N LEU C 154 -9.70 -11.04 6.70
CA LEU C 154 -9.69 -9.75 6.03
C LEU C 154 -9.57 -8.58 7.00
N PRO C 155 -10.34 -8.49 8.10
CA PRO C 155 -10.09 -7.40 9.05
C PRO C 155 -8.71 -7.43 9.70
N SER C 156 -7.99 -8.55 9.62
CA SER C 156 -6.64 -8.65 10.15
C SER C 156 -5.56 -8.37 9.11
N GLY C 157 -5.95 -8.08 7.87
CA GLY C 157 -4.98 -7.76 6.82
C GLY C 157 -4.94 -8.74 5.66
N GLY C 158 -5.72 -9.83 5.69
CA GLY C 158 -5.69 -10.80 4.62
C GLY C 158 -6.41 -10.34 3.36
N HIS C 159 -6.37 -11.21 2.37
CA HIS C 159 -6.96 -10.94 1.07
C HIS C 159 -8.18 -11.82 0.82
N LEU C 160 -9.05 -11.35 -0.09
CA LEU C 160 -10.30 -12.03 -0.40
C LEU C 160 -10.08 -13.48 -0.84
N THR C 161 -9.06 -13.71 -1.68
CA THR C 161 -8.80 -15.04 -2.22
C THR C 161 -8.30 -16.03 -1.19
N HIS C 162 -8.00 -15.59 0.02
CA HIS C 162 -7.62 -16.50 1.09
C HIS C 162 -8.84 -16.99 1.87
N GLY C 163 -10.05 -16.64 1.41
CA GLY C 163 -11.28 -17.03 2.08
C GLY C 163 -12.00 -15.86 2.72
N TYR C 164 -13.29 -15.71 2.47
CA TYR C 164 -14.06 -14.69 3.18
C TYR C 164 -15.55 -15.02 3.11
N TYR C 165 -16.20 -15.00 4.28
CA TYR C 165 -17.65 -15.08 4.40
C TYR C 165 -18.13 -14.12 5.48
N THR C 166 -19.36 -13.64 5.33
CA THR C 166 -19.91 -12.64 6.24
C THR C 166 -20.36 -13.29 7.54
N SER C 167 -20.69 -12.42 8.52
CA SER C 167 -21.32 -12.89 9.75
C SER C 167 -22.63 -13.61 9.46
N GLY C 168 -23.35 -13.18 8.43
CA GLY C 168 -24.56 -13.85 8.00
C GLY C 168 -24.36 -15.13 7.24
N GLY C 169 -23.10 -15.57 7.10
CA GLY C 169 -22.77 -16.81 6.43
C GLY C 169 -22.69 -16.75 4.92
N LYS C 170 -22.99 -15.60 4.31
CA LYS C 170 -22.87 -15.50 2.86
C LYS C 170 -21.42 -15.69 2.43
N LYS C 171 -21.16 -16.75 1.67
CA LYS C 171 -19.84 -16.99 1.11
C LYS C 171 -19.58 -15.98 -0.01
N ILE C 172 -18.50 -15.21 0.12
CA ILE C 172 -18.21 -14.13 -0.84
C ILE C 172 -17.07 -14.52 -1.78
N SER C 173 -15.91 -14.84 -1.24
CA SER C 173 -14.79 -15.30 -2.05
C SER C 173 -15.14 -16.62 -2.73
N ALA C 174 -14.65 -16.80 -3.95
CA ALA C 174 -14.74 -18.12 -4.58
C ALA C 174 -14.03 -19.15 -3.74
N THR C 175 -13.00 -18.74 -3.00
CA THR C 175 -12.31 -19.69 -2.15
C THR C 175 -13.24 -20.24 -1.08
N SER C 176 -14.19 -19.43 -0.60
CA SER C 176 -15.12 -19.88 0.42
C SER C 176 -16.34 -20.56 -0.18
N ILE C 177 -16.60 -20.35 -1.48
CA ILE C 177 -17.67 -21.03 -2.19
C ILE C 177 -17.30 -22.46 -2.52
N TYR C 178 -16.07 -22.67 -3.01
CA TYR C 178 -15.69 -23.98 -3.53
C TYR C 178 -14.83 -24.78 -2.57
N PHE C 179 -14.26 -24.14 -1.55
CA PHE C 179 -13.57 -24.85 -0.47
C PHE C 179 -14.14 -24.38 0.87
N GLU C 180 -13.62 -24.96 1.96
CA GLU C 180 -14.12 -24.65 3.30
C GLU C 180 -13.06 -23.83 4.03
N SER C 181 -13.31 -22.54 4.21
CA SER C 181 -12.27 -21.68 4.77
C SER C 181 -12.60 -21.30 6.20
N LEU C 182 -11.54 -20.96 6.93
CA LEU C 182 -11.65 -20.48 8.30
C LEU C 182 -10.52 -19.48 8.49
N PRO C 183 -10.78 -18.27 8.97
CA PRO C 183 -9.71 -17.28 9.08
C PRO C 183 -8.95 -17.38 10.40
N TYR C 184 -7.70 -16.95 10.36
CA TYR C 184 -6.94 -16.68 11.58
C TYR C 184 -6.64 -15.18 11.64
N LYS C 185 -6.43 -14.67 12.86
CA LYS C 185 -6.47 -13.23 13.09
C LYS C 185 -5.16 -12.74 13.68
N VAL C 186 -5.02 -11.40 13.69
CA VAL C 186 -3.98 -10.80 14.52
C VAL C 186 -4.47 -10.68 15.96
N ASN C 187 -3.53 -10.62 16.89
CA ASN C 187 -3.81 -10.28 18.27
C ASN C 187 -4.47 -8.90 18.34
N SER C 188 -5.55 -8.79 19.12
CA SER C 188 -6.37 -7.59 19.14
C SER C 188 -5.73 -6.44 19.92
N THR C 189 -4.63 -6.66 20.63
CA THR C 189 -3.96 -5.58 21.32
C THR C 189 -2.62 -5.23 20.70
N THR C 190 -1.84 -6.21 20.26
CA THR C 190 -0.56 -5.91 19.62
C THR C 190 -0.68 -5.70 18.12
N GLY C 191 -1.69 -6.29 17.46
CA GLY C 191 -1.78 -6.22 16.01
C GLY C 191 -0.89 -7.18 15.25
N TYR C 192 -0.03 -7.93 15.95
CA TYR C 192 0.78 -8.96 15.32
C TYR C 192 -0.02 -10.25 15.21
N ILE C 193 0.37 -11.10 14.24
CA ILE C 193 -0.28 -12.39 14.09
C ILE C 193 -0.15 -13.16 15.38
N ASP C 194 -1.26 -13.66 15.88
CA ASP C 194 -1.28 -14.48 17.07
C ASP C 194 -0.95 -15.90 16.62
N TYR C 195 0.32 -16.28 16.74
CA TYR C 195 0.75 -17.58 16.23
C TYR C 195 0.25 -18.72 17.11
N ASP C 196 0.04 -18.48 18.41
CA ASP C 196 -0.48 -19.54 19.27
C ASP C 196 -1.95 -19.83 18.96
N ARG C 197 -2.76 -18.79 18.75
CA ARG C 197 -4.17 -19.02 18.41
C ARG C 197 -4.32 -19.65 17.04
N LEU C 198 -3.40 -19.34 16.12
CA LEU C 198 -3.39 -20.00 14.82
C LEU C 198 -3.11 -21.49 14.95
N GLU C 199 -2.11 -21.86 15.74
CA GLU C 199 -1.82 -23.27 15.90
C GLU C 199 -3.01 -24.01 16.51
N GLU C 200 -3.62 -23.41 17.54
CA GLU C 200 -4.79 -24.02 18.18
C GLU C 200 -5.93 -24.19 17.19
N LYS C 201 -6.26 -23.12 16.44
CA LYS C 201 -7.32 -23.19 15.44
C LYS C 201 -7.00 -24.23 14.38
N ALA C 202 -5.73 -24.38 14.01
CA ALA C 202 -5.39 -25.34 12.96
C ALA C 202 -5.54 -26.78 13.46
N LEU C 203 -5.17 -27.04 14.71
CA LEU C 203 -5.36 -28.40 15.25
C LEU C 203 -6.85 -28.74 15.39
N ASP C 204 -7.70 -27.73 15.64
CA ASP C 204 -9.14 -27.96 15.75
C ASP C 204 -9.78 -28.20 14.39
N PHE C 205 -9.51 -27.29 13.45
CA PHE C 205 -10.11 -27.25 12.11
C PHE C 205 -9.49 -28.26 11.16
N ARG C 206 -8.21 -28.55 11.31
CA ARG C 206 -7.49 -29.48 10.43
C ARG C 206 -7.55 -29.06 8.95
N PRO C 207 -7.00 -27.90 8.58
CA PRO C 207 -6.97 -27.53 7.15
C PRO C 207 -6.00 -28.41 6.38
N LYS C 208 -6.35 -28.67 5.14
CA LYS C 208 -5.40 -29.28 4.21
C LYS C 208 -4.41 -28.26 3.67
N LEU C 209 -4.74 -26.97 3.77
CA LEU C 209 -3.90 -25.88 3.27
C LEU C 209 -3.94 -24.71 4.22
N ILE C 210 -2.77 -24.21 4.61
CA ILE C 210 -2.63 -22.95 5.34
C ILE C 210 -1.99 -21.92 4.41
N ILE C 211 -2.60 -20.73 4.34
CA ILE C 211 -2.09 -19.64 3.51
C ILE C 211 -1.48 -18.58 4.41
N CYS C 212 -0.28 -18.10 4.05
CA CYS C 212 0.31 -16.95 4.70
C CYS C 212 0.61 -15.90 3.65
N GLY C 213 0.90 -14.69 4.11
CA GLY C 213 0.85 -13.53 3.24
C GLY C 213 -0.47 -12.79 3.37
N GLY C 214 -0.46 -11.53 3.01
CA GLY C 214 -1.65 -10.70 3.22
C GLY C 214 -1.53 -9.40 2.46
N SER C 215 -2.57 -8.57 2.64
CA SER C 215 -2.72 -7.33 1.90
C SER C 215 -2.47 -6.08 2.73
N ALA C 216 -2.63 -6.18 4.03
CA ALA C 216 -2.54 -5.03 4.91
C ALA C 216 -1.89 -5.41 6.22
N TYR C 217 -0.85 -6.23 6.17
CA TYR C 217 -0.09 -6.59 7.37
C TYR C 217 1.25 -5.88 7.35
N PRO C 218 1.55 -5.00 8.32
CA PRO C 218 2.76 -4.17 8.23
C PRO C 218 4.01 -4.79 8.81
N ARG C 219 4.03 -6.10 9.04
CA ARG C 219 5.22 -6.74 9.60
C ARG C 219 5.63 -7.90 8.72
N ASP C 220 6.82 -8.43 9.00
CA ASP C 220 7.25 -9.63 8.32
C ASP C 220 6.56 -10.87 8.93
N TRP C 221 6.82 -12.02 8.32
CA TRP C 221 6.10 -13.25 8.57
C TRP C 221 7.09 -14.27 9.12
N ASP C 222 6.69 -14.99 10.16
CA ASP C 222 7.53 -16.06 10.68
C ASP C 222 7.17 -17.32 9.91
N TYR C 223 7.82 -17.52 8.77
CA TYR C 223 7.52 -18.68 7.93
C TYR C 223 7.97 -19.97 8.58
N LYS C 224 9.06 -19.92 9.35
CA LYS C 224 9.48 -21.11 10.08
C LYS C 224 8.38 -21.57 11.03
N ARG C 225 7.76 -20.64 11.76
CA ARG C 225 6.66 -21.00 12.65
C ARG C 225 5.47 -21.54 11.86
N PHE C 226 5.15 -20.94 10.71
CA PHE C 226 4.07 -21.49 9.90
C PHE C 226 4.35 -22.93 9.49
N ARG C 227 5.60 -23.24 9.15
CA ARG C 227 5.96 -24.59 8.76
C ARG C 227 5.82 -25.56 9.92
N GLU C 228 6.18 -25.12 11.13
CA GLU C 228 5.98 -25.94 12.32
C GLU C 228 4.50 -26.23 12.55
N ILE C 229 3.65 -25.21 12.40
CA ILE C 229 2.21 -25.40 12.56
C ILE C 229 1.66 -26.32 11.49
N ALA C 230 2.07 -26.12 10.23
CA ALA C 230 1.59 -26.96 9.13
C ALA C 230 1.99 -28.42 9.32
N ASP C 231 3.24 -28.66 9.73
CA ASP C 231 3.70 -30.03 9.95
C ASP C 231 2.96 -30.67 11.12
N LYS C 232 2.60 -29.88 12.13
CA LYS C 232 1.88 -30.40 13.28
C LYS C 232 0.47 -30.83 12.90
N CYS C 233 -0.16 -30.16 11.94
CA CYS C 233 -1.53 -30.51 11.56
C CYS C 233 -1.63 -31.18 10.20
N GLY C 234 -0.51 -31.46 9.54
CA GLY C 234 -0.54 -32.16 8.28
C GLY C 234 -0.98 -31.34 7.08
N ALA C 235 -0.78 -30.03 7.12
CA ALA C 235 -1.27 -29.14 6.08
C ALA C 235 -0.15 -28.80 5.10
N LEU C 236 -0.56 -28.52 3.86
CA LEU C 236 0.31 -27.83 2.94
C LEU C 236 0.41 -26.37 3.36
N LEU C 237 1.52 -25.73 3.00
CA LEU C 237 1.79 -24.35 3.36
C LEU C 237 2.06 -23.55 2.08
N LEU C 238 1.20 -22.58 1.81
CA LEU C 238 1.30 -21.71 0.64
C LEU C 238 1.46 -20.28 1.13
N CYS C 239 2.35 -19.54 0.48
CA CYS C 239 2.52 -18.11 0.76
C CYS C 239 2.06 -17.34 -0.47
N ASP C 240 1.13 -16.41 -0.28
CA ASP C 240 0.73 -15.47 -1.33
C ASP C 240 1.54 -14.19 -1.07
N MET C 241 2.60 -14.02 -1.85
CA MET C 241 3.55 -12.93 -1.60
C MET C 241 3.28 -11.73 -2.47
N ALA C 242 2.08 -11.64 -3.05
CA ALA C 242 1.73 -10.56 -3.97
C ALA C 242 2.24 -9.19 -3.50
N HIS C 243 1.97 -8.83 -2.24
CA HIS C 243 2.25 -7.44 -1.86
C HIS C 243 3.74 -7.15 -1.75
N THR C 244 4.51 -8.10 -1.24
CA THR C 244 5.93 -7.90 -0.93
C THR C 244 6.87 -8.57 -1.92
N SER C 245 6.38 -9.00 -3.09
CA SER C 245 7.19 -9.82 -3.97
C SER C 245 8.45 -9.10 -4.45
N GLY C 246 8.34 -7.81 -4.77
CA GLY C 246 9.55 -7.04 -5.10
C GLY C 246 10.54 -7.02 -3.95
N LEU C 247 10.04 -6.88 -2.72
CA LEU C 247 10.93 -6.89 -1.55
C LEU C 247 11.54 -8.28 -1.33
N VAL C 248 10.76 -9.35 -1.61
CA VAL C 248 11.31 -10.69 -1.52
C VAL C 248 12.41 -10.89 -2.55
N ALA C 249 12.16 -10.47 -3.80
CA ALA C 249 13.17 -10.59 -4.85
C ALA C 249 14.49 -9.95 -4.44
N ALA C 250 14.44 -8.77 -3.85
CA ALA C 250 15.65 -8.05 -3.46
C ALA C 250 16.25 -8.54 -2.15
N GLN C 251 15.63 -9.52 -1.49
CA GLN C 251 16.13 -10.09 -0.25
C GLN C 251 16.11 -9.06 0.88
N GLU C 252 15.05 -8.26 0.89
CA GLU C 252 14.83 -7.24 1.91
C GLU C 252 13.78 -7.64 2.94
N VAL C 253 13.07 -8.77 2.75
CA VAL C 253 12.20 -9.36 3.77
C VAL C 253 12.44 -10.86 3.78
N ASN C 254 11.94 -11.53 4.82
CA ASN C 254 12.04 -12.98 4.91
C ASN C 254 11.58 -13.63 3.62
N SER C 255 12.32 -14.64 3.17
CA SER C 255 11.96 -15.39 1.97
C SER C 255 10.98 -16.50 2.31
N PRO C 256 9.77 -16.52 1.75
CA PRO C 256 8.85 -17.64 2.01
C PRO C 256 9.31 -18.96 1.40
N PHE C 257 10.21 -18.92 0.41
CA PHE C 257 10.63 -20.15 -0.25
C PHE C 257 11.41 -21.09 0.66
N GLU C 258 12.00 -20.57 1.74
CA GLU C 258 12.73 -21.43 2.66
C GLU C 258 11.83 -22.49 3.30
N TYR C 259 10.54 -22.18 3.45
CA TYR C 259 9.64 -23.00 4.26
C TYR C 259 8.32 -23.39 3.59
N CYS C 260 7.89 -22.71 2.53
CA CYS C 260 6.57 -22.97 1.96
C CYS C 260 6.64 -24.02 0.86
N ASP C 261 5.53 -24.75 0.67
CA ASP C 261 5.44 -25.68 -0.43
C ASP C 261 5.20 -24.98 -1.75
N ILE C 262 4.42 -23.91 -1.72
CA ILE C 262 3.94 -23.23 -2.92
C ILE C 262 3.99 -21.75 -2.62
N VAL C 263 4.33 -20.94 -3.62
CA VAL C 263 4.36 -19.48 -3.45
C VAL C 263 3.64 -18.88 -4.66
N THR C 264 2.57 -18.14 -4.41
CA THR C 264 1.85 -17.43 -5.48
C THR C 264 2.19 -15.95 -5.38
N THR C 265 1.96 -15.24 -6.48
CA THR C 265 2.22 -13.81 -6.48
C THR C 265 1.52 -13.16 -7.67
N THR C 266 1.14 -11.88 -7.48
CA THR C 266 0.96 -10.97 -8.60
C THR C 266 2.32 -10.45 -9.06
N THR C 267 2.33 -9.85 -10.24
CA THR C 267 3.56 -9.31 -10.79
C THR C 267 3.56 -7.79 -10.90
N HIS C 268 2.45 -7.12 -10.54
N HIS C 268 2.45 -7.12 -10.54
CA HIS C 268 2.28 -5.70 -10.79
CA HIS C 268 2.32 -5.69 -10.80
C HIS C 268 2.36 -4.82 -9.54
C HIS C 268 2.43 -4.82 -9.56
N LYS C 269 2.52 -5.40 -8.36
CA LYS C 269 2.58 -4.55 -7.17
C LYS C 269 4.02 -4.17 -6.91
N SER C 270 4.59 -4.55 -5.75
CA SER C 270 5.97 -4.14 -5.48
C SER C 270 6.94 -4.73 -6.51
N LEU C 271 6.56 -5.80 -7.23
CA LEU C 271 7.42 -6.32 -8.28
C LEU C 271 7.49 -5.41 -9.51
N ARG C 272 6.54 -4.48 -9.65
CA ARG C 272 6.59 -3.43 -10.68
C ARG C 272 6.53 -3.97 -12.11
N GLY C 273 5.72 -5.00 -12.35
CA GLY C 273 5.60 -5.50 -13.71
C GLY C 273 4.21 -5.33 -14.27
N PRO C 274 3.87 -6.07 -15.32
CA PRO C 274 2.50 -6.05 -15.83
C PRO C 274 1.57 -6.74 -14.83
N ARG C 275 0.28 -6.61 -15.07
CA ARG C 275 -0.74 -7.35 -14.30
C ARG C 275 -0.71 -8.81 -14.75
N ALA C 276 -0.23 -9.70 -13.89
CA ALA C 276 -0.16 -11.13 -14.17
C ALA C 276 0.03 -11.86 -12.85
N GLY C 277 0.10 -13.20 -12.93
CA GLY C 277 0.33 -14.00 -11.73
C GLY C 277 1.33 -15.08 -12.05
N MET C 278 1.96 -15.59 -11.00
CA MET C 278 2.85 -16.74 -11.10
C MET C 278 2.58 -17.68 -9.95
N ILE C 279 2.82 -18.97 -10.20
CA ILE C 279 2.78 -19.99 -9.16
C ILE C 279 4.14 -20.68 -9.13
N PHE C 280 4.85 -20.52 -8.02
CA PHE C 280 6.07 -21.25 -7.72
C PHE C 280 5.74 -22.48 -6.91
N TYR C 281 6.47 -23.57 -7.14
CA TYR C 281 6.16 -24.82 -6.46
C TYR C 281 7.43 -25.62 -6.27
N ARG C 282 7.57 -26.24 -5.10
CA ARG C 282 8.70 -27.12 -4.89
C ARG C 282 8.66 -28.30 -5.87
N LYS C 283 9.85 -28.76 -6.26
CA LYS C 283 9.98 -29.98 -7.06
C LYS C 283 11.19 -30.75 -6.56
N GLY C 284 11.36 -31.96 -7.08
CA GLY C 284 12.47 -32.79 -6.70
C GLY C 284 12.21 -33.59 -5.45
N PRO C 285 13.26 -34.15 -4.86
CA PRO C 285 13.09 -34.97 -3.65
C PRO C 285 12.60 -34.13 -2.48
N LYS C 286 11.84 -34.78 -1.59
CA LYS C 286 11.40 -34.10 -0.39
C LYS C 286 12.49 -34.12 0.68
N PRO C 287 12.55 -33.09 1.53
CA PRO C 287 13.48 -33.13 2.65
C PRO C 287 13.07 -34.19 3.65
N PRO C 288 14.03 -34.71 4.45
CA PRO C 288 13.80 -35.86 5.35
C PRO C 288 12.70 -35.66 6.40
N GLU C 294 11.85 -42.16 3.19
CA GLU C 294 10.87 -42.87 2.36
C GLU C 294 11.10 -42.61 0.87
N ASN C 295 12.19 -41.90 0.54
CA ASN C 295 12.53 -41.58 -0.85
C ASN C 295 11.37 -40.86 -1.55
N ALA C 296 10.67 -40.01 -0.80
CA ALA C 296 9.50 -39.33 -1.32
C ALA C 296 9.91 -38.09 -2.13
N VAL C 297 9.05 -37.73 -3.08
CA VAL C 297 9.30 -36.59 -3.97
C VAL C 297 8.08 -35.69 -3.96
N TYR C 298 8.32 -34.42 -4.29
CA TYR C 298 7.23 -33.48 -4.47
C TYR C 298 6.42 -33.85 -5.71
N ASP C 299 5.11 -33.59 -5.65
CA ASP C 299 4.18 -33.91 -6.74
C ASP C 299 3.39 -32.69 -7.21
N PHE C 300 3.93 -31.49 -7.01
CA PHE C 300 3.16 -30.27 -7.31
C PHE C 300 3.19 -29.93 -8.78
N GLU C 301 4.32 -30.18 -9.45
CA GLU C 301 4.56 -29.61 -10.77
C GLU C 301 3.43 -29.95 -11.75
N ASP C 302 3.17 -31.23 -11.97
CA ASP C 302 2.16 -31.62 -12.96
C ASP C 302 0.77 -31.15 -12.56
N LYS C 303 0.44 -31.21 -11.26
CA LYS C 303 -0.88 -30.79 -10.82
C LYS C 303 -1.09 -29.29 -11.02
N ILE C 304 -0.07 -28.48 -10.70
CA ILE C 304 -0.16 -27.03 -10.87
C ILE C 304 -0.33 -26.66 -12.33
N ASN C 305 0.53 -27.23 -13.20
CA ASN C 305 0.45 -26.92 -14.62
C ASN C 305 -0.90 -27.32 -15.19
N PHE C 306 -1.39 -28.51 -14.81
CA PHE C 306 -2.66 -29.01 -15.33
C PHE C 306 -3.83 -28.15 -14.85
N ALA C 307 -3.77 -27.66 -13.62
CA ALA C 307 -4.84 -26.82 -13.09
C ALA C 307 -4.96 -25.50 -13.86
N VAL C 308 -3.82 -24.87 -14.17
CA VAL C 308 -3.88 -23.64 -14.97
C VAL C 308 -4.41 -23.94 -16.37
N PHE C 309 -3.86 -24.97 -17.02
CA PHE C 309 -4.39 -25.38 -18.33
C PHE C 309 -4.17 -26.88 -18.45
N PRO C 310 -5.21 -27.67 -18.77
CA PRO C 310 -6.52 -27.27 -19.29
C PRO C 310 -7.68 -27.01 -18.30
N SER C 311 -7.46 -27.07 -16.98
CA SER C 311 -8.62 -27.04 -16.10
C SER C 311 -9.26 -25.66 -16.05
N LEU C 312 -8.48 -24.60 -15.83
CA LEU C 312 -9.09 -23.30 -15.50
C LEU C 312 -8.97 -22.25 -16.60
N GLN C 313 -7.80 -22.08 -17.21
CA GLN C 313 -7.61 -21.01 -18.18
C GLN C 313 -7.67 -21.53 -19.61
N GLY C 314 -7.72 -20.58 -20.55
CA GLY C 314 -7.60 -20.90 -21.96
C GLY C 314 -6.20 -20.63 -22.48
N GLY C 315 -6.08 -19.97 -23.62
CA GLY C 315 -4.78 -19.60 -24.12
C GLY C 315 -4.10 -18.61 -23.21
N PRO C 316 -2.79 -18.78 -23.02
CA PRO C 316 -2.05 -17.80 -22.21
C PRO C 316 -2.03 -16.43 -22.88
N HIS C 317 -1.90 -15.40 -22.05
CA HIS C 317 -1.83 -14.04 -22.58
C HIS C 317 -0.35 -13.75 -22.84
N ASN C 318 0.10 -14.03 -24.07
CA ASN C 318 1.53 -14.02 -24.33
C ASN C 318 2.13 -12.62 -24.24
N HIS C 319 1.35 -11.57 -24.50
CA HIS C 319 1.86 -10.22 -24.29
C HIS C 319 2.14 -9.95 -22.80
N GLN C 320 1.31 -10.51 -21.91
CA GLN C 320 1.59 -10.40 -20.49
C GLN C 320 2.86 -11.15 -20.14
N ILE C 321 3.05 -12.33 -20.74
CA ILE C 321 4.21 -13.15 -20.38
C ILE C 321 5.50 -12.49 -20.86
N GLY C 322 5.49 -11.96 -22.09
CA GLY C 322 6.63 -11.19 -22.56
C GLY C 322 6.91 -9.98 -21.68
N ALA C 323 5.87 -9.21 -21.36
CA ALA C 323 6.05 -8.06 -20.47
C ALA C 323 6.56 -8.49 -19.10
N LEU C 324 6.11 -9.65 -18.62
CA LEU C 324 6.58 -10.14 -17.33
C LEU C 324 8.06 -10.51 -17.38
N ALA C 325 8.50 -11.12 -18.48
CA ALA C 325 9.91 -11.46 -18.62
C ALA C 325 10.77 -10.21 -18.55
N VAL C 326 10.29 -9.11 -19.16
CA VAL C 326 11.01 -7.84 -19.08
C VAL C 326 11.10 -7.37 -17.63
N ALA C 327 9.97 -7.39 -16.92
CA ALA C 327 9.96 -6.93 -15.53
C ALA C 327 10.87 -7.76 -14.64
N LEU C 328 10.92 -9.08 -14.88
CA LEU C 328 11.75 -9.93 -14.05
C LEU C 328 13.24 -9.67 -14.30
N LYS C 329 13.60 -9.38 -15.56
CA LYS C 329 14.97 -8.93 -15.79
C LYS C 329 15.24 -7.63 -15.06
N GLN C 330 14.31 -6.68 -15.12
CA GLN C 330 14.52 -5.43 -14.39
C GLN C 330 14.58 -5.66 -12.87
N ALA C 331 13.87 -6.66 -12.37
CA ALA C 331 13.85 -6.90 -10.92
C ALA C 331 15.14 -7.53 -10.44
N ALA C 332 15.89 -8.17 -11.33
CA ALA C 332 17.13 -8.84 -10.96
C ALA C 332 18.33 -7.91 -10.95
N SER C 333 18.11 -6.64 -11.13
CA SER C 333 19.18 -5.66 -11.33
C SER C 333 19.58 -5.01 -10.02
N PRO C 334 20.82 -4.50 -9.94
CA PRO C 334 21.21 -3.81 -8.71
C PRO C 334 20.35 -2.59 -8.43
N GLY C 335 19.87 -1.90 -9.47
CA GLY C 335 18.98 -0.77 -9.23
C GLY C 335 17.69 -1.17 -8.52
N PHE C 336 17.12 -2.31 -8.89
CA PHE C 336 15.87 -2.72 -8.27
C PHE C 336 16.08 -3.05 -6.79
N LYS C 337 17.23 -3.62 -6.43
CA LYS C 337 17.55 -3.84 -5.02
C LYS C 337 17.59 -2.50 -4.25
N ALA C 338 18.15 -1.45 -4.87
CA ALA C 338 18.14 -0.12 -4.26
C ALA C 338 16.72 0.43 -4.16
N TYR C 339 15.90 0.18 -5.19
CA TYR C 339 14.48 0.57 -5.11
C TYR C 339 13.78 -0.11 -3.93
N ALA C 340 14.00 -1.41 -3.76
CA ALA C 340 13.31 -2.13 -2.68
C ALA C 340 13.71 -1.62 -1.31
N LYS C 341 15.00 -1.35 -1.11
CA LYS C 341 15.49 -0.71 0.11
C LYS C 341 14.79 0.64 0.33
N GLN C 342 14.66 1.42 -0.74
CA GLN C 342 14.09 2.76 -0.61
C GLN C 342 12.60 2.70 -0.27
N VAL C 343 11.89 1.70 -0.82
CA VAL C 343 10.48 1.51 -0.50
C VAL C 343 10.33 1.30 1.01
N LYS C 344 11.09 0.37 1.57
CA LYS C 344 11.04 0.13 3.01
CA LYS C 344 11.05 0.12 3.01
C LYS C 344 11.44 1.37 3.79
N ALA C 345 12.44 2.09 3.32
CA ALA C 345 12.91 3.27 4.05
C ALA C 345 11.86 4.39 4.01
N ASN C 346 11.18 4.55 2.86
CA ASN C 346 10.15 5.57 2.73
C ASN C 346 8.94 5.25 3.60
N ALA C 347 8.51 3.98 3.64
CA ALA C 347 7.42 3.59 4.54
C ALA C 347 7.77 3.92 6.00
N VAL C 348 9.01 3.62 6.42
CA VAL C 348 9.41 3.93 7.79
C VAL C 348 9.42 5.44 8.04
N ALA C 349 9.95 6.22 7.09
CA ALA C 349 10.00 7.66 7.29
C ALA C 349 8.60 8.26 7.36
N LEU C 350 7.71 7.81 6.49
CA LEU C 350 6.32 8.23 6.57
C LEU C 350 5.70 7.82 7.90
N GLY C 351 5.92 6.56 8.31
CA GLY C 351 5.38 6.10 9.59
C GLY C 351 5.83 6.97 10.74
N ASN C 352 7.15 7.17 10.86
CA ASN C 352 7.71 7.97 11.95
C ASN C 352 7.18 9.39 11.93
N TYR C 353 7.01 9.97 10.74
CA TYR C 353 6.47 11.31 10.65
C TYR C 353 5.07 11.38 11.25
N LEU C 354 4.19 10.47 10.84
CA LEU C 354 2.83 10.47 11.37
C LEU C 354 2.83 10.24 12.87
N MET C 355 3.83 9.52 13.35
CA MET C 355 3.90 9.00 14.71
C MET C 355 4.50 10.06 15.63
N GLY C 356 5.35 10.93 15.06
CA GLY C 356 5.76 12.16 15.70
C GLY C 356 4.71 13.25 15.69
N LYS C 357 3.64 13.10 14.93
CA LYS C 357 2.49 13.98 15.05
C LYS C 357 1.51 13.48 16.11
N GLY C 358 1.81 12.35 16.74
CA GLY C 358 0.90 11.76 17.70
C GLY C 358 -0.10 10.79 17.12
N TYR C 359 0.03 10.41 15.85
CA TYR C 359 -0.88 9.44 15.28
C TYR C 359 -0.46 8.03 15.70
N SER C 360 -1.40 7.09 15.56
CA SER C 360 -1.20 5.70 15.96
C SER C 360 -1.11 4.80 14.74
N LEU C 361 -0.04 4.01 14.67
CA LEU C 361 0.13 2.98 13.65
C LEU C 361 -0.14 1.61 14.25
N VAL C 362 -0.84 0.76 13.50
CA VAL C 362 -1.00 -0.62 13.94
C VAL C 362 0.37 -1.27 14.02
N THR C 363 0.69 -1.82 15.19
CA THR C 363 2.01 -2.31 15.61
C THR C 363 3.02 -1.18 15.77
N GLY C 364 2.59 0.07 15.69
CA GLY C 364 3.50 1.20 15.91
C GLY C 364 4.67 1.26 14.95
N GLY C 365 4.51 0.77 13.73
CA GLY C 365 5.59 0.89 12.76
C GLY C 365 5.38 -0.08 11.60
N THR C 366 6.46 -0.33 10.87
CA THR C 366 6.38 -1.23 9.74
C THR C 366 7.74 -1.88 9.51
N GLU C 367 7.70 -3.04 8.88
CA GLU C 367 8.87 -3.76 8.38
C GLU C 367 8.80 -3.94 6.87
N ASN C 368 7.81 -3.35 6.21
CA ASN C 368 7.70 -3.56 4.76
C ASN C 368 7.35 -2.26 4.04
N HIS C 369 6.49 -2.34 3.03
CA HIS C 369 6.18 -1.24 2.14
C HIS C 369 4.98 -0.42 2.57
N LEU C 370 4.30 -0.79 3.65
CA LEU C 370 3.05 -0.12 3.98
C LEU C 370 3.00 0.25 5.45
N VAL C 371 2.10 1.18 5.77
CA VAL C 371 1.75 1.48 7.14
C VAL C 371 0.24 1.35 7.30
N LEU C 372 -0.18 0.92 8.49
CA LEU C 372 -1.59 0.83 8.86
C LEU C 372 -1.88 1.91 9.88
N TRP C 373 -2.71 2.86 9.52
CA TRP C 373 -2.95 4.05 10.32
C TRP C 373 -4.27 3.84 11.07
N ASP C 374 -4.15 3.60 12.37
CA ASP C 374 -5.30 3.40 13.26
CA ASP C 374 -5.31 3.40 13.24
C ASP C 374 -5.94 4.75 13.54
N LEU C 375 -7.05 5.04 12.88
CA LEU C 375 -7.71 6.34 13.01
C LEU C 375 -8.65 6.43 14.20
N ARG C 376 -9.00 5.32 14.84
CA ARG C 376 -10.00 5.37 15.90
C ARG C 376 -9.65 6.35 17.02
N PRO C 377 -8.39 6.48 17.49
CA PRO C 377 -8.09 7.49 18.52
C PRO C 377 -8.43 8.92 18.12
N LEU C 378 -8.89 9.12 16.89
CA LEU C 378 -9.32 10.43 16.42
C LEU C 378 -10.83 10.50 16.24
N GLY C 379 -11.54 9.41 16.51
CA GLY C 379 -12.97 9.38 16.29
C GLY C 379 -13.37 9.43 14.83
N LEU C 380 -12.42 9.21 13.91
CA LEU C 380 -12.70 9.24 12.48
C LEU C 380 -12.78 7.83 11.91
N THR C 381 -13.72 7.64 11.00
CA THR C 381 -13.78 6.45 10.19
C THR C 381 -12.81 6.57 9.02
N GLY C 382 -12.28 5.42 8.60
CA GLY C 382 -11.41 5.41 7.43
C GLY C 382 -12.09 5.94 6.17
N ASN C 383 -13.43 5.92 6.14
CA ASN C 383 -14.11 6.38 4.93
C ASN C 383 -14.07 7.89 4.81
N LYS C 384 -14.14 8.61 5.93
CA LYS C 384 -14.07 10.07 5.89
C LYS C 384 -12.69 10.54 5.46
N VAL C 385 -11.64 9.95 6.02
CA VAL C 385 -10.28 10.32 5.64
C VAL C 385 -10.01 9.93 4.19
N GLU C 386 -10.49 8.76 3.76
CA GLU C 386 -10.32 8.36 2.37
C GLU C 386 -11.00 9.33 1.41
N LYS C 387 -12.18 9.83 1.80
CA LYS C 387 -12.96 10.67 0.89
C LYS C 387 -12.33 12.04 0.72
N LEU C 388 -11.94 12.68 1.82
CA LEU C 388 -11.34 14.01 1.69
C LEU C 388 -9.97 13.91 1.01
N CYS C 389 -9.22 12.84 1.28
CA CYS C 389 -7.96 12.66 0.59
C CYS C 389 -8.17 12.57 -0.92
N ASP C 390 -9.15 11.77 -1.35
CA ASP C 390 -9.41 11.63 -2.78
C ASP C 390 -9.75 12.97 -3.42
N LEU C 391 -10.44 13.84 -2.68
CA LEU C 391 -10.74 15.17 -3.19
C LEU C 391 -9.49 16.03 -3.34
N CYS C 392 -8.42 15.70 -2.61
CA CYS C 392 -7.14 16.40 -2.74
C CYS C 392 -6.12 15.61 -3.54
N ASN C 393 -6.57 14.67 -4.39
CA ASN C 393 -5.73 13.86 -5.27
C ASN C 393 -4.77 12.98 -4.47
N ILE C 394 -5.11 12.66 -3.23
CA ILE C 394 -4.36 11.71 -2.42
C ILE C 394 -5.20 10.44 -2.37
N THR C 395 -4.69 9.36 -2.95
CA THR C 395 -5.45 8.12 -3.04
C THR C 395 -4.90 7.14 -2.00
N VAL C 396 -5.72 6.86 -0.98
CA VAL C 396 -5.48 5.84 0.03
C VAL C 396 -6.72 4.94 0.03
N ASN C 397 -6.83 4.04 1.01
CA ASN C 397 -8.07 3.28 1.15
CA ASN C 397 -8.06 3.26 1.15
C ASN C 397 -8.29 2.94 2.61
N LYS C 398 -9.55 3.04 3.03
CA LYS C 398 -9.96 2.62 4.36
C LYS C 398 -9.57 1.16 4.58
N ASN C 399 -9.39 0.80 5.84
CA ASN C 399 -8.87 -0.51 6.17
C ASN C 399 -9.23 -0.82 7.61
N ALA C 400 -9.76 -2.02 7.87
CA ALA C 400 -10.04 -2.42 9.23
C ALA C 400 -8.75 -2.53 10.03
N VAL C 401 -8.84 -2.34 11.33
CA VAL C 401 -7.66 -2.14 12.17
C VAL C 401 -7.76 -3.02 13.41
N PHE C 402 -6.68 -3.75 13.69
CA PHE C 402 -6.54 -4.70 14.80
C PHE C 402 -7.53 -5.87 14.72
N GLY C 403 -8.30 -5.97 13.64
CA GLY C 403 -9.23 -7.06 13.46
C GLY C 403 -10.68 -6.75 13.77
N ASP C 404 -10.96 -5.56 14.31
CA ASP C 404 -12.33 -5.16 14.64
C ASP C 404 -13.20 -5.06 13.37
N ALA C 409 -17.58 -0.48 9.88
CA ALA C 409 -17.06 0.88 9.68
C ALA C 409 -15.55 0.92 9.95
N PRO C 410 -14.77 0.67 8.91
CA PRO C 410 -13.30 0.54 9.10
C PRO C 410 -12.70 1.77 9.77
N GLY C 411 -11.90 1.52 10.80
CA GLY C 411 -11.35 2.59 11.61
C GLY C 411 -9.91 2.97 11.29
N GLY C 412 -9.49 2.79 10.05
CA GLY C 412 -8.12 3.09 9.69
C GLY C 412 -7.97 3.28 8.21
N VAL C 413 -6.74 3.58 7.79
CA VAL C 413 -6.40 3.67 6.38
C VAL C 413 -5.06 2.97 6.14
N ARG C 414 -4.93 2.37 4.97
CA ARG C 414 -3.72 1.68 4.55
C ARG C 414 -2.93 2.59 3.62
N ILE C 415 -1.63 2.71 3.84
CA ILE C 415 -0.78 3.59 3.04
C ILE C 415 0.46 2.81 2.59
N GLY C 416 0.71 2.79 1.28
CA GLY C 416 1.84 2.07 0.72
C GLY C 416 2.81 2.99 -0.02
N ALA C 417 4.08 2.59 0.01
CA ALA C 417 5.17 3.35 -0.58
C ALA C 417 5.61 2.99 -2.01
N PRO C 418 5.33 1.78 -2.55
CA PRO C 418 5.96 1.41 -3.85
C PRO C 418 5.74 2.41 -4.98
N ALA C 419 4.52 2.94 -5.14
CA ALA C 419 4.22 3.73 -6.33
C ALA C 419 4.98 5.04 -6.33
N MET C 420 4.90 5.82 -5.24
CA MET C 420 5.60 7.09 -5.25
C MET C 420 7.11 6.90 -5.15
N THR C 421 7.57 5.82 -4.51
CA THR C 421 9.00 5.51 -4.60
C THR C 421 9.44 5.32 -6.05
N SER C 422 8.58 4.71 -6.88
CA SER C 422 8.96 4.49 -8.27
C SER C 422 9.10 5.80 -9.04
N ARG C 423 8.42 6.85 -8.60
CA ARG C 423 8.61 8.17 -9.19
C ARG C 423 9.85 8.89 -8.64
N GLY C 424 10.67 8.21 -7.82
CA GLY C 424 11.92 8.76 -7.35
C GLY C 424 11.89 9.40 -5.98
N LEU C 425 10.76 9.37 -5.27
CA LEU C 425 10.68 9.99 -3.96
C LEU C 425 11.57 9.26 -2.95
N VAL C 426 12.27 10.03 -2.10
CA VAL C 426 13.00 9.43 -0.98
C VAL C 426 12.39 9.88 0.34
N GLU C 427 13.14 9.75 1.44
CA GLU C 427 12.55 9.88 2.78
C GLU C 427 11.96 11.26 3.02
N LYS C 428 12.68 12.32 2.66
CA LYS C 428 12.15 13.66 2.92
C LYS C 428 10.88 13.90 2.13
N ASP C 429 10.79 13.32 0.93
CA ASP C 429 9.58 13.47 0.14
C ASP C 429 8.41 12.73 0.77
N PHE C 430 8.68 11.58 1.37
CA PHE C 430 7.62 10.88 2.09
C PHE C 430 7.29 11.56 3.41
N GLU C 431 8.24 12.32 3.98
CA GLU C 431 7.84 13.14 5.12
C GLU C 431 6.92 14.27 4.67
N GLN C 432 7.14 14.84 3.46
CA GLN C 432 6.20 15.82 2.95
C GLN C 432 4.84 15.18 2.68
N ILE C 433 4.82 13.96 2.14
CA ILE C 433 3.55 13.23 2.03
C ILE C 433 2.89 13.12 3.40
N GLY C 434 3.67 12.78 4.43
CA GLY C 434 3.13 12.77 5.79
C GLY C 434 2.48 14.08 6.20
N GLU C 435 3.14 15.20 5.88
CA GLU C 435 2.56 16.50 6.19
C GLU C 435 1.25 16.71 5.45
N PHE C 436 1.20 16.34 4.15
CA PHE C 436 -0.03 16.43 3.40
C PHE C 436 -1.15 15.61 4.05
N LEU C 437 -0.82 14.41 4.53
CA LEU C 437 -1.82 13.58 5.19
C LEU C 437 -2.27 14.21 6.50
N HIS C 438 -1.33 14.78 7.26
CA HIS C 438 -1.67 15.50 8.48
C HIS C 438 -2.64 16.64 8.19
N ARG C 439 -2.42 17.39 7.12
CA ARG C 439 -3.36 18.46 6.76
C ARG C 439 -4.73 17.89 6.42
N ALA C 440 -4.77 16.85 5.57
CA ALA C 440 -6.04 16.25 5.17
C ALA C 440 -6.83 15.76 6.39
N VAL C 441 -6.14 15.14 7.34
CA VAL C 441 -6.84 14.61 8.50
C VAL C 441 -7.32 15.73 9.40
N THR C 442 -6.48 16.77 9.58
CA THR C 442 -6.92 17.95 10.31
C THR C 442 -8.19 18.55 9.69
N LEU C 443 -8.22 18.68 8.36
CA LEU C 443 -9.41 19.18 7.68
C LEU C 443 -10.61 18.27 7.89
N THR C 444 -10.38 16.96 8.05
CA THR C 444 -11.48 16.04 8.28
C THR C 444 -12.06 16.23 9.67
N LEU C 445 -11.20 16.22 10.69
CA LEU C 445 -11.61 16.62 12.04
C LEU C 445 -12.39 17.92 12.02
N GLU C 446 -11.87 18.91 11.30
CA GLU C 446 -12.47 20.24 11.28
C GLU C 446 -13.86 20.20 10.65
N ILE C 447 -14.01 19.44 9.57
CA ILE C 447 -15.33 19.30 8.96
C ILE C 447 -16.25 18.44 9.83
N GLN C 448 -15.69 17.49 10.59
CA GLN C 448 -16.52 16.69 11.47
C GLN C 448 -16.96 17.47 12.70
N LYS C 449 -16.03 18.22 13.31
CA LYS C 449 -16.36 19.06 14.47
C LYS C 449 -17.20 20.27 14.11
N GLU C 450 -17.59 20.43 12.84
CA GLU C 450 -18.51 21.49 12.45
C GLU C 450 -19.78 20.97 11.78
N HIS C 451 -19.70 19.87 11.04
CA HIS C 451 -20.88 19.31 10.36
C HIS C 451 -21.41 18.04 11.01
N GLY C 452 -20.59 17.28 11.74
CA GLY C 452 -21.13 16.14 12.44
C GLY C 452 -20.67 14.83 11.84
N LYS C 453 -20.65 13.79 12.68
CA LYS C 453 -20.09 12.49 12.31
C LYS C 453 -20.96 11.69 11.35
N LEU C 454 -22.09 12.23 10.90
CA LEU C 454 -22.98 11.51 10.00
C LEU C 454 -22.59 11.81 8.55
N LEU C 455 -22.49 10.75 7.74
CA LEU C 455 -22.06 10.91 6.35
C LEU C 455 -22.95 11.87 5.57
N LYS C 456 -24.24 11.94 5.90
CA LYS C 456 -25.11 12.91 5.25
C LYS C 456 -24.74 14.34 5.64
N ASP C 457 -24.28 14.53 6.88
CA ASP C 457 -23.85 15.84 7.34
C ASP C 457 -22.42 16.15 6.92
N PHE C 458 -21.51 15.20 7.16
CA PHE C 458 -20.09 15.38 6.83
C PHE C 458 -19.90 15.82 5.38
N ASN C 459 -20.67 15.25 4.46
CA ASN C 459 -20.53 15.61 3.05
C ASN C 459 -20.91 17.07 2.77
N LYS C 460 -21.58 17.73 3.72
CA LYS C 460 -21.90 19.14 3.52
C LYS C 460 -20.65 20.02 3.61
N GLY C 461 -19.68 19.63 4.44
CA GLY C 461 -18.44 20.38 4.53
C GLY C 461 -17.47 20.14 3.40
N LEU C 462 -17.67 19.08 2.62
CA LEU C 462 -16.78 18.76 1.52
C LEU C 462 -17.06 19.57 0.27
N VAL C 463 -17.94 20.58 0.33
CA VAL C 463 -18.37 21.31 -0.85
C VAL C 463 -17.92 22.75 -0.75
N ASN C 464 -17.45 23.30 -1.87
CA ASN C 464 -17.06 24.71 -1.99
C ASN C 464 -16.15 25.13 -0.84
N ASN C 465 -15.10 24.35 -0.61
CA ASN C 465 -14.27 24.48 0.58
C ASN C 465 -12.87 24.92 0.18
N LYS C 466 -12.48 26.14 0.60
CA LYS C 466 -11.18 26.69 0.19
C LYS C 466 -10.02 25.89 0.76
N ALA C 467 -10.17 25.34 1.98
CA ALA C 467 -9.09 24.56 2.57
C ALA C 467 -8.83 23.28 1.78
N ILE C 468 -9.89 22.63 1.30
CA ILE C 468 -9.72 21.49 0.42
C ILE C 468 -9.13 21.94 -0.91
N GLU C 469 -9.65 23.03 -1.48
CA GLU C 469 -9.14 23.52 -2.76
C GLU C 469 -7.66 23.86 -2.67
N ASP C 470 -7.23 24.45 -1.55
CA ASP C 470 -5.82 24.78 -1.38
C ASP C 470 -4.96 23.52 -1.30
N LEU C 471 -5.33 22.60 -0.40
CA LEU C 471 -4.62 21.34 -0.25
C LEU C 471 -4.48 20.63 -1.58
N LYS C 472 -5.57 20.55 -2.35
CA LYS C 472 -5.51 19.95 -3.67
C LYS C 472 -4.46 20.64 -4.53
N ALA C 473 -4.45 21.97 -4.52
CA ALA C 473 -3.49 22.70 -5.33
C ALA C 473 -2.07 22.36 -4.94
N ASP C 474 -1.79 22.32 -3.63
CA ASP C 474 -0.45 22.00 -3.15
C ASP C 474 -0.02 20.59 -3.54
N VAL C 475 -0.94 19.63 -3.46
CA VAL C 475 -0.61 18.26 -3.84
C VAL C 475 -0.27 18.19 -5.32
N GLU C 476 -1.08 18.86 -6.14
CA GLU C 476 -0.87 18.89 -7.58
C GLU C 476 0.50 19.49 -7.92
N LYS C 477 0.83 20.66 -7.34
CA LYS C 477 2.12 21.27 -7.65
C LYS C 477 3.28 20.39 -7.17
N PHE C 478 3.13 19.78 -5.98
CA PHE C 478 4.10 18.81 -5.49
C PHE C 478 4.26 17.64 -6.46
N SER C 479 3.14 17.02 -6.86
CA SER C 479 3.22 15.79 -7.64
C SER C 479 3.89 16.02 -8.97
N ALA C 480 3.63 17.18 -9.57
CA ALA C 480 4.13 17.49 -10.89
C ALA C 480 5.66 17.58 -10.96
N THR C 481 6.33 17.84 -9.82
CA THR C 481 7.79 17.96 -9.82
C THR C 481 8.52 16.64 -10.00
N PHE C 482 7.85 15.50 -9.87
CA PHE C 482 8.54 14.22 -9.92
C PHE C 482 8.43 13.58 -11.29
N ASP C 483 9.45 12.78 -11.60
CA ASP C 483 9.47 11.97 -12.79
C ASP C 483 8.31 10.97 -12.81
N MET C 484 8.03 10.45 -13.98
CA MET C 484 7.06 9.41 -14.34
C MET C 484 7.56 8.37 -15.34
N PRO C 485 7.78 7.14 -14.89
CA PRO C 485 8.11 6.07 -15.82
C PRO C 485 6.89 5.70 -16.68
N GLY C 486 7.17 5.13 -17.86
CA GLY C 486 6.14 4.49 -18.67
C GLY C 486 5.80 5.16 -19.99
N PHE C 487 6.06 6.46 -20.12
CA PHE C 487 5.71 7.17 -21.35
C PHE C 487 6.54 8.44 -21.50
N LEU C 488 6.57 8.98 -22.72
CA LEU C 488 7.28 10.25 -22.99
C LEU C 488 6.51 11.42 -22.39
N VAL C 489 7.04 11.99 -21.31
CA VAL C 489 6.33 13.04 -20.58
C VAL C 489 6.11 14.26 -21.47
N SER C 490 7.12 14.64 -22.27
CA SER C 490 6.97 15.86 -23.04
C SER C 490 5.79 15.78 -24.02
N GLU C 491 5.38 14.58 -24.41
CA GLU C 491 4.30 14.42 -25.38
C GLU C 491 2.90 14.29 -24.77
N MET C 492 2.75 14.30 -23.44
CA MET C 492 1.41 14.13 -22.86
C MET C 492 0.49 15.26 -23.31
N LYS C 493 -0.79 14.93 -23.49
CA LYS C 493 -1.74 15.90 -24.00
C LYS C 493 -2.05 16.96 -22.96
N TYR C 494 -2.15 16.57 -21.70
CA TYR C 494 -2.55 17.46 -20.62
C TYR C 494 -1.37 17.69 -19.66
N LYS C 495 -0.93 18.94 -19.56
CA LYS C 495 0.19 19.32 -18.70
C LYS C 495 -0.15 20.39 -17.67
N ASP C 496 -1.41 20.77 -17.52
CA ASP C 496 -1.80 21.79 -16.54
C ASP C 496 -1.58 21.28 -15.13
N MET D 26 19.42 4.45 -6.09
CA MET D 26 18.26 4.30 -6.97
C MET D 26 18.65 4.81 -8.35
N ASP D 27 18.33 4.05 -9.39
CA ASP D 27 18.54 4.51 -10.76
C ASP D 27 17.74 5.79 -11.00
N PRO D 28 18.19 6.67 -11.89
CA PRO D 28 17.31 7.74 -12.35
C PRO D 28 16.09 7.10 -13.01
N VAL D 29 14.93 7.73 -12.82
CA VAL D 29 13.67 7.13 -13.26
C VAL D 29 13.72 6.82 -14.75
N SER D 30 14.21 7.77 -15.55
CA SER D 30 14.17 7.60 -17.00
C SER D 30 15.02 6.42 -17.45
N VAL D 31 16.10 6.12 -16.72
CA VAL D 31 17.03 5.07 -17.16
C VAL D 31 16.34 3.70 -17.17
N TRP D 32 15.58 3.38 -16.12
CA TRP D 32 14.84 2.11 -16.09
C TRP D 32 13.43 2.23 -16.65
N GLY D 33 12.81 3.40 -16.52
CA GLY D 33 11.37 3.52 -16.72
C GLY D 33 10.92 4.14 -18.03
N ASN D 34 11.82 4.82 -18.75
CA ASN D 34 11.43 5.45 -20.01
C ASN D 34 12.33 5.02 -21.17
N THR D 35 13.13 4.10 -20.97
CA THR D 35 13.94 3.61 -22.08
C THR D 35 13.19 2.54 -22.85
N PRO D 36 13.45 2.41 -24.15
CA PRO D 36 12.69 1.46 -24.98
C PRO D 36 13.11 0.02 -24.74
N LEU D 37 12.15 -0.88 -25.05
CA LEU D 37 12.37 -2.30 -24.87
C LEU D 37 13.60 -2.77 -25.62
N ALA D 38 13.83 -2.23 -26.82
CA ALA D 38 14.97 -2.69 -27.64
C ALA D 38 16.28 -2.62 -26.88
N THR D 39 16.46 -1.63 -26.02
CA THR D 39 17.69 -1.53 -25.24
C THR D 39 17.56 -2.07 -23.81
N VAL D 40 16.37 -1.99 -23.20
CA VAL D 40 16.22 -2.54 -21.85
C VAL D 40 16.35 -4.05 -21.86
N ASP D 41 15.75 -4.72 -22.86
CA ASP D 41 15.73 -6.18 -22.94
C ASP D 41 15.86 -6.60 -24.39
N PRO D 42 17.09 -6.55 -24.94
CA PRO D 42 17.25 -6.91 -26.36
C PRO D 42 16.79 -8.32 -26.71
N GLU D 43 16.92 -9.29 -25.79
CA GLU D 43 16.48 -10.65 -26.12
C GLU D 43 14.97 -10.72 -26.29
N ILE D 44 14.20 -10.09 -25.40
CA ILE D 44 12.74 -10.13 -25.57
C ILE D 44 12.33 -9.32 -26.79
N HIS D 45 12.92 -8.13 -26.96
CA HIS D 45 12.66 -7.36 -28.17
C HIS D 45 12.94 -8.18 -29.41
N ASP D 46 14.02 -8.96 -29.40
CA ASP D 46 14.36 -9.77 -30.56
C ASP D 46 13.33 -10.86 -30.79
N LEU D 47 12.92 -11.53 -29.71
CA LEU D 47 11.93 -12.59 -29.81
C LEU D 47 10.61 -12.05 -30.36
N ILE D 48 10.19 -10.87 -29.90
CA ILE D 48 8.96 -10.27 -30.44
C ILE D 48 9.13 -9.95 -31.91
N GLU D 49 10.29 -9.41 -32.29
CA GLU D 49 10.52 -9.10 -33.70
C GLU D 49 10.45 -10.36 -34.56
N LYS D 50 11.02 -11.47 -34.09
CA LYS D 50 10.89 -12.73 -34.81
C LYS D 50 9.46 -13.22 -34.87
N GLU D 51 8.66 -12.99 -33.82
CA GLU D 51 7.28 -13.45 -33.83
C GLU D 51 6.41 -12.56 -34.72
N LYS D 52 6.70 -11.26 -34.78
CA LYS D 52 6.06 -10.41 -35.77
C LYS D 52 6.36 -10.89 -37.18
N HIS D 53 7.58 -11.38 -37.40
CA HIS D 53 7.97 -11.87 -38.72
C HIS D 53 7.25 -13.18 -39.05
N ARG D 54 7.20 -14.10 -38.08
CA ARG D 54 6.42 -15.32 -38.24
C ARG D 54 4.97 -15.03 -38.59
N GLN D 55 4.38 -13.99 -37.97
CA GLN D 55 2.97 -13.69 -38.20
C GLN D 55 2.68 -13.23 -39.62
N CYS D 56 3.66 -12.68 -40.34
CA CYS D 56 3.40 -12.22 -41.70
C CYS D 56 4.23 -12.91 -42.78
N ARG D 57 4.89 -14.03 -42.48
CA ARG D 57 5.52 -14.88 -43.49
C ARG D 57 4.89 -16.27 -43.54
N GLY D 58 3.70 -16.43 -42.97
CA GLY D 58 3.09 -17.72 -42.89
C GLY D 58 1.59 -17.64 -43.13
N ILE D 59 0.96 -18.81 -43.10
CA ILE D 59 -0.47 -18.92 -43.33
C ILE D 59 -1.12 -19.38 -42.03
N GLU D 60 -1.75 -18.42 -41.36
CA GLU D 60 -2.34 -18.55 -40.03
C GLU D 60 -3.80 -18.96 -40.20
N LEU D 61 -4.09 -20.25 -40.01
CA LEU D 61 -5.42 -20.80 -40.22
C LEU D 61 -6.08 -21.26 -38.93
N ILE D 62 -5.51 -20.91 -37.78
CA ILE D 62 -6.12 -21.24 -36.49
C ILE D 62 -7.40 -20.43 -36.35
N ALA D 63 -8.54 -21.12 -36.22
CA ALA D 63 -9.84 -20.44 -36.29
C ALA D 63 -10.08 -19.52 -35.12
N SER D 64 -9.33 -19.67 -34.02
CA SER D 64 -9.49 -18.84 -32.84
C SER D 64 -8.49 -17.69 -32.79
N GLU D 65 -7.71 -17.49 -33.86
CA GLU D 65 -6.74 -16.41 -33.93
C GLU D 65 -7.22 -15.32 -34.86
N ASN D 66 -6.70 -14.12 -34.61
CA ASN D 66 -6.96 -12.98 -35.46
C ASN D 66 -5.79 -12.03 -35.32
N PHE D 67 -5.78 -10.98 -36.12
CA PHE D 67 -4.76 -9.95 -36.04
C PHE D 67 -5.47 -8.65 -35.65
N THR D 68 -5.20 -8.16 -34.45
CA THR D 68 -5.95 -7.01 -33.99
C THR D 68 -5.29 -5.71 -34.50
N SER D 69 -5.97 -4.60 -34.26
CA SER D 69 -5.56 -3.29 -34.77
C SER D 69 -4.52 -2.61 -33.88
N PHE D 70 -3.65 -1.81 -34.53
CA PHE D 70 -2.65 -1.03 -33.80
C PHE D 70 -3.31 -0.12 -32.77
N ALA D 71 -4.48 0.43 -33.09
CA ALA D 71 -5.20 1.26 -32.12
C ALA D 71 -5.54 0.47 -30.85
N VAL D 72 -5.99 -0.78 -31.03
CA VAL D 72 -6.26 -1.64 -29.88
C VAL D 72 -4.98 -1.90 -29.10
N ILE D 73 -3.88 -2.16 -29.82
CA ILE D 73 -2.62 -2.46 -29.17
C ILE D 73 -2.08 -1.24 -28.39
N GLU D 74 -2.32 -0.03 -28.89
CA GLU D 74 -1.88 1.17 -28.16
C GLU D 74 -2.66 1.35 -26.86
N ALA D 75 -3.96 1.03 -26.87
CA ALA D 75 -4.72 1.12 -25.63
C ALA D 75 -4.31 0.02 -24.67
N LEU D 76 -3.89 -1.12 -25.21
CA LEU D 76 -3.48 -2.27 -24.42
C LEU D 76 -2.19 -2.00 -23.68
N GLY D 77 -1.19 -1.47 -24.38
CA GLY D 77 0.03 -1.05 -23.73
C GLY D 77 -0.01 0.42 -23.39
N SER D 78 -0.64 0.77 -22.27
CA SER D 78 -0.81 2.14 -21.86
C SER D 78 -0.81 2.22 -20.34
N ALA D 79 -0.78 3.46 -19.83
CA ALA D 79 -0.80 3.71 -18.39
C ALA D 79 -2.03 3.14 -17.70
N LEU D 80 -3.02 2.64 -18.44
CA LEU D 80 -4.19 2.05 -17.80
C LEU D 80 -3.81 0.83 -16.95
N THR D 81 -2.72 0.15 -17.32
CA THR D 81 -2.23 -0.98 -16.55
C THR D 81 -1.83 -0.61 -15.12
N ASN D 82 -1.58 0.69 -14.81
CA ASN D 82 -1.11 1.07 -13.48
C ASN D 82 -2.22 1.25 -12.45
N LYS D 83 -3.48 1.17 -12.83
CA LYS D 83 -4.59 1.59 -11.97
C LYS D 83 -5.31 0.38 -11.39
N TYR D 84 -5.35 0.28 -10.06
CA TYR D 84 -6.33 -0.60 -9.39
C TYR D 84 -7.70 0.04 -9.25
N SER D 85 -8.74 -0.73 -9.56
CA SER D 85 -10.11 -0.22 -9.59
C SER D 85 -11.10 -1.34 -9.26
N GLU D 86 -10.86 -2.04 -8.17
CA GLU D 86 -11.75 -3.09 -7.71
C GLU D 86 -13.18 -2.57 -7.57
N GLY D 87 -14.16 -3.41 -7.92
CA GLY D 87 -15.54 -3.00 -7.83
C GLY D 87 -16.09 -2.60 -9.18
N MET D 88 -17.08 -1.71 -9.20
CA MET D 88 -17.75 -1.33 -10.43
C MET D 88 -17.75 0.18 -10.58
N PRO D 89 -17.89 0.68 -11.81
CA PRO D 89 -18.03 2.13 -12.00
C PRO D 89 -19.04 2.74 -11.03
N GLY D 90 -18.62 3.80 -10.35
CA GLY D 90 -19.52 4.44 -9.42
C GLY D 90 -19.61 3.72 -8.09
N ASN D 91 -19.26 2.42 -8.07
CA ASN D 91 -19.33 1.59 -6.86
C ASN D 91 -17.95 0.93 -6.67
N ARG D 92 -16.94 1.76 -6.39
CA ARG D 92 -15.56 1.32 -6.30
C ARG D 92 -15.13 1.16 -4.85
N TYR D 93 -14.02 0.44 -4.65
CA TYR D 93 -13.50 0.24 -3.30
C TYR D 93 -12.60 1.39 -2.85
N TYR D 94 -12.05 2.17 -3.78
CA TYR D 94 -11.20 3.30 -3.39
C TYR D 94 -11.23 4.32 -4.52
N GLY D 95 -10.58 5.46 -4.30
CA GLY D 95 -10.72 6.60 -5.17
C GLY D 95 -9.82 6.56 -6.39
N GLY D 96 -9.72 7.72 -7.04
CA GLY D 96 -8.86 7.90 -8.19
C GLY D 96 -9.40 7.34 -9.49
N ASN D 97 -10.67 6.95 -9.52
CA ASN D 97 -11.23 6.23 -10.64
C ASN D 97 -12.07 7.11 -11.56
N GLU D 98 -11.84 8.43 -11.53
CA GLU D 98 -12.63 9.37 -12.33
CA GLU D 98 -12.63 9.36 -12.34
C GLU D 98 -12.65 8.95 -13.80
N PHE D 99 -11.46 8.69 -14.38
CA PHE D 99 -11.39 8.37 -15.80
C PHE D 99 -11.53 6.87 -16.07
N ILE D 100 -11.07 6.01 -15.16
CA ILE D 100 -11.28 4.58 -15.35
C ILE D 100 -12.77 4.26 -15.41
N ASP D 101 -13.58 4.93 -14.58
CA ASP D 101 -15.02 4.71 -14.64
C ASP D 101 -15.58 5.10 -16.00
N GLN D 102 -15.10 6.20 -16.56
CA GLN D 102 -15.60 6.62 -17.87
C GLN D 102 -15.22 5.64 -18.95
N ILE D 103 -13.99 5.10 -18.89
CA ILE D 103 -13.60 4.11 -19.89
C ILE D 103 -14.45 2.86 -19.75
N GLU D 104 -14.64 2.37 -18.52
CA GLU D 104 -15.40 1.15 -18.34
C GLU D 104 -16.86 1.35 -18.75
N ASN D 105 -17.47 2.46 -18.31
CA ASN D 105 -18.82 2.80 -18.74
C ASN D 105 -18.90 2.91 -20.26
N LEU D 106 -17.89 3.52 -20.88
CA LEU D 106 -17.84 3.60 -22.34
C LEU D 106 -17.74 2.22 -22.96
N CYS D 107 -16.96 1.33 -22.34
CA CYS D 107 -16.81 -0.02 -22.90
C CYS D 107 -18.13 -0.78 -22.85
N ARG D 108 -18.84 -0.68 -21.73
CA ARG D 108 -20.13 -1.36 -21.58
C ARG D 108 -21.14 -0.84 -22.60
N SER D 109 -21.30 0.49 -22.71
CA SER D 109 -22.23 1.04 -23.70
C SER D 109 -21.91 0.56 -25.10
N ARG D 110 -20.64 0.57 -25.47
CA ARG D 110 -20.27 0.13 -26.81
C ARG D 110 -20.49 -1.36 -27.01
N ALA D 111 -20.34 -2.15 -25.94
CA ALA D 111 -20.63 -3.58 -26.04
C ALA D 111 -22.11 -3.79 -26.37
N LEU D 112 -22.99 -3.10 -25.64
CA LEU D 112 -24.41 -3.24 -25.91
C LEU D 112 -24.77 -2.76 -27.32
N GLN D 113 -24.13 -1.68 -27.78
CA GLN D 113 -24.44 -1.15 -29.11
C GLN D 113 -23.87 -2.04 -30.20
N ALA D 114 -22.67 -2.60 -29.98
CA ALA D 114 -22.09 -3.47 -30.99
C ALA D 114 -22.98 -4.68 -31.29
N PHE D 115 -23.75 -5.13 -30.30
CA PHE D 115 -24.63 -6.29 -30.46
C PHE D 115 -26.11 -5.89 -30.50
N HIS D 116 -26.40 -4.60 -30.67
CA HIS D 116 -27.75 -4.11 -30.93
C HIS D 116 -28.71 -4.52 -29.81
N LEU D 117 -28.31 -4.23 -28.59
CA LEU D 117 -29.07 -4.60 -27.40
C LEU D 117 -29.59 -3.34 -26.70
N ASP D 118 -30.86 -3.38 -26.30
CA ASP D 118 -31.44 -2.35 -25.47
C ASP D 118 -30.93 -2.46 -24.03
N ALA D 119 -30.31 -1.39 -23.52
CA ALA D 119 -29.80 -1.37 -22.15
C ALA D 119 -30.89 -1.60 -21.11
N GLN D 120 -32.16 -1.55 -21.50
CA GLN D 120 -33.24 -1.93 -20.62
C GLN D 120 -33.42 -3.43 -20.49
N SER D 121 -32.92 -4.19 -21.45
CA SER D 121 -33.13 -5.63 -21.47
C SER D 121 -31.84 -6.42 -21.35
N TRP D 122 -30.69 -5.74 -21.38
CA TRP D 122 -29.39 -6.40 -21.39
C TRP D 122 -28.41 -5.53 -20.62
N GLY D 123 -27.64 -6.15 -19.74
CA GLY D 123 -26.49 -5.53 -19.14
C GLY D 123 -25.25 -6.31 -19.55
N VAL D 124 -24.08 -5.80 -19.19
CA VAL D 124 -22.86 -6.49 -19.59
C VAL D 124 -21.81 -6.21 -18.54
N ASN D 125 -20.99 -7.21 -18.26
CA ASN D 125 -19.80 -7.05 -17.43
C ASN D 125 -18.58 -7.27 -18.32
N VAL D 126 -17.67 -6.29 -18.35
CA VAL D 126 -16.53 -6.33 -19.26
C VAL D 126 -15.21 -6.59 -18.54
N GLN D 127 -15.27 -6.96 -17.26
CA GLN D 127 -14.05 -7.22 -16.50
C GLN D 127 -13.43 -8.62 -16.64
N PRO D 128 -14.12 -9.65 -17.16
CA PRO D 128 -13.48 -10.98 -17.23
C PRO D 128 -12.14 -10.92 -17.92
N TYR D 129 -11.14 -11.57 -17.32
CA TYR D 129 -9.78 -11.49 -17.84
C TYR D 129 -9.69 -12.11 -19.22
N SER D 130 -10.53 -13.10 -19.50
CA SER D 130 -10.45 -13.83 -20.75
C SER D 130 -11.75 -14.62 -20.90
N GLY D 131 -11.82 -15.48 -21.93
CA GLY D 131 -13.05 -16.22 -22.18
C GLY D 131 -13.35 -17.30 -21.15
N SER D 132 -12.35 -18.13 -20.81
CA SER D 132 -12.58 -19.11 -19.74
C SER D 132 -12.99 -18.48 -18.42
N PRO D 133 -12.34 -17.42 -17.92
CA PRO D 133 -12.84 -16.77 -16.70
C PRO D 133 -14.26 -16.23 -16.83
N ALA D 134 -14.65 -15.72 -17.99
CA ALA D 134 -16.01 -15.20 -18.15
C ALA D 134 -17.04 -16.33 -18.00
N ASN D 135 -16.75 -17.51 -18.56
CA ASN D 135 -17.68 -18.64 -18.43
C ASN D 135 -17.76 -19.11 -16.98
N PHE D 136 -16.60 -19.28 -16.32
CA PHE D 136 -16.61 -19.77 -14.95
C PHE D 136 -17.28 -18.77 -14.02
N ALA D 137 -17.07 -17.46 -14.24
CA ALA D 137 -17.81 -16.47 -13.46
C ALA D 137 -19.31 -16.55 -13.73
N ALA D 138 -19.68 -16.77 -15.00
CA ALA D 138 -21.10 -16.95 -15.32
C ALA D 138 -21.69 -18.15 -14.58
N TYR D 139 -21.00 -19.29 -14.58
CA TYR D 139 -21.49 -20.46 -13.86
C TYR D 139 -21.60 -20.17 -12.37
N THR D 140 -20.56 -19.53 -11.82
CA THR D 140 -20.54 -19.19 -10.40
C THR D 140 -21.72 -18.29 -10.02
N ALA D 141 -22.11 -17.37 -10.90
CA ALA D 141 -23.20 -16.44 -10.60
C ALA D 141 -24.55 -17.15 -10.45
N VAL D 142 -24.86 -18.06 -11.36
CA VAL D 142 -26.22 -18.59 -11.44
C VAL D 142 -26.33 -20.03 -10.94
N LEU D 143 -25.22 -20.67 -10.57
CA LEU D 143 -25.22 -22.08 -10.17
C LEU D 143 -24.55 -22.25 -8.81
N ASN D 144 -25.04 -23.24 -8.04
CA ASN D 144 -24.30 -23.65 -6.87
C ASN D 144 -23.30 -24.73 -7.24
N PRO D 145 -22.26 -24.95 -6.44
CA PRO D 145 -21.38 -26.10 -6.70
C PRO D 145 -22.18 -27.39 -6.85
N HIS D 146 -21.72 -28.27 -7.73
CA HIS D 146 -22.29 -29.56 -8.11
C HIS D 146 -23.58 -29.47 -8.92
N ASP D 147 -24.07 -28.27 -9.25
CA ASP D 147 -25.22 -28.19 -10.16
C ASP D 147 -24.87 -28.79 -11.52
N ARG D 148 -25.90 -29.26 -12.23
CA ARG D 148 -25.70 -29.95 -13.50
C ARG D 148 -25.64 -28.99 -14.68
N ILE D 149 -24.70 -29.27 -15.58
CA ILE D 149 -24.48 -28.48 -16.79
C ILE D 149 -24.37 -29.42 -17.97
N MET D 150 -24.91 -29.02 -19.12
CA MET D 150 -24.65 -29.68 -20.39
C MET D 150 -24.08 -28.72 -21.43
N GLY D 151 -23.10 -29.22 -22.18
CA GLY D 151 -22.49 -28.47 -23.26
C GLY D 151 -22.10 -29.42 -24.37
N LEU D 152 -21.71 -28.83 -25.50
CA LEU D 152 -21.32 -29.61 -26.68
C LEU D 152 -20.04 -30.39 -26.39
N ASP D 153 -20.07 -31.69 -26.72
CA ASP D 153 -18.94 -32.58 -26.50
C ASP D 153 -17.71 -32.07 -27.24
N LEU D 154 -16.54 -32.26 -26.61
CA LEU D 154 -15.30 -31.83 -27.27
C LEU D 154 -15.05 -32.59 -28.58
N PRO D 155 -15.10 -33.93 -28.62
CA PRO D 155 -15.12 -34.62 -29.92
C PRO D 155 -16.10 -34.04 -30.93
N SER D 156 -17.20 -33.43 -30.49
CA SER D 156 -18.20 -32.88 -31.40
C SER D 156 -18.01 -31.39 -31.67
N GLY D 157 -16.92 -30.80 -31.20
CA GLY D 157 -16.61 -29.41 -31.50
C GLY D 157 -16.82 -28.42 -30.37
N GLY D 158 -17.05 -28.89 -29.13
CA GLY D 158 -17.25 -28.02 -27.99
C GLY D 158 -15.95 -27.60 -27.34
N HIS D 159 -16.06 -26.74 -26.34
CA HIS D 159 -14.90 -26.18 -25.68
C HIS D 159 -14.70 -26.82 -24.30
N LEU D 160 -13.45 -26.75 -23.83
CA LEU D 160 -13.09 -27.37 -22.55
C LEU D 160 -13.93 -26.81 -21.41
N THR D 161 -14.11 -25.49 -21.37
CA THR D 161 -14.89 -24.84 -20.31
C THR D 161 -16.36 -25.22 -20.32
N HIS D 162 -16.85 -25.90 -21.36
CA HIS D 162 -18.22 -26.36 -21.35
C HIS D 162 -18.39 -27.70 -20.62
N GLY D 163 -17.30 -28.26 -20.10
CA GLY D 163 -17.30 -29.54 -19.39
C GLY D 163 -16.46 -30.54 -20.15
N TYR D 164 -15.61 -31.26 -19.41
CA TYR D 164 -14.83 -32.33 -20.03
C TYR D 164 -14.29 -33.29 -18.99
N TYR D 165 -14.69 -34.56 -19.08
CA TYR D 165 -14.00 -35.63 -18.39
C TYR D 165 -13.67 -36.73 -19.41
N THR D 166 -12.69 -37.57 -19.05
CA THR D 166 -12.19 -38.63 -19.91
C THR D 166 -13.03 -39.90 -19.77
N SER D 167 -12.77 -40.86 -20.67
CA SER D 167 -13.44 -42.15 -20.61
C SER D 167 -13.12 -42.89 -19.30
N GLY D 168 -11.98 -42.60 -18.69
CA GLY D 168 -11.72 -43.17 -17.39
C GLY D 168 -12.31 -42.41 -16.23
N GLY D 169 -13.17 -41.44 -16.51
CA GLY D 169 -13.74 -40.63 -15.44
C GLY D 169 -12.83 -39.54 -14.92
N LYS D 170 -11.66 -39.32 -15.54
CA LYS D 170 -10.76 -38.27 -15.09
C LYS D 170 -11.35 -36.91 -15.44
N LYS D 171 -11.66 -36.12 -14.41
CA LYS D 171 -12.25 -34.79 -14.59
C LYS D 171 -11.18 -33.81 -15.06
N ILE D 172 -11.40 -33.19 -16.22
CA ILE D 172 -10.35 -32.38 -16.84
C ILE D 172 -10.66 -30.89 -16.65
N SER D 173 -11.75 -30.43 -17.26
CA SER D 173 -12.20 -29.06 -17.09
C SER D 173 -12.56 -28.76 -15.64
N ALA D 174 -12.28 -27.52 -15.21
CA ALA D 174 -12.79 -27.09 -13.90
C ALA D 174 -14.31 -27.05 -13.88
N THR D 175 -14.95 -26.88 -15.04
CA THR D 175 -16.40 -26.98 -15.11
C THR D 175 -16.88 -28.36 -14.65
N SER D 176 -16.14 -29.42 -14.99
CA SER D 176 -16.48 -30.76 -14.53
C SER D 176 -15.94 -31.07 -13.13
N ILE D 177 -14.99 -30.28 -12.61
CA ILE D 177 -14.51 -30.47 -11.25
C ILE D 177 -15.47 -29.87 -10.25
N TYR D 178 -15.94 -28.65 -10.50
CA TYR D 178 -16.74 -27.94 -9.52
C TYR D 178 -18.24 -28.05 -9.79
N PHE D 179 -18.63 -28.48 -10.98
CA PHE D 179 -20.03 -28.72 -11.34
C PHE D 179 -20.14 -30.13 -11.91
N GLU D 180 -21.38 -30.54 -12.23
CA GLU D 180 -21.69 -31.89 -12.71
C GLU D 180 -22.07 -31.79 -14.19
N SER D 181 -21.17 -32.21 -15.07
CA SER D 181 -21.38 -31.95 -16.48
C SER D 181 -21.76 -33.22 -17.24
N LEU D 182 -22.53 -33.05 -18.32
CA LEU D 182 -22.81 -34.12 -19.26
C LEU D 182 -22.81 -33.54 -20.66
N PRO D 183 -22.07 -34.13 -21.60
CA PRO D 183 -22.00 -33.58 -22.95
C PRO D 183 -23.10 -34.08 -23.88
N TYR D 184 -23.45 -33.23 -24.85
CA TYR D 184 -24.28 -33.64 -25.99
C TYR D 184 -23.45 -33.57 -27.26
N LYS D 185 -23.84 -34.39 -28.25
CA LYS D 185 -22.97 -34.68 -29.38
C LYS D 185 -23.62 -34.25 -30.69
N VAL D 186 -22.79 -34.21 -31.73
CA VAL D 186 -23.30 -34.12 -33.10
C VAL D 186 -23.75 -35.49 -33.57
N ASN D 187 -24.64 -35.49 -34.55
CA ASN D 187 -25.09 -36.74 -35.16
C ASN D 187 -23.90 -37.43 -35.81
N SER D 188 -23.74 -38.72 -35.52
CA SER D 188 -22.54 -39.45 -35.93
C SER D 188 -22.46 -39.65 -37.44
N THR D 189 -23.57 -39.48 -38.16
CA THR D 189 -23.59 -39.65 -39.61
C THR D 189 -23.55 -38.33 -40.36
N THR D 190 -24.23 -37.29 -39.86
CA THR D 190 -24.32 -36.03 -40.58
C THR D 190 -23.39 -34.94 -40.06
N GLY D 191 -22.97 -35.01 -38.80
CA GLY D 191 -22.16 -33.97 -38.19
C GLY D 191 -22.94 -32.79 -37.66
N TYR D 192 -24.25 -32.75 -37.86
CA TYR D 192 -25.06 -31.69 -37.27
C TYR D 192 -25.41 -32.03 -35.83
N ILE D 193 -25.73 -30.99 -35.06
CA ILE D 193 -26.22 -31.21 -33.71
C ILE D 193 -27.48 -32.05 -33.77
N ASP D 194 -27.50 -33.13 -32.99
CA ASP D 194 -28.67 -33.99 -32.90
C ASP D 194 -29.59 -33.37 -31.86
N TYR D 195 -30.53 -32.55 -32.32
CA TYR D 195 -31.37 -31.84 -31.35
C TYR D 195 -32.32 -32.81 -30.64
N ASP D 196 -32.72 -33.89 -31.30
CA ASP D 196 -33.60 -34.84 -30.65
C ASP D 196 -32.89 -35.57 -29.51
N ARG D 197 -31.66 -36.03 -29.76
CA ARG D 197 -30.92 -36.71 -28.71
C ARG D 197 -30.52 -35.73 -27.61
N LEU D 198 -30.32 -34.45 -27.94
CA LEU D 198 -30.06 -33.45 -26.90
C LEU D 198 -31.29 -33.27 -26.01
N GLU D 199 -32.48 -33.23 -26.63
CA GLU D 199 -33.69 -33.10 -25.82
C GLU D 199 -33.84 -34.29 -24.88
N GLU D 200 -33.61 -35.50 -25.39
CA GLU D 200 -33.76 -36.68 -24.54
C GLU D 200 -32.78 -36.62 -23.37
N LYS D 201 -31.51 -36.30 -23.66
CA LYS D 201 -30.52 -36.25 -22.59
C LYS D 201 -30.88 -35.19 -21.56
N ALA D 202 -31.37 -34.02 -22.00
CA ALA D 202 -31.69 -32.97 -21.03
C ALA D 202 -32.89 -33.34 -20.17
N LEU D 203 -33.85 -34.08 -20.74
CA LEU D 203 -34.95 -34.54 -19.89
C LEU D 203 -34.50 -35.61 -18.91
N ASP D 204 -33.49 -36.43 -19.27
CA ASP D 204 -32.99 -37.43 -18.33
C ASP D 204 -32.16 -36.78 -17.21
N PHE D 205 -31.19 -35.95 -17.60
CA PHE D 205 -30.16 -35.38 -16.73
C PHE D 205 -30.69 -34.21 -15.90
N ARG D 206 -31.60 -33.43 -16.46
CA ARG D 206 -32.18 -32.25 -15.80
C ARG D 206 -31.10 -31.21 -15.44
N PRO D 207 -30.35 -30.73 -16.42
CA PRO D 207 -29.33 -29.72 -16.14
C PRO D 207 -29.94 -28.43 -15.62
N LYS D 208 -29.22 -27.76 -14.73
CA LYS D 208 -29.63 -26.42 -14.34
C LYS D 208 -29.23 -25.39 -15.39
N LEU D 209 -28.26 -25.73 -16.24
CA LEU D 209 -27.74 -24.83 -17.24
C LEU D 209 -27.35 -25.64 -18.48
N ILE D 210 -27.85 -25.24 -19.65
CA ILE D 210 -27.42 -25.78 -20.94
C ILE D 210 -26.60 -24.73 -21.66
N ILE D 211 -25.46 -25.12 -22.21
CA ILE D 211 -24.57 -24.22 -22.95
C ILE D 211 -24.68 -24.56 -24.42
N CYS D 212 -24.86 -23.53 -25.26
CA CYS D 212 -24.72 -23.65 -26.71
C CYS D 212 -23.57 -22.78 -27.17
N GLY D 213 -23.14 -22.98 -28.41
CA GLY D 213 -21.88 -22.45 -28.88
C GLY D 213 -20.76 -23.48 -28.75
N GLY D 214 -19.73 -23.31 -29.57
CA GLY D 214 -18.67 -24.30 -29.63
C GLY D 214 -17.47 -23.75 -30.34
N SER D 215 -16.44 -24.60 -30.44
CA SER D 215 -15.15 -24.16 -30.98
C SER D 215 -14.88 -24.66 -32.38
N ALA D 216 -15.55 -25.72 -32.83
CA ALA D 216 -15.24 -26.31 -34.12
C ALA D 216 -16.52 -26.82 -34.78
N TYR D 217 -17.62 -26.10 -34.60
CA TYR D 217 -18.87 -26.47 -35.25
C TYR D 217 -19.04 -25.61 -36.50
N PRO D 218 -19.12 -26.21 -37.68
CA PRO D 218 -19.15 -25.40 -38.92
C PRO D 218 -20.53 -24.91 -39.34
N ARG D 219 -21.55 -24.97 -38.47
CA ARG D 219 -22.89 -24.55 -38.85
C ARG D 219 -23.44 -23.56 -37.83
N ASP D 220 -24.52 -22.88 -38.22
CA ASP D 220 -25.21 -22.04 -37.25
C ASP D 220 -26.02 -22.89 -36.27
N TRP D 221 -26.52 -22.22 -35.24
CA TRP D 221 -27.18 -22.84 -34.10
C TRP D 221 -28.65 -22.43 -34.10
N ASP D 222 -29.53 -23.39 -33.83
CA ASP D 222 -30.96 -23.13 -33.67
C ASP D 222 -31.21 -22.75 -32.22
N TYR D 223 -31.03 -21.46 -31.90
CA TYR D 223 -31.26 -20.99 -30.53
C TYR D 223 -32.73 -21.09 -30.14
N LYS D 224 -33.64 -20.95 -31.10
CA LYS D 224 -35.06 -21.14 -30.80
C LYS D 224 -35.33 -22.55 -30.28
N ARG D 225 -34.72 -23.55 -30.92
CA ARG D 225 -34.90 -24.93 -30.43
C ARG D 225 -34.20 -25.13 -29.10
N PHE D 226 -33.00 -24.56 -28.92
CA PHE D 226 -32.36 -24.61 -27.61
C PHE D 226 -33.25 -24.00 -26.55
N ARG D 227 -33.93 -22.90 -26.87
CA ARG D 227 -34.85 -22.32 -25.89
C ARG D 227 -36.02 -23.28 -25.62
N GLU D 228 -36.50 -23.98 -26.65
CA GLU D 228 -37.58 -24.93 -26.41
C GLU D 228 -37.13 -26.04 -25.46
N ILE D 229 -35.96 -26.61 -25.72
CA ILE D 229 -35.44 -27.67 -24.85
C ILE D 229 -35.26 -27.16 -23.42
N ALA D 230 -34.60 -26.01 -23.28
CA ALA D 230 -34.38 -25.45 -21.94
C ALA D 230 -35.70 -25.23 -21.21
N ASP D 231 -36.70 -24.70 -21.91
CA ASP D 231 -37.97 -24.42 -21.23
C ASP D 231 -38.67 -25.72 -20.84
N LYS D 232 -38.53 -26.75 -21.69
CA LYS D 232 -39.13 -28.03 -21.38
C LYS D 232 -38.54 -28.63 -20.12
N CYS D 233 -37.21 -28.57 -19.97
CA CYS D 233 -36.56 -29.22 -18.83
C CYS D 233 -36.31 -28.30 -17.65
N GLY D 234 -36.53 -27.00 -17.80
CA GLY D 234 -36.38 -26.07 -16.69
C GLY D 234 -34.98 -25.50 -16.49
N ALA D 235 -34.15 -25.47 -17.51
CA ALA D 235 -32.76 -25.05 -17.40
C ALA D 235 -32.58 -23.60 -17.83
N LEU D 236 -31.55 -22.96 -17.30
CA LEU D 236 -31.06 -21.72 -17.88
C LEU D 236 -30.35 -22.03 -19.19
N LEU D 237 -30.30 -21.05 -20.09
CA LEU D 237 -29.71 -21.23 -21.41
C LEU D 237 -28.66 -20.18 -21.64
N LEU D 238 -27.41 -20.62 -21.89
CA LEU D 238 -26.26 -19.75 -22.03
C LEU D 238 -25.59 -20.04 -23.36
N CYS D 239 -25.26 -18.99 -24.09
CA CYS D 239 -24.52 -19.15 -25.33
C CYS D 239 -23.12 -18.60 -25.14
N ASP D 240 -22.12 -19.43 -25.43
CA ASP D 240 -20.73 -19.02 -25.49
C ASP D 240 -20.44 -18.75 -26.97
N MET D 241 -20.58 -17.48 -27.36
CA MET D 241 -20.40 -17.05 -28.75
C MET D 241 -18.97 -16.67 -29.09
N ALA D 242 -17.99 -17.14 -28.31
CA ALA D 242 -16.61 -16.67 -28.46
C ALA D 242 -16.13 -16.75 -29.91
N HIS D 243 -16.49 -17.81 -30.62
CA HIS D 243 -15.88 -18.02 -31.94
C HIS D 243 -16.51 -17.16 -33.02
N THR D 244 -17.80 -16.91 -32.95
CA THR D 244 -18.52 -16.18 -33.99
C THR D 244 -18.99 -14.82 -33.51
N SER D 245 -18.45 -14.33 -32.40
CA SER D 245 -18.89 -13.05 -31.84
CA SER D 245 -18.86 -13.05 -31.83
C SER D 245 -18.81 -11.94 -32.87
N GLY D 246 -17.79 -11.94 -33.71
CA GLY D 246 -17.70 -10.91 -34.75
C GLY D 246 -18.81 -11.04 -35.77
N LEU D 247 -19.15 -12.28 -36.14
CA LEU D 247 -20.26 -12.47 -37.07
C LEU D 247 -21.59 -12.10 -36.42
N VAL D 248 -21.72 -12.30 -35.11
CA VAL D 248 -22.96 -11.93 -34.42
C VAL D 248 -23.14 -10.42 -34.38
N ALA D 249 -22.07 -9.68 -34.05
CA ALA D 249 -22.17 -8.23 -33.99
C ALA D 249 -22.57 -7.67 -35.35
N ALA D 250 -22.00 -8.23 -36.41
CA ALA D 250 -22.30 -7.80 -37.77
C ALA D 250 -23.62 -8.33 -38.29
N GLN D 251 -24.36 -9.09 -37.46
CA GLN D 251 -25.65 -9.66 -37.84
C GLN D 251 -25.52 -10.57 -39.07
N GLU D 252 -24.46 -11.38 -39.12
CA GLU D 252 -24.21 -12.30 -40.21
C GLU D 252 -24.54 -13.75 -39.86
N VAL D 253 -24.79 -14.04 -38.58
CA VAL D 253 -25.25 -15.34 -38.14
C VAL D 253 -26.41 -15.08 -37.18
N ASN D 254 -27.08 -16.17 -36.79
CA ASN D 254 -28.16 -16.08 -35.83
C ASN D 254 -27.68 -15.39 -34.55
N SER D 255 -28.53 -14.53 -34.00
CA SER D 255 -28.24 -13.84 -32.75
C SER D 255 -28.69 -14.69 -31.58
N PRO D 256 -27.80 -15.05 -30.64
CA PRO D 256 -28.25 -15.79 -29.46
C PRO D 256 -29.04 -14.95 -28.48
N PHE D 257 -28.99 -13.61 -28.59
CA PHE D 257 -29.70 -12.78 -27.63
C PHE D 257 -31.22 -12.89 -27.76
N GLU D 258 -31.71 -13.36 -28.90
CA GLU D 258 -33.15 -13.58 -29.06
C GLU D 258 -33.67 -14.62 -28.07
N TYR D 259 -32.86 -15.62 -27.74
CA TYR D 259 -33.37 -16.76 -26.99
C TYR D 259 -32.59 -17.10 -25.72
N CYS D 260 -31.37 -16.61 -25.53
CA CYS D 260 -30.55 -17.02 -24.40
C CYS D 260 -30.70 -16.08 -23.22
N ASP D 261 -30.52 -16.63 -22.00
CA ASP D 261 -30.50 -15.84 -20.76
C ASP D 261 -29.19 -15.09 -20.59
N ILE D 262 -28.09 -15.74 -20.93
CA ILE D 262 -26.75 -15.22 -20.71
C ILE D 262 -25.96 -15.51 -21.97
N VAL D 263 -25.13 -14.54 -22.40
CA VAL D 263 -24.21 -14.74 -23.51
C VAL D 263 -22.81 -14.33 -23.06
N THR D 264 -21.85 -15.23 -23.20
CA THR D 264 -20.45 -14.98 -22.88
C THR D 264 -19.65 -14.98 -24.17
N THR D 265 -18.47 -14.38 -24.11
CA THR D 265 -17.63 -14.35 -25.30
C THR D 265 -16.22 -13.97 -24.90
N THR D 266 -15.26 -14.44 -25.68
CA THR D 266 -13.97 -13.76 -25.76
C THR D 266 -14.09 -12.56 -26.70
N THR D 267 -13.08 -11.71 -26.66
CA THR D 267 -13.06 -10.53 -27.51
C THR D 267 -12.00 -10.58 -28.59
N HIS D 268 -11.17 -11.63 -28.64
CA HIS D 268 -10.00 -11.62 -29.50
C HIS D 268 -10.11 -12.52 -30.72
N LYS D 269 -11.27 -13.15 -30.93
CA LYS D 269 -11.42 -14.05 -32.05
C LYS D 269 -12.02 -13.27 -33.21
N SER D 270 -13.19 -13.66 -33.72
CA SER D 270 -13.78 -12.94 -34.84
CA SER D 270 -13.78 -12.94 -34.84
C SER D 270 -14.11 -11.49 -34.48
N LEU D 271 -14.22 -11.18 -33.19
CA LEU D 271 -14.47 -9.79 -32.80
C LEU D 271 -13.25 -8.91 -33.03
N ARG D 272 -12.07 -9.51 -33.18
CA ARG D 272 -10.84 -8.79 -33.54
C ARG D 272 -10.41 -7.79 -32.46
N GLY D 273 -10.50 -8.20 -31.20
CA GLY D 273 -10.14 -7.32 -30.12
C GLY D 273 -8.98 -7.80 -29.29
N PRO D 274 -8.79 -7.19 -28.11
CA PRO D 274 -7.77 -7.69 -27.19
C PRO D 274 -8.22 -9.01 -26.59
N ARG D 275 -7.32 -9.67 -25.87
CA ARG D 275 -7.70 -10.88 -25.15
C ARG D 275 -8.44 -10.46 -23.88
N ALA D 276 -9.74 -10.78 -23.83
CA ALA D 276 -10.61 -10.42 -22.72
C ALA D 276 -11.89 -11.24 -22.84
N GLY D 277 -12.78 -11.07 -21.86
CA GLY D 277 -14.07 -11.72 -21.90
C GLY D 277 -15.15 -10.73 -21.50
N MET D 278 -16.38 -11.06 -21.89
CA MET D 278 -17.56 -10.29 -21.53
C MET D 278 -18.66 -11.25 -21.11
N ILE D 279 -19.52 -10.83 -20.20
CA ILE D 279 -20.74 -11.58 -19.85
C ILE D 279 -21.93 -10.65 -20.07
N PHE D 280 -22.77 -11.00 -21.03
CA PHE D 280 -24.05 -10.34 -21.23
C PHE D 280 -25.15 -11.07 -20.47
N TYR D 281 -26.12 -10.29 -19.96
CA TYR D 281 -27.20 -10.88 -19.18
C TYR D 281 -28.48 -10.08 -19.35
N ARG D 282 -29.61 -10.79 -19.32
CA ARG D 282 -30.92 -10.16 -19.40
C ARG D 282 -31.24 -9.33 -18.16
N LYS D 283 -32.00 -8.26 -18.38
CA LYS D 283 -32.45 -7.37 -17.32
C LYS D 283 -33.93 -7.07 -17.54
N GLY D 284 -34.58 -6.57 -16.50
CA GLY D 284 -35.98 -6.22 -16.60
C GLY D 284 -36.93 -7.41 -16.50
N PRO D 285 -38.15 -7.24 -17.01
CA PRO D 285 -39.20 -8.24 -16.75
C PRO D 285 -38.96 -9.56 -17.49
N LYS D 286 -39.30 -10.66 -16.79
CA LYS D 286 -39.16 -12.02 -17.33
C LYS D 286 -40.31 -12.34 -18.28
N PRO D 287 -40.07 -13.25 -19.23
CA PRO D 287 -41.15 -13.71 -20.12
C PRO D 287 -42.22 -14.47 -19.37
N PRO D 288 -43.39 -14.71 -19.98
CA PRO D 288 -44.45 -15.43 -19.29
C PRO D 288 -44.06 -16.85 -18.93
N LYS D 289 -44.25 -17.19 -17.65
CA LYS D 289 -43.89 -18.51 -17.10
C LYS D 289 -44.99 -19.04 -16.18
N GLU D 294 -46.57 -12.54 -12.65
CA GLU D 294 -46.06 -12.37 -11.31
C GLU D 294 -45.34 -11.04 -11.16
N ASN D 295 -45.16 -10.35 -12.29
CA ASN D 295 -44.29 -9.18 -12.37
C ASN D 295 -42.85 -9.54 -11.97
N ALA D 296 -42.39 -10.70 -12.41
CA ALA D 296 -41.06 -11.19 -12.09
C ALA D 296 -40.02 -10.59 -13.02
N VAL D 297 -38.91 -10.15 -12.45
CA VAL D 297 -37.82 -9.54 -13.21
C VAL D 297 -36.59 -10.43 -13.11
N TYR D 298 -35.72 -10.32 -14.11
CA TYR D 298 -34.46 -11.05 -14.09
C TYR D 298 -33.62 -10.64 -12.88
N ASP D 299 -32.84 -11.60 -12.37
CA ASP D 299 -31.96 -11.38 -11.21
C ASP D 299 -30.50 -11.71 -11.52
N PHE D 300 -30.11 -11.64 -12.79
CA PHE D 300 -28.77 -12.02 -13.22
C PHE D 300 -27.73 -10.95 -12.89
N GLU D 301 -28.11 -9.67 -12.99
CA GLU D 301 -27.15 -8.56 -12.98
C GLU D 301 -26.28 -8.55 -11.73
N ASP D 302 -26.89 -8.43 -10.55
CA ASP D 302 -26.10 -8.37 -9.32
C ASP D 302 -25.28 -9.64 -9.13
N LYS D 303 -25.85 -10.79 -9.51
CA LYS D 303 -25.18 -12.08 -9.33
C LYS D 303 -23.95 -12.19 -10.23
N ILE D 304 -24.07 -11.78 -11.50
CA ILE D 304 -22.95 -11.84 -12.43
C ILE D 304 -21.83 -10.88 -12.00
N ASN D 305 -22.19 -9.64 -11.67
CA ASN D 305 -21.18 -8.66 -11.26
C ASN D 305 -20.45 -9.13 -10.02
N PHE D 306 -21.20 -9.56 -9.01
CA PHE D 306 -20.61 -10.05 -7.77
C PHE D 306 -19.71 -11.26 -8.00
N ALA D 307 -20.09 -12.16 -8.91
CA ALA D 307 -19.26 -13.34 -9.17
C ALA D 307 -17.90 -12.97 -9.75
N VAL D 308 -17.88 -12.05 -10.73
CA VAL D 308 -16.61 -11.56 -11.27
C VAL D 308 -15.78 -10.91 -10.18
N PHE D 309 -16.39 -10.02 -9.38
CA PHE D 309 -15.72 -9.37 -8.26
C PHE D 309 -16.78 -9.00 -7.24
N PRO D 310 -16.63 -9.36 -5.96
CA PRO D 310 -15.40 -9.90 -5.34
C PRO D 310 -15.17 -11.42 -5.40
N SER D 311 -16.07 -12.23 -5.96
CA SER D 311 -15.94 -13.66 -5.77
C SER D 311 -14.72 -14.25 -6.48
N LEU D 312 -14.53 -13.93 -7.76
CA LEU D 312 -13.51 -14.65 -8.53
C LEU D 312 -12.28 -13.84 -8.90
N GLN D 313 -12.43 -12.60 -9.33
CA GLN D 313 -11.28 -11.83 -9.81
C GLN D 313 -10.87 -10.79 -8.79
N GLY D 314 -9.72 -10.17 -9.05
CA GLY D 314 -9.29 -9.03 -8.27
C GLY D 314 -9.51 -7.74 -9.05
N GLY D 315 -8.47 -6.91 -9.15
CA GLY D 315 -8.58 -5.67 -9.90
C GLY D 315 -8.78 -5.95 -11.37
N PRO D 316 -9.69 -5.21 -12.01
CA PRO D 316 -9.83 -5.33 -13.47
C PRO D 316 -8.55 -4.99 -14.18
N HIS D 317 -8.37 -5.56 -15.36
CA HIS D 317 -7.19 -5.20 -16.16
C HIS D 317 -7.61 -4.03 -17.03
N ASN D 318 -7.44 -2.81 -16.52
CA ASN D 318 -8.06 -1.66 -17.18
C ASN D 318 -7.52 -1.41 -18.57
N HIS D 319 -6.27 -1.79 -18.85
CA HIS D 319 -5.75 -1.64 -20.20
C HIS D 319 -6.49 -2.54 -21.20
N GLN D 320 -6.89 -3.75 -20.78
CA GLN D 320 -7.73 -4.60 -21.62
C GLN D 320 -9.09 -3.94 -21.85
N ILE D 321 -9.70 -3.43 -20.79
CA ILE D 321 -11.00 -2.77 -20.90
C ILE D 321 -10.94 -1.59 -21.88
N GLY D 322 -9.91 -0.75 -21.74
CA GLY D 322 -9.77 0.36 -22.68
C GLY D 322 -9.56 -0.11 -24.11
N ALA D 323 -8.67 -1.08 -24.30
CA ALA D 323 -8.46 -1.68 -25.62
C ALA D 323 -9.73 -2.36 -26.14
N LEU D 324 -10.51 -2.94 -25.24
CA LEU D 324 -11.77 -3.56 -25.66
C LEU D 324 -12.74 -2.50 -26.14
N ALA D 325 -12.80 -1.35 -25.46
CA ALA D 325 -13.67 -0.26 -25.89
C ALA D 325 -13.35 0.16 -27.32
N VAL D 326 -12.06 0.23 -27.66
CA VAL D 326 -11.66 0.57 -29.03
C VAL D 326 -12.14 -0.52 -29.98
N ALA D 327 -11.96 -1.79 -29.60
CA ALA D 327 -12.35 -2.88 -30.47
C ALA D 327 -13.87 -2.88 -30.72
N LEU D 328 -14.65 -2.52 -29.71
CA LEU D 328 -16.10 -2.54 -29.89
C LEU D 328 -16.57 -1.39 -30.78
N LYS D 329 -15.92 -0.23 -30.67
CA LYS D 329 -16.19 0.85 -31.61
C LYS D 329 -15.86 0.44 -33.05
N GLN D 330 -14.72 -0.23 -33.23
CA GLN D 330 -14.34 -0.71 -34.55
C GLN D 330 -15.28 -1.79 -35.06
N ALA D 331 -15.84 -2.61 -34.17
CA ALA D 331 -16.78 -3.63 -34.62
C ALA D 331 -18.13 -3.04 -35.03
N ALA D 332 -18.47 -1.84 -34.54
CA ALA D 332 -19.75 -1.20 -34.84
C ALA D 332 -19.69 -0.36 -36.11
N SER D 333 -18.80 -0.69 -37.04
CA SER D 333 -18.53 0.17 -38.17
C SER D 333 -18.89 -0.52 -39.47
N PRO D 334 -19.29 0.23 -40.51
CA PRO D 334 -19.61 -0.41 -41.80
C PRO D 334 -18.48 -1.30 -42.30
N GLY D 335 -17.23 -0.88 -42.11
CA GLY D 335 -16.11 -1.74 -42.50
C GLY D 335 -16.13 -3.09 -41.80
N PHE D 336 -16.59 -3.14 -40.54
CA PHE D 336 -16.54 -4.43 -39.85
C PHE D 336 -17.59 -5.39 -40.41
N LYS D 337 -18.82 -4.90 -40.65
CA LYS D 337 -19.83 -5.74 -41.30
C LYS D 337 -19.29 -6.33 -42.59
N ALA D 338 -18.66 -5.50 -43.42
CA ALA D 338 -18.12 -6.01 -44.68
C ALA D 338 -17.05 -7.05 -44.41
N TYR D 339 -16.29 -6.87 -43.32
CA TYR D 339 -15.30 -7.86 -42.91
C TYR D 339 -15.99 -9.19 -42.55
N ALA D 340 -17.08 -9.11 -41.79
CA ALA D 340 -17.73 -10.34 -41.35
C ALA D 340 -18.29 -11.12 -42.53
N LYS D 341 -18.94 -10.41 -43.46
CA LYS D 341 -19.34 -11.00 -44.74
C LYS D 341 -18.17 -11.66 -45.45
N GLN D 342 -17.01 -11.01 -45.45
CA GLN D 342 -15.88 -11.53 -46.21
C GLN D 342 -15.32 -12.78 -45.54
N VAL D 343 -15.27 -12.80 -44.21
CA VAL D 343 -14.83 -13.99 -43.49
C VAL D 343 -15.66 -15.21 -43.90
N LYS D 344 -16.98 -15.06 -43.92
CA LYS D 344 -17.84 -16.16 -44.34
C LYS D 344 -17.56 -16.55 -45.79
N ALA D 345 -17.53 -15.58 -46.70
CA ALA D 345 -17.29 -15.89 -48.11
C ALA D 345 -15.95 -16.59 -48.32
N ASN D 346 -14.94 -16.25 -47.51
CA ASN D 346 -13.63 -16.86 -47.68
C ASN D 346 -13.64 -18.31 -47.20
N ALA D 347 -14.37 -18.58 -46.11
CA ALA D 347 -14.47 -19.96 -45.62
C ALA D 347 -15.18 -20.84 -46.65
N VAL D 348 -16.32 -20.36 -47.17
CA VAL D 348 -17.01 -21.05 -48.27
C VAL D 348 -16.05 -21.34 -49.41
N ALA D 349 -15.31 -20.32 -49.86
CA ALA D 349 -14.46 -20.46 -51.05
C ALA D 349 -13.35 -21.48 -50.82
N LEU D 350 -12.73 -21.45 -49.65
CA LEU D 350 -11.75 -22.50 -49.33
C LEU D 350 -12.44 -23.85 -49.20
N GLY D 351 -13.69 -23.86 -48.73
CA GLY D 351 -14.40 -25.13 -48.57
C GLY D 351 -14.76 -25.76 -49.89
N ASN D 352 -15.30 -24.97 -50.82
CA ASN D 352 -15.61 -25.47 -52.15
C ASN D 352 -14.36 -26.02 -52.83
N TYR D 353 -13.21 -25.35 -52.64
CA TYR D 353 -11.98 -25.76 -53.31
C TYR D 353 -11.52 -27.13 -52.85
N LEU D 354 -11.40 -27.32 -51.54
CA LEU D 354 -11.02 -28.64 -51.02
C LEU D 354 -12.01 -29.70 -51.47
N MET D 355 -13.29 -29.34 -51.55
CA MET D 355 -14.30 -30.30 -52.01
C MET D 355 -14.14 -30.62 -53.49
N GLY D 356 -13.82 -29.62 -54.30
CA GLY D 356 -13.59 -29.85 -55.71
C GLY D 356 -12.38 -30.70 -56.00
N LYS D 357 -11.47 -30.83 -55.04
CA LYS D 357 -10.34 -31.73 -55.18
C LYS D 357 -10.66 -33.16 -54.73
N GLY D 358 -11.85 -33.37 -54.18
CA GLY D 358 -12.25 -34.67 -53.68
C GLY D 358 -12.27 -34.81 -52.16
N TYR D 359 -12.00 -33.74 -51.42
CA TYR D 359 -11.89 -33.84 -49.97
C TYR D 359 -13.26 -33.72 -49.31
N SER D 360 -13.33 -34.18 -48.06
CA SER D 360 -14.58 -34.28 -47.30
C SER D 360 -14.59 -33.26 -46.17
N LEU D 361 -15.63 -32.41 -46.17
CA LEU D 361 -15.89 -31.49 -45.07
C LEU D 361 -17.01 -32.04 -44.19
N VAL D 362 -16.90 -31.80 -42.88
CA VAL D 362 -17.99 -32.17 -41.99
C VAL D 362 -19.17 -31.24 -42.27
N THR D 363 -20.35 -31.84 -42.49
CA THR D 363 -21.60 -31.23 -42.94
C THR D 363 -21.52 -30.76 -44.37
N GLY D 364 -20.47 -31.13 -45.09
CA GLY D 364 -20.40 -30.77 -46.50
C GLY D 364 -20.29 -29.28 -46.80
N GLY D 365 -19.80 -28.48 -45.86
CA GLY D 365 -19.69 -27.05 -46.14
C GLY D 365 -19.50 -26.28 -44.85
N THR D 366 -19.82 -25.00 -44.91
CA THR D 366 -19.80 -24.17 -43.71
C THR D 366 -20.81 -23.04 -43.84
N GLU D 367 -21.28 -22.59 -42.68
CA GLU D 367 -22.08 -21.37 -42.52
C GLU D 367 -21.38 -20.36 -41.61
N ASN D 368 -20.13 -20.60 -41.25
CA ASN D 368 -19.46 -19.59 -40.44
C ASN D 368 -18.02 -19.37 -40.92
N HIS D 369 -17.11 -19.13 -39.98
CA HIS D 369 -15.75 -18.72 -40.27
C HIS D 369 -14.79 -19.89 -40.44
N LEU D 370 -15.24 -21.13 -40.25
CA LEU D 370 -14.32 -22.26 -40.23
C LEU D 370 -14.82 -23.38 -41.12
N VAL D 371 -13.89 -24.29 -41.44
CA VAL D 371 -14.24 -25.56 -42.07
C VAL D 371 -13.55 -26.69 -41.32
N LEU D 372 -14.24 -27.82 -41.21
CA LEU D 372 -13.76 -29.02 -40.52
C LEU D 372 -13.48 -30.06 -41.58
N TRP D 373 -12.21 -30.43 -41.74
CA TRP D 373 -11.74 -31.22 -42.88
C TRP D 373 -11.61 -32.68 -42.46
N ASP D 374 -12.50 -33.54 -42.97
CA ASP D 374 -12.50 -34.97 -42.66
C ASP D 374 -11.39 -35.67 -43.44
N LEU D 375 -10.36 -36.12 -42.72
CA LEU D 375 -9.23 -36.83 -43.33
C LEU D 375 -9.31 -38.33 -43.18
N ARG D 376 -10.34 -38.85 -42.50
CA ARG D 376 -10.51 -40.29 -42.39
C ARG D 376 -10.56 -40.99 -43.76
N PRO D 377 -11.25 -40.47 -44.79
CA PRO D 377 -11.16 -41.10 -46.11
C PRO D 377 -9.74 -41.28 -46.65
N LEU D 378 -8.82 -40.37 -46.36
CA LEU D 378 -7.47 -40.43 -46.91
C LEU D 378 -6.53 -41.30 -46.07
N GLY D 379 -7.02 -41.96 -45.04
CA GLY D 379 -6.16 -42.78 -44.21
C GLY D 379 -5.08 -42.01 -43.50
N LEU D 380 -5.40 -40.79 -43.07
CA LEU D 380 -4.44 -39.89 -42.46
C LEU D 380 -4.97 -39.39 -41.13
N THR D 381 -4.11 -39.38 -40.10
CA THR D 381 -4.43 -38.72 -38.85
C THR D 381 -4.18 -37.23 -38.98
N GLY D 382 -4.98 -36.44 -38.25
CA GLY D 382 -4.81 -35.00 -38.27
C GLY D 382 -3.46 -34.53 -37.77
N ASN D 383 -2.77 -35.36 -36.97
CA ASN D 383 -1.44 -35.01 -36.48
C ASN D 383 -0.44 -34.91 -37.63
N LYS D 384 -0.47 -35.89 -38.54
CA LYS D 384 0.44 -35.87 -39.69
C LYS D 384 0.25 -34.61 -40.51
N VAL D 385 -1.00 -34.29 -40.86
CA VAL D 385 -1.27 -33.10 -41.64
C VAL D 385 -0.82 -31.85 -40.89
N GLU D 386 -1.09 -31.78 -39.59
CA GLU D 386 -0.72 -30.58 -38.86
C GLU D 386 0.81 -30.44 -38.79
N LYS D 387 1.52 -31.56 -38.65
CA LYS D 387 2.97 -31.52 -38.53
C LYS D 387 3.61 -31.03 -39.81
N LEU D 388 3.27 -31.64 -40.96
CA LEU D 388 3.82 -31.19 -42.23
C LEU D 388 3.44 -29.75 -42.51
N CYS D 389 2.20 -29.36 -42.22
CA CYS D 389 1.76 -28.00 -42.52
C CYS D 389 2.56 -26.97 -41.74
N ASP D 390 2.80 -27.23 -40.45
CA ASP D 390 3.59 -26.31 -39.65
C ASP D 390 5.02 -26.20 -40.17
N LEU D 391 5.57 -27.30 -40.70
CA LEU D 391 6.87 -27.23 -41.37
C LEU D 391 6.86 -26.30 -42.57
N CYS D 392 5.69 -25.88 -43.08
CA CYS D 392 5.58 -25.02 -44.26
C CYS D 392 4.99 -23.66 -43.94
N ASN D 393 5.02 -23.24 -42.67
CA ASN D 393 4.43 -21.97 -42.23
C ASN D 393 2.91 -21.93 -42.39
N ILE D 394 2.25 -23.09 -42.39
CA ILE D 394 0.80 -23.17 -42.40
C ILE D 394 0.36 -23.73 -41.06
N THR D 395 -0.30 -22.91 -40.24
CA THR D 395 -0.66 -23.33 -38.88
C THR D 395 -2.13 -23.72 -38.90
N VAL D 396 -2.38 -25.01 -38.68
CA VAL D 396 -3.73 -25.53 -38.48
C VAL D 396 -3.72 -26.24 -37.13
N ASN D 397 -4.74 -27.06 -36.88
CA ASN D 397 -4.80 -27.86 -35.68
C ASN D 397 -5.59 -29.12 -35.96
N LYS D 398 -5.05 -30.27 -35.55
CA LYS D 398 -5.80 -31.51 -35.61
C LYS D 398 -7.09 -31.38 -34.81
N ASN D 399 -8.05 -32.25 -35.13
CA ASN D 399 -9.41 -32.11 -34.61
C ASN D 399 -10.14 -33.43 -34.82
N ALA D 400 -11.15 -33.68 -33.99
CA ALA D 400 -11.95 -34.90 -34.09
C ALA D 400 -13.13 -34.67 -35.01
N VAL D 401 -13.48 -35.69 -35.78
CA VAL D 401 -14.49 -35.58 -36.83
C VAL D 401 -15.70 -36.43 -36.46
N PHE D 402 -16.90 -35.87 -36.64
CA PHE D 402 -18.18 -36.54 -36.42
C PHE D 402 -18.31 -37.12 -35.01
N GLY D 403 -17.53 -36.64 -34.06
CA GLY D 403 -17.61 -37.14 -32.70
C GLY D 403 -16.83 -38.43 -32.49
N ALA D 409 -7.11 -41.12 -32.28
CA ALA D 409 -6.24 -40.27 -33.09
C ALA D 409 -7.05 -39.36 -34.00
N PRO D 410 -7.10 -38.05 -33.66
CA PRO D 410 -7.95 -37.11 -34.40
C PRO D 410 -7.81 -37.20 -35.92
N GLY D 411 -8.90 -37.47 -36.61
CA GLY D 411 -8.86 -37.65 -38.05
C GLY D 411 -9.32 -36.45 -38.84
N GLY D 412 -9.07 -35.24 -38.34
CA GLY D 412 -9.48 -34.04 -39.03
C GLY D 412 -8.60 -32.86 -38.69
N VAL D 413 -8.80 -31.77 -39.43
CA VAL D 413 -8.17 -30.50 -39.11
C VAL D 413 -9.21 -29.41 -39.17
N ARG D 414 -9.06 -28.41 -38.30
CA ARG D 414 -9.92 -27.25 -38.27
C ARG D 414 -9.17 -26.10 -38.93
N ILE D 415 -9.85 -25.36 -39.81
CA ILE D 415 -9.25 -24.26 -40.55
C ILE D 415 -10.20 -23.07 -40.47
N GLY D 416 -9.69 -21.93 -40.03
CA GLY D 416 -10.49 -20.72 -39.89
C GLY D 416 -10.02 -19.63 -40.84
N ALA D 417 -10.94 -18.72 -41.19
CA ALA D 417 -10.66 -17.58 -42.06
C ALA D 417 -10.43 -16.22 -41.36
N PRO D 418 -10.78 -16.01 -40.08
CA PRO D 418 -10.71 -14.63 -39.55
C PRO D 418 -9.35 -13.97 -39.65
N ALA D 419 -8.26 -14.70 -39.42
CA ALA D 419 -6.95 -14.06 -39.31
C ALA D 419 -6.46 -13.57 -40.68
N MET D 420 -6.46 -14.43 -41.71
CA MET D 420 -6.11 -13.96 -43.06
C MET D 420 -7.09 -12.97 -43.63
N THR D 421 -8.39 -13.12 -43.37
CA THR D 421 -9.31 -12.13 -43.90
C THR D 421 -8.93 -10.73 -43.43
N SER D 422 -8.44 -10.62 -42.18
CA SER D 422 -8.04 -9.32 -41.64
C SER D 422 -6.81 -8.77 -42.36
N ARG D 423 -5.95 -9.64 -42.90
CA ARG D 423 -4.81 -9.24 -43.72
C ARG D 423 -5.20 -8.82 -45.13
N GLY D 424 -6.49 -8.85 -45.47
CA GLY D 424 -6.94 -8.41 -46.76
C GLY D 424 -7.22 -9.46 -47.82
N LEU D 425 -7.00 -10.75 -47.52
CA LEU D 425 -7.27 -11.79 -48.52
C LEU D 425 -8.76 -11.92 -48.81
N VAL D 426 -9.07 -12.27 -50.05
CA VAL D 426 -10.44 -12.47 -50.49
C VAL D 426 -10.55 -13.86 -51.09
N GLU D 427 -11.65 -14.12 -51.80
CA GLU D 427 -11.97 -15.49 -52.21
C GLU D 427 -10.84 -16.18 -52.97
N LYS D 428 -10.27 -15.50 -53.96
CA LYS D 428 -9.26 -16.16 -54.80
C LYS D 428 -8.03 -16.54 -53.99
N ASP D 429 -7.62 -15.66 -53.07
CA ASP D 429 -6.50 -15.97 -52.19
C ASP D 429 -6.80 -17.18 -51.31
N PHE D 430 -8.04 -17.27 -50.81
CA PHE D 430 -8.37 -18.46 -50.04
C PHE D 430 -8.40 -19.71 -50.91
N GLU D 431 -8.65 -19.57 -52.21
CA GLU D 431 -8.50 -20.73 -53.08
C GLU D 431 -7.03 -21.11 -53.24
N GLN D 432 -6.14 -20.12 -53.28
CA GLN D 432 -4.71 -20.46 -53.31
C GLN D 432 -4.27 -21.13 -52.01
N ILE D 433 -4.84 -20.72 -50.87
CA ILE D 433 -4.64 -21.48 -49.63
C ILE D 433 -5.13 -22.92 -49.78
N GLY D 434 -6.26 -23.11 -50.47
CA GLY D 434 -6.72 -24.46 -50.74
C GLY D 434 -5.67 -25.30 -51.45
N GLU D 435 -5.05 -24.73 -52.48
CA GLU D 435 -3.95 -25.39 -53.19
C GLU D 435 -2.80 -25.77 -52.26
N PHE D 436 -2.34 -24.82 -51.43
CA PHE D 436 -1.28 -25.12 -50.49
C PHE D 436 -1.68 -26.29 -49.60
N LEU D 437 -2.89 -26.22 -49.01
CA LEU D 437 -3.39 -27.35 -48.24
C LEU D 437 -3.42 -28.62 -49.09
N HIS D 438 -3.80 -28.50 -50.36
CA HIS D 438 -3.84 -29.68 -51.22
C HIS D 438 -2.45 -30.29 -51.40
N ARG D 439 -1.45 -29.44 -51.66
CA ARG D 439 -0.09 -29.96 -51.83
C ARG D 439 0.45 -30.55 -50.54
N ALA D 440 0.14 -29.90 -49.40
CA ALA D 440 0.58 -30.42 -48.11
C ALA D 440 0.00 -31.80 -47.84
N VAL D 441 -1.29 -31.99 -48.14
CA VAL D 441 -1.90 -33.30 -47.94
C VAL D 441 -1.33 -34.30 -48.94
N THR D 442 -1.23 -33.92 -50.22
CA THR D 442 -0.58 -34.77 -51.21
C THR D 442 0.81 -35.18 -50.74
N LEU D 443 1.58 -34.22 -50.23
CA LEU D 443 2.94 -34.50 -49.76
C LEU D 443 2.92 -35.46 -48.59
N THR D 444 2.03 -35.24 -47.62
CA THR D 444 1.93 -36.14 -46.48
C THR D 444 1.57 -37.55 -46.92
N LEU D 445 0.69 -37.68 -47.92
CA LEU D 445 0.31 -39.00 -48.39
C LEU D 445 1.53 -39.75 -48.96
N GLU D 446 2.40 -39.05 -49.69
CA GLU D 446 3.57 -39.69 -50.27
C GLU D 446 4.48 -40.26 -49.19
N ILE D 447 4.74 -39.48 -48.13
CA ILE D 447 5.63 -39.95 -47.08
C ILE D 447 5.05 -41.18 -46.40
N GLN D 448 3.73 -41.20 -46.16
CA GLN D 448 3.12 -42.34 -45.48
C GLN D 448 3.22 -43.60 -46.33
N LYS D 449 3.08 -43.49 -47.65
CA LYS D 449 3.29 -44.64 -48.52
C LYS D 449 4.77 -45.01 -48.59
N GLU D 450 5.66 -44.02 -48.50
CA GLU D 450 7.09 -44.28 -48.60
C GLU D 450 7.67 -44.88 -47.32
N HIS D 451 7.28 -44.34 -46.16
CA HIS D 451 7.89 -44.74 -44.90
C HIS D 451 6.96 -45.51 -43.96
N GLY D 452 5.67 -45.21 -43.94
CA GLY D 452 4.76 -45.95 -43.10
C GLY D 452 3.77 -45.08 -42.34
N LYS D 453 2.86 -45.72 -41.61
CA LYS D 453 1.81 -45.01 -40.89
C LYS D 453 2.21 -44.69 -39.45
N LEU D 454 2.98 -45.55 -38.79
CA LEU D 454 3.45 -45.24 -37.45
C LEU D 454 4.31 -43.99 -37.48
N LEU D 455 4.04 -43.05 -36.58
CA LEU D 455 4.70 -41.75 -36.60
C LEU D 455 6.21 -41.85 -36.42
N LYS D 456 6.70 -42.96 -35.83
CA LYS D 456 8.14 -43.13 -35.69
C LYS D 456 8.82 -43.28 -37.05
N ASP D 457 8.17 -43.99 -37.99
CA ASP D 457 8.69 -44.10 -39.35
C ASP D 457 8.22 -42.96 -40.25
N PHE D 458 6.98 -42.49 -40.08
CA PHE D 458 6.52 -41.34 -40.86
C PHE D 458 7.43 -40.14 -40.68
N ASN D 459 7.90 -39.92 -39.44
CA ASN D 459 8.74 -38.78 -39.14
C ASN D 459 10.04 -38.80 -39.92
N LYS D 460 10.57 -40.00 -40.20
CA LYS D 460 11.80 -40.10 -40.98
C LYS D 460 11.65 -39.48 -42.36
N GLY D 461 10.43 -39.43 -42.89
CA GLY D 461 10.20 -38.85 -44.20
C GLY D 461 10.13 -37.34 -44.23
N LEU D 462 10.13 -36.69 -43.07
CA LEU D 462 10.08 -35.23 -43.02
C LEU D 462 11.46 -34.58 -43.09
N VAL D 463 12.54 -35.33 -42.87
CA VAL D 463 13.88 -34.78 -42.96
C VAL D 463 14.37 -34.87 -44.40
N ASN D 464 15.17 -33.89 -44.81
CA ASN D 464 15.78 -33.82 -46.13
C ASN D 464 14.75 -34.04 -47.24
N ASN D 465 13.73 -33.18 -47.22
CA ASN D 465 12.60 -33.26 -48.13
C ASN D 465 12.52 -31.97 -48.95
N LYS D 466 12.89 -32.06 -50.23
CA LYS D 466 12.93 -30.86 -51.08
C LYS D 466 11.52 -30.32 -51.35
N ALA D 467 10.54 -31.21 -51.51
CA ALA D 467 9.18 -30.76 -51.78
C ALA D 467 8.61 -29.98 -50.60
N ILE D 468 8.99 -30.34 -49.37
CA ILE D 468 8.62 -29.54 -48.21
C ILE D 468 9.24 -28.16 -48.29
N GLU D 469 10.56 -28.09 -48.51
CA GLU D 469 11.26 -26.80 -48.67
C GLU D 469 10.60 -25.96 -49.75
N ASP D 470 10.22 -26.59 -50.87
CA ASP D 470 9.59 -25.85 -51.97
C ASP D 470 8.23 -25.29 -51.56
N LEU D 471 7.38 -26.12 -50.95
CA LEU D 471 6.10 -25.62 -50.47
C LEU D 471 6.28 -24.53 -49.42
N LYS D 472 7.21 -24.73 -48.48
CA LYS D 472 7.53 -23.68 -47.51
C LYS D 472 7.84 -22.35 -48.20
N ALA D 473 8.75 -22.38 -49.17
CA ALA D 473 9.13 -21.14 -49.86
C ALA D 473 7.94 -20.54 -50.61
N ASP D 474 7.10 -21.40 -51.19
CA ASP D 474 5.90 -20.90 -51.87
C ASP D 474 4.96 -20.22 -50.90
N VAL D 475 4.65 -20.90 -49.78
CA VAL D 475 3.87 -20.29 -48.70
C VAL D 475 4.49 -18.96 -48.29
N GLU D 476 5.80 -18.97 -48.02
CA GLU D 476 6.47 -17.76 -47.54
C GLU D 476 6.35 -16.62 -48.53
N LYS D 477 6.55 -16.90 -49.83
CA LYS D 477 6.47 -15.83 -50.83
C LYS D 477 5.03 -15.33 -50.98
N PHE D 478 4.06 -16.24 -50.94
CA PHE D 478 2.65 -15.85 -50.98
C PHE D 478 2.28 -14.99 -49.76
N SER D 479 2.70 -15.43 -48.56
CA SER D 479 2.32 -14.71 -47.36
C SER D 479 2.86 -13.28 -47.39
N ALA D 480 4.10 -13.11 -47.86
CA ALA D 480 4.75 -11.79 -47.82
C ALA D 480 4.11 -10.77 -48.74
N THR D 481 3.08 -11.11 -49.50
CA THR D 481 2.53 -10.14 -50.45
C THR D 481 1.38 -9.32 -49.87
N PHE D 482 0.87 -9.68 -48.68
CA PHE D 482 -0.29 -9.04 -48.10
C PHE D 482 0.11 -8.10 -46.97
N ASP D 483 -0.71 -7.07 -46.75
CA ASP D 483 -0.54 -6.14 -45.65
C ASP D 483 -0.68 -6.84 -44.30
N MET D 484 -0.55 -6.09 -43.21
CA MET D 484 -0.55 -6.67 -41.87
C MET D 484 -0.97 -5.62 -40.85
N PRO D 485 -2.07 -5.81 -40.15
CA PRO D 485 -2.49 -4.84 -39.14
C PRO D 485 -1.70 -5.01 -37.84
N GLY D 486 -1.73 -3.95 -37.02
CA GLY D 486 -1.15 -3.97 -35.70
C GLY D 486 0.24 -3.38 -35.58
N PHE D 487 1.06 -3.51 -36.63
CA PHE D 487 2.41 -2.95 -36.66
C PHE D 487 2.78 -2.70 -38.11
N LEU D 488 3.79 -1.85 -38.32
CA LEU D 488 4.21 -1.49 -39.67
C LEU D 488 5.27 -2.48 -40.14
N VAL D 489 4.92 -3.32 -41.12
CA VAL D 489 5.85 -4.32 -41.64
C VAL D 489 7.07 -3.66 -42.27
N SER D 490 6.96 -2.39 -42.65
CA SER D 490 8.11 -1.68 -43.22
C SER D 490 9.17 -1.39 -42.16
N GLU D 491 8.75 -1.16 -40.91
CA GLU D 491 9.63 -0.72 -39.84
C GLU D 491 10.07 -1.86 -38.93
N MET D 492 10.06 -3.10 -39.40
CA MET D 492 10.30 -4.26 -38.54
C MET D 492 11.70 -4.84 -38.73
N LYS D 493 12.21 -5.47 -37.67
CA LYS D 493 13.62 -5.84 -37.63
C LYS D 493 13.97 -6.85 -38.72
N TYR D 494 13.14 -7.88 -38.88
CA TYR D 494 13.42 -8.96 -39.82
C TYR D 494 12.55 -8.81 -41.05
N LYS D 495 13.18 -8.53 -42.20
CA LYS D 495 12.49 -8.48 -43.47
C LYS D 495 13.07 -9.50 -44.45
N ASP D 496 13.14 -10.76 -44.02
CA ASP D 496 13.75 -11.83 -44.81
C ASP D 496 12.70 -12.78 -45.40
N SER E 24 4.23 30.79 -38.99
CA SER E 24 4.40 29.54 -38.26
C SER E 24 5.82 28.98 -38.38
N ASN E 25 6.48 29.25 -39.49
CA ASN E 25 7.86 28.83 -39.72
C ASN E 25 8.83 29.95 -39.35
N MET E 26 10.08 29.57 -39.09
CA MET E 26 11.17 30.52 -38.92
C MET E 26 11.45 31.25 -40.23
N ASP E 27 11.91 32.51 -40.16
CA ASP E 27 12.45 33.13 -41.35
C ASP E 27 13.66 32.32 -41.83
N PRO E 28 13.89 32.23 -43.13
CA PRO E 28 15.12 31.60 -43.62
C PRO E 28 16.34 32.38 -43.15
N VAL E 29 17.48 31.69 -43.05
CA VAL E 29 18.69 32.33 -42.57
C VAL E 29 19.06 33.51 -43.44
N SER E 30 18.85 33.38 -44.76
CA SER E 30 19.20 34.47 -45.64
C SER E 30 18.35 35.71 -45.37
N VAL E 31 17.09 35.54 -44.97
CA VAL E 31 16.22 36.69 -44.76
C VAL E 31 16.59 37.43 -43.47
N TRP E 32 16.58 36.75 -42.33
CA TRP E 32 16.90 37.46 -41.09
C TRP E 32 18.40 37.61 -40.88
N GLY E 33 19.20 36.65 -41.32
CA GLY E 33 20.58 36.60 -40.89
C GLY E 33 21.65 37.09 -41.85
N ASN E 34 21.38 37.08 -43.16
CA ASN E 34 22.39 37.52 -44.13
C ASN E 34 22.03 38.82 -44.84
N THR E 35 20.81 39.32 -44.67
CA THR E 35 20.40 40.56 -45.32
C THR E 35 21.12 41.76 -44.69
N PRO E 36 21.52 42.74 -45.50
CA PRO E 36 22.24 43.90 -44.97
C PRO E 36 21.37 44.76 -44.06
N LEU E 37 22.06 45.53 -43.22
CA LEU E 37 21.40 46.45 -42.30
C LEU E 37 20.50 47.43 -43.02
N ALA E 38 20.95 47.96 -44.18
CA ALA E 38 20.11 48.92 -44.91
C ALA E 38 18.70 48.39 -45.16
N THR E 39 18.56 47.10 -45.39
CA THR E 39 17.22 46.56 -45.60
C THR E 39 16.57 46.07 -44.30
N VAL E 40 17.33 45.43 -43.42
CA VAL E 40 16.75 44.90 -42.18
C VAL E 40 16.19 46.02 -41.33
N ASP E 41 16.95 47.11 -41.17
CA ASP E 41 16.60 48.18 -40.23
C ASP E 41 16.94 49.52 -40.89
N PRO E 42 16.14 49.95 -41.88
CA PRO E 42 16.42 51.24 -42.52
C PRO E 42 16.52 52.38 -41.53
N GLU E 43 15.78 52.33 -40.43
CA GLU E 43 15.74 53.44 -39.50
C GLU E 43 17.07 53.59 -38.75
N ILE E 44 17.65 52.47 -38.28
CA ILE E 44 19.00 52.52 -37.71
C ILE E 44 20.06 52.76 -38.77
N HIS E 45 19.87 52.18 -39.96
CA HIS E 45 20.83 52.46 -41.02
C HIS E 45 20.87 53.95 -41.34
N ASP E 46 19.71 54.59 -41.40
CA ASP E 46 19.66 56.01 -41.71
C ASP E 46 20.35 56.82 -40.61
N LEU E 47 20.10 56.47 -39.35
CA LEU E 47 20.67 57.22 -38.25
C LEU E 47 22.20 57.08 -38.22
N ILE E 48 22.72 55.93 -38.58
CA ILE E 48 24.18 55.78 -38.63
C ILE E 48 24.76 56.63 -39.75
N GLU E 49 24.13 56.60 -40.94
CA GLU E 49 24.63 57.43 -42.04
C GLU E 49 24.62 58.91 -41.68
N LYS E 50 23.62 59.35 -40.92
CA LYS E 50 23.60 60.72 -40.45
C LYS E 50 24.74 60.99 -39.47
N GLU E 51 25.05 60.01 -38.62
CA GLU E 51 26.16 60.18 -37.69
C GLU E 51 27.50 60.15 -38.43
N LYS E 52 27.62 59.31 -39.46
CA LYS E 52 28.82 59.32 -40.28
C LYS E 52 29.02 60.70 -40.92
N HIS E 53 27.91 61.34 -41.30
CA HIS E 53 27.98 62.65 -41.95
C HIS E 53 28.36 63.73 -40.95
N ARG E 54 27.76 63.70 -39.76
CA ARG E 54 28.12 64.62 -38.68
C ARG E 54 29.61 64.51 -38.35
N GLN E 55 30.16 63.30 -38.44
CA GLN E 55 31.56 63.12 -38.04
C GLN E 55 32.53 63.73 -39.05
N CYS E 56 32.16 63.81 -40.34
CA CYS E 56 33.11 64.40 -41.27
CA CYS E 56 32.94 64.34 -41.45
C CYS E 56 32.72 65.82 -41.70
N ARG E 57 31.68 66.41 -41.14
CA ARG E 57 31.29 67.77 -41.48
CA ARG E 57 31.28 67.77 -41.47
C ARG E 57 31.39 68.74 -40.31
N GLY E 58 32.01 68.35 -39.20
CA GLY E 58 32.23 69.24 -38.08
C GLY E 58 33.67 69.17 -37.63
N ILE E 59 33.95 69.87 -36.54
CA ILE E 59 35.26 69.88 -35.94
C ILE E 59 35.12 69.19 -34.58
N GLU E 60 35.73 68.02 -34.47
CA GLU E 60 35.54 67.12 -33.32
C GLU E 60 36.68 67.38 -32.37
N LEU E 61 36.42 68.15 -31.32
CA LEU E 61 37.47 68.56 -30.38
C LEU E 61 37.29 67.91 -29.01
N ILE E 62 36.44 66.88 -28.90
CA ILE E 62 36.30 66.16 -27.63
C ILE E 62 37.59 65.38 -27.40
N ALA E 63 38.25 65.64 -26.28
CA ALA E 63 39.62 65.19 -26.13
C ALA E 63 39.73 63.69 -25.94
N SER E 64 38.64 63.04 -25.55
CA SER E 64 38.57 61.60 -25.37
C SER E 64 38.05 60.89 -26.62
N GLU E 65 37.84 61.60 -27.71
CA GLU E 65 37.36 60.96 -28.92
C GLU E 65 38.48 60.79 -29.93
N ASN E 66 38.28 59.85 -30.87
CA ASN E 66 39.18 59.67 -31.98
C ASN E 66 38.38 59.05 -33.10
N PHE E 67 39.01 58.92 -34.26
CA PHE E 67 38.42 58.23 -35.42
C PHE E 67 39.31 57.05 -35.73
N THR E 68 38.81 55.84 -35.52
CA THR E 68 39.65 54.67 -35.63
C THR E 68 39.66 54.16 -37.08
N SER E 69 40.50 53.18 -37.36
CA SER E 69 40.68 52.74 -38.74
C SER E 69 39.58 51.79 -39.20
N PHE E 70 39.44 51.69 -40.52
CA PHE E 70 38.54 50.71 -41.10
C PHE E 70 38.94 49.30 -40.69
N ALA E 71 40.24 49.00 -40.63
CA ALA E 71 40.67 47.66 -40.26
C ALA E 71 40.22 47.29 -38.84
N VAL E 72 40.27 48.26 -37.92
CA VAL E 72 39.77 48.03 -36.56
C VAL E 72 38.26 47.78 -36.59
N ILE E 73 37.53 48.59 -37.38
CA ILE E 73 36.08 48.47 -37.44
C ILE E 73 35.68 47.14 -38.08
N GLU E 74 36.48 46.64 -39.03
CA GLU E 74 36.13 45.37 -39.65
C GLU E 74 36.29 44.21 -38.67
N ALA E 75 37.30 44.27 -37.79
CA ALA E 75 37.46 43.22 -36.80
C ALA E 75 36.41 43.34 -35.70
N LEU E 76 36.11 44.57 -35.29
CA LEU E 76 35.04 44.83 -34.35
C LEU E 76 33.71 44.27 -34.83
N GLY E 77 33.41 44.47 -36.11
CA GLY E 77 32.16 43.97 -36.64
C GLY E 77 32.37 42.65 -37.36
N SER E 78 32.50 41.56 -36.59
CA SER E 78 32.89 40.29 -37.17
C SER E 78 32.28 39.16 -36.37
N ALA E 79 32.44 37.95 -36.90
CA ALA E 79 31.91 36.75 -36.23
C ALA E 79 32.51 36.56 -34.83
N LEU E 80 33.62 37.22 -34.52
CA LEU E 80 34.19 37.12 -33.17
C LEU E 80 33.18 37.44 -32.08
N THR E 81 32.14 38.24 -32.39
CA THR E 81 31.11 38.54 -31.40
C THR E 81 30.34 37.29 -30.96
N ASN E 82 30.38 36.19 -31.75
CA ASN E 82 29.57 35.00 -31.41
C ASN E 82 30.21 34.07 -30.40
N LYS E 83 31.50 34.22 -30.10
CA LYS E 83 32.21 33.23 -29.32
C LYS E 83 32.23 33.59 -27.83
N TYR E 84 31.72 32.69 -26.98
CA TYR E 84 31.98 32.75 -25.53
C TYR E 84 33.29 32.06 -25.19
N SER E 85 34.10 32.69 -24.34
CA SER E 85 35.41 32.17 -23.95
C SER E 85 35.85 32.63 -22.56
N GLU E 86 35.04 32.36 -21.55
CA GLU E 86 35.42 32.69 -20.18
C GLU E 86 36.75 32.05 -19.81
N GLY E 87 37.56 32.81 -19.08
CA GLY E 87 38.88 32.39 -18.65
C GLY E 87 39.98 33.14 -19.39
N MET E 88 41.21 32.66 -19.20
CA MET E 88 42.45 33.04 -19.86
C MET E 88 42.74 32.08 -21.00
N PRO E 89 43.51 32.50 -22.01
CA PRO E 89 43.94 31.55 -23.04
C PRO E 89 44.79 30.45 -22.42
N GLY E 90 44.59 29.22 -22.91
CA GLY E 90 45.20 28.06 -22.31
C GLY E 90 44.55 27.57 -21.03
N ASN E 91 43.77 28.40 -20.34
CA ASN E 91 43.08 28.03 -19.11
C ASN E 91 41.63 28.52 -19.18
N ARG E 92 40.89 27.99 -20.15
CA ARG E 92 39.51 28.35 -20.43
C ARG E 92 38.54 27.38 -19.76
N TYR E 93 37.30 27.83 -19.59
CA TYR E 93 36.30 27.03 -18.91
C TYR E 93 35.63 26.03 -19.84
N TYR E 94 35.76 26.23 -21.16
CA TYR E 94 35.21 25.28 -22.15
C TYR E 94 35.97 25.47 -23.46
N GLY E 95 35.54 24.78 -24.51
CA GLY E 95 36.30 24.66 -25.74
C GLY E 95 35.86 25.58 -26.88
N GLY E 96 36.24 25.18 -28.09
CA GLY E 96 36.04 25.98 -29.30
C GLY E 96 36.94 27.18 -29.40
N ASN E 97 37.99 27.26 -28.59
CA ASN E 97 38.79 28.47 -28.42
C ASN E 97 40.15 28.42 -29.12
N GLU E 98 40.34 27.47 -30.06
CA GLU E 98 41.62 27.40 -30.78
C GLU E 98 42.05 28.75 -31.34
N PHE E 99 41.13 29.45 -31.97
CA PHE E 99 41.49 30.70 -32.63
C PHE E 99 41.29 31.93 -31.73
N ILE E 100 40.25 31.94 -30.90
CA ILE E 100 40.13 32.97 -29.87
C ILE E 100 41.41 33.07 -29.03
N ASP E 101 42.00 31.92 -28.67
CA ASP E 101 43.21 31.95 -27.84
C ASP E 101 44.36 32.62 -28.57
N GLN E 102 44.54 32.31 -29.86
CA GLN E 102 45.64 32.95 -30.60
C GLN E 102 45.40 34.44 -30.76
N ILE E 103 44.16 34.84 -31.00
CA ILE E 103 43.86 36.27 -31.13
C ILE E 103 44.14 37.00 -29.83
N GLU E 104 43.71 36.43 -28.69
CA GLU E 104 43.99 37.08 -27.40
C GLU E 104 45.48 37.07 -27.08
N ASN E 105 46.16 35.94 -27.34
CA ASN E 105 47.60 35.88 -27.10
C ASN E 105 48.34 36.89 -27.98
N LEU E 106 47.87 37.06 -29.21
CA LEU E 106 48.48 38.05 -30.08
C LEU E 106 48.24 39.47 -29.58
N CYS E 107 47.02 39.76 -29.12
CA CYS E 107 46.69 41.06 -28.56
C CYS E 107 47.57 41.38 -27.36
N ARG E 108 47.74 40.41 -26.45
CA ARG E 108 48.57 40.64 -25.27
C ARG E 108 50.02 40.90 -25.65
N SER E 109 50.57 40.12 -26.57
CA SER E 109 51.96 40.31 -26.94
C SER E 109 52.16 41.63 -27.68
N ARG E 110 51.19 42.03 -28.51
CA ARG E 110 51.29 43.32 -29.19
C ARG E 110 51.11 44.48 -28.23
N ALA E 111 50.29 44.32 -27.19
CA ALA E 111 50.22 45.33 -26.13
C ALA E 111 51.57 45.56 -25.49
N LEU E 112 52.25 44.46 -25.10
CA LEU E 112 53.57 44.59 -24.49
C LEU E 112 54.57 45.25 -25.46
N GLN E 113 54.51 44.89 -26.74
CA GLN E 113 55.45 45.48 -27.70
C GLN E 113 55.16 46.96 -27.94
N ALA E 114 53.89 47.35 -28.06
CA ALA E 114 53.58 48.74 -28.35
C ALA E 114 54.04 49.69 -27.25
N PHE E 115 54.19 49.19 -26.02
CA PHE E 115 54.64 50.00 -24.90
C PHE E 115 56.06 49.66 -24.48
N HIS E 116 56.78 48.87 -25.29
CA HIS E 116 58.21 48.62 -25.12
C HIS E 116 58.49 47.95 -23.78
N LEU E 117 57.70 46.93 -23.47
CA LEU E 117 57.77 46.27 -22.17
C LEU E 117 58.34 44.86 -22.32
N ASP E 118 59.26 44.51 -21.43
CA ASP E 118 59.78 43.16 -21.32
C ASP E 118 58.75 42.24 -20.65
N ALA E 119 58.47 41.11 -21.30
CA ALA E 119 57.45 40.18 -20.81
C ALA E 119 57.87 39.48 -19.53
N GLN E 120 59.14 39.52 -19.16
CA GLN E 120 59.53 38.99 -17.87
C GLN E 120 59.25 39.98 -16.75
N SER E 121 59.06 41.26 -17.08
CA SER E 121 58.83 42.34 -16.13
C SER E 121 57.39 42.84 -16.12
N TRP E 122 56.63 42.63 -17.19
CA TRP E 122 55.29 43.16 -17.34
C TRP E 122 54.38 42.11 -17.94
N GLY E 123 53.16 42.01 -17.40
CA GLY E 123 52.09 41.26 -18.04
C GLY E 123 50.91 42.18 -18.31
N VAL E 124 49.98 41.69 -19.12
CA VAL E 124 48.82 42.51 -19.49
C VAL E 124 47.57 41.64 -19.59
N ASN E 125 46.44 42.19 -19.16
CA ASN E 125 45.12 41.59 -19.33
C ASN E 125 44.32 42.50 -20.27
N VAL E 126 43.80 41.93 -21.35
CA VAL E 126 43.15 42.71 -22.41
C VAL E 126 41.64 42.45 -22.48
N GLN E 127 41.06 41.86 -21.44
CA GLN E 127 39.63 41.64 -21.44
C GLN E 127 38.73 42.77 -20.90
N PRO E 128 39.23 43.80 -20.19
CA PRO E 128 38.29 44.79 -19.65
C PRO E 128 37.39 45.36 -20.75
N TYR E 129 36.09 45.45 -20.46
CA TYR E 129 35.13 45.94 -21.45
C TYR E 129 35.42 47.37 -21.87
N SER E 130 35.93 48.19 -20.96
CA SER E 130 36.20 49.59 -21.22
C SER E 130 37.15 50.09 -20.14
N GLY E 131 37.44 51.39 -20.13
CA GLY E 131 38.39 51.92 -19.16
C GLY E 131 37.88 51.89 -17.73
N SER E 132 36.62 52.26 -17.53
CA SER E 132 36.06 52.22 -16.18
C SER E 132 36.06 50.80 -15.61
N PRO E 133 35.63 49.76 -16.34
CA PRO E 133 35.80 48.38 -15.83
C PRO E 133 37.25 47.99 -15.59
N ALA E 134 38.17 48.43 -16.45
CA ALA E 134 39.58 48.17 -16.22
C ALA E 134 40.02 48.71 -14.87
N ASN E 135 39.69 49.98 -14.58
CA ASN E 135 40.12 50.56 -13.31
C ASN E 135 39.51 49.82 -12.12
N PHE E 136 38.21 49.57 -12.19
CA PHE E 136 37.55 48.94 -11.05
C PHE E 136 38.05 47.53 -10.82
N ALA E 137 38.40 46.81 -11.90
CA ALA E 137 39.01 45.49 -11.74
C ALA E 137 40.41 45.57 -11.12
N ALA E 138 41.21 46.55 -11.54
CA ALA E 138 42.50 46.76 -10.89
C ALA E 138 42.33 46.98 -9.39
N TYR E 139 41.37 47.84 -8.98
CA TYR E 139 41.14 48.09 -7.55
C TYR E 139 40.74 46.81 -6.84
N THR E 140 39.84 46.05 -7.46
CA THR E 140 39.35 44.81 -6.88
C THR E 140 40.50 43.82 -6.69
N ALA E 141 41.46 43.81 -7.61
CA ALA E 141 42.57 42.88 -7.54
C ALA E 141 43.45 43.13 -6.31
N VAL E 142 43.77 44.38 -6.04
CA VAL E 142 44.81 44.70 -5.06
C VAL E 142 44.26 45.33 -3.79
N LEU E 143 42.98 45.66 -3.73
CA LEU E 143 42.42 46.27 -2.55
C LEU E 143 41.26 45.44 -2.01
N ASN E 144 41.07 45.52 -0.73
CA ASN E 144 39.85 45.08 -0.07
C ASN E 144 38.84 46.20 -0.03
N PRO E 145 37.54 45.87 0.09
CA PRO E 145 36.53 46.91 0.29
C PRO E 145 36.91 47.85 1.42
N HIS E 146 36.66 49.15 1.20
CA HIS E 146 36.92 50.26 2.10
C HIS E 146 38.38 50.61 2.23
N ASP E 147 39.28 49.95 1.50
CA ASP E 147 40.68 50.38 1.50
C ASP E 147 40.79 51.81 0.96
N ARG E 148 41.81 52.53 1.42
CA ARG E 148 41.95 53.94 1.07
C ARG E 148 42.66 54.15 -0.26
N ILE E 149 42.18 55.13 -1.04
CA ILE E 149 42.66 55.45 -2.39
C ILE E 149 42.78 56.96 -2.50
N MET E 150 43.84 57.44 -3.16
CA MET E 150 43.81 58.83 -3.60
C MET E 150 44.05 58.96 -5.10
N GLY E 151 43.31 59.89 -5.69
CA GLY E 151 43.47 60.21 -7.09
C GLY E 151 43.26 61.70 -7.30
N LEU E 152 43.53 62.15 -8.51
CA LEU E 152 43.48 63.57 -8.84
C LEU E 152 42.05 64.08 -8.75
N ASP E 153 41.85 65.15 -7.98
CA ASP E 153 40.53 65.75 -7.79
C ASP E 153 39.89 66.10 -9.15
N LEU E 154 38.58 65.95 -9.25
CA LEU E 154 37.92 66.23 -10.52
C LEU E 154 38.11 67.68 -10.98
N PRO E 155 37.89 68.71 -10.16
CA PRO E 155 38.21 70.08 -10.62
C PRO E 155 39.68 70.31 -10.92
N SER E 156 40.59 69.44 -10.48
CA SER E 156 42.00 69.58 -10.83
C SER E 156 42.37 68.81 -12.09
N GLY E 157 41.40 68.19 -12.76
CA GLY E 157 41.61 67.43 -13.97
C GLY E 157 41.55 65.92 -13.85
N GLY E 158 41.07 65.37 -12.72
CA GLY E 158 41.00 63.94 -12.53
C GLY E 158 39.73 63.35 -13.12
N HIS E 159 39.60 62.02 -13.02
CA HIS E 159 38.51 61.29 -13.64
C HIS E 159 37.60 60.69 -12.57
N LEU E 160 36.32 60.51 -12.93
CA LEU E 160 35.33 59.95 -12.01
C LEU E 160 35.82 58.68 -11.34
N THR E 161 36.47 57.79 -12.11
CA THR E 161 36.83 56.47 -11.59
C THR E 161 37.97 56.54 -10.60
N HIS E 162 38.55 57.72 -10.41
CA HIS E 162 39.62 57.89 -9.43
C HIS E 162 39.06 58.28 -8.06
N GLY E 163 37.75 58.41 -7.95
CA GLY E 163 37.07 58.79 -6.71
C GLY E 163 36.34 60.10 -6.93
N TYR E 164 35.10 60.16 -6.46
CA TYR E 164 34.40 61.45 -6.47
C TYR E 164 33.24 61.38 -5.49
N TYR E 165 33.26 62.28 -4.51
CA TYR E 165 32.12 62.55 -3.64
C TYR E 165 31.92 64.06 -3.57
N THR E 166 30.67 64.48 -3.35
CA THR E 166 30.31 65.89 -3.37
C THR E 166 30.59 66.56 -2.01
N SER E 167 30.54 67.90 -2.02
CA SER E 167 30.58 68.67 -0.77
C SER E 167 29.59 68.13 0.24
N GLY E 168 28.40 67.76 -0.21
CA GLY E 168 27.39 67.23 0.68
C GLY E 168 27.65 65.83 1.19
N GLY E 169 28.73 65.19 0.73
CA GLY E 169 29.04 63.85 1.17
C GLY E 169 28.45 62.73 0.33
N LYS E 170 27.73 63.07 -0.74
CA LYS E 170 27.18 62.02 -1.60
C LYS E 170 28.30 61.34 -2.37
N LYS E 171 28.36 60.01 -2.29
CA LYS E 171 29.40 59.25 -2.97
C LYS E 171 28.94 58.95 -4.40
N ILE E 172 29.60 59.58 -5.38
CA ILE E 172 29.20 59.49 -6.78
C ILE E 172 29.87 58.33 -7.52
N SER E 173 31.20 58.35 -7.56
CA SER E 173 31.93 57.27 -8.20
C SER E 173 31.77 55.96 -7.42
N ALA E 174 31.78 54.85 -8.16
CA ALA E 174 31.79 53.55 -7.49
C ALA E 174 33.08 53.37 -6.70
N THR E 175 34.16 53.96 -7.21
CA THR E 175 35.39 54.00 -6.44
C THR E 175 35.17 54.57 -5.04
N SER E 176 34.37 55.64 -4.93
CA SER E 176 34.13 56.20 -3.61
C SER E 176 33.02 55.48 -2.86
N ILE E 177 32.21 54.68 -3.56
CA ILE E 177 31.18 53.89 -2.88
C ILE E 177 31.81 52.69 -2.20
N TYR E 178 32.71 51.99 -2.89
CA TYR E 178 33.22 50.71 -2.43
C TYR E 178 34.60 50.81 -1.78
N PHE E 179 35.31 51.92 -2.00
CA PHE E 179 36.56 52.23 -1.34
C PHE E 179 36.44 53.59 -0.65
N GLU E 180 37.50 53.99 0.04
CA GLU E 180 37.54 55.23 0.81
C GLU E 180 38.52 56.14 0.09
N SER E 181 37.99 57.10 -0.66
CA SER E 181 38.84 57.89 -1.52
C SER E 181 39.05 59.26 -0.90
N LEU E 182 40.20 59.87 -1.23
CA LEU E 182 40.53 61.25 -0.87
C LEU E 182 41.25 61.86 -2.07
N PRO E 183 40.79 62.98 -2.61
CA PRO E 183 41.46 63.55 -3.78
C PRO E 183 42.70 64.36 -3.40
N TYR E 184 43.61 64.48 -4.36
CA TYR E 184 44.68 65.48 -4.30
C TYR E 184 44.47 66.46 -5.43
N LYS E 185 45.05 67.66 -5.29
CA LYS E 185 44.73 68.78 -6.16
C LYS E 185 45.96 69.34 -6.84
N VAL E 186 45.71 70.15 -7.87
CA VAL E 186 46.77 70.97 -8.47
C VAL E 186 47.05 72.16 -7.57
N ASN E 187 48.29 72.65 -7.69
CA ASN E 187 48.70 73.91 -7.09
C ASN E 187 47.81 75.04 -7.58
N SER E 188 47.23 75.81 -6.63
CA SER E 188 46.27 76.84 -7.01
C SER E 188 46.91 77.98 -7.80
N THR E 189 48.23 78.13 -7.74
CA THR E 189 48.83 79.19 -8.55
C THR E 189 49.14 78.70 -9.97
N THR E 190 49.76 77.53 -10.09
CA THR E 190 50.35 77.11 -11.35
C THR E 190 49.50 76.13 -12.15
N GLY E 191 48.59 75.41 -11.50
CA GLY E 191 47.83 74.40 -12.22
C GLY E 191 48.54 73.08 -12.40
N TYR E 192 49.82 72.99 -12.00
CA TYR E 192 50.50 71.70 -11.94
C TYR E 192 50.12 70.96 -10.67
N ILE E 193 50.26 69.62 -10.72
CA ILE E 193 50.09 68.78 -9.53
C ILE E 193 50.86 69.38 -8.37
N ASP E 194 50.23 69.48 -7.20
CA ASP E 194 50.96 69.97 -6.04
C ASP E 194 51.56 68.74 -5.36
N TYR E 195 52.79 68.41 -5.74
CA TYR E 195 53.42 67.18 -5.26
C TYR E 195 53.67 67.22 -3.75
N ASP E 196 54.03 68.40 -3.20
CA ASP E 196 54.30 68.48 -1.77
C ASP E 196 53.03 68.30 -0.96
N ARG E 197 51.92 68.91 -1.38
CA ARG E 197 50.67 68.73 -0.64
C ARG E 197 50.13 67.31 -0.78
N LEU E 198 50.38 66.67 -1.93
CA LEU E 198 50.03 65.26 -2.07
C LEU E 198 50.84 64.40 -1.11
N GLU E 199 52.14 64.66 -0.99
CA GLU E 199 52.94 63.88 -0.06
C GLU E 199 52.42 64.06 1.36
N GLU E 200 52.16 65.31 1.76
CA GLU E 200 51.64 65.57 3.10
C GLU E 200 50.31 64.85 3.33
N LYS E 201 49.40 64.92 2.36
CA LYS E 201 48.10 64.27 2.50
C LYS E 201 48.24 62.75 2.52
N ALA E 202 49.10 62.18 1.66
CA ALA E 202 49.30 60.74 1.66
C ALA E 202 49.85 60.25 3.00
N LEU E 203 50.72 61.02 3.63
CA LEU E 203 51.25 60.62 4.94
C LEU E 203 50.19 60.72 6.02
N ASP E 204 49.24 61.65 5.89
CA ASP E 204 48.14 61.76 6.84
C ASP E 204 47.12 60.65 6.64
N PHE E 205 46.66 60.48 5.39
CA PHE E 205 45.53 59.60 5.04
C PHE E 205 45.95 58.14 4.94
N ARG E 206 47.19 57.89 4.52
CA ARG E 206 47.80 56.56 4.38
C ARG E 206 46.99 55.70 3.41
N PRO E 207 46.90 56.10 2.15
CA PRO E 207 46.20 55.27 1.16
C PRO E 207 46.94 53.97 0.90
N LYS E 208 46.17 52.93 0.61
CA LYS E 208 46.79 51.72 0.08
C LYS E 208 47.12 51.86 -1.40
N LEU E 209 46.47 52.79 -2.09
CA LEU E 209 46.64 52.97 -3.51
C LEU E 209 46.64 54.45 -3.83
N ILE E 210 47.63 54.90 -4.59
CA ILE E 210 47.66 56.25 -5.15
C ILE E 210 47.53 56.12 -6.67
N ILE E 211 46.59 56.88 -7.24
CA ILE E 211 46.36 56.89 -8.68
C ILE E 211 46.96 58.15 -9.27
N CYS E 212 47.62 58.02 -10.43
CA CYS E 212 48.08 59.15 -11.21
C CYS E 212 47.56 58.98 -12.64
N GLY E 213 47.72 60.03 -13.44
CA GLY E 213 46.97 60.17 -14.68
C GLY E 213 45.64 60.87 -14.45
N GLY E 214 45.10 61.46 -15.50
CA GLY E 214 43.83 62.15 -15.39
C GLY E 214 43.21 62.40 -16.75
N SER E 215 42.13 63.19 -16.75
CA SER E 215 41.38 63.38 -17.99
C SER E 215 41.41 64.80 -18.52
N ALA E 216 41.86 65.77 -17.73
CA ALA E 216 41.92 67.14 -18.21
C ALA E 216 43.17 67.84 -17.71
N TYR E 217 44.22 67.08 -17.37
CA TYR E 217 45.48 67.66 -16.92
C TYR E 217 46.37 67.89 -18.13
N PRO E 218 46.78 69.12 -18.42
CA PRO E 218 47.51 69.38 -19.67
C PRO E 218 49.02 69.29 -19.57
N ARG E 219 49.59 68.70 -18.53
CA ARG E 219 51.04 68.62 -18.40
C ARG E 219 51.46 67.16 -18.23
N ASP E 220 52.75 66.92 -18.35
CA ASP E 220 53.24 65.58 -18.08
C ASP E 220 53.30 65.32 -16.58
N TRP E 221 53.51 64.05 -16.23
CA TRP E 221 53.51 63.61 -14.86
C TRP E 221 54.91 63.23 -14.42
N ASP E 222 55.24 63.61 -13.19
CA ASP E 222 56.50 63.23 -12.56
C ASP E 222 56.28 61.91 -11.85
N TYR E 223 56.36 60.82 -12.62
CA TYR E 223 56.13 59.51 -12.05
C TYR E 223 57.20 59.16 -11.04
N LYS E 224 58.43 59.66 -11.24
CA LYS E 224 59.48 59.44 -10.26
C LYS E 224 59.07 59.97 -8.88
N ARG E 225 58.49 61.17 -8.86
CA ARG E 225 58.09 61.75 -7.58
C ARG E 225 56.91 60.97 -6.98
N PHE E 226 55.97 60.54 -7.82
CA PHE E 226 54.88 59.68 -7.33
C PHE E 226 55.42 58.41 -6.69
N ARG E 227 56.43 57.79 -7.30
CA ARG E 227 57.03 56.61 -6.68
C ARG E 227 57.69 56.95 -5.34
N GLU E 228 58.34 58.12 -5.23
CA GLU E 228 58.92 58.51 -3.95
C GLU E 228 57.84 58.68 -2.88
N ILE E 229 56.74 59.36 -3.21
CA ILE E 229 55.63 59.52 -2.27
C ILE E 229 55.02 58.16 -1.89
N ALA E 230 54.84 57.28 -2.87
CA ALA E 230 54.23 55.98 -2.60
C ALA E 230 55.13 55.15 -1.70
N ASP E 231 56.45 55.13 -1.97
CA ASP E 231 57.37 54.40 -1.11
C ASP E 231 57.40 54.96 0.32
N LYS E 232 57.30 56.29 0.45
CA LYS E 232 57.36 56.88 1.78
C LYS E 232 56.13 56.55 2.59
N CYS E 233 54.98 56.42 1.95
CA CYS E 233 53.76 56.17 2.70
C CYS E 233 53.30 54.72 2.62
N GLY E 234 53.99 53.87 1.86
CA GLY E 234 53.62 52.46 1.80
C GLY E 234 52.48 52.11 0.86
N ALA E 235 52.28 52.89 -0.20
CA ALA E 235 51.16 52.71 -1.10
C ALA E 235 51.57 51.99 -2.38
N LEU E 236 50.62 51.27 -2.98
CA LEU E 236 50.73 50.90 -4.39
C LEU E 236 50.55 52.12 -5.27
N LEU E 237 51.14 52.08 -6.46
CA LEU E 237 51.10 53.20 -7.39
C LEU E 237 50.55 52.71 -8.73
N LEU E 238 49.44 53.33 -9.14
CA LEU E 238 48.77 52.95 -10.37
C LEU E 238 48.61 54.17 -11.23
N CYS E 239 48.94 54.06 -12.52
CA CYS E 239 48.70 55.12 -13.48
C CYS E 239 47.56 54.74 -14.40
N ASP E 240 46.62 55.66 -14.57
CA ASP E 240 45.55 55.52 -15.54
C ASP E 240 45.97 56.42 -16.71
N MET E 241 46.52 55.80 -17.76
CA MET E 241 47.03 56.52 -18.91
C MET E 241 46.07 56.54 -20.07
N ALA E 242 44.78 56.36 -19.80
CA ALA E 242 43.75 56.33 -20.83
C ALA E 242 43.92 57.45 -21.84
N HIS E 243 44.04 58.69 -21.37
CA HIS E 243 44.01 59.81 -22.31
C HIS E 243 45.26 59.87 -23.18
N THR E 244 46.43 59.66 -22.59
CA THR E 244 47.69 59.82 -23.33
C THR E 244 48.33 58.50 -23.76
N SER E 245 47.63 57.36 -23.62
CA SER E 245 48.21 56.06 -23.97
C SER E 245 48.90 56.06 -25.33
N GLY E 246 48.30 56.71 -26.32
CA GLY E 246 48.92 56.75 -27.64
C GLY E 246 50.22 57.54 -27.64
N LEU E 247 50.26 58.63 -26.88
CA LEU E 247 51.51 59.38 -26.73
C LEU E 247 52.54 58.57 -25.95
N VAL E 248 52.09 57.77 -24.97
CA VAL E 248 53.01 56.91 -24.22
C VAL E 248 53.61 55.85 -25.13
N ALA E 249 52.77 55.19 -25.94
CA ALA E 249 53.27 54.13 -26.81
C ALA E 249 54.31 54.68 -27.80
N ALA E 250 54.06 55.87 -28.34
CA ALA E 250 54.98 56.55 -29.23
C ALA E 250 56.18 57.19 -28.52
N GLN E 251 56.28 57.03 -27.20
CA GLN E 251 57.40 57.57 -26.41
C GLN E 251 57.50 59.09 -26.56
N GLU E 252 56.34 59.74 -26.58
CA GLU E 252 56.30 61.20 -26.70
C GLU E 252 55.98 61.90 -25.38
N VAL E 253 55.66 61.13 -24.33
CA VAL E 253 55.49 61.66 -22.98
C VAL E 253 56.20 60.68 -22.05
N ASN E 254 56.30 61.05 -20.78
CA ASN E 254 56.93 60.17 -19.80
C ASN E 254 56.21 58.84 -19.75
N SER E 255 56.96 57.77 -19.48
CA SER E 255 56.40 56.43 -19.41
C SER E 255 56.02 56.10 -17.98
N PRO E 256 54.75 55.83 -17.68
CA PRO E 256 54.40 55.42 -16.32
C PRO E 256 55.04 54.12 -15.91
N PHE E 257 55.39 53.26 -16.88
CA PHE E 257 55.90 51.93 -16.59
C PHE E 257 57.23 51.97 -15.84
N GLU E 258 58.00 53.05 -15.98
CA GLU E 258 59.26 53.11 -15.25
CA GLU E 258 59.26 53.14 -15.25
C GLU E 258 59.04 53.10 -13.74
N TYR E 259 57.90 53.57 -13.26
CA TYR E 259 57.74 53.76 -11.82
C TYR E 259 56.48 53.17 -11.20
N CYS E 260 55.45 52.85 -11.98
CA CYS E 260 54.18 52.43 -11.42
C CYS E 260 54.09 50.91 -11.32
N ASP E 261 53.38 50.43 -10.29
CA ASP E 261 53.12 49.01 -10.15
C ASP E 261 52.11 48.53 -11.19
N ILE E 262 51.12 49.36 -11.48
CA ILE E 262 50.00 48.97 -12.32
C ILE E 262 49.72 50.12 -13.27
N VAL E 263 49.38 49.80 -14.53
CA VAL E 263 48.98 50.81 -15.51
C VAL E 263 47.68 50.38 -16.17
N THR E 264 46.65 51.20 -16.07
CA THR E 264 45.41 50.91 -16.78
C THR E 264 45.25 51.88 -17.93
N THR E 265 44.37 51.54 -18.87
CA THR E 265 44.15 52.46 -19.96
C THR E 265 42.87 52.08 -20.69
N THR E 266 42.25 53.04 -21.34
CA THR E 266 41.34 52.74 -22.45
C THR E 266 42.13 52.64 -23.74
N THR E 267 41.49 52.07 -24.76
CA THR E 267 42.17 51.93 -26.04
C THR E 267 41.58 52.78 -27.15
N HIS E 268 40.53 53.56 -26.89
CA HIS E 268 39.89 54.31 -27.96
C HIS E 268 40.30 55.77 -28.04
N LYS E 269 41.03 56.29 -27.05
CA LYS E 269 41.30 57.72 -27.08
C LYS E 269 42.52 57.97 -27.97
N SER E 270 43.65 58.42 -27.40
CA SER E 270 44.78 58.73 -28.28
C SER E 270 45.44 57.47 -28.83
N LEU E 271 45.16 56.29 -28.28
CA LEU E 271 45.64 55.03 -28.87
C LEU E 271 44.92 54.67 -30.18
N ARG E 272 43.76 55.28 -30.46
CA ARG E 272 43.08 55.14 -31.76
C ARG E 272 42.56 53.73 -32.03
N GLY E 273 42.10 53.05 -30.99
CA GLY E 273 41.60 51.69 -31.14
C GLY E 273 40.11 51.56 -30.90
N PRO E 274 39.65 50.34 -30.70
CA PRO E 274 38.24 50.13 -30.35
C PRO E 274 38.01 50.64 -28.93
N ARG E 275 36.77 50.59 -28.46
CA ARG E 275 36.48 50.88 -27.05
C ARG E 275 36.72 49.61 -26.24
N ALA E 276 37.73 49.67 -25.38
CA ALA E 276 38.16 48.54 -24.59
C ALA E 276 39.12 49.07 -23.53
N GLY E 277 39.53 48.19 -22.60
CA GLY E 277 40.50 48.56 -21.60
C GLY E 277 41.55 47.48 -21.48
N MET E 278 42.67 47.84 -20.86
CA MET E 278 43.76 46.91 -20.60
C MET E 278 44.30 47.18 -19.21
N ILE E 279 44.83 46.14 -18.56
CA ILE E 279 45.51 46.31 -17.27
C ILE E 279 46.92 45.75 -17.40
N PHE E 280 47.92 46.62 -17.31
CA PHE E 280 49.32 46.17 -17.21
C PHE E 280 49.73 46.03 -15.75
N TYR E 281 50.58 45.05 -15.48
CA TYR E 281 51.05 44.83 -14.13
C TYR E 281 52.47 44.30 -14.14
N ARG E 282 53.22 44.66 -13.11
CA ARG E 282 54.58 44.17 -12.96
C ARG E 282 54.62 42.68 -12.60
N LYS E 283 55.66 42.01 -13.09
CA LYS E 283 55.97 40.62 -12.76
CA LYS E 283 55.96 40.64 -12.71
C LYS E 283 57.43 40.53 -12.34
N GLY E 284 57.79 39.43 -11.69
CA GLY E 284 59.17 39.18 -11.38
C GLY E 284 59.63 39.84 -10.10
N PRO E 285 60.94 40.05 -9.98
CA PRO E 285 61.49 40.52 -8.70
C PRO E 285 61.06 41.94 -8.39
N LYS E 286 60.78 42.17 -7.13
CA LYS E 286 60.54 43.50 -6.62
C LYS E 286 61.87 44.19 -6.38
N PRO E 287 61.91 45.52 -6.46
CA PRO E 287 63.11 46.24 -6.06
C PRO E 287 63.35 46.11 -4.56
N PRO E 288 64.59 46.26 -4.11
CA PRO E 288 64.87 46.12 -2.67
C PRO E 288 64.28 47.27 -1.86
N GLN E 292 61.84 44.18 3.16
CA GLN E 292 61.14 43.14 2.43
C GLN E 292 62.00 41.88 2.34
N PRO E 293 61.36 40.71 2.33
CA PRO E 293 62.10 39.45 2.15
C PRO E 293 62.94 39.50 0.88
N GLU E 294 64.03 38.72 0.89
CA GLU E 294 64.94 38.70 -0.25
C GLU E 294 64.36 37.90 -1.40
N ASN E 295 64.67 38.34 -2.63
CA ASN E 295 64.12 37.76 -3.85
C ASN E 295 62.59 37.69 -3.79
N ALA E 296 61.97 38.66 -3.12
CA ALA E 296 60.53 38.78 -3.11
C ALA E 296 60.05 39.25 -4.48
N VAL E 297 58.88 38.77 -4.89
CA VAL E 297 58.38 39.00 -6.23
C VAL E 297 56.96 39.55 -6.19
N TYR E 298 56.57 40.16 -7.30
CA TYR E 298 55.24 40.72 -7.45
C TYR E 298 54.21 39.61 -7.52
N ASP E 299 53.03 39.86 -6.96
CA ASP E 299 51.93 38.90 -7.00
CA ASP E 299 51.92 38.91 -6.99
C ASP E 299 50.68 39.52 -7.63
N PHE E 300 50.88 40.37 -8.64
CA PHE E 300 49.74 41.04 -9.28
C PHE E 300 49.02 40.14 -10.29
N GLU E 301 49.77 39.39 -11.09
CA GLU E 301 49.20 38.73 -12.27
CA GLU E 301 49.21 38.73 -12.27
C GLU E 301 47.95 37.93 -11.94
N ASP E 302 48.06 37.00 -10.99
CA ASP E 302 46.91 36.15 -10.67
C ASP E 302 45.74 36.95 -10.09
N LYS E 303 46.02 37.91 -9.20
CA LYS E 303 44.96 38.74 -8.63
C LYS E 303 44.24 39.53 -9.72
N ILE E 304 44.99 40.12 -10.66
CA ILE E 304 44.37 40.95 -11.69
CA ILE E 304 44.39 40.95 -11.70
C ILE E 304 43.55 40.10 -12.65
N ASN E 305 44.10 38.97 -13.11
CA ASN E 305 43.34 38.10 -14.00
C ASN E 305 42.08 37.62 -13.32
N PHE E 306 42.19 37.26 -12.04
CA PHE E 306 41.04 36.72 -11.32
C PHE E 306 39.98 37.80 -11.09
N ALA E 307 40.42 39.03 -10.77
CA ALA E 307 39.47 40.14 -10.62
C ALA E 307 38.66 40.35 -11.89
N VAL E 308 39.31 40.34 -13.04
CA VAL E 308 38.59 40.53 -14.29
C VAL E 308 37.62 39.36 -14.50
N PHE E 309 38.11 38.14 -14.32
CA PHE E 309 37.26 36.97 -14.45
C PHE E 309 37.82 35.85 -13.57
N PRO E 310 37.00 35.23 -12.70
CA PRO E 310 35.53 35.34 -12.66
C PRO E 310 34.93 36.39 -11.72
N SER E 311 35.70 37.29 -11.11
CA SER E 311 35.12 38.17 -10.10
CA SER E 311 35.13 38.18 -10.10
C SER E 311 34.12 39.14 -10.71
N LEU E 312 34.54 39.91 -11.72
CA LEU E 312 33.73 41.05 -12.18
C LEU E 312 33.05 40.84 -13.52
N GLN E 313 33.75 40.32 -14.53
CA GLN E 313 33.18 40.22 -15.87
C GLN E 313 32.73 38.80 -16.15
N GLY E 314 31.99 38.63 -17.23
CA GLY E 314 31.69 37.32 -17.76
C GLY E 314 32.58 37.09 -18.97
N GLY E 315 32.02 36.62 -20.09
CA GLY E 315 32.83 36.32 -21.25
C GLY E 315 33.49 37.57 -21.81
N PRO E 316 34.73 37.44 -22.27
CA PRO E 316 35.38 38.57 -22.96
C PRO E 316 34.61 38.91 -24.24
N HIS E 317 34.75 40.16 -24.66
CA HIS E 317 34.15 40.59 -25.93
C HIS E 317 35.21 40.40 -27.00
N ASN E 318 35.19 39.22 -27.65
CA ASN E 318 36.34 38.84 -28.45
C ASN E 318 36.47 39.66 -29.72
N HIS E 319 35.39 40.28 -30.18
CA HIS E 319 35.49 41.20 -31.30
C HIS E 319 36.26 42.47 -30.92
N GLN E 320 36.08 42.93 -29.67
CA GLN E 320 36.88 44.05 -29.13
C GLN E 320 38.35 43.66 -29.03
N ILE E 321 38.64 42.43 -28.61
CA ILE E 321 40.02 41.99 -28.43
C ILE E 321 40.73 41.88 -29.78
N GLY E 322 40.05 41.31 -30.77
CA GLY E 322 40.63 41.26 -32.11
C GLY E 322 40.83 42.63 -32.72
N ALA E 323 39.81 43.50 -32.60
CA ALA E 323 39.99 44.87 -33.07
C ALA E 323 41.13 45.57 -32.32
N LEU E 324 41.27 45.29 -31.02
CA LEU E 324 42.36 45.90 -30.25
C LEU E 324 43.71 45.39 -30.71
N ALA E 325 43.81 44.10 -31.05
CA ALA E 325 45.06 43.58 -31.57
C ALA E 325 45.48 44.32 -32.83
N VAL E 326 44.51 44.64 -33.69
CA VAL E 326 44.79 45.41 -34.89
C VAL E 326 45.32 46.80 -34.53
N ALA E 327 44.64 47.46 -33.58
CA ALA E 327 45.03 48.80 -33.19
C ALA E 327 46.43 48.82 -32.58
N LEU E 328 46.80 47.75 -31.87
CA LEU E 328 48.13 47.71 -31.28
C LEU E 328 49.23 47.46 -32.32
N LYS E 329 48.91 46.75 -33.40
CA LYS E 329 49.84 46.68 -34.51
C LYS E 329 50.01 48.04 -35.17
N GLN E 330 48.90 48.72 -35.43
CA GLN E 330 49.00 50.03 -36.05
C GLN E 330 49.75 51.02 -35.16
N ALA E 331 49.55 50.94 -33.85
CA ALA E 331 50.21 51.90 -32.96
C ALA E 331 51.72 51.67 -32.89
N ALA E 332 52.21 50.50 -33.27
CA ALA E 332 53.63 50.22 -33.23
C ALA E 332 54.36 50.69 -34.49
N SER E 333 53.70 51.43 -35.37
CA SER E 333 54.28 51.77 -36.67
C SER E 333 54.98 53.13 -36.62
N PRO E 334 55.91 53.40 -37.55
CA PRO E 334 56.47 54.75 -37.64
C PRO E 334 55.44 55.82 -37.93
N GLY E 335 54.40 55.51 -38.72
CA GLY E 335 53.35 56.49 -38.93
C GLY E 335 52.67 56.90 -37.63
N PHE E 336 52.49 55.95 -36.69
CA PHE E 336 51.82 56.32 -35.46
C PHE E 336 52.71 57.19 -34.58
N LYS E 337 54.01 56.89 -34.53
CA LYS E 337 54.92 57.80 -33.84
C LYS E 337 54.82 59.21 -34.41
N ALA E 338 54.71 59.35 -35.74
CA ALA E 338 54.56 60.68 -36.33
C ALA E 338 53.20 61.29 -36.01
N TYR E 339 52.16 60.46 -35.96
CA TYR E 339 50.85 60.92 -35.53
C TYR E 339 50.89 61.52 -34.13
N ALA E 340 51.56 60.81 -33.21
CA ALA E 340 51.59 61.28 -31.82
C ALA E 340 52.34 62.59 -31.71
N LYS E 341 53.47 62.72 -32.42
CA LYS E 341 54.16 64.02 -32.48
C LYS E 341 53.21 65.10 -33.01
N GLN E 342 52.47 64.79 -34.07
CA GLN E 342 51.60 65.79 -34.68
C GLN E 342 50.48 66.20 -33.74
N VAL E 343 49.90 65.23 -33.02
CA VAL E 343 48.88 65.55 -32.03
C VAL E 343 49.41 66.62 -31.06
N LYS E 344 50.58 66.35 -30.47
CA LYS E 344 51.22 67.32 -29.57
C LYS E 344 51.46 68.66 -30.25
N ALA E 345 51.97 68.64 -31.50
CA ALA E 345 52.23 69.90 -32.18
C ALA E 345 50.94 70.64 -32.47
N ASN E 346 49.86 69.89 -32.78
CA ASN E 346 48.58 70.55 -33.06
C ASN E 346 48.00 71.18 -31.79
N ALA E 347 48.08 70.49 -30.66
CA ALA E 347 47.59 71.06 -29.42
C ALA E 347 48.35 72.34 -29.05
N VAL E 348 49.68 72.30 -29.15
CA VAL E 348 50.50 73.50 -28.88
C VAL E 348 50.12 74.63 -29.82
N ALA E 349 49.97 74.33 -31.13
CA ALA E 349 49.68 75.40 -32.10
C ALA E 349 48.32 76.03 -31.82
N LEU E 350 47.33 75.21 -31.46
CA LEU E 350 46.03 75.75 -31.09
C LEU E 350 46.13 76.56 -29.79
N GLY E 351 46.79 76.00 -28.77
CA GLY E 351 46.96 76.75 -27.53
C GLY E 351 47.63 78.09 -27.75
N ASN E 352 48.67 78.13 -28.58
CA ASN E 352 49.38 79.41 -28.80
C ASN E 352 48.49 80.41 -29.52
N TYR E 353 47.68 79.93 -30.47
CA TYR E 353 46.74 80.80 -31.17
C TYR E 353 45.75 81.44 -30.21
N LEU E 354 45.18 80.64 -29.30
CA LEU E 354 44.20 81.17 -28.37
C LEU E 354 44.85 82.19 -27.42
N MET E 355 46.04 81.88 -26.88
CA MET E 355 46.69 82.81 -25.97
C MET E 355 46.97 84.13 -26.67
N GLY E 356 47.38 84.05 -27.95
CA GLY E 356 47.58 85.26 -28.75
C GLY E 356 46.34 86.12 -28.85
N LYS E 357 45.16 85.51 -28.80
CA LYS E 357 43.93 86.32 -28.78
C LYS E 357 43.57 86.80 -27.37
N GLY E 358 44.41 86.55 -26.36
CA GLY E 358 44.08 86.95 -25.00
C GLY E 358 43.27 85.95 -24.18
N TYR E 359 43.30 84.67 -24.55
CA TYR E 359 42.58 83.66 -23.80
C TYR E 359 43.54 83.00 -22.82
N SER E 360 42.97 82.46 -21.74
CA SER E 360 43.75 81.93 -20.62
C SER E 360 43.71 80.42 -20.67
N LEU E 361 44.88 79.81 -20.75
CA LEU E 361 45.00 78.37 -20.67
C LEU E 361 45.47 77.98 -19.26
N VAL E 362 44.97 76.86 -18.77
CA VAL E 362 45.41 76.32 -17.50
C VAL E 362 46.84 75.82 -17.68
N THR E 363 47.73 76.23 -16.77
CA THR E 363 49.18 76.09 -16.82
C THR E 363 49.82 76.84 -17.98
N GLY E 364 49.05 77.65 -18.71
CA GLY E 364 49.65 78.47 -19.75
C GLY E 364 50.22 77.69 -20.93
N GLY E 365 49.70 76.50 -21.20
CA GLY E 365 50.17 75.75 -22.34
C GLY E 365 49.83 74.28 -22.18
N THR E 366 50.45 73.44 -23.01
CA THR E 366 50.20 72.00 -22.94
C THR E 366 51.49 71.24 -23.26
N GLU E 367 51.61 70.08 -22.64
CA GLU E 367 52.64 69.09 -22.94
C GLU E 367 52.04 67.80 -23.51
N ASN E 368 50.74 67.77 -23.79
CA ASN E 368 50.15 66.55 -24.33
C ASN E 368 49.11 66.89 -25.38
N HIS E 369 48.00 66.17 -25.42
CA HIS E 369 47.06 66.26 -26.52
C HIS E 369 45.96 67.30 -26.31
N LEU E 370 45.86 67.92 -25.13
CA LEU E 370 44.71 68.77 -24.89
C LEU E 370 45.14 70.17 -24.45
N VAL E 371 44.19 71.09 -24.54
CA VAL E 371 44.31 72.36 -23.84
C VAL E 371 43.11 72.51 -22.93
N LEU E 372 43.33 73.12 -21.77
CA LEU E 372 42.26 73.48 -20.85
C LEU E 372 42.13 74.99 -20.87
N TRP E 373 40.96 75.49 -21.28
CA TRP E 373 40.72 76.91 -21.51
C TRP E 373 39.86 77.43 -20.38
N ASP E 374 40.44 78.28 -19.54
CA ASP E 374 39.74 78.90 -18.41
C ASP E 374 38.95 80.09 -18.94
N LEU E 375 37.62 80.01 -18.90
CA LEU E 375 36.75 81.06 -19.43
C LEU E 375 36.32 82.07 -18.38
N ARG E 376 36.58 81.82 -17.10
CA ARG E 376 36.19 82.77 -16.07
C ARG E 376 36.75 84.17 -16.27
N PRO E 377 37.99 84.37 -16.74
CA PRO E 377 38.44 85.75 -16.96
C PRO E 377 37.56 86.52 -17.92
N LEU E 378 36.88 85.84 -18.84
CA LEU E 378 35.96 86.48 -19.77
C LEU E 378 34.56 86.65 -19.19
N GLY E 379 34.31 86.15 -17.99
CA GLY E 379 32.96 86.16 -17.44
C GLY E 379 32.01 85.21 -18.12
N LEU E 380 32.52 84.11 -18.69
CA LEU E 380 31.72 83.12 -19.41
C LEU E 380 31.77 81.78 -18.68
N THR E 381 30.73 80.99 -18.85
CA THR E 381 30.74 79.62 -18.37
C THR E 381 31.08 78.65 -19.50
N GLY E 382 31.60 77.49 -19.10
CA GLY E 382 31.76 76.40 -20.05
C GLY E 382 30.45 76.01 -20.71
N ASN E 383 29.33 76.16 -19.99
CA ASN E 383 28.04 75.74 -20.54
C ASN E 383 27.69 76.52 -21.80
N LYS E 384 27.91 77.84 -21.78
CA LYS E 384 27.51 78.68 -22.91
C LYS E 384 28.40 78.42 -24.11
N VAL E 385 29.72 78.37 -23.91
CA VAL E 385 30.64 78.16 -25.03
C VAL E 385 30.42 76.79 -25.66
N GLU E 386 30.22 75.75 -24.83
CA GLU E 386 29.95 74.42 -25.37
C GLU E 386 28.66 74.41 -26.18
N LYS E 387 27.62 75.06 -25.67
CA LYS E 387 26.32 75.07 -26.34
C LYS E 387 26.39 75.81 -27.66
N LEU E 388 26.99 77.00 -27.65
CA LEU E 388 27.05 77.79 -28.88
C LEU E 388 27.83 77.07 -29.95
N CYS E 389 28.99 76.49 -29.64
CA CYS E 389 29.54 75.96 -30.87
C CYS E 389 29.20 74.50 -31.14
N ASP E 390 28.51 73.81 -30.23
CA ASP E 390 27.77 72.63 -30.67
C ASP E 390 26.84 73.00 -31.82
N LEU E 391 26.12 74.13 -31.71
CA LEU E 391 25.28 74.59 -32.81
C LEU E 391 26.08 74.91 -34.08
N CYS E 392 27.36 75.26 -33.97
CA CYS E 392 28.17 75.45 -35.17
C CYS E 392 28.99 74.22 -35.53
N ASN E 393 28.60 73.02 -35.06
CA ASN E 393 29.26 71.75 -35.41
C ASN E 393 30.68 71.68 -34.89
N ILE E 394 30.96 72.38 -33.80
CA ILE E 394 32.24 72.29 -33.08
C ILE E 394 31.94 71.65 -31.74
N THR E 395 32.51 70.49 -31.49
CA THR E 395 32.17 69.75 -30.29
C THR E 395 33.34 69.85 -29.32
N VAL E 396 33.10 70.54 -28.21
CA VAL E 396 34.04 70.63 -27.11
C VAL E 396 33.32 70.11 -25.87
N ASN E 397 33.97 70.14 -24.72
CA ASN E 397 33.24 69.81 -23.51
C ASN E 397 33.56 70.85 -22.44
N LYS E 398 32.50 71.36 -21.84
CA LYS E 398 32.66 72.16 -20.64
C LYS E 398 33.46 71.33 -19.65
N ASN E 399 34.29 72.01 -18.85
CA ASN E 399 35.10 71.22 -17.95
C ASN E 399 35.33 72.05 -16.70
N ALA E 400 35.24 71.40 -15.54
CA ALA E 400 35.58 72.10 -14.31
C ALA E 400 37.01 72.62 -14.39
N VAL E 401 37.25 73.73 -13.71
CA VAL E 401 38.60 74.26 -13.54
C VAL E 401 38.81 74.53 -12.06
N PHE E 402 40.07 74.70 -11.67
CA PHE E 402 40.39 74.77 -10.25
C PHE E 402 39.59 75.86 -9.56
N GLY E 403 39.07 75.53 -8.38
CA GLY E 403 38.33 76.46 -7.54
C GLY E 403 37.02 76.95 -8.13
N ASP E 404 36.29 76.09 -8.83
CA ASP E 404 34.99 76.48 -9.39
C ASP E 404 33.92 76.65 -8.29
N ALA E 409 28.05 74.64 -13.01
CA ALA E 409 28.60 75.70 -13.86
C ALA E 409 30.12 75.60 -13.98
N PRO E 410 30.59 74.66 -14.80
CA PRO E 410 32.02 74.57 -15.09
C PRO E 410 32.57 75.90 -15.62
N GLY E 411 33.76 76.27 -15.16
CA GLY E 411 34.36 77.52 -15.61
C GLY E 411 35.23 77.47 -16.85
N GLY E 412 35.38 76.32 -17.52
CA GLY E 412 36.28 76.21 -18.65
C GLY E 412 35.75 75.30 -19.74
N VAL E 413 36.56 75.13 -20.79
CA VAL E 413 36.31 74.10 -21.80
C VAL E 413 37.60 73.34 -22.05
N ARG E 414 37.47 72.04 -22.25
CA ARG E 414 38.56 71.15 -22.59
C ARG E 414 38.51 70.93 -24.09
N ILE E 415 39.68 70.91 -24.73
CA ILE E 415 39.79 70.78 -26.19
C ILE E 415 40.92 69.81 -26.48
N GLY E 416 40.68 68.84 -27.36
CA GLY E 416 41.69 67.85 -27.69
C GLY E 416 41.98 67.82 -29.18
N ALA E 417 43.23 67.49 -29.51
CA ALA E 417 43.72 67.35 -30.88
C ALA E 417 43.65 65.95 -31.49
N PRO E 418 43.52 64.83 -30.73
CA PRO E 418 43.64 63.51 -31.40
C PRO E 418 42.70 63.27 -32.58
N ALA E 419 41.42 63.62 -32.46
CA ALA E 419 40.47 63.27 -33.52
C ALA E 419 40.75 64.02 -34.81
N MET E 420 40.95 65.34 -34.73
CA MET E 420 41.16 66.07 -35.98
C MET E 420 42.54 65.80 -36.55
N THR E 421 43.53 65.53 -35.69
CA THR E 421 44.82 65.11 -36.23
C THR E 421 44.67 63.81 -37.03
N SER E 422 43.81 62.89 -36.57
CA SER E 422 43.62 61.65 -37.31
C SER E 422 42.99 61.87 -38.68
N ARG E 423 42.25 62.98 -38.88
CA ARG E 423 41.77 63.34 -40.22
C ARG E 423 42.84 64.03 -41.06
N GLY E 424 44.07 64.10 -40.59
CA GLY E 424 45.15 64.66 -41.38
C GLY E 424 45.51 66.10 -41.07
N LEU E 425 44.85 66.77 -40.12
CA LEU E 425 45.11 68.19 -39.90
C LEU E 425 46.48 68.43 -39.27
N VAL E 426 47.08 69.58 -39.63
CA VAL E 426 48.36 69.96 -39.05
C VAL E 426 48.27 71.35 -38.42
N GLU E 427 49.42 71.93 -38.08
CA GLU E 427 49.40 73.09 -37.19
C GLU E 427 48.54 74.22 -37.76
N LYS E 428 48.69 74.50 -39.06
CA LYS E 428 47.96 75.68 -39.51
C LYS E 428 46.47 75.39 -39.66
N ASP E 429 46.09 74.13 -39.87
CA ASP E 429 44.69 73.75 -39.71
C ASP E 429 44.23 73.95 -38.27
N PHE E 430 45.08 73.66 -37.30
CA PHE E 430 44.64 73.88 -35.92
C PHE E 430 44.62 75.36 -35.55
N GLU E 431 45.35 76.22 -36.27
CA GLU E 431 45.20 77.65 -36.06
C GLU E 431 43.88 78.15 -36.64
N GLN E 432 43.48 77.61 -37.80
CA GLN E 432 42.13 77.91 -38.30
C GLN E 432 41.07 77.46 -37.28
N ILE E 433 41.22 76.26 -36.71
CA ILE E 433 40.32 75.85 -35.63
C ILE E 433 40.35 76.86 -34.49
N GLY E 434 41.54 77.37 -34.15
CA GLY E 434 41.62 78.43 -33.14
C GLY E 434 40.77 79.64 -33.48
N GLU E 435 40.82 80.05 -34.76
CA GLU E 435 40.04 81.20 -35.22
C GLU E 435 38.54 80.92 -35.16
N PHE E 436 38.12 79.69 -35.52
CA PHE E 436 36.70 79.35 -35.39
C PHE E 436 36.28 79.44 -33.93
N LEU E 437 37.14 78.96 -33.02
CA LEU E 437 36.82 79.09 -31.60
C LEU E 437 36.80 80.55 -31.16
N HIS E 438 37.73 81.36 -31.70
CA HIS E 438 37.74 82.77 -31.37
C HIS E 438 36.44 83.44 -31.81
N ARG E 439 35.96 83.10 -33.01
CA ARG E 439 34.66 83.63 -33.46
C ARG E 439 33.53 83.15 -32.57
N ALA E 440 33.54 81.88 -32.20
CA ALA E 440 32.46 81.33 -31.38
C ALA E 440 32.39 82.02 -30.02
N VAL E 441 33.55 82.21 -29.37
CA VAL E 441 33.52 82.81 -28.04
C VAL E 441 33.18 84.29 -28.15
N THR E 442 33.60 84.94 -29.24
CA THR E 442 33.16 86.30 -29.51
C THR E 442 31.64 86.38 -29.64
N LEU E 443 31.04 85.47 -30.40
CA LEU E 443 29.58 85.40 -30.47
C LEU E 443 28.97 85.12 -29.11
N THR E 444 29.53 84.16 -28.38
CA THR E 444 28.99 83.88 -27.06
C THR E 444 28.96 85.14 -26.20
N LEU E 445 30.04 85.92 -26.21
CA LEU E 445 30.06 87.14 -25.43
C LEU E 445 28.97 88.11 -25.86
N GLU E 446 28.79 88.25 -27.18
CA GLU E 446 27.80 89.19 -27.69
C GLU E 446 26.39 88.76 -27.31
N ILE E 447 26.09 87.47 -27.47
CA ILE E 447 24.75 86.98 -27.12
C ILE E 447 24.51 87.14 -25.63
N GLN E 448 25.52 86.87 -24.80
CA GLN E 448 25.35 87.03 -23.36
C GLN E 448 25.18 88.50 -23.01
N LYS E 449 25.89 89.39 -23.70
CA LYS E 449 25.77 90.81 -23.42
C LYS E 449 24.39 91.33 -23.82
N GLU E 450 23.86 90.82 -24.93
CA GLU E 450 22.62 91.37 -25.47
C GLU E 450 21.40 90.72 -24.82
N HIS E 451 21.44 89.41 -24.53
CA HIS E 451 20.27 88.74 -23.98
C HIS E 451 20.38 88.43 -22.48
N GLY E 452 21.56 88.26 -21.92
CA GLY E 452 21.72 88.04 -20.49
C GLY E 452 22.49 86.77 -20.17
N LYS E 453 22.85 86.67 -18.87
CA LYS E 453 23.68 85.58 -18.37
C LYS E 453 22.90 84.34 -17.94
N LEU E 454 21.64 84.49 -17.51
CA LEU E 454 20.86 83.31 -17.19
C LEU E 454 20.70 82.47 -18.45
N LEU E 455 20.79 81.13 -18.30
CA LEU E 455 20.73 80.27 -19.47
C LEU E 455 19.43 80.47 -20.24
N LYS E 456 18.30 80.57 -19.54
CA LYS E 456 17.02 80.85 -20.20
C LYS E 456 17.13 82.09 -21.09
N ASP E 457 17.76 83.15 -20.58
CA ASP E 457 17.90 84.37 -21.35
C ASP E 457 18.94 84.23 -22.46
N PHE E 458 20.06 83.56 -22.16
CA PHE E 458 21.11 83.39 -23.15
C PHE E 458 20.59 82.63 -24.37
N ASN E 459 19.71 81.66 -24.14
CA ASN E 459 19.16 80.82 -25.21
C ASN E 459 18.40 81.64 -26.23
N LYS E 460 17.82 82.78 -25.81
CA LYS E 460 17.09 83.63 -26.75
C LYS E 460 17.95 84.02 -27.96
N GLY E 461 19.25 84.25 -27.73
CA GLY E 461 20.16 84.60 -28.81
C GLY E 461 20.62 83.47 -29.70
N LEU E 462 20.20 82.24 -29.43
CA LEU E 462 20.61 81.10 -30.23
C LEU E 462 19.63 80.73 -31.34
N VAL E 463 18.44 81.34 -31.35
CA VAL E 463 17.40 81.00 -32.33
C VAL E 463 17.50 81.99 -33.48
N ASN E 464 17.58 81.45 -34.70
CA ASN E 464 17.68 82.24 -35.93
C ASN E 464 18.72 83.35 -35.80
N ASN E 465 19.95 82.94 -35.50
CA ASN E 465 21.08 83.87 -35.36
C ASN E 465 21.94 83.74 -36.61
N LYS E 466 21.95 84.78 -37.45
CA LYS E 466 22.65 84.69 -38.72
C LYS E 466 24.13 84.37 -38.52
N ALA E 467 24.75 84.97 -37.49
CA ALA E 467 26.18 84.79 -37.26
C ALA E 467 26.50 83.34 -36.91
N ILE E 468 25.66 82.71 -36.09
CA ILE E 468 25.81 81.28 -35.81
C ILE E 468 25.70 80.48 -37.10
N GLU E 469 24.66 80.74 -37.88
CA GLU E 469 24.50 80.03 -39.15
C GLU E 469 25.72 80.23 -40.03
N ASP E 470 26.27 81.45 -40.03
CA ASP E 470 27.45 81.74 -40.84
C ASP E 470 28.64 80.92 -40.37
N LEU E 471 28.87 80.90 -39.05
CA LEU E 471 30.01 80.16 -38.52
C LEU E 471 29.85 78.68 -38.80
N LYS E 472 28.67 78.14 -38.54
CA LYS E 472 28.39 76.74 -38.87
C LYS E 472 28.69 76.45 -40.35
N ALA E 473 28.29 77.34 -41.25
CA ALA E 473 28.56 77.08 -42.67
C ALA E 473 30.05 77.05 -42.93
N ASP E 474 30.80 77.96 -42.28
CA ASP E 474 32.24 78.01 -42.48
C ASP E 474 32.91 76.75 -41.94
N VAL E 475 32.49 76.32 -40.75
CA VAL E 475 33.02 75.10 -40.15
C VAL E 475 32.79 73.91 -41.06
N GLU E 476 31.56 73.77 -41.58
CA GLU E 476 31.23 72.61 -42.40
C GLU E 476 32.02 72.58 -43.72
N LYS E 477 32.22 73.74 -44.35
CA LYS E 477 33.04 73.76 -45.55
C LYS E 477 34.49 73.41 -45.23
N PHE E 478 34.98 73.89 -44.08
CA PHE E 478 36.34 73.55 -43.66
C PHE E 478 36.49 72.04 -43.44
N SER E 479 35.59 71.47 -42.64
CA SER E 479 35.72 70.05 -42.30
C SER E 479 35.57 69.14 -43.51
N ALA E 480 34.72 69.52 -44.48
CA ALA E 480 34.49 68.67 -45.64
C ALA E 480 35.73 68.48 -46.50
N THR E 481 36.74 69.37 -46.39
CA THR E 481 37.93 69.23 -47.22
C THR E 481 38.85 68.10 -46.77
N PHE E 482 38.68 67.56 -45.57
CA PHE E 482 39.66 66.63 -45.05
C PHE E 482 39.21 65.19 -45.25
N ASP E 483 40.19 64.29 -45.29
CA ASP E 483 39.96 62.87 -45.38
C ASP E 483 39.26 62.37 -44.11
N MET E 484 38.78 61.14 -44.16
CA MET E 484 38.10 60.54 -43.01
C MET E 484 38.36 59.06 -42.91
N PRO E 485 38.99 58.60 -41.83
CA PRO E 485 39.23 57.17 -41.66
C PRO E 485 37.96 56.45 -41.22
N GLY E 486 37.98 55.13 -41.40
CA GLY E 486 36.94 54.27 -40.86
C GLY E 486 35.81 53.95 -41.82
N PHE E 487 35.51 54.85 -42.76
CA PHE E 487 34.56 54.58 -43.83
C PHE E 487 34.95 55.45 -45.02
N LEU E 488 34.36 55.15 -46.17
CA LEU E 488 34.62 55.89 -47.41
C LEU E 488 33.56 56.97 -47.57
N VAL E 489 33.97 58.24 -47.45
CA VAL E 489 33.09 59.37 -47.72
C VAL E 489 32.48 59.26 -49.12
N SER E 490 33.18 58.61 -50.05
CA SER E 490 32.63 58.43 -51.39
C SER E 490 31.43 57.49 -51.41
N GLU E 491 31.24 56.66 -50.39
CA GLU E 491 30.16 55.68 -50.40
C GLU E 491 29.03 56.01 -49.43
N MET E 492 29.11 57.13 -48.71
CA MET E 492 28.14 57.37 -47.66
C MET E 492 26.85 57.92 -48.25
N LYS E 493 25.77 57.76 -47.50
CA LYS E 493 24.44 58.10 -48.00
C LYS E 493 24.25 59.61 -48.11
N TYR E 494 24.74 60.37 -47.14
CA TYR E 494 24.56 61.83 -47.13
C TYR E 494 25.87 62.49 -47.51
N LYS E 495 25.99 62.86 -48.79
CA LYS E 495 27.22 63.42 -49.34
C LYS E 495 27.20 64.93 -49.45
N ASP E 496 26.05 65.56 -49.27
CA ASP E 496 25.90 67.00 -49.44
C ASP E 496 26.49 67.79 -48.29
N MET F 26 26.85 22.83 52.30
CA MET F 26 26.98 24.25 51.93
C MET F 26 27.55 24.99 53.16
N ASP F 27 28.49 25.91 52.96
CA ASP F 27 28.91 26.77 54.07
C ASP F 27 27.73 27.56 54.60
N PRO F 28 27.64 27.78 55.91
CA PRO F 28 26.67 28.76 56.41
C PRO F 28 26.94 30.10 55.72
N VAL F 29 25.87 30.85 55.48
CA VAL F 29 25.97 32.05 54.66
C VAL F 29 27.01 33.03 55.22
N SER F 30 26.97 33.29 56.54
CA SER F 30 27.86 34.33 57.07
C SER F 30 29.32 33.97 56.91
N VAL F 31 29.63 32.67 56.85
CA VAL F 31 31.03 32.24 56.85
C VAL F 31 31.73 32.70 55.58
N TRP F 32 31.09 32.55 54.42
CA TRP F 32 31.64 33.06 53.17
C TRP F 32 31.14 34.46 52.83
N GLY F 33 29.93 34.80 53.24
CA GLY F 33 29.24 35.95 52.71
C GLY F 33 29.29 37.22 53.55
N ASN F 34 29.60 37.12 54.84
CA ASN F 34 29.57 38.28 55.71
C ASN F 34 30.85 38.49 56.48
N THR F 35 31.87 37.69 56.23
CA THR F 35 33.18 37.85 56.83
C THR F 35 33.97 38.96 56.11
N PRO F 36 34.85 39.67 56.81
CA PRO F 36 35.59 40.78 56.19
C PRO F 36 36.67 40.32 55.21
N LEU F 37 36.97 41.19 54.26
CA LEU F 37 38.07 40.96 53.32
C LEU F 37 39.36 40.57 54.04
N ALA F 38 39.66 41.21 55.17
CA ALA F 38 40.94 40.91 55.83
C ALA F 38 41.02 39.43 56.25
N THR F 39 39.88 38.82 56.57
CA THR F 39 39.75 37.40 56.89
C THR F 39 39.61 36.53 55.63
N VAL F 40 38.77 36.93 54.69
CA VAL F 40 38.49 36.05 53.55
C VAL F 40 39.70 35.95 52.64
N ASP F 41 40.42 37.05 52.46
CA ASP F 41 41.49 37.13 51.46
C ASP F 41 42.58 38.05 51.98
N PRO F 42 43.37 37.59 52.97
CA PRO F 42 44.45 38.44 53.49
C PRO F 42 45.43 38.91 52.43
N GLU F 43 45.63 38.11 51.38
CA GLU F 43 46.53 38.50 50.30
C GLU F 43 46.06 39.78 49.60
N ILE F 44 44.80 39.80 49.19
CA ILE F 44 44.27 40.97 48.49
C ILE F 44 44.07 42.12 49.48
N HIS F 45 43.64 41.83 50.69
CA HIS F 45 43.54 42.87 51.71
C HIS F 45 44.86 43.58 51.90
N ASP F 46 45.95 42.81 51.99
CA ASP F 46 47.27 43.38 52.21
C ASP F 46 47.71 44.22 51.03
N LEU F 47 47.41 43.74 49.80
CA LEU F 47 47.80 44.49 48.62
C LEU F 47 47.05 45.81 48.52
N ILE F 48 45.75 45.82 48.87
CA ILE F 48 45.03 47.10 48.87
C ILE F 48 45.61 48.04 49.91
N GLU F 49 45.96 47.51 51.10
CA GLU F 49 46.57 48.37 52.11
C GLU F 49 47.90 48.95 51.62
N LYS F 50 48.71 48.15 50.90
CA LYS F 50 49.95 48.69 50.35
C LYS F 50 49.66 49.77 49.30
N GLU F 51 48.61 49.59 48.51
CA GLU F 51 48.25 50.59 47.52
C GLU F 51 47.76 51.88 48.19
N LYS F 52 47.00 51.76 49.27
CA LYS F 52 46.58 52.92 50.05
C LYS F 52 47.78 53.70 50.54
N HIS F 53 48.75 52.98 51.11
CA HIS F 53 49.97 53.60 51.62
C HIS F 53 50.75 54.26 50.48
N ARG F 54 50.83 53.59 49.33
CA ARG F 54 51.51 54.19 48.17
C ARG F 54 50.83 55.47 47.72
N GLN F 55 49.49 55.50 47.70
CA GLN F 55 48.78 56.71 47.32
C GLN F 55 49.03 57.87 48.28
N CYS F 56 49.45 57.60 49.51
CA CYS F 56 49.71 58.57 50.57
CA CYS F 56 49.68 58.69 50.45
C CYS F 56 51.17 58.94 50.72
N ARG F 57 52.06 58.28 49.99
CA ARG F 57 53.49 58.46 50.18
C ARG F 57 54.21 58.91 48.92
N GLY F 58 53.49 59.30 47.87
CA GLY F 58 54.10 59.78 46.64
C GLY F 58 53.44 61.05 46.17
N ILE F 59 53.90 61.54 45.02
CA ILE F 59 53.32 62.73 44.40
C ILE F 59 52.63 62.26 43.13
N GLU F 60 51.31 62.26 43.14
CA GLU F 60 50.52 61.72 42.02
CA GLU F 60 50.53 61.73 42.03
C GLU F 60 50.28 62.83 41.00
N LEU F 61 51.01 62.81 39.89
CA LEU F 61 50.91 63.87 38.90
C LEU F 61 50.30 63.40 37.57
N ILE F 62 49.80 62.18 37.50
CA ILE F 62 49.11 61.67 36.32
C ILE F 62 47.82 62.45 36.14
N ALA F 63 47.70 63.15 35.01
CA ALA F 63 46.69 64.19 34.85
C ALA F 63 45.27 63.65 34.82
N SER F 64 45.09 62.36 34.56
CA SER F 64 43.79 61.74 34.56
C SER F 64 43.45 61.06 35.89
N GLU F 65 44.27 61.23 36.92
CA GLU F 65 43.92 60.57 38.17
C GLU F 65 43.36 61.56 39.19
N ASN F 66 42.64 61.00 40.15
CA ASN F 66 42.14 61.80 41.24
C ASN F 66 41.97 60.88 42.45
N PHE F 67 41.59 61.47 43.57
CA PHE F 67 41.26 60.72 44.78
C PHE F 67 39.81 61.05 45.12
N THR F 68 38.92 60.06 45.05
CA THR F 68 37.50 60.31 45.22
C THR F 68 37.12 60.19 46.69
N SER F 69 35.87 60.46 47.02
CA SER F 69 35.46 60.57 48.41
C SER F 69 35.11 59.21 49.00
N PHE F 70 35.20 59.13 50.34
CA PHE F 70 34.71 57.97 51.06
C PHE F 70 33.24 57.71 50.76
N ALA F 71 32.44 58.79 50.71
CA ALA F 71 31.01 58.66 50.41
C ALA F 71 30.76 58.02 49.04
N VAL F 72 31.52 58.42 48.03
CA VAL F 72 31.45 57.79 46.72
C VAL F 72 31.80 56.31 46.83
N ILE F 73 32.88 56.01 47.57
CA ILE F 73 33.36 54.64 47.66
C ILE F 73 32.38 53.75 48.42
N GLU F 74 31.65 54.30 49.40
CA GLU F 74 30.64 53.52 50.11
C GLU F 74 29.48 53.15 49.19
N ALA F 75 29.09 54.06 48.29
CA ALA F 75 28.06 53.70 47.32
C ALA F 75 28.59 52.70 46.30
N LEU F 76 29.86 52.83 45.91
CA LEU F 76 30.47 51.92 44.92
C LEU F 76 30.54 50.49 45.45
N GLY F 77 30.95 50.32 46.70
CA GLY F 77 30.94 49.01 47.31
C GLY F 77 29.70 48.80 48.15
N SER F 78 28.60 48.48 47.46
CA SER F 78 27.29 48.34 48.08
C SER F 78 26.49 47.28 47.35
N ALA F 79 25.34 46.92 47.95
CA ALA F 79 24.41 45.92 47.41
C ALA F 79 23.84 46.32 46.06
N LEU F 80 24.07 47.57 45.60
CA LEU F 80 23.66 47.94 44.24
C LEU F 80 24.32 47.05 43.20
N THR F 81 25.49 46.49 43.51
CA THR F 81 26.14 45.55 42.57
C THR F 81 25.29 44.31 42.31
N ASN F 82 24.37 43.96 43.22
CA ASN F 82 23.61 42.71 43.08
C ASN F 82 22.47 42.77 42.07
N LYS F 83 22.10 43.93 41.52
CA LYS F 83 20.83 44.08 40.83
C LYS F 83 21.00 44.23 39.31
N TYR F 84 20.37 43.32 38.54
CA TYR F 84 20.22 43.47 37.10
C TYR F 84 19.07 44.42 36.77
N SER F 85 19.33 45.40 35.90
CA SER F 85 18.34 46.42 35.58
C SER F 85 18.48 46.85 34.12
N GLU F 86 18.56 45.90 33.21
CA GLU F 86 18.63 46.25 31.80
C GLU F 86 17.47 47.13 31.36
N GLY F 87 17.78 48.09 30.50
CA GLY F 87 16.77 49.03 30.04
C GLY F 87 16.95 50.40 30.66
N MET F 88 15.84 51.11 30.81
CA MET F 88 15.79 52.52 31.20
C MET F 88 14.87 52.64 32.40
N PRO F 89 15.08 53.62 33.27
CA PRO F 89 14.09 53.87 34.31
C PRO F 89 12.70 54.00 33.71
N GLY F 90 11.74 53.29 34.31
CA GLY F 90 10.38 53.26 33.83
C GLY F 90 10.14 52.32 32.66
N ASN F 91 11.20 51.87 31.97
CA ASN F 91 11.07 51.00 30.81
C ASN F 91 12.14 49.91 30.91
N ARG F 92 12.03 49.09 31.95
CA ARG F 92 12.99 48.03 32.26
C ARG F 92 12.52 46.69 31.68
N TYR F 93 13.44 45.73 31.67
CA TYR F 93 13.15 44.43 31.08
C TYR F 93 12.57 43.42 32.07
N TYR F 94 12.71 43.67 33.37
CA TYR F 94 12.13 42.82 34.40
C TYR F 94 11.98 43.67 35.66
N GLY F 95 11.42 43.07 36.71
CA GLY F 95 10.99 43.81 37.88
C GLY F 95 12.08 44.05 38.90
N GLY F 96 11.65 44.45 40.10
CA GLY F 96 12.51 44.71 41.23
C GLY F 96 13.26 46.02 41.20
N ASN F 97 12.92 46.95 40.30
CA ASN F 97 13.70 48.16 40.05
C ASN F 97 13.12 49.44 40.63
N GLU F 98 12.23 49.32 41.63
CA GLU F 98 11.65 50.51 42.25
C GLU F 98 12.73 51.48 42.75
N PHE F 99 13.77 50.96 43.40
CA PHE F 99 14.75 51.85 43.98
C PHE F 99 15.93 52.11 43.05
N ILE F 100 16.29 51.13 42.21
CA ILE F 100 17.33 51.38 41.21
C ILE F 100 16.89 52.50 40.26
N ASP F 101 15.59 52.51 39.91
CA ASP F 101 15.06 53.56 39.04
C ASP F 101 15.18 54.93 39.69
N GLN F 102 14.93 55.01 40.99
CA GLN F 102 15.06 56.30 41.65
C GLN F 102 16.52 56.72 41.70
N ILE F 103 17.43 55.76 41.88
CA ILE F 103 18.86 56.08 41.93
C ILE F 103 19.34 56.60 40.57
N GLU F 104 18.99 55.89 39.49
CA GLU F 104 19.42 56.33 38.18
C GLU F 104 18.77 57.66 37.78
N ASN F 105 17.49 57.84 38.09
CA ASN F 105 16.83 59.10 37.76
C ASN F 105 17.48 60.26 38.51
N LEU F 106 17.81 60.05 39.80
CA LEU F 106 18.50 61.06 40.57
C LEU F 106 19.88 61.36 39.99
N CYS F 107 20.58 60.32 39.54
CA CYS F 107 21.90 60.54 38.94
C CYS F 107 21.78 61.37 37.67
N ARG F 108 20.75 61.10 36.87
CA ARG F 108 20.56 61.86 35.63
C ARG F 108 20.21 63.31 35.93
N SER F 109 19.28 63.56 36.87
CA SER F 109 18.95 64.94 37.20
CA SER F 109 18.96 64.94 37.20
C SER F 109 20.16 65.68 37.77
N ARG F 110 20.95 65.02 38.63
CA ARG F 110 22.12 65.69 39.18
C ARG F 110 23.19 65.94 38.11
N ALA F 111 23.30 65.07 37.12
CA ALA F 111 24.24 65.31 36.02
C ALA F 111 23.88 66.58 35.26
N LEU F 112 22.60 66.76 34.90
CA LEU F 112 22.19 67.98 34.22
C LEU F 112 22.42 69.21 35.10
N GLN F 113 22.06 69.14 36.38
CA GLN F 113 22.25 70.29 37.26
C GLN F 113 23.73 70.63 37.43
N ALA F 114 24.59 69.60 37.59
CA ALA F 114 26.00 69.87 37.79
C ALA F 114 26.58 70.70 36.67
N PHE F 115 26.06 70.52 35.45
CA PHE F 115 26.54 71.23 34.27
C PHE F 115 25.57 72.32 33.84
N HIS F 116 24.62 72.70 34.70
CA HIS F 116 23.78 73.88 34.48
C HIS F 116 23.01 73.76 33.16
N LEU F 117 22.48 72.57 32.89
CA LEU F 117 21.75 72.28 31.66
C LEU F 117 20.26 72.24 31.91
N ASP F 118 19.50 72.81 30.99
CA ASP F 118 18.04 72.73 31.01
C ASP F 118 17.61 71.34 30.52
N ALA F 119 16.84 70.64 31.35
CA ALA F 119 16.45 69.27 31.03
C ALA F 119 15.52 69.18 29.84
N GLN F 120 14.96 70.29 29.37
CA GLN F 120 14.22 70.24 28.11
C GLN F 120 15.09 70.48 26.89
N SER F 121 16.36 70.86 27.08
CA SER F 121 17.31 71.08 25.99
C SER F 121 18.41 70.04 25.91
N TRP F 122 18.63 69.27 26.98
CA TRP F 122 19.71 68.31 27.10
C TRP F 122 19.22 67.09 27.86
N GLY F 123 19.64 65.91 27.41
CA GLY F 123 19.44 64.68 28.16
C GLY F 123 20.78 64.03 28.46
N VAL F 124 20.76 63.01 29.32
CA VAL F 124 22.02 62.38 29.67
C VAL F 124 21.76 60.90 29.90
N ASN F 125 22.67 60.06 29.41
CA ASN F 125 22.68 58.64 29.71
C ASN F 125 23.87 58.38 30.63
N VAL F 126 23.61 57.77 31.80
CA VAL F 126 24.62 57.58 32.82
C VAL F 126 25.02 56.11 32.95
N GLN F 127 24.62 55.26 32.01
CA GLN F 127 25.00 53.85 32.06
C GLN F 127 26.37 53.48 31.48
N PRO F 128 27.06 54.28 30.63
CA PRO F 128 28.35 53.81 30.09
C PRO F 128 29.29 53.33 31.19
N TYR F 129 29.91 52.15 30.97
CA TYR F 129 30.75 51.59 32.02
C TYR F 129 31.96 52.45 32.31
N SER F 130 32.49 53.12 31.29
CA SER F 130 33.65 54.01 31.52
C SER F 130 33.66 55.02 30.37
N GLY F 131 34.74 55.80 30.27
CA GLY F 131 34.77 56.84 29.25
C GLY F 131 34.90 56.31 27.84
N SER F 132 35.78 55.33 27.62
CA SER F 132 35.88 54.75 26.28
C SER F 132 34.58 54.08 25.83
N PRO F 133 33.87 53.29 26.67
CA PRO F 133 32.52 52.82 26.29
C PRO F 133 31.54 53.92 25.95
N ALA F 134 31.56 55.01 26.71
CA ALA F 134 30.73 56.18 26.43
C ALA F 134 30.97 56.71 25.02
N ASN F 135 32.24 56.88 24.63
CA ASN F 135 32.56 57.41 23.30
C ASN F 135 32.09 56.47 22.20
N PHE F 136 32.34 55.17 22.35
CA PHE F 136 31.98 54.23 21.29
C PHE F 136 30.47 54.09 21.16
N ALA F 137 29.73 54.14 22.27
CA ALA F 137 28.28 54.18 22.18
C ALA F 137 27.78 55.43 21.47
N ALA F 138 28.40 56.58 21.75
CA ALA F 138 28.00 57.82 21.07
C ALA F 138 28.20 57.70 19.56
N TYR F 139 29.33 57.13 19.14
CA TYR F 139 29.59 56.98 17.70
C TYR F 139 28.62 55.98 17.11
N THR F 140 28.38 54.87 17.82
CA THR F 140 27.43 53.87 17.38
C THR F 140 26.04 54.47 17.22
N ALA F 141 25.67 55.44 18.06
CA ALA F 141 24.34 56.02 18.00
C ALA F 141 24.14 56.87 16.74
N VAL F 142 25.13 57.66 16.36
CA VAL F 142 24.93 58.68 15.33
C VAL F 142 25.64 58.37 14.02
N LEU F 143 26.44 57.31 13.95
CA LEU F 143 27.22 56.98 12.75
C LEU F 143 26.91 55.57 12.29
N ASN F 144 27.03 55.38 11.00
CA ASN F 144 27.05 54.03 10.46
C ASN F 144 28.50 53.54 10.40
N PRO F 145 28.71 52.21 10.38
CA PRO F 145 30.07 51.70 10.19
C PRO F 145 30.72 52.34 8.98
N HIS F 146 32.02 52.62 9.10
CA HIS F 146 32.86 53.27 8.10
C HIS F 146 32.58 54.75 7.89
N ASP F 147 31.68 55.36 8.66
CA ASP F 147 31.50 56.80 8.56
C ASP F 147 32.79 57.50 9.00
N ARG F 148 33.01 58.69 8.44
CA ARG F 148 34.24 59.44 8.69
C ARG F 148 34.15 60.26 9.98
N ILE F 149 35.25 60.25 10.71
CA ILE F 149 35.40 60.95 11.99
C ILE F 149 36.74 61.66 11.97
N MET F 150 36.79 62.88 12.52
CA MET F 150 38.09 63.41 12.89
C MET F 150 38.18 63.81 14.37
N GLY F 151 39.39 63.67 14.88
CA GLY F 151 39.70 63.94 16.27
C GLY F 151 41.13 64.44 16.37
N LEU F 152 41.45 65.01 17.52
CA LEU F 152 42.80 65.49 17.75
C LEU F 152 43.80 64.34 17.74
N ASP F 153 44.86 64.52 16.97
CA ASP F 153 45.95 63.56 16.84
C ASP F 153 46.55 63.20 18.19
N LEU F 154 46.92 61.93 18.34
CA LEU F 154 47.53 61.52 19.61
C LEU F 154 48.79 62.33 19.91
N PRO F 155 49.75 62.49 19.00
CA PRO F 155 50.91 63.33 19.31
C PRO F 155 50.57 64.79 19.58
N SER F 156 49.37 65.25 19.22
CA SER F 156 48.96 66.61 19.50
C SER F 156 48.15 66.74 20.79
N GLY F 157 47.92 65.65 21.50
CA GLY F 157 47.22 65.70 22.76
C GLY F 157 45.88 65.00 22.78
N GLY F 158 45.49 64.34 21.69
CA GLY F 158 44.21 63.66 21.64
C GLY F 158 44.26 62.31 22.32
N HIS F 159 43.12 61.64 22.31
CA HIS F 159 42.93 60.37 22.98
C HIS F 159 42.74 59.25 21.97
N LEU F 160 43.11 58.04 22.39
CA LEU F 160 43.00 56.84 21.55
C LEU F 160 41.61 56.69 20.93
N THR F 161 40.56 56.93 21.72
CA THR F 161 39.18 56.71 21.27
C THR F 161 38.74 57.72 20.22
N HIS F 162 39.53 58.76 19.94
CA HIS F 162 39.19 59.70 18.89
C HIS F 162 39.72 59.28 17.54
N GLY F 163 40.38 58.12 17.47
CA GLY F 163 40.97 57.66 16.20
C GLY F 163 42.44 57.48 16.42
N TYR F 164 42.97 56.33 16.01
CA TYR F 164 44.42 56.21 15.99
C TYR F 164 44.79 55.05 15.10
N TYR F 165 45.57 55.32 14.05
CA TYR F 165 46.25 54.30 13.28
C TYR F 165 47.70 54.71 13.11
N THR F 166 48.55 53.73 12.82
CA THR F 166 49.98 53.95 12.76
C THR F 166 50.43 54.40 11.37
N SER F 167 51.72 54.78 11.29
CA SER F 167 52.34 55.08 10.02
C SER F 167 52.25 53.91 9.05
N GLY F 168 52.29 52.68 9.56
CA GLY F 168 52.11 51.51 8.73
C GLY F 168 50.68 51.17 8.39
N GLY F 169 49.73 52.05 8.69
CA GLY F 169 48.35 51.78 8.42
C GLY F 169 47.69 50.82 9.38
N LYS F 170 48.38 50.43 10.46
CA LYS F 170 47.80 49.52 11.44
C LYS F 170 46.75 50.27 12.26
N LYS F 171 45.53 49.77 12.26
CA LYS F 171 44.42 50.43 12.93
C LYS F 171 44.40 50.04 14.40
N ILE F 172 44.78 50.97 15.27
CA ILE F 172 44.93 50.66 16.69
C ILE F 172 43.61 50.82 17.46
N SER F 173 43.00 52.00 17.36
CA SER F 173 41.75 52.28 18.07
C SER F 173 40.56 51.58 17.43
N ALA F 174 39.62 51.09 18.26
CA ALA F 174 38.37 50.57 17.70
C ALA F 174 37.66 51.62 16.86
N THR F 175 37.84 52.89 17.20
CA THR F 175 37.31 53.99 16.43
C THR F 175 37.84 53.97 15.00
N SER F 176 39.14 53.67 14.84
CA SER F 176 39.74 53.52 13.51
C SER F 176 39.46 52.16 12.87
N ILE F 177 39.11 51.15 13.67
CA ILE F 177 38.78 49.84 13.12
C ILE F 177 37.40 49.85 12.48
N TYR F 178 36.41 50.37 13.19
CA TYR F 178 35.02 50.29 12.76
C TYR F 178 34.54 51.53 12.02
N PHE F 179 35.25 52.66 12.13
CA PHE F 179 34.95 53.90 11.41
C PHE F 179 36.19 54.36 10.67
N GLU F 180 36.08 55.45 9.92
CA GLU F 180 37.16 55.96 9.07
C GLU F 180 37.64 57.27 9.68
N SER F 181 38.78 57.23 10.35
CA SER F 181 39.26 58.37 11.11
C SER F 181 40.40 59.08 10.39
N LEU F 182 40.55 60.37 10.66
CA LEU F 182 41.65 61.22 10.22
C LEU F 182 41.93 62.24 11.31
N PRO F 183 43.15 62.33 11.80
CA PRO F 183 43.42 63.29 12.88
C PRO F 183 43.64 64.71 12.36
N TYR F 184 43.40 65.67 13.26
CA TYR F 184 43.90 67.04 13.09
C TYR F 184 44.92 67.35 14.18
N LYS F 185 45.73 68.39 13.94
CA LYS F 185 46.98 68.57 14.66
C LYS F 185 47.05 69.95 15.29
N VAL F 186 47.96 70.09 16.27
CA VAL F 186 48.36 71.41 16.72
C VAL F 186 49.37 72.00 15.74
N ASN F 187 49.45 73.32 15.72
CA ASN F 187 50.49 74.02 14.98
C ASN F 187 51.84 73.63 15.56
N SER F 188 52.75 73.19 14.68
CA SER F 188 54.01 72.58 15.12
C SER F 188 55.00 73.59 15.70
N THR F 189 54.75 74.89 15.57
CA THR F 189 55.62 75.86 16.22
C THR F 189 55.00 76.47 17.47
N THR F 190 53.69 76.68 17.49
CA THR F 190 53.06 77.30 18.65
C THR F 190 52.52 76.28 19.65
N GLY F 191 52.11 75.10 19.19
CA GLY F 191 51.51 74.09 20.05
C GLY F 191 50.01 74.23 20.21
N TYR F 192 49.42 75.30 19.70
CA TYR F 192 47.98 75.48 19.70
C TYR F 192 47.34 74.71 18.54
N ILE F 193 46.05 74.41 18.71
CA ILE F 193 45.29 73.79 17.62
C ILE F 193 45.32 74.70 16.41
N ASP F 194 45.62 74.13 15.25
CA ASP F 194 45.65 74.92 14.02
C ASP F 194 44.25 74.88 13.42
N TYR F 195 43.46 75.90 13.73
CA TYR F 195 42.05 75.86 13.37
C TYR F 195 41.87 75.97 11.85
N ASP F 196 42.73 76.74 11.18
CA ASP F 196 42.62 76.86 9.72
C ASP F 196 42.94 75.55 9.01
N ARG F 197 43.99 74.85 9.45
CA ARG F 197 44.30 73.55 8.85
C ARG F 197 43.22 72.53 9.15
N LEU F 198 42.62 72.59 10.35
CA LEU F 198 41.51 71.70 10.65
C LEU F 198 40.35 71.93 9.69
N GLU F 199 39.99 73.20 9.49
CA GLU F 199 38.91 73.51 8.55
C GLU F 199 39.24 72.99 7.16
N GLU F 200 40.48 73.18 6.71
CA GLU F 200 40.87 72.67 5.40
C GLU F 200 40.74 71.15 5.33
N LYS F 201 41.22 70.44 6.35
CA LYS F 201 41.13 68.99 6.31
C LYS F 201 39.69 68.53 6.39
N ALA F 202 38.86 69.25 7.17
CA ALA F 202 37.45 68.90 7.28
C ALA F 202 36.72 69.05 5.94
N LEU F 203 37.02 70.12 5.19
CA LEU F 203 36.33 70.32 3.91
C LEU F 203 36.82 69.32 2.87
N ASP F 204 38.06 68.84 3.01
CA ASP F 204 38.57 67.81 2.09
C ASP F 204 37.99 66.44 2.43
N PHE F 205 38.08 66.06 3.71
CA PHE F 205 37.74 64.72 4.17
C PHE F 205 36.25 64.52 4.36
N ARG F 206 35.51 65.58 4.70
CA ARG F 206 34.06 65.52 4.92
C ARG F 206 33.68 64.53 6.02
N PRO F 207 34.13 64.74 7.24
CA PRO F 207 33.70 63.86 8.34
C PRO F 207 32.22 64.03 8.65
N LYS F 208 31.58 62.90 8.98
CA LYS F 208 30.26 62.93 9.60
C LYS F 208 30.33 63.44 11.02
N LEU F 209 31.48 63.29 11.67
CA LEU F 209 31.60 63.64 13.08
C LEU F 209 32.98 64.25 13.31
N ILE F 210 33.02 65.41 13.96
CA ILE F 210 34.25 66.01 14.43
C ILE F 210 34.27 65.95 15.94
N ILE F 211 35.35 65.44 16.51
CA ILE F 211 35.50 65.35 17.96
C ILE F 211 36.43 66.47 18.43
N CYS F 212 36.05 67.16 19.50
CA CYS F 212 36.98 68.07 20.17
C CYS F 212 37.13 67.63 21.62
N GLY F 213 38.10 68.21 22.30
CA GLY F 213 38.49 67.64 23.58
C GLY F 213 39.71 66.75 23.41
N GLY F 214 40.47 66.60 24.48
CA GLY F 214 41.74 65.91 24.35
C GLY F 214 42.25 65.47 25.71
N SER F 215 43.43 64.87 25.68
CA SER F 215 44.02 64.23 26.84
C SER F 215 45.27 64.96 27.34
N ALA F 216 45.94 65.68 26.46
CA ALA F 216 47.18 66.37 26.79
C ALA F 216 47.25 67.67 26.02
N TYR F 217 46.18 68.45 26.07
CA TYR F 217 46.19 69.79 25.48
C TYR F 217 46.07 70.80 26.61
N PRO F 218 47.05 71.69 26.79
CA PRO F 218 47.05 72.59 27.94
C PRO F 218 46.29 73.89 27.73
N ARG F 219 45.48 74.03 26.68
CA ARG F 219 44.73 75.26 26.47
C ARG F 219 43.24 74.97 26.38
N ASP F 220 42.45 76.03 26.47
CA ASP F 220 41.03 75.85 26.28
C ASP F 220 40.74 75.69 24.79
N TRP F 221 39.47 75.39 24.50
CA TRP F 221 39.01 75.05 23.18
C TRP F 221 38.07 76.14 22.67
N ASP F 222 38.23 76.49 21.40
CA ASP F 222 37.31 77.42 20.75
C ASP F 222 36.16 76.63 20.15
N TYR F 223 35.16 76.33 20.99
CA TYR F 223 34.03 75.54 20.51
C TYR F 223 33.22 76.28 19.45
N LYS F 224 33.12 77.61 19.56
CA LYS F 224 32.44 78.40 18.53
C LYS F 224 33.09 78.19 17.18
N ARG F 225 34.42 78.19 17.12
CA ARG F 225 35.08 77.92 15.85
C ARG F 225 34.87 76.47 15.41
N PHE F 226 34.85 75.52 16.35
CA PHE F 226 34.51 74.15 15.97
C PHE F 226 33.10 74.07 15.39
N ARG F 227 32.14 74.77 16.00
CA ARG F 227 30.80 74.78 15.46
C ARG F 227 30.78 75.37 14.05
N GLU F 228 31.54 76.44 13.85
CA GLU F 228 31.63 77.07 12.53
C GLU F 228 32.18 76.09 11.49
N ILE F 229 33.24 75.37 11.84
CA ILE F 229 33.82 74.39 10.93
C ILE F 229 32.86 73.23 10.68
N ALA F 230 32.18 72.75 11.72
CA ALA F 230 31.26 71.63 11.58
C ALA F 230 30.06 72.02 10.71
N ASP F 231 29.58 73.24 10.88
CA ASP F 231 28.44 73.70 10.09
C ASP F 231 28.84 73.83 8.62
N LYS F 232 30.07 74.27 8.36
CA LYS F 232 30.54 74.46 6.99
C LYS F 232 30.68 73.14 6.25
N CYS F 233 31.12 72.10 6.93
CA CYS F 233 31.35 70.84 6.26
C CYS F 233 30.21 69.84 6.45
N GLY F 234 29.20 70.14 7.27
CA GLY F 234 28.08 69.23 7.43
C GLY F 234 28.25 68.13 8.48
N ALA F 235 29.10 68.33 9.47
CA ALA F 235 29.41 67.31 10.47
C ALA F 235 28.63 67.53 11.76
N LEU F 236 28.42 66.45 12.50
CA LEU F 236 28.08 66.54 13.91
C LEU F 236 29.32 66.94 14.70
N LEU F 237 29.11 67.60 15.85
CA LEU F 237 30.21 68.05 16.70
C LEU F 237 30.06 67.48 18.11
N LEU F 238 31.06 66.73 18.53
CA LEU F 238 31.06 66.03 19.81
C LEU F 238 32.26 66.52 20.61
N CYS F 239 32.04 66.79 21.91
CA CYS F 239 33.14 67.11 22.81
C CYS F 239 33.33 65.96 23.79
N ASP F 240 34.55 65.48 23.90
CA ASP F 240 34.93 64.55 24.96
C ASP F 240 35.64 65.39 26.03
N MET F 241 34.89 65.78 27.07
CA MET F 241 35.44 66.66 28.09
C MET F 241 36.02 65.89 29.26
N ALA F 242 36.32 64.61 29.06
CA ALA F 242 36.79 63.73 30.13
C ALA F 242 37.80 64.43 31.06
N HIS F 243 38.80 65.09 30.49
CA HIS F 243 39.87 65.64 31.34
C HIS F 243 39.42 66.86 32.13
N THR F 244 38.60 67.72 31.54
CA THR F 244 38.28 69.00 32.17
C THR F 244 36.85 69.04 32.70
N SER F 245 36.17 67.89 32.74
CA SER F 245 34.77 67.85 33.16
CA SER F 245 34.77 67.81 33.19
C SER F 245 34.55 68.57 34.49
N GLY F 246 35.47 68.39 35.45
CA GLY F 246 35.33 69.09 36.72
C GLY F 246 35.43 70.59 36.56
N LEU F 247 36.37 71.04 35.73
CA LEU F 247 36.50 72.47 35.46
C LEU F 247 35.26 72.99 34.74
N VAL F 248 34.72 72.19 33.79
CA VAL F 248 33.50 72.58 33.08
C VAL F 248 32.33 72.73 34.04
N ALA F 249 32.13 71.74 34.93
CA ALA F 249 31.03 71.81 35.88
C ALA F 249 31.12 73.06 36.75
N ALA F 250 32.34 73.44 37.14
CA ALA F 250 32.60 74.62 37.97
C ALA F 250 32.59 75.92 37.20
N GLN F 251 32.35 75.88 35.88
CA GLN F 251 32.35 77.07 35.02
C GLN F 251 33.68 77.81 35.10
N GLU F 252 34.75 77.04 35.05
CA GLU F 252 36.11 77.55 35.10
C GLU F 252 36.83 77.44 33.76
N VAL F 253 36.25 76.75 32.79
CA VAL F 253 36.72 76.73 31.41
C VAL F 253 35.51 76.93 30.50
N ASN F 254 35.76 77.19 29.21
CA ASN F 254 34.66 77.26 28.24
C ASN F 254 33.77 76.02 28.32
N SER F 255 32.46 76.24 28.16
CA SER F 255 31.50 75.14 28.20
C SER F 255 31.30 74.57 26.80
N PRO F 256 31.50 73.27 26.57
CA PRO F 256 31.24 72.72 25.23
C PRO F 256 29.77 72.64 24.90
N PHE F 257 28.91 72.74 25.92
CA PHE F 257 27.48 72.59 25.71
C PHE F 257 26.90 73.73 24.88
N GLU F 258 27.52 74.91 24.92
CA GLU F 258 27.00 76.02 24.14
C GLU F 258 27.04 75.74 22.64
N TYR F 259 27.97 74.91 22.16
CA TYR F 259 28.11 74.69 20.72
C TYR F 259 28.06 73.24 20.25
N CYS F 260 28.25 72.25 21.11
CA CYS F 260 28.34 70.87 20.65
C CYS F 260 26.98 70.18 20.68
N ASP F 261 26.82 69.20 19.78
CA ASP F 261 25.63 68.35 19.72
C ASP F 261 25.62 67.31 20.83
N ILE F 262 26.79 66.77 21.15
CA ILE F 262 26.93 65.66 22.08
C ILE F 262 28.16 65.97 22.91
N VAL F 263 28.11 65.64 24.20
CA VAL F 263 29.24 65.81 25.10
C VAL F 263 29.40 64.52 25.89
N THR F 264 30.57 63.89 25.78
CA THR F 264 30.83 62.66 26.51
C THR F 264 31.84 62.97 27.60
N THR F 265 31.87 62.14 28.63
CA THR F 265 32.87 62.41 29.64
C THR F 265 33.10 61.12 30.42
N THR F 266 34.28 61.03 31.00
CA THR F 266 34.43 60.16 32.17
C THR F 266 33.99 60.89 33.42
N THR F 267 33.89 60.14 34.51
CA THR F 267 33.48 60.72 35.77
C THR F 267 34.57 60.68 36.83
N HIS F 268 35.71 60.03 36.56
CA HIS F 268 36.74 59.80 37.57
C HIS F 268 37.94 60.74 37.51
N LYS F 269 38.04 61.61 36.51
CA LYS F 269 39.20 62.49 36.43
CA LYS F 269 39.18 62.50 36.42
C LYS F 269 38.92 63.77 37.21
N SER F 270 38.90 64.94 36.53
CA SER F 270 38.74 66.16 37.33
C SER F 270 37.36 66.24 37.99
N LEU F 271 36.39 65.47 37.50
CA LEU F 271 35.09 65.39 38.16
C LEU F 271 35.12 64.68 39.51
N ARG F 272 36.18 63.92 39.79
CA ARG F 272 36.42 63.35 41.13
C ARG F 272 35.34 62.36 41.55
N GLY F 273 34.75 61.63 40.61
CA GLY F 273 33.79 60.61 40.98
C GLY F 273 34.29 59.19 40.77
N PRO F 274 33.37 58.23 40.70
CA PRO F 274 33.76 56.84 40.43
C PRO F 274 34.18 56.71 38.96
N ARG F 275 34.66 55.53 38.60
CA ARG F 275 35.00 55.25 37.20
C ARG F 275 33.72 54.91 36.46
N ALA F 276 33.34 55.76 35.52
CA ALA F 276 32.10 55.60 34.76
C ALA F 276 32.15 56.61 33.61
N GLY F 277 31.15 56.51 32.73
CA GLY F 277 31.02 57.45 31.65
C GLY F 277 29.60 57.99 31.62
N MET F 278 29.44 59.11 30.91
CA MET F 278 28.16 59.77 30.69
C MET F 278 28.12 60.28 29.25
N ILE F 279 26.94 60.24 28.63
CA ILE F 279 26.75 60.85 27.31
C ILE F 279 25.64 61.88 27.40
N PHE F 280 25.98 63.14 27.19
CA PHE F 280 25.02 64.24 27.13
C PHE F 280 24.67 64.47 25.69
N TYR F 281 23.41 64.79 25.41
CA TYR F 281 22.96 64.99 24.05
C TYR F 281 21.89 66.08 24.02
N ARG F 282 21.88 66.85 22.95
CA ARG F 282 20.85 67.88 22.80
C ARG F 282 19.51 67.24 22.54
N LYS F 283 18.45 67.91 23.01
CA LYS F 283 17.07 67.49 22.78
CA LYS F 283 17.07 67.49 22.78
C LYS F 283 16.23 68.71 22.40
N GLY F 284 15.07 68.45 21.82
CA GLY F 284 14.15 69.50 21.47
C GLY F 284 14.38 70.07 20.09
N PRO F 285 13.78 71.23 19.84
CA PRO F 285 13.89 71.85 18.50
C PRO F 285 15.30 72.31 18.19
N LYS F 286 15.69 72.17 16.93
CA LYS F 286 17.01 72.59 16.49
C LYS F 286 17.04 74.11 16.34
N PRO F 287 18.19 74.74 16.59
CA PRO F 287 18.30 76.18 16.39
C PRO F 287 18.21 76.51 14.90
N PRO F 288 18.01 77.78 14.55
CA PRO F 288 17.87 78.12 13.12
C PRO F 288 19.15 77.80 12.36
N LYS F 289 18.98 77.22 11.18
CA LYS F 289 20.13 76.84 10.38
C LYS F 289 19.91 77.10 8.89
N GLY F 291 19.69 76.00 5.54
CA GLY F 291 19.09 75.01 4.68
C GLY F 291 18.40 73.89 5.46
N GLN F 292 17.90 74.23 6.65
CA GLN F 292 17.28 73.29 7.56
C GLN F 292 15.77 73.48 7.56
N PRO F 293 15.00 72.40 7.40
CA PRO F 293 13.54 72.53 7.41
C PRO F 293 13.02 73.09 8.72
N GLU F 294 12.01 73.96 8.64
CA GLU F 294 11.32 74.40 9.84
C GLU F 294 10.77 73.19 10.59
N ASN F 295 10.59 73.35 11.89
CA ASN F 295 10.09 72.31 12.78
C ASN F 295 11.07 71.13 12.92
N ALA F 296 12.34 71.33 12.57
CA ALA F 296 13.34 70.28 12.73
C ALA F 296 13.70 70.12 14.20
N VAL F 297 13.76 68.86 14.66
CA VAL F 297 14.08 68.54 16.04
C VAL F 297 15.30 67.64 16.09
N TYR F 298 15.97 67.65 17.24
CA TYR F 298 17.07 66.73 17.51
C TYR F 298 16.52 65.32 17.68
N ASP F 299 17.24 64.33 17.17
CA ASP F 299 16.85 62.93 17.27
CA ASP F 299 16.84 62.93 17.30
C ASP F 299 17.97 62.10 17.89
N PHE F 300 18.69 62.68 18.85
CA PHE F 300 19.78 61.94 19.48
C PHE F 300 19.31 61.01 20.59
N GLU F 301 18.24 61.39 21.31
CA GLU F 301 17.89 60.74 22.56
CA GLU F 301 17.90 60.73 22.56
C GLU F 301 17.69 59.24 22.38
N ASP F 302 16.75 58.85 21.53
CA ASP F 302 16.47 57.42 21.36
C ASP F 302 17.69 56.68 20.83
N LYS F 303 18.43 57.31 19.90
CA LYS F 303 19.59 56.66 19.30
C LYS F 303 20.68 56.41 20.33
N ILE F 304 20.92 57.37 21.22
CA ILE F 304 21.99 57.20 22.20
CA ILE F 304 21.99 57.23 22.23
C ILE F 304 21.60 56.18 23.25
N ASN F 305 20.38 56.27 23.78
CA ASN F 305 19.94 55.29 24.77
C ASN F 305 19.98 53.89 24.18
N PHE F 306 19.49 53.74 22.95
CA PHE F 306 19.46 52.43 22.31
C PHE F 306 20.87 51.90 22.06
N ALA F 307 21.81 52.78 21.70
CA ALA F 307 23.18 52.34 21.46
C ALA F 307 23.82 51.79 22.72
N VAL F 308 23.60 52.45 23.86
CA VAL F 308 24.13 51.94 25.12
C VAL F 308 23.51 50.59 25.43
N PHE F 309 22.18 50.51 25.34
CA PHE F 309 21.47 49.26 25.54
C PHE F 309 20.18 49.30 24.74
N PRO F 310 19.90 48.29 23.91
CA PRO F 310 20.52 46.96 23.86
C PRO F 310 21.77 46.72 22.99
N SER F 311 22.23 47.71 22.22
CA SER F 311 23.24 47.44 21.20
CA SER F 311 23.25 47.44 21.20
C SER F 311 24.58 47.01 21.82
N LEU F 312 25.10 47.78 22.75
CA LEU F 312 26.49 47.61 23.20
C LEU F 312 26.65 47.01 24.59
N GLN F 313 25.96 47.51 25.61
CA GLN F 313 26.18 47.03 26.97
C GLN F 313 25.12 46.02 27.39
N GLY F 314 25.34 45.41 28.56
CA GLY F 314 24.30 44.61 29.17
C GLY F 314 23.66 45.39 30.30
N GLY F 315 23.55 44.79 31.48
CA GLY F 315 22.99 45.47 32.62
C GLY F 315 23.90 46.58 33.12
N PRO F 316 23.31 47.73 33.46
CA PRO F 316 24.10 48.81 34.08
C PRO F 316 24.80 48.31 35.34
N HIS F 317 25.89 48.99 35.68
CA HIS F 317 26.56 48.74 36.95
C HIS F 317 25.97 49.72 37.97
N ASN F 318 24.92 49.28 38.67
CA ASN F 318 24.15 50.23 39.46
C ASN F 318 24.94 50.79 40.62
N HIS F 319 25.93 50.06 41.12
CA HIS F 319 26.80 50.60 42.15
C HIS F 319 27.60 51.79 41.63
N GLN F 320 28.00 51.75 40.34
CA GLN F 320 28.67 52.90 39.73
C GLN F 320 27.70 54.06 39.59
N ILE F 321 26.46 53.78 39.20
CA ILE F 321 25.51 54.85 39.01
C ILE F 321 25.18 55.51 40.35
N GLY F 322 25.03 54.70 41.41
CA GLY F 322 24.85 55.27 42.74
C GLY F 322 26.01 56.14 43.19
N ALA F 323 27.23 55.62 43.08
CA ALA F 323 28.42 56.40 43.42
C ALA F 323 28.54 57.65 42.56
N LEU F 324 28.16 57.56 41.30
CA LEU F 324 28.22 58.74 40.45
C LEU F 324 27.23 59.80 40.93
N ALA F 325 26.02 59.39 41.28
CA ALA F 325 25.03 60.32 41.85
C ALA F 325 25.62 61.06 43.03
N VAL F 326 26.30 60.34 43.94
CA VAL F 326 27.00 60.99 45.06
C VAL F 326 28.00 62.03 44.54
N ALA F 327 28.83 61.63 43.59
CA ALA F 327 29.87 62.54 43.11
C ALA F 327 29.28 63.76 42.42
N LEU F 328 28.11 63.62 41.80
CA LEU F 328 27.56 64.77 41.09
C LEU F 328 26.91 65.77 42.05
N LYS F 329 26.34 65.29 43.16
CA LYS F 329 25.95 66.17 44.25
C LYS F 329 27.17 66.92 44.81
N GLN F 330 28.28 66.21 45.02
CA GLN F 330 29.46 66.87 45.54
C GLN F 330 30.02 67.89 44.55
N ALA F 331 29.92 67.62 43.26
CA ALA F 331 30.45 68.54 42.25
C ALA F 331 29.59 69.79 42.09
N ALA F 332 28.32 69.74 42.48
CA ALA F 332 27.46 70.91 42.43
C ALA F 332 27.64 71.86 43.61
N SER F 333 28.71 71.73 44.37
CA SER F 333 28.77 72.45 45.64
C SER F 333 29.75 73.63 45.56
N PRO F 334 29.54 74.68 46.38
CA PRO F 334 30.51 75.80 46.37
C PRO F 334 31.92 75.35 46.65
N GLY F 335 32.10 74.31 47.47
CA GLY F 335 33.44 73.81 47.71
C GLY F 335 34.06 73.19 46.47
N PHE F 336 33.26 72.56 45.62
CA PHE F 336 33.86 71.99 44.42
C PHE F 336 34.31 73.10 43.46
N LYS F 337 33.53 74.18 43.35
CA LYS F 337 33.98 75.30 42.54
C LYS F 337 35.32 75.83 43.03
N ALA F 338 35.47 75.97 44.35
CA ALA F 338 36.76 76.40 44.93
C ALA F 338 37.88 75.42 44.56
N TYR F 339 37.57 74.12 44.60
CA TYR F 339 38.55 73.10 44.21
C TYR F 339 38.96 73.28 42.74
N ALA F 340 38.00 73.51 41.86
CA ALA F 340 38.32 73.62 40.45
C ALA F 340 39.18 74.86 40.18
N LYS F 341 38.88 75.96 40.88
CA LYS F 341 39.72 77.16 40.77
C LYS F 341 41.14 76.85 41.21
N GLN F 342 41.27 76.10 42.31
CA GLN F 342 42.56 75.79 42.88
C GLN F 342 43.37 74.86 41.98
N VAL F 343 42.70 73.88 41.33
CA VAL F 343 43.38 73.01 40.37
C VAL F 343 44.07 73.84 39.30
N LYS F 344 43.34 74.79 38.73
CA LYS F 344 43.91 75.66 37.70
C LYS F 344 45.03 76.52 38.26
N ALA F 345 44.81 77.11 39.45
CA ALA F 345 45.84 77.97 40.04
C ALA F 345 47.10 77.16 40.30
N ASN F 346 46.94 75.91 40.75
CA ASN F 346 48.07 75.05 41.06
C ASN F 346 48.85 74.68 39.82
N ALA F 347 48.15 74.34 38.72
CA ALA F 347 48.84 74.06 37.46
C ALA F 347 49.66 75.25 37.00
N VAL F 348 49.08 76.45 37.05
CA VAL F 348 49.82 77.66 36.67
C VAL F 348 51.05 77.85 37.56
N ALA F 349 50.89 77.69 38.88
CA ALA F 349 52.02 77.94 39.78
C ALA F 349 53.15 76.95 39.51
N LEU F 350 52.81 75.69 39.24
CA LEU F 350 53.84 74.71 38.91
C LEU F 350 54.50 75.02 37.59
N GLY F 351 53.69 75.39 36.58
CA GLY F 351 54.25 75.72 35.28
C GLY F 351 55.16 76.95 35.34
N ASN F 352 54.79 77.95 36.14
CA ASN F 352 55.65 79.12 36.29
C ASN F 352 56.95 78.78 37.03
N TYR F 353 56.88 77.89 38.01
CA TYR F 353 58.10 77.46 38.68
C TYR F 353 59.05 76.77 37.73
N LEU F 354 58.51 75.92 36.84
CA LEU F 354 59.39 75.21 35.92
C LEU F 354 60.03 76.17 34.93
N MET F 355 59.23 77.13 34.40
CA MET F 355 59.76 78.10 33.46
C MET F 355 60.73 79.07 34.14
N GLY F 356 60.49 79.40 35.41
CA GLY F 356 61.45 80.19 36.15
C GLY F 356 62.79 79.51 36.37
N LYS F 357 62.87 78.20 36.11
CA LYS F 357 64.13 77.48 36.11
C LYS F 357 64.67 77.29 34.70
N GLY F 358 63.98 77.84 33.69
CA GLY F 358 64.44 77.73 32.33
C GLY F 358 63.90 76.55 31.55
N TYR F 359 62.91 75.83 32.07
CA TYR F 359 62.37 74.71 31.33
C TYR F 359 61.33 75.20 30.32
N SER F 360 61.00 74.33 29.38
CA SER F 360 60.10 74.68 28.28
C SER F 360 58.77 73.95 28.45
N LEU F 361 57.69 74.73 28.46
CA LEU F 361 56.32 74.22 28.41
C LEU F 361 55.76 74.38 26.99
N VAL F 362 54.92 73.43 26.58
CA VAL F 362 54.18 73.59 25.33
C VAL F 362 53.17 74.70 25.51
N THR F 363 53.14 75.64 24.57
CA THR F 363 52.34 76.88 24.61
C THR F 363 52.80 77.83 25.71
N GLY F 364 53.89 77.50 26.41
CA GLY F 364 54.42 78.42 27.42
C GLY F 364 53.51 78.67 28.60
N GLY F 365 52.65 77.72 28.95
CA GLY F 365 51.74 77.91 30.07
C GLY F 365 50.57 76.94 29.99
N THR F 366 49.51 77.28 30.70
CA THR F 366 48.33 76.44 30.74
C THR F 366 47.11 77.28 31.05
N GLU F 367 45.96 76.77 30.62
CA GLU F 367 44.65 77.32 30.92
C GLU F 367 43.77 76.29 31.60
N ASN F 368 44.33 75.15 31.97
CA ASN F 368 43.50 74.11 32.59
C ASN F 368 44.28 73.41 33.69
N HIS F 369 44.10 72.11 33.82
CA HIS F 369 44.58 71.34 34.96
C HIS F 369 45.96 70.74 34.73
N LEU F 370 46.52 70.89 33.53
CA LEU F 370 47.77 70.22 33.24
C LEU F 370 48.76 71.19 32.62
N VAL F 371 50.03 70.79 32.68
CA VAL F 371 51.08 71.43 31.91
C VAL F 371 51.78 70.34 31.12
N LEU F 372 52.25 70.72 29.94
CA LEU F 372 52.96 69.81 29.05
C LEU F 372 54.41 70.26 29.00
N TRP F 373 55.32 69.39 29.43
CA TRP F 373 56.73 69.75 29.63
C TRP F 373 57.56 69.25 28.44
N ASP F 374 58.03 70.18 27.63
CA ASP F 374 58.88 69.89 26.48
C ASP F 374 60.30 69.62 26.97
N LEU F 375 60.71 68.34 26.96
CA LEU F 375 62.05 67.95 27.39
C LEU F 375 63.07 67.93 26.25
N ARG F 376 62.68 68.30 25.03
CA ARG F 376 63.64 68.23 23.93
CA ARG F 376 63.63 68.26 23.91
C ARG F 376 64.87 69.11 24.14
N PRO F 377 64.77 70.37 24.60
CA PRO F 377 65.99 71.16 24.81
C PRO F 377 66.96 70.55 25.80
N LEU F 378 66.60 69.45 26.46
CA LEU F 378 67.46 68.81 27.44
C LEU F 378 68.16 67.58 26.87
N GLY F 379 67.84 67.18 25.66
CA GLY F 379 68.36 65.92 25.15
C GLY F 379 67.84 64.73 25.90
N LEU F 380 66.69 64.89 26.56
CA LEU F 380 66.11 63.88 27.42
C LEU F 380 64.82 63.35 26.80
N THR F 381 64.62 62.04 26.86
CA THR F 381 63.34 61.46 26.51
C THR F 381 62.43 61.49 27.75
N GLY F 382 61.13 61.61 27.49
CA GLY F 382 60.18 61.47 28.58
C GLY F 382 60.31 60.14 29.29
N ASN F 383 60.78 59.11 28.56
CA ASN F 383 60.97 57.80 29.15
C ASN F 383 61.95 57.85 30.32
N LYS F 384 63.07 58.57 30.15
CA LYS F 384 64.08 58.63 31.21
C LYS F 384 63.54 59.35 32.44
N VAL F 385 62.95 60.54 32.24
CA VAL F 385 62.43 61.30 33.37
C VAL F 385 61.32 60.51 34.08
N GLU F 386 60.46 59.85 33.31
CA GLU F 386 59.37 59.07 33.89
C GLU F 386 59.91 57.98 34.82
N LYS F 387 60.93 57.24 34.35
CA LYS F 387 61.48 56.14 35.14
C LYS F 387 62.08 56.66 36.44
N LEU F 388 62.94 57.67 36.35
CA LEU F 388 63.59 58.21 37.53
C LEU F 388 62.57 58.75 38.52
N CYS F 389 61.56 59.48 38.02
CA CYS F 389 60.51 60.00 38.90
C CYS F 389 59.81 58.86 39.64
N ASP F 390 59.41 57.81 38.90
CA ASP F 390 58.73 56.67 39.50
C ASP F 390 59.56 56.05 40.62
N LEU F 391 60.88 55.98 40.44
CA LEU F 391 61.76 55.49 41.49
C LEU F 391 61.71 56.38 42.73
N CYS F 392 61.33 57.64 42.56
CA CYS F 392 61.20 58.59 43.67
C CYS F 392 59.76 58.82 44.11
N ASN F 393 58.85 57.89 43.77
CA ASN F 393 57.44 58.03 44.12
C ASN F 393 56.79 59.26 43.49
N ILE F 394 57.33 59.71 42.37
CA ILE F 394 56.73 60.77 41.57
C ILE F 394 56.22 60.13 40.28
N THR F 395 54.91 60.03 40.14
CA THR F 395 54.35 59.39 38.96
C THR F 395 53.84 60.43 37.98
N VAL F 396 54.45 60.44 36.79
CA VAL F 396 54.10 61.29 35.66
C VAL F 396 53.97 60.36 34.46
N ASN F 397 53.90 60.92 33.25
CA ASN F 397 53.91 60.05 32.07
C ASN F 397 54.48 60.77 30.86
N LYS F 398 55.32 60.05 30.11
CA LYS F 398 55.87 60.56 28.86
CA LYS F 398 55.88 60.57 28.87
CA LYS F 398 55.88 60.55 28.86
C LYS F 398 54.78 61.07 27.94
N ASN F 399 55.12 61.95 26.99
CA ASN F 399 54.14 62.54 26.10
C ASN F 399 54.85 63.21 24.94
N ALA F 400 54.28 63.10 23.74
CA ALA F 400 54.80 63.84 22.60
C ALA F 400 54.52 65.33 22.77
N VAL F 401 55.39 66.15 22.18
CA VAL F 401 55.26 67.60 22.24
C VAL F 401 55.23 68.18 20.82
N PHE F 402 54.37 69.20 20.62
CA PHE F 402 54.08 69.85 19.34
C PHE F 402 53.76 68.87 18.21
N GLY F 403 53.66 67.58 18.50
CA GLY F 403 53.56 66.58 17.46
C GLY F 403 54.93 66.15 16.94
N ALA F 409 59.34 57.67 20.63
CA ALA F 409 60.34 58.34 21.45
C ALA F 409 59.84 59.69 21.97
N PRO F 410 58.86 59.65 22.87
CA PRO F 410 58.24 60.91 23.33
C PRO F 410 59.24 61.83 24.00
N GLY F 411 59.26 63.09 23.56
CA GLY F 411 60.20 64.06 24.08
C GLY F 411 59.64 64.96 25.17
N GLY F 412 58.60 64.51 25.86
CA GLY F 412 58.00 65.35 26.89
C GLY F 412 57.38 64.55 28.01
N VAL F 413 56.77 65.27 28.93
CA VAL F 413 56.07 64.66 30.06
C VAL F 413 54.83 65.49 30.36
N ARG F 414 53.73 64.82 30.63
CA ARG F 414 52.48 65.45 31.01
C ARG F 414 52.38 65.45 32.54
N ILE F 415 51.88 66.56 33.10
CA ILE F 415 51.79 66.72 34.56
C ILE F 415 50.44 67.36 34.87
N GLY F 416 49.68 66.75 35.76
CA GLY F 416 48.35 67.23 36.09
C GLY F 416 48.18 67.57 37.56
N ALA F 417 47.30 68.52 37.82
CA ALA F 417 47.09 69.01 39.18
C ALA F 417 45.90 68.44 39.95
N PRO F 418 44.90 67.78 39.33
CA PRO F 418 43.71 67.40 40.13
C PRO F 418 43.98 66.53 41.36
N ALA F 419 44.86 65.52 41.28
CA ALA F 419 44.94 64.56 42.37
C ALA F 419 45.60 65.17 43.61
N MET F 420 46.73 65.86 43.44
CA MET F 420 47.39 66.42 44.62
C MET F 420 46.60 67.61 45.16
N THR F 421 45.90 68.35 44.29
CA THR F 421 45.01 69.39 44.78
C THR F 421 43.91 68.80 45.65
N SER F 422 43.38 67.63 45.29
CA SER F 422 42.37 67.02 46.13
C SER F 422 42.90 66.69 47.51
N ARG F 423 44.21 66.46 47.64
CA ARG F 423 44.82 66.29 48.95
C ARG F 423 45.01 67.61 49.68
N GLY F 424 44.51 68.73 49.14
CA GLY F 424 44.56 70.01 49.81
C GLY F 424 45.74 70.90 49.46
N LEU F 425 46.60 70.49 48.52
CA LEU F 425 47.75 71.32 48.16
C LEU F 425 47.29 72.60 47.47
N VAL F 426 48.01 73.70 47.76
CA VAL F 426 47.78 74.97 47.07
C VAL F 426 49.06 75.39 46.37
N GLU F 427 49.18 76.66 45.97
CA GLU F 427 50.24 77.05 45.04
C GLU F 427 51.64 76.80 45.58
N LYS F 428 51.92 77.16 46.84
CA LYS F 428 53.28 77.00 47.37
C LYS F 428 53.67 75.54 47.44
N ASP F 429 52.69 74.65 47.71
CA ASP F 429 52.92 73.21 47.68
C ASP F 429 53.22 72.73 46.27
N PHE F 430 52.52 73.28 45.27
CA PHE F 430 52.86 72.89 43.91
C PHE F 430 54.19 73.44 43.46
N GLU F 431 54.67 74.55 44.05
CA GLU F 431 56.00 75.02 43.76
C GLU F 431 57.06 74.07 44.33
N GLN F 432 56.83 73.51 45.53
CA GLN F 432 57.74 72.46 46.02
C GLN F 432 57.70 71.24 45.12
N ILE F 433 56.52 70.88 44.62
CA ILE F 433 56.44 69.83 43.60
C ILE F 433 57.32 70.19 42.42
N GLY F 434 57.23 71.44 41.96
CA GLY F 434 58.14 71.91 40.91
C GLY F 434 59.61 71.71 41.25
N GLU F 435 59.99 71.96 42.51
CA GLU F 435 61.37 71.75 42.93
C GLU F 435 61.73 70.27 42.96
N PHE F 436 60.80 69.40 43.41
CA PHE F 436 61.07 67.96 43.34
C PHE F 436 61.30 67.52 41.90
N LEU F 437 60.48 68.03 40.97
CA LEU F 437 60.67 67.71 39.56
C LEU F 437 62.00 68.23 39.05
N HIS F 438 62.36 69.46 39.43
CA HIS F 438 63.65 70.02 39.05
C HIS F 438 64.80 69.15 39.54
N ARG F 439 64.75 68.73 40.81
CA ARG F 439 65.77 67.81 41.32
C ARG F 439 65.79 66.52 40.50
N ALA F 440 64.61 65.98 40.18
CA ALA F 440 64.54 64.74 39.41
C ALA F 440 65.21 64.88 38.06
N VAL F 441 64.98 66.01 37.38
CA VAL F 441 65.51 66.17 36.02
C VAL F 441 67.02 66.38 36.07
N THR F 442 67.49 67.15 37.05
CA THR F 442 68.92 67.31 37.26
C THR F 442 69.59 65.96 37.45
N LEU F 443 69.04 65.13 38.36
CA LEU F 443 69.59 63.79 38.56
C LEU F 443 69.55 62.97 37.29
N THR F 444 68.48 63.09 36.50
CA THR F 444 68.38 62.35 35.25
C THR F 444 69.45 62.80 34.27
N LEU F 445 69.61 64.11 34.11
CA LEU F 445 70.68 64.65 33.29
C LEU F 445 72.04 64.09 33.71
N GLU F 446 72.25 63.96 35.01
CA GLU F 446 73.55 63.53 35.53
C GLU F 446 73.79 62.06 35.22
N ILE F 447 72.81 61.20 35.50
CA ILE F 447 72.89 59.79 35.12
C ILE F 447 73.20 59.63 33.63
N GLN F 448 72.52 60.42 32.79
CA GLN F 448 72.73 60.29 31.35
C GLN F 448 74.12 60.75 30.94
N LYS F 449 74.63 61.83 31.55
CA LYS F 449 75.96 62.31 31.21
C LYS F 449 77.08 61.47 31.81
N GLU F 450 76.76 60.41 32.54
CA GLU F 450 77.77 59.53 33.11
C GLU F 450 77.66 58.09 32.66
N HIS F 451 76.58 57.72 31.97
CA HIS F 451 76.36 56.36 31.48
C HIS F 451 75.93 56.31 30.02
N GLY F 452 75.11 57.26 29.57
CA GLY F 452 74.75 57.33 28.16
C GLY F 452 73.25 57.31 27.87
N LYS F 453 72.88 57.76 26.67
CA LYS F 453 71.48 57.85 26.28
C LYS F 453 70.86 56.50 25.95
N LEU F 454 71.66 55.46 25.75
CA LEU F 454 71.11 54.13 25.54
C LEU F 454 70.56 53.60 26.86
N LEU F 455 69.27 53.25 26.86
CA LEU F 455 68.60 52.83 28.09
C LEU F 455 69.39 51.74 28.82
N LYS F 456 70.07 50.87 28.07
CA LYS F 456 70.88 49.82 28.68
C LYS F 456 71.92 50.39 29.63
N ASP F 457 72.65 51.43 29.20
CA ASP F 457 73.65 52.03 30.06
C ASP F 457 73.03 52.99 31.07
N PHE F 458 72.06 53.80 30.63
CA PHE F 458 71.37 54.71 31.54
C PHE F 458 70.85 53.97 32.78
N ASN F 459 70.37 52.75 32.59
CA ASN F 459 69.78 52.00 33.70
C ASN F 459 70.81 51.64 34.76
N LYS F 460 72.08 51.53 34.37
CA LYS F 460 73.13 51.22 35.34
C LYS F 460 73.28 52.34 36.37
N GLY F 461 73.00 53.58 35.97
CA GLY F 461 73.05 54.69 36.91
C GLY F 461 71.91 54.73 37.89
N LEU F 462 70.87 53.91 37.70
CA LEU F 462 69.75 53.89 38.63
C LEU F 462 69.93 52.88 39.76
N VAL F 463 71.08 52.20 39.82
CA VAL F 463 71.35 51.19 40.84
C VAL F 463 72.11 51.85 42.00
N ASN F 464 71.70 51.52 43.22
CA ASN F 464 72.34 51.95 44.47
C ASN F 464 72.85 53.39 44.36
N ASN F 465 71.90 54.29 44.14
CA ASN F 465 72.17 55.70 43.84
C ASN F 465 71.66 56.54 45.00
N LYS F 466 72.59 57.15 45.75
CA LYS F 466 72.25 57.89 46.97
C LYS F 466 71.33 59.07 46.70
N ALA F 467 71.60 59.83 45.63
CA ALA F 467 70.75 60.98 45.33
C ALA F 467 69.31 60.56 45.06
N ILE F 468 69.12 59.42 44.41
CA ILE F 468 67.77 58.95 44.12
C ILE F 468 67.07 58.56 45.43
N GLU F 469 67.75 57.75 46.26
CA GLU F 469 67.19 57.40 47.56
C GLU F 469 66.88 58.64 48.40
N ASP F 470 67.74 59.66 48.30
CA ASP F 470 67.50 60.91 49.03
C ASP F 470 66.23 61.60 48.55
N LEU F 471 66.10 61.77 47.23
CA LEU F 471 64.89 62.35 46.66
C LEU F 471 63.65 61.56 47.08
N LYS F 472 63.73 60.23 47.05
CA LYS F 472 62.59 59.41 47.45
C LYS F 472 62.19 59.70 48.90
N ALA F 473 63.16 59.77 49.81
CA ALA F 473 62.85 60.04 51.21
C ALA F 473 62.17 61.39 51.37
N ASP F 474 62.68 62.41 50.66
CA ASP F 474 62.08 63.73 50.75
C ASP F 474 60.66 63.75 50.22
N VAL F 475 60.41 63.07 49.10
CA VAL F 475 59.06 63.01 48.55
C VAL F 475 58.12 62.32 49.54
N GLU F 476 58.55 61.17 50.07
CA GLU F 476 57.74 60.43 51.03
C GLU F 476 57.40 61.28 52.24
N LYS F 477 58.40 61.97 52.82
CA LYS F 477 58.14 62.84 53.95
C LYS F 477 57.15 63.94 53.58
N PHE F 478 57.33 64.56 52.42
CA PHE F 478 56.45 65.61 51.94
C PHE F 478 55.02 65.09 51.78
N SER F 479 54.86 64.00 51.03
CA SER F 479 53.53 63.45 50.75
C SER F 479 52.79 63.08 52.03
N ALA F 480 53.50 62.57 53.04
CA ALA F 480 52.84 62.14 54.26
C ALA F 480 52.23 63.28 55.07
N THR F 481 52.55 64.54 54.78
CA THR F 481 51.98 65.63 55.58
C THR F 481 50.59 66.04 55.14
N PHE F 482 50.08 65.53 54.02
CA PHE F 482 48.81 65.99 53.50
C PHE F 482 47.71 64.99 53.82
N ASP F 483 46.49 65.49 53.92
CA ASP F 483 45.33 64.64 54.12
C ASP F 483 45.11 63.74 52.89
N MET F 484 44.25 62.76 53.06
CA MET F 484 43.90 61.83 51.98
C MET F 484 42.41 61.54 52.07
N PRO F 485 41.61 61.88 51.08
CA PRO F 485 40.21 61.45 51.08
C PRO F 485 40.07 59.96 50.76
N GLY F 486 38.97 59.37 51.21
CA GLY F 486 38.56 58.05 50.72
C GLY F 486 38.57 56.95 51.75
N PHE F 487 39.27 57.12 52.89
CA PHE F 487 39.26 56.15 53.97
C PHE F 487 39.71 56.79 55.30
N LEU F 488 39.47 56.08 56.41
CA LEU F 488 39.93 56.52 57.75
C LEU F 488 41.43 56.29 57.88
N VAL F 489 42.20 57.37 57.74
CA VAL F 489 43.67 57.32 57.76
C VAL F 489 44.22 56.67 59.03
N SER F 490 43.55 56.87 60.17
CA SER F 490 44.08 56.32 61.42
C SER F 490 44.01 54.78 61.46
N GLU F 491 43.10 54.16 60.69
CA GLU F 491 42.98 52.70 60.73
C GLU F 491 43.78 52.01 59.62
N MET F 492 44.49 52.79 58.81
CA MET F 492 45.30 52.29 57.70
C MET F 492 46.44 51.39 58.19
N LYS F 493 46.67 50.28 57.49
CA LYS F 493 47.52 49.25 58.08
C LYS F 493 49.00 49.61 57.99
N TYR F 494 49.39 50.37 56.97
CA TYR F 494 50.79 50.75 56.78
C TYR F 494 50.92 52.26 56.99
N LYS F 495 51.71 52.66 57.99
CA LYS F 495 51.90 54.07 58.30
C LYS F 495 53.38 54.48 58.27
N ASP F 496 54.26 53.60 57.83
CA ASP F 496 55.68 53.89 57.70
C ASP F 496 55.92 55.04 56.74
N1 PLG G . -27.89 -39.49 20.70
C2 PLG G . -27.25 -39.70 21.86
C2A PLG G . -26.95 -38.52 22.81
C3 PLG G . -26.85 -40.97 22.20
O3 PLG G . -26.16 -41.19 23.41
C4 PLG G . -27.12 -42.02 21.33
C4A PLG G . -26.64 -43.43 21.71
C5 PLG G . -27.77 -41.79 20.16
C6 PLG G . -28.17 -40.50 19.84
C5A PLG G . -28.09 -42.90 19.14
OP4 PLG G . -28.95 -43.89 19.62
P PLG G . -29.18 -45.25 18.72
OP1 PLG G . -28.16 -46.29 19.10
OP2 PLG G . -29.06 -44.98 17.25
OP3 PLG G . -30.55 -45.71 19.03
C PLG G . -24.47 -44.74 24.42
O PLG G . -24.09 -43.65 24.95
OXT PLG G . -24.33 -45.84 25.03
CA PLG G . -25.11 -44.73 23.02
N PLG G . -25.69 -43.40 22.81
C1 EDO H . -44.38 -60.60 22.58
O1 EDO H . -44.68 -61.12 23.89
C2 EDO H . -43.88 -61.72 21.68
O2 EDO H . -44.90 -62.70 21.52
N1 PLG I . -35.12 -51.81 -1.68
C2 PLG I . -36.21 -52.12 -2.39
C2A PLG I . -36.06 -52.74 -3.78
C3 PLG I . -37.47 -51.88 -1.85
O3 PLG I . -38.60 -52.22 -2.60
C4 PLG I . -37.56 -51.32 -0.60
C4A PLG I . -38.92 -51.01 0.05
C5 PLG I . -36.44 -51.00 0.09
C6 PLG I . -35.20 -51.24 -0.46
C5A PLG I . -36.52 -50.34 1.49
OP4 PLG I . -36.97 -51.24 2.46
P PLG I . -37.48 -50.61 3.88
OP1 PLG I . -38.88 -50.07 3.72
OP2 PLG I . -36.53 -49.47 4.29
OP3 PLG I . -37.42 -51.67 4.94
C PLG I . -42.16 -51.23 -1.68
O PLG I . -41.73 -51.62 -2.80
OXT PLG I . -43.39 -51.30 -1.39
CA PLG I . -41.17 -50.69 -0.67
N PLG I . -40.01 -51.56 -0.73
N1 PLG J . -3.13 -11.60 -3.40
C2 PLG J . -3.04 -10.49 -2.64
C2A PLG J . -2.31 -10.52 -1.29
C3 PLG J . -3.62 -9.31 -3.06
O3 PLG J . -3.50 -8.18 -2.22
C4 PLG J . -4.28 -9.26 -4.27
C4A PLG J . -4.95 -7.96 -4.78
C5 PLG J . -4.35 -10.40 -5.04
C6 PLG J . -3.77 -11.57 -4.59
C5A PLG J . -5.09 -10.42 -6.38
OP4 PLG J . -4.39 -9.70 -7.36
P PLG J . -5.22 -9.34 -8.71
OP1 PLG J . -6.08 -8.11 -8.49
OP2 PLG J . -6.16 -10.51 -8.99
OP3 PLG J . -4.27 -9.27 -9.85
C PLG J . -5.07 -4.58 -3.16
O PLG J . -4.70 -4.92 -2.01
OXT PLG J . -5.25 -3.35 -3.45
CA PLG J . -5.28 -5.63 -4.25
N PLG J . -4.91 -6.94 -3.73
C1 EDO K . 3.15 -0.02 -26.71
O1 EDO K . 4.01 1.11 -26.65
C2 EDO K . 1.88 0.37 -27.48
O2 EDO K . 2.22 0.66 -28.85
N1 PLG L . -15.12 -20.27 -25.27
C2 PLG L . -14.89 -20.85 -26.46
C2A PLG L . -16.08 -21.32 -27.32
C3 PLG L . -13.58 -21.01 -26.90
O3 PLG L . -13.37 -21.62 -28.15
C4 PLG L . -12.54 -20.57 -26.12
C4A PLG L . -11.08 -20.73 -26.56
C5 PLG L . -12.80 -19.98 -24.91
C6 PLG L . -14.11 -19.83 -24.48
C5A PLG L . -11.69 -19.50 -23.97
OP4 PLG L . -11.00 -18.41 -24.49
P PLG L . -9.66 -17.96 -23.68
OP1 PLG L . -8.44 -18.63 -24.25
OP2 PLG L . -9.76 -18.31 -22.21
OP3 PLG L . -9.64 -16.47 -23.82
C PLG L . -9.71 -22.42 -29.56
O PLG L . -10.82 -22.87 -29.99
OXT PLG L . -8.66 -22.59 -30.22
CA PLG L . -9.66 -21.69 -28.23
N PLG L . -10.99 -21.66 -27.67
N1 PLG M . 40.17 56.84 -17.32
C2 PLG M . 40.23 58.11 -17.81
C2A PLG M . 41.44 58.97 -17.46
C3 PLG M . 39.21 58.61 -18.59
O3 PLG M . 39.29 59.92 -19.07
C4 PLG M . 38.13 57.81 -18.88
C4A PLG M . 36.96 58.33 -19.72
C5 PLG M . 38.08 56.54 -18.39
C6 PLG M . 39.12 56.04 -17.60
C5A PLG M . 36.88 55.66 -18.68
OP4 PLG M . 36.84 55.26 -20.00
P PLG M . 35.49 54.51 -20.52
OP1 PLG M . 34.46 55.48 -21.02
OP2 PLG M . 35.94 53.62 -21.63
OP3 PLG M . 34.91 53.69 -19.36
C PLG M . 36.50 61.77 -20.99
O PLG M . 35.91 62.46 -21.88
OXT PLG M . 37.46 62.26 -20.34
CA PLG M . 36.09 60.32 -20.74
N PLG M . 37.03 59.78 -19.77
C1 EDO N . 32.73 61.68 2.89
O1 EDO N . 32.01 61.61 4.12
C2 EDO N . 31.85 61.21 1.74
O2 EDO N . 31.11 60.09 2.21
N1 PLG O . 38.53 60.46 26.94
C2 PLG O . 39.71 61.04 27.29
C2A PLG O . 40.03 62.46 26.82
C3 PLG O . 40.62 60.32 28.06
O3 PLG O . 41.84 60.96 28.39
C4 PLG O . 40.31 59.04 28.46
C4A PLG O . 41.27 58.19 29.32
C5 PLG O . 39.11 58.49 28.11
C6 PLG O . 38.21 59.20 27.33
C5A PLG O . 38.75 57.05 28.52
OP4 PLG O . 38.40 56.93 29.87
P PLG O . 38.43 55.42 30.46
OP1 PLG O . 37.93 54.39 29.44
OP2 PLG O . 39.81 55.04 30.89
OP3 PLG O . 37.44 55.39 31.57
C PLG O . 44.53 59.40 30.45
O PLG O . 45.50 59.20 31.25
OXT PLG O . 44.56 60.34 29.61
CA PLG O . 43.31 58.52 30.50
N PLG O . 42.60 58.76 29.27
#